data_4Q85
#
_entry.id   4Q85
#
_cell.length_a   110.282
_cell.length_b   112.402
_cell.length_c   130.683
_cell.angle_alpha   89.40
_cell.angle_beta   73.63
_cell.angle_gamma   77.62
#
_symmetry.space_group_name_H-M   'P 1'
#
loop_
_entity.id
_entity.type
_entity.pdbx_description
1 polymer 'Ribosomal protein S12 methylthiotransferase accessory factor YcaO'
2 non-polymer 'DIPHOSPHOMETHYLPHOSPHONIC ACID ADENOSYL ESTER'
3 non-polymer 'MAGNESIUM ION'
4 water water
#
_entity_poly.entity_id   1
_entity_poly.type   'polypeptide(L)'
_entity_poly.pdbx_seq_one_letter_code
;MTQTFIPGKDAALEDSIARFQQKLSDLGFQIEEASWLNPVPNVWSVHIRDKECALCFTNGKGATKKAALASALGEYFERL
STNYFFADFWLGETIANGPFVHYPNEKWFPLTENDDVPEGLLDDRLRAFYDPENELTGSMLIDLQSGNEDRGICGLPFTR
QSDNQTVYIPMNIIGNLYVSNGMSAGNTRNEARVQGLSEVFERYVKNRIIAESISLPEIPADVLARYPAVVEAIETLEAE
GFPIFAYDGSLGGQYPVICVVLFNPANGTCFASFGAHPDFGVALERTVTELLQGRGLKDLDVFTPPTFDDEEVAEHTNLE
THFIDSSGLISWDLFKQDADYPFVDWNFSGTTEEEFATLMAIFNKEDKEVYIADYEHLGVYACRIIVPGMSDIYPAEDLW
LANNSMGSHLRETILSLPGSEWEKEDYLNLIEQLDEEGFDDFTRVRELLGLATGSDNGWYTLRIGELKAMLALAGGDLEQ
ALVWTEWTMEFNSSVFSPERANYYRCLQTLLLLAQEEDRQPLQYLNAFVRMYGADAVEAASAAMSGEAAFYGLQPVDSDL
HAFAAHQSLLKAYEKLQRAKAAFWAK
;
_entity_poly.pdbx_strand_id   A,B,C,D,E,F,G,H
#
# COMPACT_ATOMS: atom_id res chain seq x y z
N ALA A 12 32.31 -75.84 2.37
CA ALA A 12 32.97 -75.25 3.59
C ALA A 12 32.97 -73.72 3.51
N LEU A 13 32.55 -73.09 4.59
CA LEU A 13 32.49 -71.61 4.65
C LEU A 13 33.79 -70.96 4.20
N GLU A 14 34.92 -71.53 4.61
CA GLU A 14 36.22 -70.90 4.37
C GLU A 14 36.62 -70.96 2.89
N ASP A 15 36.18 -72.03 2.21
CA ASP A 15 36.36 -72.17 0.76
C ASP A 15 35.49 -71.16 0.05
N SER A 16 34.20 -71.18 0.40
CA SER A 16 33.21 -70.28 -0.19
C SER A 16 33.69 -68.83 -0.13
N ILE A 17 34.27 -68.44 1.00
CA ILE A 17 34.74 -67.07 1.19
C ILE A 17 35.93 -66.77 0.29
N ALA A 18 36.91 -67.65 0.33
CA ALA A 18 38.13 -67.49 -0.40
C ALA A 18 37.84 -67.40 -1.89
N ARG A 19 37.06 -68.35 -2.39
CA ARG A 19 36.61 -68.37 -3.78
C ARG A 19 35.91 -67.06 -4.19
N PHE A 20 34.88 -66.68 -3.43
CA PHE A 20 34.09 -65.49 -3.76
C PHE A 20 34.95 -64.22 -3.77
N GLN A 21 35.80 -64.05 -2.76
CA GLN A 21 36.68 -62.89 -2.69
C GLN A 21 37.57 -62.81 -3.93
N GLN A 22 38.16 -63.95 -4.26
CA GLN A 22 39.01 -64.06 -5.42
C GLN A 22 38.27 -63.70 -6.69
N LYS A 23 37.12 -64.32 -6.88
CA LYS A 23 36.38 -64.11 -8.10
C LYS A 23 35.95 -62.66 -8.22
N LEU A 24 35.57 -62.04 -7.11
CA LEU A 24 35.14 -60.61 -7.12
C LEU A 24 36.28 -59.70 -7.54
N SER A 25 37.47 -60.06 -7.08
CA SER A 25 38.67 -59.30 -7.37
C SER A 25 39.01 -59.41 -8.86
N ASP A 26 39.09 -60.63 -9.36
CA ASP A 26 39.29 -60.93 -10.81
C ASP A 26 38.32 -60.18 -11.69
N LEU A 27 37.07 -60.03 -11.25
CA LEU A 27 36.04 -59.31 -12.02
C LEU A 27 36.28 -57.82 -12.07
N GLY A 28 37.12 -57.33 -11.15
CA GLY A 28 37.54 -55.94 -11.09
C GLY A 28 36.80 -55.11 -10.04
N PHE A 29 36.42 -55.76 -8.94
CA PHE A 29 35.68 -55.10 -7.88
C PHE A 29 36.49 -55.04 -6.61
N GLN A 30 36.62 -53.85 -6.06
CA GLN A 30 37.28 -53.67 -4.77
C GLN A 30 36.22 -53.71 -3.67
N ILE A 31 36.15 -54.85 -2.99
CA ILE A 31 35.15 -55.05 -1.97
C ILE A 31 35.76 -54.82 -0.61
N GLU A 32 35.02 -54.15 0.27
CA GLU A 32 35.52 -53.75 1.59
C GLU A 32 34.50 -54.05 2.69
N GLU A 33 34.97 -54.41 3.90
CA GLU A 33 34.06 -54.85 4.99
C GLU A 33 33.81 -53.72 5.96
N ALA A 34 32.59 -53.21 5.97
CA ALA A 34 32.30 -51.96 6.67
C ALA A 34 32.10 -52.18 8.17
N SER A 35 31.14 -52.98 8.57
CA SER A 35 30.83 -53.01 10.00
C SER A 35 30.20 -54.30 10.47
N TRP A 36 30.86 -54.93 11.43
CA TRP A 36 30.40 -56.18 12.01
C TRP A 36 29.45 -55.96 13.16
N LEU A 37 28.82 -57.06 13.57
CA LEU A 37 27.89 -57.07 14.70
C LEU A 37 27.68 -58.48 15.22
N ASN A 38 27.59 -58.62 16.53
CA ASN A 38 27.43 -59.90 17.19
C ASN A 38 26.50 -59.73 18.38
N PRO A 39 25.34 -59.09 18.16
CA PRO A 39 24.39 -58.64 19.20
C PRO A 39 24.11 -59.65 20.32
N VAL A 40 23.72 -60.87 19.96
CA VAL A 40 23.56 -61.95 20.95
C VAL A 40 24.41 -63.15 20.55
N PRO A 41 24.53 -64.15 21.45
CA PRO A 41 25.23 -65.37 21.07
C PRO A 41 24.65 -66.01 19.83
N ASN A 42 25.52 -66.55 18.97
CA ASN A 42 25.10 -67.31 17.79
C ASN A 42 24.32 -66.50 16.75
N VAL A 43 24.61 -65.20 16.69
CA VAL A 43 24.05 -64.30 15.69
C VAL A 43 25.06 -63.23 15.31
N TRP A 44 25.33 -63.13 14.01
CA TRP A 44 26.24 -62.16 13.44
C TRP A 44 25.67 -61.48 12.23
N SER A 45 26.32 -60.41 11.84
CA SER A 45 26.04 -59.78 10.57
C SER A 45 27.20 -58.87 10.17
N VAL A 46 27.31 -58.60 8.87
CA VAL A 46 28.35 -57.75 8.36
C VAL A 46 27.80 -56.99 7.16
N HIS A 47 28.36 -55.80 6.94
CA HIS A 47 28.01 -54.95 5.84
C HIS A 47 29.24 -54.90 4.96
N ILE A 48 29.05 -55.18 3.69
CA ILE A 48 30.12 -55.13 2.70
C ILE A 48 29.77 -54.19 1.54
N ARG A 49 30.78 -53.51 1.01
CA ARG A 49 30.58 -52.36 0.14
C ARG A 49 31.58 -52.38 -1.01
N ASP A 50 31.17 -51.87 -2.18
CA ASP A 50 32.10 -51.61 -3.31
C ASP A 50 32.84 -50.31 -3.05
N LYS A 51 34.16 -50.41 -2.93
CA LYS A 51 34.98 -49.26 -2.61
C LYS A 51 34.89 -48.14 -3.67
N GLU A 52 34.39 -48.47 -4.86
CA GLU A 52 34.27 -47.51 -5.96
C GLU A 52 32.84 -47.18 -6.40
N CYS A 53 31.84 -47.79 -5.77
CA CYS A 53 30.44 -47.41 -6.00
C CYS A 53 29.65 -47.57 -4.71
N ALA A 54 29.11 -46.45 -4.23
CA ALA A 54 28.42 -46.41 -2.94
C ALA A 54 27.14 -47.23 -2.97
N LEU A 55 26.53 -47.31 -4.14
CA LEU A 55 25.24 -47.97 -4.30
C LEU A 55 25.33 -49.50 -4.30
N CYS A 56 26.47 -50.05 -4.69
CA CYS A 56 26.67 -51.51 -4.65
C CYS A 56 27.14 -51.97 -3.26
N PHE A 57 26.25 -52.61 -2.51
CA PHE A 57 26.56 -53.10 -1.17
C PHE A 57 25.60 -54.19 -0.73
N THR A 58 26.05 -55.05 0.18
CA THR A 58 25.20 -56.11 0.71
C THR A 58 25.30 -56.27 2.22
N ASN A 59 24.39 -57.08 2.77
CA ASN A 59 24.38 -57.41 4.18
C ASN A 59 24.31 -58.91 4.41
N GLY A 60 25.31 -59.43 5.09
CA GLY A 60 25.39 -60.83 5.39
C GLY A 60 24.96 -61.10 6.82
N LYS A 61 24.43 -62.29 7.07
CA LYS A 61 23.95 -62.70 8.38
C LYS A 61 24.08 -64.21 8.52
N GLY A 62 24.43 -64.66 9.72
CA GLY A 62 24.60 -66.08 9.96
C GLY A 62 24.86 -66.30 11.41
N ALA A 63 24.94 -67.55 11.84
CA ALA A 63 25.12 -67.86 13.27
C ALA A 63 26.58 -67.87 13.75
N THR A 64 27.53 -67.69 12.84
CA THR A 64 28.95 -67.66 13.17
C THR A 64 29.46 -66.46 12.38
N LYS A 65 30.65 -65.97 12.70
CA LYS A 65 31.18 -64.82 11.95
C LYS A 65 31.36 -65.12 10.45
N LYS A 66 31.98 -66.25 10.14
CA LYS A 66 32.25 -66.63 8.75
C LYS A 66 30.94 -66.86 8.00
N ALA A 67 30.02 -67.59 8.62
CA ALA A 67 28.69 -67.81 8.02
C ALA A 67 28.12 -66.51 7.44
N ALA A 68 28.26 -65.43 8.22
CA ALA A 68 27.80 -64.08 7.87
C ALA A 68 28.59 -63.47 6.74
N LEU A 69 29.91 -63.58 6.77
CA LEU A 69 30.74 -63.06 5.68
C LEU A 69 30.46 -63.78 4.36
N ALA A 70 30.30 -65.10 4.45
CA ALA A 70 29.95 -65.91 3.28
C ALA A 70 28.58 -65.51 2.75
N SER A 71 27.66 -65.19 3.67
CA SER A 71 26.32 -64.70 3.31
C SER A 71 26.39 -63.35 2.57
N ALA A 72 27.20 -62.44 3.11
CA ALA A 72 27.37 -61.11 2.52
C ALA A 72 27.90 -61.20 1.11
N LEU A 73 28.88 -62.09 0.91
CA LEU A 73 29.53 -62.28 -0.38
C LEU A 73 28.64 -63.01 -1.37
N GLY A 74 27.94 -64.04 -0.88
CA GLY A 74 26.95 -64.74 -1.67
C GLY A 74 25.85 -63.83 -2.17
N GLU A 75 25.31 -62.98 -1.29
CA GLU A 75 24.35 -61.96 -1.72
C GLU A 75 25.00 -60.97 -2.69
N TYR A 76 26.32 -60.76 -2.61
CA TYR A 76 26.97 -59.89 -3.57
C TYR A 76 26.88 -60.47 -4.98
N PHE A 77 27.17 -61.77 -5.11
CA PHE A 77 27.05 -62.42 -6.44
C PHE A 77 25.59 -62.62 -6.91
N GLU A 78 24.69 -62.86 -5.95
CA GLU A 78 23.24 -62.89 -6.21
C GLU A 78 22.83 -61.61 -6.93
N ARG A 79 23.32 -60.47 -6.46
CA ARG A 79 22.87 -59.14 -6.90
C ARG A 79 23.61 -58.56 -8.07
N LEU A 80 24.85 -59.00 -8.30
CA LEU A 80 25.51 -58.69 -9.54
C LEU A 80 25.03 -59.60 -10.69
N SER A 81 24.87 -60.89 -10.38
CA SER A 81 24.41 -61.83 -11.39
C SER A 81 23.03 -61.38 -11.95
N THR A 82 22.11 -61.03 -11.05
CA THR A 82 20.76 -60.63 -11.46
C THR A 82 20.63 -59.19 -11.94
N ASN A 83 21.71 -58.43 -11.84
CA ASN A 83 21.75 -56.99 -12.12
C ASN A 83 20.97 -56.12 -11.14
N TYR A 84 20.60 -56.70 -9.98
CA TYR A 84 19.64 -56.04 -9.10
C TYR A 84 20.12 -54.71 -8.54
N PHE A 85 21.41 -54.54 -8.34
CA PHE A 85 21.94 -53.25 -7.90
C PHE A 85 21.45 -52.10 -8.79
N PHE A 86 21.38 -52.36 -10.09
CA PHE A 86 21.10 -51.32 -11.09
C PHE A 86 19.62 -51.26 -11.45
N ALA A 87 18.80 -52.03 -10.74
CA ALA A 87 17.39 -52.24 -11.09
C ALA A 87 16.52 -51.02 -10.85
N ASP A 88 17.00 -50.05 -10.06
CA ASP A 88 16.18 -48.87 -9.76
C ASP A 88 16.60 -47.63 -10.54
N PHE A 89 17.47 -47.83 -11.53
CA PHE A 89 18.12 -46.75 -12.25
C PHE A 89 18.09 -46.90 -13.75
N TRP A 90 17.88 -45.80 -14.45
CA TRP A 90 18.06 -45.71 -15.90
C TRP A 90 19.55 -45.71 -16.18
N LEU A 91 20.00 -46.48 -17.18
CA LEU A 91 21.43 -46.68 -17.40
C LEU A 91 21.99 -45.77 -18.49
N GLY A 92 21.18 -44.84 -18.95
CA GLY A 92 21.66 -43.80 -19.84
C GLY A 92 21.56 -44.23 -21.28
N GLU A 93 21.71 -43.26 -22.17
CA GLU A 93 21.38 -43.43 -23.58
C GLU A 93 22.35 -44.33 -24.32
N THR A 94 23.62 -44.29 -23.95
CA THR A 94 24.60 -45.19 -24.58
C THR A 94 24.29 -46.66 -24.36
N ILE A 95 24.16 -47.05 -23.08
CA ILE A 95 23.91 -48.43 -22.67
C ILE A 95 22.59 -48.90 -23.25
N ALA A 96 21.61 -48.00 -23.22
CA ALA A 96 20.25 -48.26 -23.71
C ALA A 96 20.19 -48.58 -25.19
N ASN A 97 21.12 -48.01 -25.94
CA ASN A 97 21.22 -48.25 -27.38
C ASN A 97 22.41 -49.15 -27.76
N GLY A 98 22.97 -49.87 -26.78
CA GLY A 98 24.15 -50.72 -27.00
C GLY A 98 23.77 -52.10 -27.51
N PRO A 99 24.77 -52.95 -27.78
CA PRO A 99 24.52 -54.33 -28.27
C PRO A 99 23.48 -55.07 -27.43
N PHE A 100 23.71 -55.19 -26.13
CA PHE A 100 22.69 -55.68 -25.20
C PHE A 100 22.68 -54.82 -23.95
N VAL A 101 21.52 -54.68 -23.33
CA VAL A 101 21.37 -53.85 -22.15
C VAL A 101 21.50 -54.71 -20.91
N HIS A 102 20.64 -55.72 -20.80
CA HIS A 102 20.58 -56.59 -19.63
C HIS A 102 21.49 -57.84 -19.71
N TYR A 103 21.19 -58.73 -20.64
CA TYR A 103 22.06 -59.85 -20.93
C TYR A 103 22.13 -60.02 -22.44
N PRO A 104 23.23 -60.60 -22.96
CA PRO A 104 23.36 -61.01 -24.36
C PRO A 104 22.19 -61.85 -24.86
N ASN A 105 21.73 -62.80 -24.05
CA ASN A 105 20.60 -63.68 -24.46
C ASN A 105 19.20 -63.08 -24.27
N GLU A 106 19.13 -61.78 -23.94
CA GLU A 106 17.86 -61.06 -23.84
C GLU A 106 17.23 -61.02 -25.20
N LYS A 107 16.00 -60.53 -25.31
CA LYS A 107 15.30 -60.53 -26.59
C LYS A 107 14.34 -59.37 -26.64
N TRP A 108 14.39 -58.60 -27.73
CA TRP A 108 13.62 -57.36 -27.84
C TRP A 108 12.41 -57.49 -28.78
N PHE A 109 11.22 -57.16 -28.29
CA PHE A 109 9.99 -57.37 -29.03
C PHE A 109 9.42 -56.01 -29.33
N PRO A 110 9.53 -55.53 -30.57
CA PRO A 110 8.99 -54.21 -30.89
C PRO A 110 7.51 -54.04 -30.58
N LEU A 111 7.11 -52.82 -30.26
CA LEU A 111 5.69 -52.58 -30.02
C LEU A 111 4.86 -52.79 -31.29
N THR A 112 3.62 -53.23 -31.12
CA THR A 112 2.74 -53.53 -32.24
C THR A 112 1.90 -52.32 -32.57
N GLU A 113 1.20 -52.35 -33.70
CA GLU A 113 0.48 -51.17 -34.21
C GLU A 113 -0.78 -50.79 -33.39
N ASN A 114 -1.42 -51.77 -32.77
CA ASN A 114 -2.53 -51.53 -31.84
C ASN A 114 -2.08 -51.59 -30.37
N ASP A 115 -0.77 -51.76 -30.18
CA ASP A 115 -0.12 -51.82 -28.87
C ASP A 115 -0.60 -52.97 -27.95
N ASP A 116 -0.84 -54.15 -28.53
CA ASP A 116 -1.02 -55.37 -27.70
C ASP A 116 0.39 -55.78 -27.21
N VAL A 117 0.42 -56.78 -26.36
CA VAL A 117 1.66 -57.36 -25.88
C VAL A 117 2.11 -58.36 -26.91
N PRO A 118 3.24 -58.10 -27.58
CA PRO A 118 3.73 -58.99 -28.64
C PRO A 118 3.64 -60.48 -28.31
N GLU A 119 3.53 -61.29 -29.35
CA GLU A 119 3.17 -62.68 -29.17
C GLU A 119 4.27 -63.55 -28.59
N GLY A 120 5.53 -63.30 -28.93
CA GLY A 120 6.62 -64.16 -28.42
C GLY A 120 6.85 -64.05 -26.91
N LEU A 121 6.16 -63.11 -26.27
CA LEU A 121 6.40 -62.81 -24.86
C LEU A 121 5.50 -63.63 -23.99
N LEU A 122 5.95 -63.83 -22.76
CA LEU A 122 5.18 -64.55 -21.76
C LEU A 122 4.83 -65.92 -22.31
N ASP A 123 3.90 -66.59 -21.66
CA ASP A 123 3.20 -67.72 -22.21
C ASP A 123 1.69 -67.51 -21.92
N ASP A 124 0.90 -68.57 -21.91
CA ASP A 124 -0.55 -68.44 -21.87
C ASP A 124 -1.06 -68.29 -20.44
N ARG A 125 -0.48 -69.06 -19.54
CA ARG A 125 -0.85 -69.00 -18.11
C ARG A 125 -0.46 -67.65 -17.51
N LEU A 126 0.74 -67.19 -17.86
CA LEU A 126 1.22 -65.90 -17.41
C LEU A 126 0.30 -64.79 -17.92
N ARG A 127 -0.01 -64.75 -19.21
CA ARG A 127 -0.93 -63.76 -19.77
C ARG A 127 -2.27 -63.70 -19.03
N ALA A 128 -2.73 -64.86 -18.58
CA ALA A 128 -3.99 -64.98 -17.84
C ALA A 128 -3.90 -64.41 -16.43
N PHE A 129 -2.76 -64.66 -15.81
CA PHE A 129 -2.47 -64.16 -14.46
C PHE A 129 -2.20 -62.66 -14.39
N TYR A 130 -1.24 -62.16 -15.17
CA TYR A 130 -0.89 -60.75 -15.17
C TYR A 130 -1.99 -59.88 -15.73
N ASP A 131 -2.71 -60.40 -16.72
CA ASP A 131 -3.64 -59.59 -17.48
C ASP A 131 -4.92 -60.31 -17.79
N PRO A 132 -5.72 -60.62 -16.77
CA PRO A 132 -6.93 -61.40 -17.03
C PRO A 132 -7.92 -60.70 -17.95
N GLU A 133 -8.05 -59.38 -17.84
CA GLU A 133 -9.02 -58.64 -18.66
C GLU A 133 -8.53 -58.39 -20.09
N ASN A 134 -7.31 -58.82 -20.38
CA ASN A 134 -6.69 -58.60 -21.69
C ASN A 134 -6.53 -57.12 -22.10
N GLU A 135 -6.33 -56.24 -21.11
CA GLU A 135 -6.24 -54.80 -21.37
C GLU A 135 -4.83 -54.24 -21.26
N LEU A 136 -3.87 -55.11 -20.96
CA LEU A 136 -2.49 -54.71 -20.78
C LEU A 136 -1.89 -54.29 -22.11
N THR A 137 -1.33 -53.08 -22.17
CA THR A 137 -0.73 -52.60 -23.42
C THR A 137 0.79 -52.87 -23.43
N GLY A 138 1.39 -52.89 -24.62
CA GLY A 138 2.81 -53.18 -24.76
C GLY A 138 3.75 -52.08 -24.29
N SER A 139 3.36 -50.83 -24.54
CA SER A 139 4.14 -49.65 -24.17
C SER A 139 4.25 -49.44 -22.64
N MET A 140 3.31 -50.01 -21.88
CA MET A 140 3.43 -50.04 -20.44
C MET A 140 4.50 -51.06 -19.91
N LEU A 141 5.06 -51.89 -20.78
CA LEU A 141 6.09 -52.89 -20.39
C LEU A 141 7.54 -52.55 -20.78
N ILE A 142 7.82 -51.27 -21.01
CA ILE A 142 9.15 -50.85 -21.39
C ILE A 142 10.03 -50.87 -20.13
N ASP A 143 11.07 -51.70 -20.15
CA ASP A 143 12.00 -51.73 -19.02
C ASP A 143 12.54 -50.33 -18.63
N LEU A 144 12.90 -50.18 -17.36
CA LEU A 144 13.36 -48.89 -16.83
C LEU A 144 14.79 -48.56 -17.23
N GLN A 145 15.64 -49.58 -17.12
CA GLN A 145 17.07 -49.46 -17.40
C GLN A 145 17.41 -48.84 -18.77
N SER A 146 16.66 -49.21 -19.79
CA SER A 146 16.90 -48.70 -21.14
C SER A 146 15.99 -47.51 -21.43
N GLY A 147 14.73 -47.61 -21.01
CA GLY A 147 13.72 -46.63 -21.37
C GLY A 147 13.60 -46.46 -22.87
N ASN A 148 13.87 -47.54 -23.61
CA ASN A 148 14.04 -47.47 -25.06
C ASN A 148 12.83 -47.96 -25.84
N GLU A 149 11.79 -47.14 -25.84
CA GLU A 149 10.52 -47.50 -26.45
C GLU A 149 10.67 -47.93 -27.90
N ASP A 150 11.54 -47.25 -28.63
CA ASP A 150 11.77 -47.57 -30.06
C ASP A 150 12.33 -48.97 -30.24
N ARG A 151 13.22 -49.38 -29.35
CA ARG A 151 13.79 -50.72 -29.42
C ARG A 151 12.79 -51.76 -28.97
N GLY A 152 11.90 -51.36 -28.08
CA GLY A 152 10.78 -52.20 -27.67
C GLY A 152 10.91 -52.79 -26.29
N ILE A 153 10.15 -53.85 -26.10
CA ILE A 153 10.03 -54.50 -24.82
C ILE A 153 11.17 -55.49 -24.64
N CYS A 154 12.09 -55.20 -23.70
CA CYS A 154 13.08 -56.20 -23.38
C CYS A 154 12.46 -57.30 -22.56
N GLY A 155 12.72 -58.54 -23.00
CA GLY A 155 12.26 -59.75 -22.32
C GLY A 155 13.43 -60.67 -22.02
N LEU A 156 13.43 -61.21 -20.81
CA LEU A 156 14.50 -62.08 -20.36
C LEU A 156 14.07 -63.53 -20.43
N PRO A 157 15.03 -64.40 -20.73
CA PRO A 157 14.75 -65.83 -20.84
C PRO A 157 14.65 -66.55 -19.48
N PHE A 158 13.61 -67.35 -19.32
CA PHE A 158 13.42 -68.19 -18.14
C PHE A 158 13.03 -69.61 -18.59
N THR A 159 13.69 -70.60 -18.01
CA THR A 159 13.33 -71.98 -18.26
C THR A 159 12.08 -72.35 -17.47
N ARG A 160 10.94 -72.45 -18.16
CA ARG A 160 9.74 -73.03 -17.59
C ARG A 160 10.01 -74.48 -17.20
N GLN A 161 9.67 -74.86 -15.98
CA GLN A 161 10.26 -76.04 -15.37
C GLN A 161 9.54 -77.32 -15.66
N SER A 162 8.22 -77.27 -15.83
CA SER A 162 7.47 -78.49 -16.13
C SER A 162 7.96 -79.15 -17.43
N ASP A 163 8.08 -78.34 -18.48
CA ASP A 163 8.41 -78.85 -19.83
C ASP A 163 9.79 -78.40 -20.34
N ASN A 164 10.61 -77.89 -19.44
CA ASN A 164 11.94 -77.37 -19.80
C ASN A 164 12.08 -76.42 -21.03
N GLN A 165 11.00 -75.70 -21.36
CA GLN A 165 11.02 -74.73 -22.44
C GLN A 165 11.32 -73.29 -21.97
N THR A 166 11.97 -72.53 -22.83
CA THR A 166 12.29 -71.15 -22.57
C THR A 166 11.05 -70.30 -22.71
N VAL A 167 10.90 -69.34 -21.80
CA VAL A 167 9.81 -68.34 -21.86
C VAL A 167 10.41 -66.98 -21.66
N TYR A 168 9.96 -66.03 -22.47
CA TYR A 168 10.49 -64.65 -22.37
C TYR A 168 9.57 -63.77 -21.50
N ILE A 169 10.10 -63.27 -20.38
CA ILE A 169 9.31 -62.42 -19.47
C ILE A 169 9.88 -61.01 -19.54
N PRO A 170 9.01 -60.00 -19.77
CA PRO A 170 9.48 -58.61 -19.89
C PRO A 170 10.16 -58.16 -18.63
N MET A 171 11.30 -57.49 -18.78
CA MET A 171 12.08 -57.07 -17.63
C MET A 171 11.20 -56.17 -16.78
N ASN A 172 10.38 -55.36 -17.43
CA ASN A 172 9.43 -54.53 -16.68
C ASN A 172 8.59 -55.31 -15.68
N ILE A 173 8.05 -56.44 -16.09
CA ILE A 173 7.21 -57.26 -15.20
C ILE A 173 8.01 -57.87 -14.07
N ILE A 174 9.14 -58.49 -14.42
CA ILE A 174 10.05 -59.11 -13.46
C ILE A 174 10.31 -58.15 -12.35
N GLY A 175 10.74 -56.96 -12.75
CA GLY A 175 11.28 -55.94 -11.82
C GLY A 175 10.26 -55.22 -10.95
N ASN A 176 9.05 -55.04 -11.49
CA ASN A 176 8.00 -54.37 -10.77
C ASN A 176 7.32 -55.23 -9.76
N LEU A 177 7.18 -56.52 -10.06
CA LEU A 177 6.35 -57.41 -9.25
C LEU A 177 7.12 -58.41 -8.45
N TYR A 178 8.35 -58.73 -8.86
CA TYR A 178 9.11 -59.75 -8.14
C TYR A 178 10.33 -59.19 -7.41
N VAL A 179 10.87 -58.09 -7.91
CA VAL A 179 12.05 -57.46 -7.30
C VAL A 179 13.08 -58.50 -6.83
N SER A 180 13.62 -58.32 -5.63
CA SER A 180 14.68 -59.17 -5.14
C SER A 180 14.15 -60.47 -4.55
N ASN A 181 12.95 -60.87 -4.92
CA ASN A 181 12.41 -62.13 -4.38
C ASN A 181 12.63 -63.38 -5.24
N GLY A 182 13.19 -64.39 -4.57
CA GLY A 182 13.47 -65.65 -5.19
C GLY A 182 14.78 -65.61 -5.94
N MET A 183 15.63 -64.63 -5.66
CA MET A 183 16.99 -64.67 -6.15
C MET A 183 17.87 -65.38 -5.18
N SER A 184 18.90 -65.98 -5.75
CA SER A 184 19.88 -66.63 -4.95
C SER A 184 21.18 -66.83 -5.70
N ALA A 185 22.24 -67.04 -4.93
CA ALA A 185 23.54 -67.47 -5.45
C ALA A 185 24.03 -68.59 -4.55
N GLY A 186 24.91 -69.44 -5.05
CA GLY A 186 25.38 -70.56 -4.24
C GLY A 186 26.69 -71.17 -4.68
N ASN A 187 27.14 -72.11 -3.88
CA ASN A 187 28.27 -72.97 -4.23
C ASN A 187 27.98 -74.00 -5.34
N THR A 188 26.71 -74.39 -5.48
CA THR A 188 26.29 -75.31 -6.52
C THR A 188 24.98 -74.82 -7.10
N ARG A 189 24.66 -75.30 -8.29
CA ARG A 189 23.38 -75.02 -8.92
C ARG A 189 22.24 -75.29 -7.92
N ASN A 190 22.23 -76.48 -7.33
CA ASN A 190 21.10 -76.90 -6.47
C ASN A 190 21.02 -76.23 -5.12
N GLU A 191 22.17 -75.98 -4.50
CA GLU A 191 22.24 -75.20 -3.26
C GLU A 191 21.53 -73.85 -3.45
N ALA A 192 21.91 -73.13 -4.51
CA ALA A 192 21.31 -71.83 -4.83
C ALA A 192 19.81 -71.92 -5.07
N ARG A 193 19.39 -72.92 -5.81
CA ARG A 193 17.97 -73.06 -6.14
C ARG A 193 17.13 -73.40 -4.90
N VAL A 194 17.67 -74.23 -4.02
CA VAL A 194 16.97 -74.59 -2.81
C VAL A 194 16.83 -73.33 -1.95
N GLN A 195 17.89 -72.53 -1.86
CA GLN A 195 17.84 -71.29 -1.10
C GLN A 195 16.74 -70.40 -1.70
N GLY A 196 16.80 -70.17 -3.00
CA GLY A 196 15.83 -69.32 -3.70
C GLY A 196 14.37 -69.81 -3.65
N LEU A 197 14.16 -71.11 -3.77
CA LEU A 197 12.79 -71.66 -3.71
C LEU A 197 12.22 -71.57 -2.30
N SER A 198 13.08 -71.79 -1.33
CA SER A 198 12.72 -71.59 0.06
C SER A 198 12.34 -70.10 0.26
N GLU A 199 13.16 -69.18 -0.26
CA GLU A 199 12.87 -67.72 -0.19
C GLU A 199 11.47 -67.45 -0.70
N VAL A 200 11.02 -68.23 -1.69
CA VAL A 200 9.65 -68.07 -2.21
C VAL A 200 8.60 -68.53 -1.21
N PHE A 201 8.83 -69.66 -0.57
CA PHE A 201 7.92 -70.15 0.48
C PHE A 201 7.86 -69.20 1.68
N GLU A 202 9.03 -68.77 2.14
CA GLU A 202 9.15 -67.79 3.23
C GLU A 202 8.11 -66.72 3.02
N ARG A 203 8.22 -66.05 1.89
CA ARG A 203 7.45 -64.84 1.64
C ARG A 203 5.97 -65.09 1.29
N TYR A 204 5.67 -66.21 0.62
CA TYR A 204 4.28 -66.57 0.28
C TYR A 204 3.49 -66.96 1.52
N VAL A 205 4.07 -67.84 2.31
CA VAL A 205 3.45 -68.30 3.57
C VAL A 205 3.29 -67.11 4.52
N LYS A 206 4.36 -66.35 4.68
CA LYS A 206 4.33 -65.12 5.47
C LYS A 206 3.09 -64.30 5.14
N ASN A 207 2.93 -63.96 3.87
CA ASN A 207 1.83 -63.12 3.44
C ASN A 207 0.46 -63.70 3.70
N ARG A 208 0.40 -65.02 3.91
CA ARG A 208 -0.85 -65.69 4.27
C ARG A 208 -1.09 -65.63 5.77
N ILE A 209 -0.08 -66.06 6.49
CA ILE A 209 -0.10 -66.00 7.94
C ILE A 209 -0.54 -64.61 8.41
N ILE A 210 0.02 -63.59 7.75
CA ILE A 210 -0.22 -62.19 8.14
C ILE A 210 -1.58 -61.74 7.65
N ALA A 211 -1.79 -61.76 6.34
CA ALA A 211 -3.01 -61.20 5.78
C ALA A 211 -4.25 -61.91 6.27
N GLU A 212 -4.18 -63.22 6.42
CA GLU A 212 -5.31 -64.01 6.89
C GLU A 212 -5.43 -64.03 8.43
N SER A 213 -4.56 -63.30 9.12
CA SER A 213 -4.60 -63.17 10.59
C SER A 213 -4.64 -64.53 11.28
N ILE A 214 -3.67 -65.38 10.93
CA ILE A 214 -3.66 -66.77 11.36
C ILE A 214 -2.99 -66.84 12.74
N SER A 215 -3.53 -67.71 13.62
CA SER A 215 -2.87 -68.11 14.88
C SER A 215 -2.06 -69.35 14.62
N LEU A 216 -0.75 -69.22 14.82
CA LEU A 216 0.15 -70.33 14.61
C LEU A 216 0.35 -71.08 15.92
N PRO A 217 0.86 -72.33 15.82
CA PRO A 217 1.14 -73.18 16.96
C PRO A 217 2.58 -73.05 17.43
N GLU A 218 2.78 -72.89 18.74
CA GLU A 218 4.12 -72.77 19.29
C GLU A 218 4.96 -73.98 18.95
N ILE A 219 6.27 -73.80 18.87
CA ILE A 219 7.18 -74.91 18.71
C ILE A 219 7.38 -75.42 20.14
N PRO A 220 7.10 -76.71 20.39
CA PRO A 220 7.38 -77.31 21.71
C PRO A 220 8.82 -77.12 22.20
N ALA A 221 8.99 -77.07 23.52
CA ALA A 221 10.28 -76.76 24.10
C ALA A 221 11.33 -77.85 23.83
N ASP A 222 10.91 -79.12 23.90
CA ASP A 222 11.81 -80.26 23.64
C ASP A 222 12.26 -80.32 22.18
N VAL A 223 11.48 -79.70 21.28
CA VAL A 223 11.86 -79.58 19.87
C VAL A 223 12.94 -78.49 19.69
N LEU A 224 12.72 -77.35 20.32
CA LEU A 224 13.71 -76.27 20.32
C LEU A 224 15.02 -76.73 20.92
N ALA A 225 14.93 -77.65 21.88
CA ALA A 225 16.08 -78.19 22.60
C ALA A 225 17.12 -78.82 21.68
N ARG A 226 16.63 -79.38 20.58
CA ARG A 226 17.49 -79.94 19.54
C ARG A 226 18.53 -78.95 19.03
N TYR A 227 18.19 -77.66 19.06
CA TYR A 227 19.03 -76.61 18.48
C TYR A 227 19.49 -75.63 19.57
N PRO A 228 20.44 -76.06 20.43
CA PRO A 228 20.86 -75.28 21.61
C PRO A 228 21.42 -73.90 21.27
N ALA A 229 22.10 -73.78 20.14
CA ALA A 229 22.70 -72.52 19.70
C ALA A 229 21.63 -71.45 19.42
N VAL A 230 20.47 -71.87 18.97
CA VAL A 230 19.32 -70.98 18.78
C VAL A 230 18.67 -70.68 20.12
N VAL A 231 18.37 -71.74 20.87
CA VAL A 231 17.89 -71.64 22.27
C VAL A 231 18.69 -70.62 23.10
N GLU A 232 20.01 -70.60 22.89
CA GLU A 232 20.88 -69.66 23.58
C GLU A 232 20.60 -68.24 23.12
N ALA A 233 20.46 -68.07 21.80
CA ALA A 233 20.19 -66.75 21.25
C ALA A 233 18.86 -66.22 21.75
N ILE A 234 17.91 -67.11 21.97
CA ILE A 234 16.59 -66.72 22.46
C ILE A 234 16.59 -66.41 23.96
N GLU A 235 17.28 -67.24 24.75
CA GLU A 235 17.37 -66.99 26.19
C GLU A 235 18.05 -65.65 26.44
N THR A 236 19.04 -65.31 25.61
CA THR A 236 19.72 -64.04 25.76
C THR A 236 18.78 -62.88 25.45
N LEU A 237 18.08 -62.95 24.32
CA LEU A 237 17.10 -61.93 23.98
C LEU A 237 16.01 -61.80 25.04
N GLU A 238 15.61 -62.93 25.64
CA GLU A 238 14.50 -62.94 26.58
C GLU A 238 14.91 -62.33 27.88
N ALA A 239 16.10 -62.70 28.36
CA ALA A 239 16.70 -62.13 29.58
C ALA A 239 17.05 -60.66 29.37
N GLU A 240 17.45 -60.31 28.16
CA GLU A 240 17.68 -58.91 27.77
C GLU A 240 16.42 -58.04 27.79
N GLY A 241 15.26 -58.64 28.09
CA GLY A 241 14.00 -57.90 28.20
C GLY A 241 13.06 -58.01 27.00
N PHE A 242 13.30 -58.95 26.10
CA PHE A 242 12.47 -59.11 24.88
C PHE A 242 11.76 -60.45 24.82
N PRO A 243 10.44 -60.46 25.10
CA PRO A 243 9.72 -61.73 24.95
C PRO A 243 9.85 -62.25 23.52
N ILE A 244 10.05 -63.56 23.39
CA ILE A 244 10.10 -64.23 22.09
C ILE A 244 8.97 -65.25 21.96
N PHE A 245 8.44 -65.41 20.75
CA PHE A 245 7.51 -66.50 20.39
C PHE A 245 8.07 -67.28 19.19
N ALA A 246 8.25 -68.57 19.33
CA ALA A 246 8.69 -69.38 18.21
C ALA A 246 7.48 -70.17 17.70
N TYR A 247 7.32 -70.23 16.37
CA TYR A 247 6.09 -70.80 15.78
C TYR A 247 6.38 -71.74 14.61
N ASP A 248 5.49 -72.69 14.41
CA ASP A 248 5.52 -73.54 13.21
C ASP A 248 4.67 -72.88 12.12
N GLY A 249 5.35 -72.40 11.09
CA GLY A 249 4.67 -71.71 10.00
C GLY A 249 4.28 -72.62 8.86
N SER A 250 4.37 -73.94 9.10
CA SER A 250 4.11 -74.94 8.05
C SER A 250 2.65 -74.99 7.64
N LEU A 251 1.76 -74.46 8.47
CA LEU A 251 0.32 -74.49 8.19
C LEU A 251 -0.14 -75.94 8.12
N GLY A 252 0.15 -76.69 9.18
CA GLY A 252 -0.18 -78.12 9.25
C GLY A 252 0.72 -78.96 8.36
N GLY A 253 2.03 -78.73 8.45
CA GLY A 253 3.01 -79.55 7.74
C GLY A 253 3.23 -79.32 6.26
N GLN A 254 2.45 -78.41 5.65
CA GLN A 254 2.49 -78.19 4.18
C GLN A 254 3.78 -77.53 3.63
N TYR A 255 4.20 -76.46 4.30
CA TYR A 255 5.34 -75.70 3.83
C TYR A 255 6.46 -75.69 4.85
N PRO A 256 7.71 -75.50 4.39
CA PRO A 256 8.86 -75.56 5.28
C PRO A 256 9.21 -74.20 5.87
N VAL A 257 8.29 -73.65 6.66
CA VAL A 257 8.38 -72.28 7.14
C VAL A 257 8.27 -72.18 8.67
N ILE A 258 9.26 -71.54 9.28
CA ILE A 258 9.25 -71.17 10.70
C ILE A 258 9.00 -69.68 10.83
N CYS A 259 8.28 -69.30 11.87
CA CYS A 259 8.02 -67.89 12.15
C CYS A 259 8.37 -67.62 13.61
N VAL A 260 9.10 -66.54 13.86
CA VAL A 260 9.52 -66.21 15.20
C VAL A 260 9.24 -64.74 15.41
N VAL A 261 8.56 -64.42 16.50
CA VAL A 261 8.17 -63.07 16.78
C VAL A 261 8.81 -62.55 18.05
N LEU A 262 9.39 -61.35 17.94
CA LEU A 262 9.95 -60.59 19.08
C LEU A 262 8.98 -59.51 19.57
N PHE A 263 8.86 -59.38 20.88
CA PHE A 263 8.12 -58.29 21.53
C PHE A 263 9.11 -57.30 22.10
N ASN A 264 8.77 -56.02 22.01
CA ASN A 264 9.51 -54.98 22.72
C ASN A 264 8.61 -54.23 23.68
N PRO A 265 8.59 -54.67 24.95
CA PRO A 265 7.60 -54.13 25.92
C PRO A 265 7.80 -52.64 26.19
N ALA A 266 9.05 -52.19 26.05
CA ALA A 266 9.39 -50.79 26.19
C ALA A 266 8.61 -49.87 25.27
N ASN A 267 8.40 -50.29 24.02
CA ASN A 267 7.64 -49.53 23.07
C ASN A 267 6.25 -50.06 22.75
N GLY A 268 5.94 -51.22 23.32
CA GLY A 268 4.70 -51.96 23.08
C GLY A 268 4.55 -52.48 21.66
N THR A 269 5.67 -52.77 21.00
CA THR A 269 5.66 -53.17 19.59
C THR A 269 6.15 -54.59 19.45
N CYS A 270 5.85 -55.17 18.28
CA CYS A 270 6.31 -56.53 17.93
C CYS A 270 7.00 -56.51 16.58
N PHE A 271 7.85 -57.51 16.36
CA PHE A 271 8.55 -57.67 15.11
C PHE A 271 8.54 -59.15 14.72
N ALA A 272 7.85 -59.48 13.63
CA ALA A 272 7.73 -60.84 13.14
C ALA A 272 8.75 -61.17 12.05
N SER A 273 9.57 -62.18 12.32
CA SER A 273 10.45 -62.73 11.30
C SER A 273 9.98 -64.08 10.82
N PHE A 274 10.33 -64.38 9.57
CA PHE A 274 9.98 -65.63 8.93
C PHE A 274 11.19 -66.21 8.24
N GLY A 275 11.13 -67.49 7.95
CA GLY A 275 12.26 -68.17 7.35
C GLY A 275 11.89 -69.54 6.86
N ALA A 276 12.53 -69.97 5.79
CA ALA A 276 12.21 -71.25 5.21
C ALA A 276 13.43 -71.99 4.75
N HIS A 277 13.42 -73.29 4.97
CA HIS A 277 14.41 -74.19 4.44
C HIS A 277 13.89 -75.59 4.64
N PRO A 278 14.26 -76.52 3.74
CA PRO A 278 13.75 -77.89 3.87
C PRO A 278 14.03 -78.55 5.22
N ASP A 279 15.19 -78.24 5.78
CA ASP A 279 15.55 -78.71 7.12
C ASP A 279 15.03 -77.76 8.20
N PHE A 280 14.10 -78.25 8.99
CA PHE A 280 13.51 -77.54 10.13
C PHE A 280 14.49 -76.66 10.91
N GLY A 281 15.63 -77.25 11.28
CA GLY A 281 16.62 -76.60 12.11
C GLY A 281 17.28 -75.41 11.44
N VAL A 282 17.59 -75.56 10.16
CA VAL A 282 18.17 -74.45 9.39
C VAL A 282 17.15 -73.33 9.31
N ALA A 283 15.91 -73.69 9.05
CA ALA A 283 14.86 -72.71 8.93
C ALA A 283 14.68 -71.96 10.21
N LEU A 284 14.78 -72.67 11.32
CA LEU A 284 14.62 -72.03 12.64
C LEU A 284 15.69 -70.96 12.81
N GLU A 285 16.94 -71.36 12.59
CA GLU A 285 18.06 -70.44 12.77
C GLU A 285 17.99 -69.25 11.82
N ARG A 286 17.63 -69.52 10.57
CA ARG A 286 17.48 -68.46 9.60
C ARG A 286 16.48 -67.43 10.07
N THR A 287 15.35 -67.88 10.62
CA THR A 287 14.35 -66.96 11.12
C THR A 287 14.88 -66.13 12.29
N VAL A 288 15.57 -66.78 13.22
CA VAL A 288 16.16 -66.07 14.39
C VAL A 288 17.26 -65.08 13.98
N THR A 289 18.22 -65.50 13.17
CA THR A 289 19.29 -64.59 12.77
C THR A 289 18.75 -63.32 12.11
N GLU A 290 17.63 -63.45 11.41
CA GLU A 290 17.07 -62.30 10.72
C GLU A 290 16.50 -61.24 11.70
N LEU A 291 16.44 -61.48 13.01
CA LEU A 291 16.21 -60.37 14.01
C LEU A 291 17.50 -59.73 14.63
N PHE A 303 9.54 -50.28 15.15
CA PHE A 303 8.44 -51.22 14.89
C PHE A 303 7.03 -50.70 15.15
N THR A 304 6.05 -51.58 14.91
CA THR A 304 4.63 -51.25 15.06
C THR A 304 3.95 -52.24 16.01
N PRO A 305 3.00 -51.74 16.81
CA PRO A 305 2.31 -52.65 17.72
C PRO A 305 1.31 -53.53 16.97
N PRO A 306 0.93 -54.68 17.58
CA PRO A 306 -0.06 -55.55 16.97
C PRO A 306 -1.38 -54.84 16.88
N THR A 307 -2.34 -55.43 16.19
CA THR A 307 -3.59 -54.76 15.91
C THR A 307 -4.72 -55.77 15.77
N PHE A 308 -5.93 -55.36 16.13
CA PHE A 308 -7.12 -56.15 15.83
C PHE A 308 -7.78 -55.76 14.50
N ASP A 309 -7.08 -54.99 13.65
CA ASP A 309 -7.68 -54.53 12.41
C ASP A 309 -7.53 -55.58 11.35
N ASP A 310 -8.48 -56.49 11.31
CA ASP A 310 -8.52 -57.50 10.28
C ASP A 310 -8.21 -56.98 8.87
N GLU A 311 -8.72 -55.79 8.52
CA GLU A 311 -8.62 -55.25 7.14
C GLU A 311 -7.32 -54.53 6.85
N GLU A 312 -6.79 -53.83 7.84
CA GLU A 312 -5.54 -53.07 7.67
C GLU A 312 -4.28 -53.95 7.58
N VAL A 313 -4.34 -55.10 8.24
CA VAL A 313 -3.27 -56.11 8.18
C VAL A 313 -3.19 -56.71 6.79
N ALA A 314 -4.35 -57.08 6.24
CA ALA A 314 -4.43 -57.72 4.92
C ALA A 314 -4.06 -56.79 3.74
N GLU A 315 -4.20 -55.47 3.93
CA GLU A 315 -3.97 -54.49 2.85
C GLU A 315 -2.62 -54.74 2.17
N HIS A 316 -2.61 -54.69 0.83
CA HIS A 316 -1.41 -55.01 0.03
C HIS A 316 -0.23 -54.15 0.48
N THR A 317 -0.50 -52.87 0.81
CA THR A 317 0.54 -51.93 1.25
C THR A 317 1.18 -52.33 2.59
N ASN A 318 0.47 -53.12 3.40
CA ASN A 318 1.06 -53.65 4.64
C ASN A 318 2.09 -54.74 4.37
N LEU A 319 1.73 -55.66 3.48
CA LEU A 319 2.59 -56.79 3.15
C LEU A 319 3.78 -56.29 2.34
N GLU A 320 3.53 -55.30 1.49
CA GLU A 320 4.59 -54.65 0.70
C GLU A 320 5.63 -54.02 1.65
N THR A 321 5.16 -53.43 2.76
CA THR A 321 6.08 -52.89 3.78
C THR A 321 6.90 -54.01 4.37
N HIS A 322 6.21 -54.99 4.96
CA HIS A 322 6.87 -56.17 5.56
C HIS A 322 8.05 -56.69 4.73
N PHE A 323 7.93 -56.63 3.41
CA PHE A 323 9.00 -57.07 2.53
C PHE A 323 10.21 -56.15 2.54
N ILE A 324 9.98 -54.84 2.44
CA ILE A 324 11.08 -53.84 2.39
C ILE A 324 11.90 -53.81 3.68
N ASP A 325 11.20 -53.60 4.79
CA ASP A 325 11.72 -53.75 6.14
C ASP A 325 10.57 -54.42 6.86
N SER A 326 10.80 -55.05 7.99
CA SER A 326 9.70 -55.81 8.66
C SER A 326 8.92 -55.00 9.73
N SER A 327 8.89 -53.67 9.57
CA SER A 327 8.00 -52.81 10.37
C SER A 327 6.60 -52.70 9.74
N GLY A 328 5.84 -53.78 9.80
CA GLY A 328 4.47 -53.80 9.33
C GLY A 328 3.52 -54.25 10.43
N LEU A 329 2.24 -54.21 10.12
CA LEU A 329 1.21 -54.57 11.09
C LEU A 329 0.98 -56.09 11.18
N ILE A 330 1.04 -56.60 12.40
CA ILE A 330 0.74 -58.01 12.70
C ILE A 330 -0.56 -58.10 13.51
N SER A 331 -1.42 -59.07 13.20
CA SER A 331 -2.68 -59.23 13.96
C SER A 331 -2.40 -59.82 15.33
N TRP A 332 -3.18 -59.41 16.32
CA TRP A 332 -3.06 -59.97 17.68
C TRP A 332 -3.38 -61.45 17.65
N ASP A 333 -4.16 -61.86 16.64
CA ASP A 333 -4.55 -63.25 16.44
C ASP A 333 -3.41 -64.21 16.30
N LEU A 334 -2.28 -63.76 15.79
CA LEU A 334 -1.09 -64.61 15.72
C LEU A 334 -0.79 -65.27 17.06
N PHE A 335 -1.00 -64.51 18.13
CA PHE A 335 -0.60 -64.88 19.50
C PHE A 335 -1.69 -65.55 20.33
N LYS A 336 -2.83 -65.82 19.69
CA LYS A 336 -3.90 -66.52 20.37
C LYS A 336 -3.39 -67.84 20.87
N GLN A 337 -3.90 -68.23 22.04
CA GLN A 337 -3.53 -69.48 22.65
C GLN A 337 -3.82 -70.62 21.69
N ASP A 338 -5.08 -70.71 21.27
CA ASP A 338 -5.52 -71.75 20.34
C ASP A 338 -5.14 -71.47 18.88
N ALA A 339 -4.30 -72.34 18.34
CA ALA A 339 -3.81 -72.24 16.96
C ALA A 339 -4.82 -72.84 15.98
N ASP A 340 -4.74 -72.39 14.74
CA ASP A 340 -5.64 -72.84 13.67
C ASP A 340 -5.08 -74.08 12.96
N TYR A 341 -3.82 -74.40 13.23
CA TYR A 341 -3.18 -75.60 12.70
C TYR A 341 -2.43 -76.23 13.86
N PRO A 342 -2.34 -77.56 13.88
CA PRO A 342 -1.51 -78.19 14.87
C PRO A 342 -0.02 -78.05 14.55
N PHE A 343 0.82 -78.12 15.59
CA PHE A 343 2.26 -78.15 15.38
C PHE A 343 2.58 -79.43 14.62
N VAL A 344 3.53 -79.35 13.71
CA VAL A 344 3.99 -80.54 13.01
C VAL A 344 5.49 -80.52 13.11
N ASP A 345 6.08 -81.61 13.57
CA ASP A 345 7.52 -81.70 13.59
C ASP A 345 7.99 -82.06 12.17
N TRP A 346 8.00 -81.07 11.30
CA TRP A 346 8.25 -81.31 9.90
C TRP A 346 9.72 -81.45 9.54
N ASN A 347 9.95 -82.10 8.42
CA ASN A 347 11.26 -82.21 7.83
C ASN A 347 11.24 -82.64 6.38
N PHE A 348 11.90 -81.86 5.53
CA PHE A 348 11.93 -82.08 4.09
C PHE A 348 13.37 -82.27 3.61
N SER A 349 14.29 -82.46 4.56
CA SER A 349 15.74 -82.37 4.29
C SER A 349 16.34 -83.53 3.44
N GLY A 350 17.67 -83.49 3.26
CA GLY A 350 18.38 -84.40 2.36
C GLY A 350 19.48 -83.65 1.61
N THR A 351 20.00 -84.23 0.53
CA THR A 351 20.98 -83.50 -0.27
C THR A 351 20.30 -82.41 -1.07
N THR A 352 21.04 -81.35 -1.38
CA THR A 352 20.51 -80.23 -2.14
C THR A 352 19.74 -80.70 -3.39
N GLU A 353 20.23 -81.75 -4.02
CA GLU A 353 19.56 -82.34 -5.17
C GLU A 353 18.17 -82.90 -4.82
N GLU A 354 18.10 -83.65 -3.73
CA GLU A 354 16.82 -84.20 -3.25
C GLU A 354 15.88 -83.10 -2.79
N GLU A 355 16.43 -82.16 -2.03
CA GLU A 355 15.69 -81.03 -1.46
C GLU A 355 15.06 -80.23 -2.61
N PHE A 356 15.82 -80.03 -3.69
CA PHE A 356 15.27 -79.34 -4.87
C PHE A 356 14.04 -80.04 -5.42
N ALA A 357 14.07 -81.36 -5.48
CA ALA A 357 12.94 -82.14 -6.00
C ALA A 357 11.76 -82.12 -5.04
N THR A 358 12.07 -82.25 -3.74
CA THR A 358 11.06 -82.26 -2.70
C THR A 358 10.25 -80.98 -2.70
N LEU A 359 10.96 -79.87 -2.89
CA LEU A 359 10.34 -78.54 -2.89
C LEU A 359 9.52 -78.39 -4.15
N MET A 360 10.14 -78.73 -5.27
CA MET A 360 9.48 -78.66 -6.57
C MET A 360 8.18 -79.48 -6.56
N ALA A 361 8.20 -80.59 -5.79
CA ALA A 361 7.03 -81.45 -5.60
C ALA A 361 5.86 -80.70 -5.03
N ILE A 362 6.17 -79.79 -4.10
CA ILE A 362 5.16 -78.95 -3.41
C ILE A 362 4.53 -77.99 -4.39
N PHE A 363 5.35 -77.36 -5.24
CA PHE A 363 4.83 -76.48 -6.28
C PHE A 363 3.95 -77.19 -7.30
N ASN A 364 4.32 -78.42 -7.65
CA ASN A 364 3.51 -79.23 -8.53
C ASN A 364 2.18 -79.55 -7.87
N LYS A 365 2.22 -79.93 -6.59
CA LYS A 365 1.00 -80.18 -5.84
C LYS A 365 0.06 -78.97 -5.86
N GLU A 366 0.62 -77.78 -5.88
CA GLU A 366 -0.16 -76.53 -5.84
C GLU A 366 -0.69 -76.12 -7.21
N ASP A 367 -0.30 -76.84 -8.26
CA ASP A 367 -0.57 -76.44 -9.64
C ASP A 367 0.00 -75.05 -9.96
N LYS A 368 1.27 -74.87 -9.60
CA LYS A 368 1.98 -73.62 -9.81
C LYS A 368 3.25 -73.85 -10.58
N GLU A 369 3.26 -73.33 -11.81
CA GLU A 369 4.44 -73.35 -12.66
C GLU A 369 5.56 -72.57 -12.05
N VAL A 370 6.75 -73.18 -12.05
CA VAL A 370 7.97 -72.51 -11.61
C VAL A 370 8.76 -72.10 -12.85
N TYR A 371 9.33 -70.89 -12.85
CA TYR A 371 10.17 -70.40 -13.95
C TYR A 371 11.51 -69.99 -13.42
N ILE A 372 12.55 -70.71 -13.79
CA ILE A 372 13.89 -70.39 -13.29
C ILE A 372 14.72 -69.79 -14.39
N ALA A 373 15.72 -69.00 -14.00
CA ALA A 373 16.66 -68.40 -14.93
C ALA A 373 18.05 -68.47 -14.32
N ASP A 374 19.01 -69.03 -15.06
CA ASP A 374 20.34 -69.32 -14.50
C ASP A 374 21.36 -68.35 -15.02
N TYR A 375 22.26 -67.96 -14.13
CA TYR A 375 23.31 -67.01 -14.44
C TYR A 375 24.60 -67.63 -13.90
N GLU A 376 25.59 -67.76 -14.78
CA GLU A 376 26.91 -68.24 -14.37
C GLU A 376 28.05 -67.35 -14.88
N HIS A 377 27.68 -66.19 -15.42
CA HIS A 377 28.63 -65.38 -16.17
C HIS A 377 29.63 -64.67 -15.28
N LEU A 378 29.41 -64.72 -13.96
CA LEU A 378 30.36 -64.14 -13.00
C LEU A 378 31.19 -65.19 -12.28
N GLY A 379 31.04 -66.45 -12.70
CA GLY A 379 31.84 -67.55 -12.15
C GLY A 379 31.29 -68.16 -10.89
N VAL A 380 30.06 -67.77 -10.57
CA VAL A 380 29.34 -68.35 -9.45
C VAL A 380 27.95 -68.54 -9.97
N TYR A 381 27.33 -69.63 -9.54
CA TYR A 381 25.99 -69.90 -9.97
C TYR A 381 25.07 -68.99 -9.22
N ALA A 382 24.08 -68.45 -9.93
CA ALA A 382 23.03 -67.66 -9.35
C ALA A 382 21.74 -67.87 -10.15
N CYS A 383 20.63 -68.01 -9.45
CA CYS A 383 19.34 -68.19 -10.12
C CYS A 383 18.42 -67.02 -9.87
N ARG A 384 17.35 -66.95 -10.64
CA ARG A 384 16.24 -66.08 -10.33
C ARG A 384 14.93 -66.79 -10.60
N ILE A 385 14.08 -66.87 -9.58
CA ILE A 385 12.91 -67.75 -9.63
C ILE A 385 11.59 -66.97 -9.54
N ILE A 386 10.79 -67.12 -10.57
CA ILE A 386 9.45 -66.56 -10.63
C ILE A 386 8.48 -67.73 -10.46
N VAL A 387 7.42 -67.54 -9.68
CA VAL A 387 6.39 -68.56 -9.46
C VAL A 387 5.04 -67.84 -9.38
N PRO A 388 4.56 -67.33 -10.52
CA PRO A 388 3.42 -66.43 -10.47
C PRO A 388 2.27 -67.06 -9.72
N GLY A 389 1.68 -66.27 -8.83
CA GLY A 389 0.68 -66.74 -7.88
C GLY A 389 1.29 -67.09 -6.53
N MET A 390 2.60 -66.90 -6.34
CA MET A 390 3.29 -67.19 -5.06
C MET A 390 4.51 -66.28 -4.81
N SER A 391 5.36 -66.14 -5.82
CA SER A 391 6.57 -65.33 -5.74
C SER A 391 6.26 -63.84 -5.75
N ASP A 392 5.07 -63.47 -6.24
CA ASP A 392 4.73 -62.04 -6.35
C ASP A 392 4.80 -61.28 -5.03
N ILE A 393 5.44 -60.13 -5.05
CA ILE A 393 5.48 -59.22 -3.91
C ILE A 393 4.48 -58.11 -4.09
N TYR A 394 4.43 -57.62 -5.31
CA TYR A 394 3.45 -56.61 -5.68
C TYR A 394 2.40 -57.28 -6.58
N PRO A 395 1.17 -56.78 -6.56
CA PRO A 395 0.10 -57.34 -7.37
C PRO A 395 0.10 -56.78 -8.80
N ALA A 396 -0.41 -57.56 -9.76
CA ALA A 396 -0.28 -57.22 -11.16
C ALA A 396 -0.92 -55.91 -11.51
N GLU A 397 -1.96 -55.51 -10.75
CA GLU A 397 -2.60 -54.19 -10.96
C GLU A 397 -1.57 -53.09 -10.95
N ASP A 398 -0.48 -53.29 -10.21
CA ASP A 398 0.59 -52.29 -10.17
C ASP A 398 1.28 -52.04 -11.52
N LEU A 399 1.16 -52.93 -12.51
CA LEU A 399 1.73 -52.66 -13.85
C LEU A 399 1.01 -51.48 -14.52
N TRP A 400 -0.22 -51.21 -14.05
CA TRP A 400 -0.99 -50.04 -14.49
C TRP A 400 -0.80 -48.88 -13.52
N LEU A 401 -0.96 -49.15 -12.24
CA LEU A 401 -1.06 -48.11 -11.23
C LEU A 401 0.29 -47.64 -10.64
N ALA A 402 1.26 -48.53 -10.55
CA ALA A 402 2.50 -48.25 -9.83
C ALA A 402 3.70 -48.77 -10.60
N ASN A 403 3.74 -48.46 -11.90
CA ASN A 403 4.76 -49.02 -12.76
C ASN A 403 6.01 -48.18 -12.70
N ASN A 404 7.11 -48.79 -12.31
CA ASN A 404 8.35 -48.04 -12.10
C ASN A 404 8.98 -47.37 -13.33
N SER A 405 8.35 -47.49 -14.49
CA SER A 405 8.82 -46.73 -15.64
C SER A 405 7.76 -45.74 -16.14
N MET A 406 6.74 -45.49 -15.32
CA MET A 406 5.64 -44.58 -15.66
C MET A 406 6.17 -43.24 -16.07
N GLY A 407 7.27 -42.83 -15.46
CA GLY A 407 7.86 -41.54 -15.76
C GLY A 407 8.89 -41.52 -16.89
N SER A 408 9.27 -42.69 -17.40
CA SER A 408 10.38 -42.80 -18.36
C SER A 408 10.26 -41.75 -19.48
N HIS A 409 9.04 -41.43 -19.89
CA HIS A 409 8.79 -40.57 -21.05
C HIS A 409 8.93 -39.05 -20.76
N LEU A 410 8.85 -38.66 -19.49
CA LEU A 410 9.12 -37.27 -19.10
C LEU A 410 10.59 -37.01 -18.78
N ARG A 411 11.43 -38.06 -18.70
CA ARG A 411 12.80 -37.91 -18.25
C ARG A 411 13.52 -36.77 -18.97
N GLU A 412 13.59 -36.87 -20.29
CA GLU A 412 14.36 -35.93 -21.10
C GLU A 412 13.86 -34.52 -20.94
N THR A 413 12.54 -34.37 -20.86
CA THR A 413 11.91 -33.08 -20.63
C THR A 413 12.34 -32.45 -19.31
N ILE A 414 12.29 -33.26 -18.26
CA ILE A 414 12.54 -32.80 -16.90
C ILE A 414 14.03 -32.51 -16.70
N LEU A 415 14.91 -33.40 -17.16
CA LEU A 415 16.35 -33.14 -17.05
C LEU A 415 16.85 -31.91 -17.83
N SER A 416 16.07 -31.48 -18.82
CA SER A 416 16.37 -30.29 -19.59
C SER A 416 16.07 -28.99 -18.82
N LEU A 417 15.18 -29.04 -17.84
CA LEU A 417 14.65 -27.85 -17.17
C LEU A 417 15.68 -26.85 -16.59
N PRO A 418 16.72 -27.33 -15.89
CA PRO A 418 17.79 -26.42 -15.48
C PRO A 418 18.50 -25.85 -16.68
N GLY A 419 18.40 -24.54 -16.88
CA GLY A 419 18.99 -23.89 -18.06
C GLY A 419 18.02 -23.64 -19.19
N SER A 420 16.93 -24.41 -19.23
CA SER A 420 15.84 -24.20 -20.19
C SER A 420 15.30 -22.77 -20.17
N GLU A 421 14.85 -22.31 -21.34
CA GLU A 421 14.25 -20.99 -21.50
C GLU A 421 13.03 -21.08 -22.38
N TRP A 422 12.07 -21.91 -21.96
CA TRP A 422 10.80 -22.04 -22.66
C TRP A 422 9.86 -20.88 -22.34
N GLU A 423 8.67 -20.94 -22.92
CA GLU A 423 7.65 -19.96 -22.66
C GLU A 423 7.02 -20.26 -21.32
N LYS A 424 6.40 -19.25 -20.71
CA LYS A 424 5.79 -19.43 -19.39
C LYS A 424 4.63 -20.38 -19.40
N GLU A 425 3.95 -20.51 -20.53
CA GLU A 425 2.80 -21.41 -20.58
C GLU A 425 3.27 -22.86 -20.55
N ASP A 426 4.38 -23.14 -21.22
CA ASP A 426 4.93 -24.50 -21.27
C ASP A 426 5.25 -25.03 -19.87
N TYR A 427 5.83 -24.18 -19.03
CA TYR A 427 6.13 -24.55 -17.65
C TYR A 427 4.85 -24.84 -16.86
N LEU A 428 3.86 -23.97 -16.99
CA LEU A 428 2.63 -24.13 -16.25
C LEU A 428 1.84 -25.34 -16.71
N ASN A 429 2.05 -25.78 -17.96
CA ASN A 429 1.36 -26.96 -18.50
C ASN A 429 1.93 -28.25 -17.99
N LEU A 430 3.25 -28.30 -17.95
CA LEU A 430 3.92 -29.45 -17.36
C LEU A 430 3.42 -29.77 -15.94
N ILE A 431 3.03 -28.75 -15.16
CA ILE A 431 2.36 -28.97 -13.88
C ILE A 431 1.04 -29.70 -14.08
N GLU A 432 0.17 -29.11 -14.88
CA GLU A 432 -1.12 -29.74 -15.19
C GLU A 432 -0.94 -31.15 -15.74
N GLN A 433 0.10 -31.39 -16.55
CA GLN A 433 0.36 -32.74 -17.07
C GLN A 433 0.71 -33.71 -15.93
N LEU A 434 1.60 -33.30 -15.05
CA LEU A 434 1.92 -34.11 -13.88
C LEU A 434 0.67 -34.45 -13.07
N ASP A 435 -0.29 -33.53 -13.01
CA ASP A 435 -1.56 -33.79 -12.32
C ASP A 435 -2.43 -34.73 -13.09
N GLU A 436 -2.58 -34.48 -14.39
CA GLU A 436 -3.42 -35.33 -15.28
C GLU A 436 -2.91 -36.75 -15.39
N GLU A 437 -1.59 -36.90 -15.42
CA GLU A 437 -0.98 -38.23 -15.41
C GLU A 437 -0.97 -38.88 -14.03
N GLY A 438 -1.44 -38.16 -13.02
CA GLY A 438 -1.71 -38.73 -11.71
C GLY A 438 -0.49 -39.11 -10.89
N PHE A 439 0.61 -38.37 -11.04
CA PHE A 439 1.78 -38.63 -10.21
C PHE A 439 1.53 -38.14 -8.78
N ASP A 440 2.11 -38.83 -7.80
CA ASP A 440 1.95 -38.47 -6.39
C ASP A 440 2.94 -37.39 -6.04
N ASP A 441 2.47 -36.34 -5.37
CA ASP A 441 3.29 -35.18 -4.98
C ASP A 441 4.51 -35.55 -4.14
N PHE A 442 4.36 -36.59 -3.34
CA PHE A 442 5.44 -37.07 -2.48
C PHE A 442 6.52 -37.89 -3.18
N THR A 443 6.25 -38.34 -4.41
CA THR A 443 7.19 -39.17 -5.14
C THR A 443 8.52 -38.48 -5.37
N ARG A 444 9.61 -39.15 -5.03
CA ARG A 444 10.93 -38.65 -5.35
C ARG A 444 11.21 -38.66 -6.84
N VAL A 445 11.64 -37.53 -7.39
CA VAL A 445 11.86 -37.43 -8.82
C VAL A 445 13.03 -38.29 -9.19
N ARG A 446 14.05 -38.35 -8.34
CA ARG A 446 15.21 -39.16 -8.70
C ARG A 446 14.91 -40.67 -8.74
N GLU A 447 13.90 -41.11 -8.00
CA GLU A 447 13.41 -42.49 -8.07
C GLU A 447 12.54 -42.72 -9.32
N LEU A 448 11.72 -41.73 -9.66
CA LEU A 448 10.80 -41.79 -10.79
C LEU A 448 11.52 -41.84 -12.12
N LEU A 449 12.70 -41.24 -12.20
CA LEU A 449 13.46 -41.20 -13.46
C LEU A 449 14.65 -42.16 -13.45
N GLY A 450 14.98 -42.71 -12.29
CA GLY A 450 16.05 -43.67 -12.17
C GLY A 450 17.40 -43.02 -12.13
N LEU A 451 17.50 -41.94 -11.37
CA LEU A 451 18.73 -41.16 -11.28
C LEU A 451 19.42 -41.42 -9.94
N ALA A 452 20.66 -41.90 -10.04
CA ALA A 452 21.61 -41.90 -8.92
C ALA A 452 22.31 -40.57 -8.87
N THR A 453 21.67 -39.65 -8.15
CA THR A 453 22.12 -38.29 -8.10
C THR A 453 23.32 -38.06 -7.15
N GLY A 454 23.46 -38.92 -6.13
CA GLY A 454 24.39 -38.65 -5.05
C GLY A 454 23.81 -37.57 -4.14
N SER A 455 24.39 -37.43 -2.93
CA SER A 455 23.74 -36.72 -1.82
C SER A 455 23.97 -35.21 -1.82
N ASP A 456 24.85 -34.74 -2.69
CA ASP A 456 25.31 -33.35 -2.62
C ASP A 456 24.70 -32.39 -3.66
N ASN A 457 23.41 -32.50 -3.96
CA ASN A 457 22.76 -31.56 -4.87
C ASN A 457 21.24 -31.60 -4.78
N GLY A 458 20.58 -30.69 -5.48
CA GLY A 458 19.15 -30.52 -5.35
C GLY A 458 18.28 -31.69 -5.75
N TRP A 459 18.77 -32.50 -6.71
CA TRP A 459 18.00 -33.61 -7.28
C TRP A 459 17.81 -34.73 -6.28
N TYR A 460 18.75 -34.85 -5.36
CA TYR A 460 18.74 -35.90 -4.33
C TYR A 460 17.51 -35.90 -3.39
N THR A 461 16.91 -34.74 -3.20
CA THR A 461 15.74 -34.58 -2.33
C THR A 461 14.49 -34.07 -3.07
N LEU A 462 14.62 -33.90 -4.39
CA LEU A 462 13.60 -33.25 -5.19
C LEU A 462 12.42 -34.19 -5.29
N ARG A 463 11.28 -33.72 -4.79
CA ARG A 463 10.00 -34.41 -4.95
C ARG A 463 9.11 -33.70 -5.94
N ILE A 464 8.03 -34.35 -6.35
CA ILE A 464 7.12 -33.78 -7.33
C ILE A 464 6.61 -32.42 -6.85
N GLY A 465 6.23 -32.33 -5.59
CA GLY A 465 5.66 -31.11 -5.05
C GLY A 465 6.60 -29.94 -5.13
N GLU A 466 7.86 -30.21 -4.87
CA GLU A 466 8.88 -29.21 -5.01
C GLU A 466 9.05 -28.82 -6.49
N LEU A 467 9.00 -29.81 -7.37
CA LEU A 467 9.16 -29.56 -8.80
C LEU A 467 8.02 -28.71 -9.33
N LYS A 468 6.83 -28.95 -8.84
CA LYS A 468 5.72 -28.04 -9.13
C LYS A 468 6.01 -26.59 -8.69
N ALA A 469 6.56 -26.39 -7.49
CA ALA A 469 6.94 -25.03 -7.07
C ALA A 469 7.90 -24.44 -8.08
N MET A 470 8.95 -25.18 -8.38
CA MET A 470 9.92 -24.72 -9.35
C MET A 470 9.32 -24.31 -10.70
N LEU A 471 8.33 -25.05 -11.16
CA LEU A 471 7.72 -24.77 -12.45
C LEU A 471 6.85 -23.51 -12.37
N ALA A 472 6.06 -23.43 -11.31
CA ALA A 472 5.20 -22.27 -11.08
C ALA A 472 6.04 -20.99 -11.04
N LEU A 473 7.27 -21.08 -10.56
CA LEU A 473 8.19 -19.93 -10.57
C LEU A 473 8.68 -19.57 -11.96
N ALA A 474 9.06 -20.60 -12.72
CA ALA A 474 9.57 -20.41 -14.07
C ALA A 474 8.47 -19.90 -15.01
N GLY A 475 7.23 -20.31 -14.73
CA GLY A 475 6.07 -19.86 -15.49
C GLY A 475 5.37 -18.71 -14.82
N GLY A 476 6.05 -18.11 -13.86
CA GLY A 476 5.59 -16.88 -13.24
C GLY A 476 4.21 -16.84 -12.60
N ASP A 477 3.74 -17.97 -12.08
CA ASP A 477 2.53 -17.98 -11.28
C ASP A 477 2.91 -18.04 -9.81
N LEU A 478 3.03 -16.87 -9.19
CA LEU A 478 3.59 -16.78 -7.84
C LEU A 478 2.63 -17.25 -6.75
N GLU A 479 1.33 -17.32 -7.06
CA GLU A 479 0.35 -17.81 -6.08
C GLU A 479 0.49 -19.33 -5.90
N GLN A 480 0.67 -20.05 -7.00
CA GLN A 480 0.91 -21.49 -6.97
C GLN A 480 2.28 -21.77 -6.38
N ALA A 481 3.26 -21.02 -6.84
CA ALA A 481 4.61 -21.18 -6.36
C ALA A 481 4.63 -21.20 -4.85
N LEU A 482 3.90 -20.29 -4.23
CA LEU A 482 3.88 -20.18 -2.76
C LEU A 482 3.33 -21.46 -2.13
N VAL A 483 2.18 -21.90 -2.63
CA VAL A 483 1.53 -23.13 -2.17
C VAL A 483 2.50 -24.31 -2.07
N TRP A 484 3.24 -24.55 -3.15
CA TRP A 484 4.17 -25.67 -3.23
C TRP A 484 5.48 -25.42 -2.52
N THR A 485 5.88 -24.16 -2.38
CA THR A 485 7.05 -23.81 -1.59
C THR A 485 6.77 -24.08 -0.10
N GLU A 486 5.57 -23.74 0.35
CA GLU A 486 5.15 -24.09 1.71
C GLU A 486 5.13 -25.62 1.88
N TRP A 487 4.42 -26.29 0.99
CA TRP A 487 4.41 -27.76 0.94
C TRP A 487 5.83 -28.29 1.05
N THR A 488 6.71 -27.78 0.21
CA THR A 488 8.07 -28.27 0.15
C THR A 488 8.70 -28.26 1.51
N MET A 489 8.61 -27.11 2.18
CA MET A 489 9.24 -26.96 3.47
C MET A 489 8.57 -27.84 4.51
N GLU A 490 7.25 -27.88 4.47
CA GLU A 490 6.53 -28.69 5.44
C GLU A 490 7.02 -30.12 5.44
N PHE A 491 7.41 -30.64 4.28
CA PHE A 491 7.70 -32.08 4.10
C PHE A 491 9.12 -32.44 3.71
N ASN A 492 9.96 -31.47 3.39
CA ASN A 492 11.33 -31.81 2.99
C ASN A 492 12.38 -31.20 3.91
N SER A 493 12.09 -30.03 4.47
CA SER A 493 13.14 -29.20 5.12
C SER A 493 13.99 -29.93 6.14
N SER A 494 13.41 -30.94 6.78
CA SER A 494 14.14 -31.79 7.71
C SER A 494 15.27 -32.64 7.07
N VAL A 495 15.31 -32.73 5.74
CA VAL A 495 16.34 -33.52 5.05
C VAL A 495 17.14 -32.71 4.04
N PHE A 496 16.77 -31.43 3.87
CA PHE A 496 17.55 -30.52 3.07
C PHE A 496 18.87 -30.17 3.78
N SER A 497 19.90 -29.84 3.02
CA SER A 497 21.11 -29.32 3.60
C SER A 497 20.79 -27.96 4.23
N PRO A 498 21.49 -27.59 5.30
CA PRO A 498 21.44 -26.24 5.80
C PRO A 498 21.28 -25.16 4.71
N GLU A 499 22.16 -25.18 3.71
CA GLU A 499 22.14 -24.21 2.64
C GLU A 499 20.76 -24.13 1.98
N ARG A 500 20.31 -25.30 1.56
CA ARG A 500 19.12 -25.42 0.76
C ARG A 500 17.89 -25.08 1.58
N ALA A 501 17.90 -25.48 2.84
CA ALA A 501 16.76 -25.24 3.70
C ALA A 501 16.62 -23.74 3.90
N ASN A 502 17.77 -23.09 4.04
CA ASN A 502 17.83 -21.64 4.16
C ASN A 502 17.30 -20.96 2.91
N TYR A 503 17.77 -21.40 1.74
CA TYR A 503 17.25 -20.88 0.47
C TYR A 503 15.72 -20.90 0.45
N TYR A 504 15.14 -22.03 0.86
CA TYR A 504 13.69 -22.21 0.85
C TYR A 504 13.00 -21.31 1.85
N ARG A 505 13.62 -21.09 3.00
CA ARG A 505 13.07 -20.13 3.98
C ARG A 505 12.97 -18.73 3.38
N CYS A 506 14.05 -18.33 2.71
CA CYS A 506 14.15 -17.03 2.07
C CYS A 506 13.13 -16.86 0.94
N LEU A 507 13.10 -17.84 0.03
CA LEU A 507 12.18 -17.83 -1.10
C LEU A 507 10.78 -17.69 -0.61
N GLN A 508 10.49 -18.40 0.47
CA GLN A 508 9.18 -18.43 1.04
C GLN A 508 8.78 -17.06 1.54
N THR A 509 9.71 -16.41 2.22
CA THR A 509 9.48 -15.06 2.72
C THR A 509 9.17 -14.11 1.59
N LEU A 510 9.99 -14.15 0.55
CA LEU A 510 9.84 -13.24 -0.59
C LEU A 510 8.50 -13.46 -1.29
N LEU A 511 8.03 -14.71 -1.31
CA LEU A 511 6.78 -15.04 -1.97
C LEU A 511 5.64 -14.54 -1.14
N LEU A 512 5.82 -14.58 0.16
CA LEU A 512 4.81 -14.05 1.07
C LEU A 512 4.75 -12.53 1.01
N LEU A 513 5.90 -11.92 0.75
CA LEU A 513 6.03 -10.46 0.62
C LEU A 513 5.40 -10.01 -0.67
N ALA A 514 5.60 -10.80 -1.71
CA ALA A 514 4.95 -10.53 -2.98
C ALA A 514 3.42 -10.42 -2.80
N GLN A 515 2.86 -11.18 -1.87
CA GLN A 515 1.44 -11.13 -1.64
C GLN A 515 1.03 -9.88 -0.92
N GLU A 516 1.92 -9.30 -0.14
CA GLU A 516 1.64 -8.01 0.52
C GLU A 516 1.78 -6.88 -0.50
N GLU A 517 0.65 -6.40 -1.01
CA GLU A 517 0.67 -5.35 -2.04
C GLU A 517 0.84 -3.97 -1.41
N ASP A 518 0.60 -3.87 -0.10
CA ASP A 518 0.84 -2.63 0.64
C ASP A 518 2.30 -2.37 0.95
N ARG A 519 3.10 -3.41 1.00
CA ARG A 519 4.47 -3.27 1.48
C ARG A 519 5.48 -3.05 0.35
N GLN A 520 6.58 -2.39 0.70
CA GLN A 520 7.61 -1.96 -0.27
C GLN A 520 8.89 -2.77 -0.20
N PRO A 521 9.03 -3.77 -1.09
CA PRO A 521 10.14 -4.76 -1.01
C PRO A 521 11.51 -4.20 -0.62
N LEU A 522 11.83 -3.01 -1.12
CA LEU A 522 13.10 -2.36 -0.78
C LEU A 522 13.33 -2.12 0.71
N GLN A 523 12.27 -1.83 1.43
CA GLN A 523 12.36 -1.59 2.84
C GLN A 523 12.98 -2.79 3.58
N TYR A 524 12.58 -3.99 3.16
CA TYR A 524 12.90 -5.22 3.89
C TYR A 524 14.20 -5.83 3.44
N LEU A 525 14.76 -5.27 2.38
CA LEU A 525 15.91 -5.85 1.71
C LEU A 525 17.14 -6.02 2.61
N ASN A 526 17.43 -5.02 3.43
CA ASN A 526 18.59 -5.09 4.32
C ASN A 526 18.40 -6.26 5.29
N ALA A 527 17.21 -6.33 5.86
CA ALA A 527 16.89 -7.33 6.87
C ALA A 527 17.06 -8.73 6.30
N PHE A 528 16.56 -8.94 5.10
CA PHE A 528 16.61 -10.25 4.41
C PHE A 528 18.03 -10.67 4.20
N VAL A 529 18.86 -9.76 3.73
CA VAL A 529 20.27 -10.06 3.50
C VAL A 529 20.96 -10.48 4.81
N ARG A 530 20.51 -9.92 5.91
CA ARG A 530 21.11 -10.24 7.20
C ARG A 530 20.70 -11.61 7.69
N MET A 531 19.43 -11.95 7.49
CA MET A 531 18.88 -13.22 7.98
C MET A 531 19.32 -14.39 7.12
N TYR A 532 19.20 -14.23 5.79
CA TYR A 532 19.38 -15.34 4.87
C TYR A 532 20.74 -15.35 4.21
N GLY A 533 21.39 -14.20 4.13
CA GLY A 533 22.67 -14.10 3.43
C GLY A 533 22.45 -13.68 2.00
N ALA A 534 23.39 -12.91 1.46
CA ALA A 534 23.22 -12.28 0.17
C ALA A 534 23.05 -13.30 -0.98
N ASP A 535 23.82 -14.39 -0.95
CA ASP A 535 23.76 -15.43 -2.02
C ASP A 535 22.38 -16.02 -2.12
N ALA A 536 21.85 -16.40 -0.97
CA ALA A 536 20.48 -16.87 -0.85
C ALA A 536 19.38 -15.92 -1.35
N VAL A 537 19.55 -14.62 -1.12
CA VAL A 537 18.53 -13.62 -1.51
C VAL A 537 18.59 -13.40 -3.01
N GLU A 538 19.80 -13.32 -3.54
CA GLU A 538 20.04 -13.14 -4.95
C GLU A 538 19.46 -14.30 -5.77
N ALA A 539 19.63 -15.51 -5.25
CA ALA A 539 19.09 -16.72 -5.87
C ALA A 539 17.58 -16.85 -5.80
N ALA A 540 16.99 -16.56 -4.65
CA ALA A 540 15.55 -16.61 -4.51
C ALA A 540 14.84 -15.56 -5.40
N SER A 541 15.53 -14.46 -5.69
CA SER A 541 14.97 -13.40 -6.53
C SER A 541 15.02 -13.77 -8.00
N ALA A 542 16.15 -14.34 -8.42
CA ALA A 542 16.26 -14.95 -9.75
C ALA A 542 15.14 -15.98 -9.98
N ALA A 543 14.96 -16.85 -9.01
CA ALA A 543 13.89 -17.82 -9.02
C ALA A 543 12.51 -17.16 -9.26
N MET A 544 12.22 -16.09 -8.51
CA MET A 544 10.93 -15.41 -8.60
C MET A 544 10.71 -14.73 -9.93
N SER A 545 11.78 -14.14 -10.47
CA SER A 545 11.75 -13.52 -11.80
C SER A 545 11.69 -14.54 -12.92
N GLY A 546 11.48 -15.81 -12.58
CA GLY A 546 11.41 -16.88 -13.57
C GLY A 546 12.72 -17.17 -14.28
N GLU A 547 13.80 -16.58 -13.83
CA GLU A 547 15.05 -16.63 -14.55
C GLU A 547 15.80 -17.91 -14.27
N ALA A 548 16.04 -18.16 -12.99
CA ALA A 548 16.72 -19.39 -12.57
C ALA A 548 15.88 -20.06 -11.47
N ALA A 549 14.79 -20.69 -11.89
CA ALA A 549 13.78 -21.19 -10.97
C ALA A 549 14.20 -22.48 -10.29
N PHE A 550 15.04 -23.22 -10.99
CA PHE A 550 15.35 -24.58 -10.64
C PHE A 550 16.58 -24.64 -9.76
N TYR A 551 16.41 -24.13 -8.56
CA TYR A 551 17.54 -23.92 -7.65
C TYR A 551 18.22 -25.20 -7.21
N GLY A 552 19.53 -25.22 -7.40
CA GLY A 552 20.32 -26.35 -6.95
C GLY A 552 20.30 -27.52 -7.92
N LEU A 553 19.44 -27.48 -8.93
CA LEU A 553 19.42 -28.47 -9.97
C LEU A 553 20.38 -28.08 -11.08
N GLN A 554 21.45 -28.85 -11.24
CA GLN A 554 22.33 -28.69 -12.40
C GLN A 554 21.64 -29.33 -13.57
N PRO A 555 22.00 -28.93 -14.78
CA PRO A 555 21.43 -29.59 -15.95
C PRO A 555 22.10 -30.94 -16.18
N VAL A 556 21.35 -31.88 -16.75
CA VAL A 556 21.77 -33.29 -16.82
C VAL A 556 21.75 -33.84 -18.25
N ASP A 557 22.93 -34.17 -18.77
CA ASP A 557 23.06 -34.80 -20.08
C ASP A 557 22.48 -36.21 -20.02
N SER A 558 22.13 -36.77 -21.18
CA SER A 558 21.45 -38.03 -21.20
C SER A 558 22.38 -39.24 -21.07
N ASP A 559 23.59 -39.02 -20.58
CA ASP A 559 24.42 -40.12 -20.08
C ASP A 559 24.76 -39.96 -18.59
N LEU A 560 24.11 -38.96 -17.97
CA LEU A 560 24.23 -38.66 -16.54
C LEU A 560 25.69 -38.37 -16.10
N HIS A 561 26.45 -37.71 -16.97
CA HIS A 561 27.76 -37.22 -16.60
C HIS A 561 27.64 -36.21 -15.47
N ALA A 562 26.59 -35.42 -15.51
CA ALA A 562 26.32 -34.45 -14.45
C ALA A 562 26.37 -35.04 -13.05
N PHE A 563 26.01 -36.32 -12.88
CA PHE A 563 26.04 -36.98 -11.57
C PHE A 563 27.23 -37.90 -11.47
N ALA A 564 28.14 -37.59 -10.54
CA ALA A 564 29.32 -38.44 -10.40
C ALA A 564 28.94 -39.79 -9.76
N ALA A 565 27.89 -39.77 -8.95
CA ALA A 565 27.38 -40.99 -8.35
C ALA A 565 26.98 -41.97 -9.42
N HIS A 566 26.22 -41.47 -10.39
CA HIS A 566 25.69 -42.28 -11.47
C HIS A 566 26.84 -42.77 -12.35
N GLN A 567 27.85 -41.95 -12.53
CA GLN A 567 29.00 -42.39 -13.29
C GLN A 567 29.64 -43.57 -12.64
N SER A 568 29.74 -43.55 -11.31
CA SER A 568 30.33 -44.69 -10.58
C SER A 568 29.48 -45.95 -10.71
N LEU A 569 28.17 -45.77 -10.87
CA LEU A 569 27.23 -46.86 -11.13
C LEU A 569 27.48 -47.47 -12.49
N LEU A 570 27.59 -46.63 -13.52
CA LEU A 570 27.83 -47.12 -14.86
C LEU A 570 29.19 -47.82 -15.02
N LYS A 571 30.20 -47.28 -14.35
CA LYS A 571 31.52 -47.88 -14.36
C LYS A 571 31.50 -49.27 -13.78
N ALA A 572 30.64 -49.45 -12.80
CA ALA A 572 30.46 -50.76 -12.19
C ALA A 572 29.78 -51.69 -13.18
N TYR A 573 28.76 -51.18 -13.87
CA TYR A 573 27.98 -52.01 -14.77
C TYR A 573 28.80 -52.41 -15.99
N GLU A 574 29.69 -51.53 -16.45
CA GLU A 574 30.65 -51.90 -17.52
C GLU A 574 31.40 -53.19 -17.18
N LYS A 575 31.81 -53.34 -15.93
CA LYS A 575 32.53 -54.53 -15.49
C LYS A 575 31.72 -55.80 -15.66
N LEU A 576 30.40 -55.67 -15.54
CA LEU A 576 29.50 -56.80 -15.71
C LEU A 576 29.22 -57.06 -17.19
N GLN A 577 29.07 -56.01 -18.00
CA GLN A 577 28.88 -56.16 -19.44
C GLN A 577 30.00 -56.94 -20.09
N ARG A 578 31.23 -56.57 -19.75
CA ARG A 578 32.39 -57.24 -20.27
C ARG A 578 32.42 -58.69 -19.84
N ALA A 579 32.06 -58.94 -18.59
CA ALA A 579 32.01 -60.31 -18.04
C ALA A 579 30.99 -61.15 -18.78
N LYS A 580 29.91 -60.51 -19.21
CA LYS A 580 28.85 -61.17 -19.95
C LYS A 580 29.32 -61.58 -21.33
N ALA A 581 30.19 -60.80 -21.96
CA ALA A 581 30.81 -61.30 -23.20
C ALA A 581 32.15 -62.05 -22.90
N THR B 2 36.77 -4.38 48.29
CA THR B 2 36.50 -3.95 46.87
C THR B 2 35.08 -3.48 46.69
N GLN B 3 34.86 -2.41 45.95
CA GLN B 3 33.52 -1.85 45.80
C GLN B 3 33.26 -1.40 44.39
N THR B 4 32.23 -1.98 43.79
CA THR B 4 31.91 -1.78 42.38
C THR B 4 30.55 -1.11 42.28
N PHE B 5 30.52 0.13 41.82
CA PHE B 5 29.28 0.90 41.75
C PHE B 5 28.91 0.92 40.31
N ILE B 6 27.87 0.19 39.94
CA ILE B 6 27.38 0.25 38.55
C ILE B 6 26.32 1.36 38.46
N PRO B 7 26.09 1.86 37.25
CA PRO B 7 25.11 2.86 37.00
C PRO B 7 23.74 2.51 37.51
N GLY B 8 23.12 3.48 38.16
CA GLY B 8 21.72 3.37 38.61
C GLY B 8 21.43 2.63 39.93
N LYS B 9 22.42 1.92 40.48
CA LYS B 9 22.28 1.26 41.76
C LYS B 9 22.72 2.19 42.84
N ASP B 10 22.26 1.98 44.08
CA ASP B 10 22.53 2.87 45.23
C ASP B 10 23.47 2.22 46.22
N ALA B 11 24.25 1.23 45.80
CA ALA B 11 25.13 0.52 46.72
C ALA B 11 26.03 -0.41 45.95
N ALA B 12 27.27 -0.49 46.39
CA ALA B 12 28.22 -1.41 45.77
C ALA B 12 27.72 -2.86 45.66
N LEU B 13 27.94 -3.46 44.50
CA LEU B 13 27.57 -4.86 44.28
C LEU B 13 28.00 -5.79 45.43
N GLU B 14 29.22 -5.62 45.94
CA GLU B 14 29.82 -6.59 46.90
C GLU B 14 29.07 -6.43 48.24
N ASP B 15 28.55 -5.22 48.52
CA ASP B 15 27.75 -4.97 49.72
C ASP B 15 26.40 -5.58 49.56
N SER B 16 25.75 -5.24 48.47
CA SER B 16 24.45 -5.80 48.13
C SER B 16 24.42 -7.33 48.24
N ILE B 17 25.48 -7.98 47.78
CA ILE B 17 25.56 -9.45 47.81
C ILE B 17 25.71 -9.99 49.22
N ALA B 18 26.65 -9.40 49.94
CA ALA B 18 26.95 -9.78 51.32
C ALA B 18 25.70 -9.63 52.21
N ARG B 19 25.06 -8.47 52.15
CA ARG B 19 23.80 -8.19 52.83
C ARG B 19 22.69 -9.19 52.50
N PHE B 20 22.40 -9.36 51.22
CA PHE B 20 21.35 -10.26 50.80
C PHE B 20 21.60 -11.71 51.23
N GLN B 21 22.81 -12.21 51.02
CA GLN B 21 23.15 -13.57 51.48
C GLN B 21 22.91 -13.77 53.00
N GLN B 22 23.42 -12.83 53.78
CA GLN B 22 23.24 -12.82 55.22
C GLN B 22 21.76 -12.81 55.59
N LYS B 23 21.00 -11.88 55.02
CA LYS B 23 19.58 -11.75 55.36
C LYS B 23 18.79 -13.00 54.98
N LEU B 24 19.12 -13.62 53.85
CA LEU B 24 18.47 -14.85 53.44
C LEU B 24 18.73 -15.96 54.45
N SER B 25 19.95 -15.99 54.97
CA SER B 25 20.37 -17.04 55.88
C SER B 25 19.62 -16.89 57.18
N ASP B 26 19.66 -15.67 57.73
CA ASP B 26 18.90 -15.28 58.93
C ASP B 26 17.42 -15.66 58.84
N LEU B 27 16.82 -15.51 57.65
CA LEU B 27 15.43 -15.83 57.43
C LEU B 27 15.17 -17.31 57.45
N GLY B 28 16.24 -18.08 57.31
CA GLY B 28 16.20 -19.55 57.42
C GLY B 28 16.22 -20.28 56.09
N PHE B 29 16.89 -19.68 55.09
CA PHE B 29 16.90 -20.20 53.72
C PHE B 29 18.30 -20.61 53.36
N GLN B 30 18.44 -21.86 52.93
CA GLN B 30 19.70 -22.36 52.43
C GLN B 30 19.71 -22.16 50.92
N ILE B 31 20.41 -21.11 50.49
CA ILE B 31 20.47 -20.74 49.09
C ILE B 31 21.75 -21.28 48.49
N GLU B 32 21.66 -21.83 47.28
CA GLU B 32 22.79 -22.48 46.64
C GLU B 32 22.94 -22.01 45.19
N GLU B 33 24.17 -21.88 44.69
CA GLU B 33 24.41 -21.39 43.33
C GLU B 33 24.60 -22.52 42.35
N ALA B 34 23.65 -22.69 41.45
CA ALA B 34 23.61 -23.88 40.63
C ALA B 34 24.58 -23.77 39.48
N SER B 35 24.40 -22.78 38.62
CA SER B 35 25.15 -22.84 37.37
C SER B 35 25.38 -21.49 36.76
N TRP B 36 26.64 -21.18 36.59
CA TRP B 36 27.03 -19.96 35.97
C TRP B 36 27.08 -20.06 34.46
N LEU B 37 27.20 -18.90 33.83
CA LEU B 37 27.33 -18.80 32.38
C LEU B 37 27.92 -17.44 31.98
N ASN B 38 28.78 -17.43 30.98
CA ASN B 38 29.48 -16.24 30.55
C ASN B 38 29.59 -16.28 29.04
N PRO B 39 28.46 -16.55 28.36
CA PRO B 39 28.39 -16.89 26.91
C PRO B 39 29.23 -16.00 26.01
N VAL B 40 29.05 -14.70 26.12
CA VAL B 40 29.90 -13.74 25.42
C VAL B 40 30.53 -12.77 26.41
N PRO B 41 31.52 -11.97 25.95
CA PRO B 41 32.11 -10.96 26.84
C PRO B 41 31.06 -10.02 27.41
N ASN B 42 31.23 -9.63 28.67
CA ASN B 42 30.36 -8.66 29.31
C ASN B 42 28.89 -9.10 29.45
N VAL B 43 28.67 -10.42 29.55
CA VAL B 43 27.34 -11.01 29.78
C VAL B 43 27.44 -12.27 30.61
N TRP B 44 26.72 -12.25 31.72
CA TRP B 44 26.74 -13.34 32.66
C TRP B 44 25.34 -13.70 33.07
N SER B 45 25.24 -14.85 33.69
CA SER B 45 24.02 -15.24 34.35
C SER B 45 24.31 -16.38 35.33
N VAL B 46 23.44 -16.49 36.31
CA VAL B 46 23.57 -17.52 37.33
C VAL B 46 22.20 -17.97 37.75
N HIS B 47 22.12 -19.22 38.18
CA HIS B 47 20.89 -19.83 38.66
C HIS B 47 21.11 -20.11 40.12
N ILE B 48 20.20 -19.59 40.95
CA ILE B 48 20.23 -19.86 42.38
C ILE B 48 18.94 -20.52 42.83
N ARG B 49 19.09 -21.39 43.83
CA ARG B 49 18.06 -22.35 44.17
C ARG B 49 17.98 -22.47 45.69
N ASP B 50 16.77 -22.72 46.20
CA ASP B 50 16.58 -23.10 47.61
C ASP B 50 16.94 -24.59 47.78
N LYS B 51 17.94 -24.86 48.61
CA LYS B 51 18.41 -26.20 48.83
C LYS B 51 17.33 -27.13 49.39
N GLU B 52 16.25 -26.56 49.92
CA GLU B 52 15.17 -27.33 50.56
C GLU B 52 13.81 -27.22 49.85
N CYS B 53 13.72 -26.44 48.78
CA CYS B 53 12.53 -26.41 47.95
C CYS B 53 12.89 -26.20 46.51
N ALA B 54 12.56 -27.18 45.69
CA ALA B 54 12.96 -27.13 44.31
C ALA B 54 12.27 -26.00 43.56
N LEU B 55 11.05 -25.66 43.98
CA LEU B 55 10.22 -24.70 43.27
C LEU B 55 10.67 -23.22 43.51
N CYS B 56 11.34 -22.95 44.62
CA CYS B 56 11.89 -21.63 44.86
C CYS B 56 13.29 -21.47 44.22
N PHE B 57 13.37 -20.70 43.14
CA PHE B 57 14.64 -20.45 42.43
C PHE B 57 14.55 -19.21 41.56
N THR B 58 15.69 -18.60 41.31
CA THR B 58 15.78 -17.38 40.47
C THR B 58 16.90 -17.43 39.48
N ASN B 59 16.84 -16.48 38.54
CA ASN B 59 17.91 -16.32 37.57
C ASN B 59 18.43 -14.89 37.50
N GLY B 60 19.73 -14.75 37.75
CA GLY B 60 20.38 -13.43 37.77
C GLY B 60 21.17 -13.23 36.51
N LYS B 61 21.27 -11.96 36.10
CA LYS B 61 21.90 -11.60 34.84
C LYS B 61 22.47 -10.22 34.97
N GLY B 62 23.63 -10.02 34.36
CA GLY B 62 24.29 -8.71 34.44
C GLY B 62 25.53 -8.73 33.57
N ALA B 63 26.22 -7.61 33.47
CA ALA B 63 27.41 -7.55 32.62
C ALA B 63 28.74 -7.97 33.28
N THR B 64 28.72 -8.25 34.56
CA THR B 64 29.88 -8.70 35.30
C THR B 64 29.37 -9.91 36.11
N LYS B 65 30.27 -10.73 36.63
CA LYS B 65 29.83 -11.89 37.38
C LYS B 65 29.01 -11.48 38.60
N LYS B 66 29.53 -10.53 39.37
CA LYS B 66 28.86 -10.07 40.60
C LYS B 66 27.53 -9.41 40.29
N ALA B 67 27.51 -8.52 39.30
CA ALA B 67 26.25 -7.91 38.85
C ALA B 67 25.13 -8.93 38.76
N ALA B 68 25.48 -10.11 38.20
CA ALA B 68 24.57 -11.24 37.99
C ALA B 68 24.17 -11.90 39.26
N LEU B 69 25.12 -12.18 40.13
CA LEU B 69 24.80 -12.77 41.42
C LEU B 69 23.91 -11.84 42.26
N ALA B 70 24.19 -10.54 42.23
CA ALA B 70 23.38 -9.54 42.94
C ALA B 70 21.98 -9.49 42.34
N SER B 71 21.89 -9.67 41.03
CA SER B 71 20.62 -9.73 40.36
C SER B 71 19.83 -10.94 40.84
N ALA B 72 20.51 -12.09 40.90
CA ALA B 72 19.86 -13.35 41.25
C ALA B 72 19.29 -13.27 42.62
N LEU B 73 20.07 -12.68 43.52
CA LEU B 73 19.69 -12.52 44.91
C LEU B 73 18.58 -11.48 45.08
N GLY B 74 18.70 -10.37 44.35
CA GLY B 74 17.67 -9.33 44.34
C GLY B 74 16.36 -9.87 43.86
N GLU B 75 16.37 -10.62 42.77
CA GLU B 75 15.14 -11.31 42.32
C GLU B 75 14.65 -12.33 43.34
N TYR B 76 15.55 -12.89 44.14
CA TYR B 76 15.12 -13.80 45.20
C TYR B 76 14.24 -13.06 46.24
N PHE B 77 14.68 -11.87 46.69
CA PHE B 77 13.90 -11.06 47.63
C PHE B 77 12.65 -10.45 46.99
N GLU B 78 12.75 -10.09 45.71
CA GLU B 78 11.60 -9.65 44.92
C GLU B 78 10.48 -10.67 45.00
N ARG B 79 10.85 -11.95 44.87
CA ARG B 79 9.89 -13.05 44.75
C ARG B 79 9.43 -13.70 46.06
N LEU B 80 10.24 -13.60 47.10
CA LEU B 80 9.74 -13.92 48.43
C LEU B 80 8.88 -12.79 49.02
N SER B 81 9.31 -11.55 48.83
CA SER B 81 8.58 -10.41 49.35
C SER B 81 7.15 -10.37 48.76
N THR B 82 7.04 -10.56 47.46
CA THR B 82 5.74 -10.54 46.77
C THR B 82 4.94 -11.85 46.87
N ASN B 83 5.55 -12.88 47.46
CA ASN B 83 4.98 -14.24 47.53
C ASN B 83 4.87 -14.97 46.18
N TYR B 84 5.54 -14.44 45.15
CA TYR B 84 5.33 -14.91 43.79
C TYR B 84 5.69 -16.40 43.58
N PHE B 85 6.66 -16.93 44.31
CA PHE B 85 6.97 -18.34 44.20
C PHE B 85 5.74 -19.23 44.37
N PHE B 86 4.89 -18.83 45.32
CA PHE B 86 3.75 -19.64 45.74
C PHE B 86 2.46 -19.27 44.97
N ALA B 87 2.59 -18.39 43.98
CA ALA B 87 1.45 -17.79 43.30
C ALA B 87 0.67 -18.74 42.42
N ASP B 88 1.26 -19.88 42.05
CA ASP B 88 0.60 -20.83 41.17
C ASP B 88 0.01 -22.04 41.91
N PHE B 89 0.01 -21.97 43.24
CA PHE B 89 -0.33 -23.11 44.09
C PHE B 89 -1.34 -22.78 45.19
N TRP B 90 -2.27 -23.70 45.44
CA TRP B 90 -3.12 -23.66 46.59
C TRP B 90 -2.28 -24.03 47.78
N LEU B 91 -2.43 -23.32 48.90
CA LEU B 91 -1.55 -23.49 50.07
C LEU B 91 -2.14 -24.38 51.18
N GLY B 92 -3.27 -25.01 50.87
CA GLY B 92 -3.83 -26.03 51.73
C GLY B 92 -4.74 -25.40 52.75
N GLU B 93 -5.50 -26.27 53.42
CA GLU B 93 -6.63 -25.84 54.22
C GLU B 93 -6.20 -25.15 55.48
N THR B 94 -5.09 -25.57 56.06
CA THR B 94 -4.60 -24.94 57.30
C THR B 94 -4.23 -23.48 57.13
N ILE B 95 -3.38 -23.22 56.15
CA ILE B 95 -2.91 -21.86 55.80
C ILE B 95 -4.09 -20.98 55.36
N ALA B 96 -4.99 -21.59 54.58
CA ALA B 96 -6.17 -20.93 54.05
C ALA B 96 -7.11 -20.42 55.14
N ASN B 97 -7.13 -21.14 56.25
CA ASN B 97 -7.97 -20.79 57.40
C ASN B 97 -7.16 -20.23 58.57
N GLY B 98 -5.94 -19.79 58.31
CA GLY B 98 -5.03 -19.26 59.34
C GLY B 98 -5.26 -17.78 59.59
N PRO B 99 -4.46 -17.16 60.49
CA PRO B 99 -4.65 -15.76 60.87
C PRO B 99 -4.66 -14.89 59.64
N PHE B 100 -3.60 -14.96 58.86
CA PHE B 100 -3.56 -14.29 57.55
C PHE B 100 -2.96 -15.27 56.53
N VAL B 101 -3.39 -15.17 55.28
CA VAL B 101 -2.89 -16.06 54.25
C VAL B 101 -1.71 -15.42 53.52
N HIS B 102 -1.95 -14.24 52.96
CA HIS B 102 -0.97 -13.50 52.13
C HIS B 102 -0.06 -12.52 52.92
N TYR B 103 -0.66 -11.48 53.50
CA TYR B 103 0.02 -10.60 54.45
C TYR B 103 -0.91 -10.29 55.61
N PRO B 104 -0.35 -9.94 56.78
CA PRO B 104 -1.11 -9.46 57.93
C PRO B 104 -2.01 -8.29 57.61
N ASN B 105 -1.53 -7.36 56.81
CA ASN B 105 -2.33 -6.18 56.44
C ASN B 105 -3.33 -6.43 55.30
N GLU B 106 -3.50 -7.68 54.89
CA GLU B 106 -4.48 -8.04 53.86
C GLU B 106 -5.87 -7.76 54.42
N LYS B 107 -6.91 -7.91 53.61
CA LYS B 107 -8.25 -7.58 54.06
C LYS B 107 -9.26 -8.43 53.32
N TRP B 108 -10.17 -9.05 54.07
CA TRP B 108 -11.09 -10.04 53.50
C TRP B 108 -12.51 -9.49 53.37
N PHE B 109 -13.08 -9.55 52.17
CA PHE B 109 -14.38 -8.97 51.90
C PHE B 109 -15.36 -10.08 51.59
N PRO B 110 -16.29 -10.39 52.52
CA PRO B 110 -17.22 -11.50 52.28
C PRO B 110 -18.09 -11.31 51.05
N LEU B 111 -18.48 -12.41 50.41
CA LEU B 111 -19.31 -12.31 49.22
C LEU B 111 -20.69 -11.75 49.60
N THR B 112 -21.29 -11.00 48.68
CA THR B 112 -22.58 -10.35 48.94
C THR B 112 -23.71 -11.26 48.47
N GLU B 113 -24.94 -10.91 48.81
CA GLU B 113 -26.09 -11.80 48.54
C GLU B 113 -26.43 -11.99 47.07
N ASN B 114 -26.19 -10.95 46.28
CA ASN B 114 -26.44 -11.01 44.84
C ASN B 114 -25.13 -11.23 44.10
N ASP B 115 -24.06 -11.42 44.87
CA ASP B 115 -22.71 -11.68 44.36
C ASP B 115 -22.10 -10.57 43.49
N ASP B 116 -22.33 -9.33 43.88
CA ASP B 116 -21.60 -8.22 43.30
C ASP B 116 -20.19 -8.20 43.89
N VAL B 117 -19.31 -7.34 43.37
CA VAL B 117 -18.00 -7.15 43.94
C VAL B 117 -18.14 -6.18 45.11
N PRO B 118 -17.89 -6.64 46.35
CA PRO B 118 -18.00 -5.80 47.54
C PRO B 118 -17.45 -4.38 47.41
N GLU B 119 -18.02 -3.46 48.16
CA GLU B 119 -17.77 -2.04 47.92
C GLU B 119 -16.39 -1.56 48.35
N GLY B 120 -15.82 -2.08 49.44
CA GLY B 120 -14.50 -1.63 49.88
C GLY B 120 -13.36 -2.00 48.94
N LEU B 121 -13.65 -2.79 47.92
CA LEU B 121 -12.62 -3.28 46.99
C LEU B 121 -12.43 -2.34 45.81
N LEU B 122 -11.23 -2.40 45.22
CA LEU B 122 -10.88 -1.61 44.06
C LEU B 122 -11.16 -0.14 44.38
N ASP B 123 -11.19 0.66 43.33
CA ASP B 123 -11.73 2.00 43.37
C ASP B 123 -12.61 2.16 42.12
N ASP B 124 -12.86 3.39 41.70
CA ASP B 124 -13.85 3.65 40.65
C ASP B 124 -13.26 3.48 39.25
N ARG B 125 -12.02 3.95 39.07
CA ARG B 125 -11.32 3.84 37.79
C ARG B 125 -11.00 2.38 37.48
N LEU B 126 -10.54 1.66 38.50
CA LEU B 126 -10.26 0.23 38.40
C LEU B 126 -11.51 -0.55 38.01
N ARG B 127 -12.59 -0.36 38.75
CA ARG B 127 -13.88 -1.00 38.39
C ARG B 127 -14.29 -0.79 36.94
N ALA B 128 -14.01 0.40 36.41
CA ALA B 128 -14.36 0.77 35.04
C ALA B 128 -13.49 0.04 34.03
N PHE B 129 -12.22 -0.11 34.40
CA PHE B 129 -11.24 -0.78 33.56
C PHE B 129 -11.38 -2.29 33.53
N TYR B 130 -11.41 -2.94 34.70
CA TYR B 130 -11.54 -4.41 34.80
C TYR B 130 -12.91 -4.91 34.38
N ASP B 131 -13.92 -4.12 34.68
CA ASP B 131 -15.28 -4.59 34.48
C ASP B 131 -16.21 -3.53 33.90
N PRO B 132 -15.98 -3.14 32.63
CA PRO B 132 -16.76 -2.04 32.09
C PRO B 132 -18.24 -2.37 32.03
N GLU B 133 -18.60 -3.62 31.74
CA GLU B 133 -20.01 -4.02 31.58
C GLU B 133 -20.72 -4.21 32.92
N ASN B 134 -19.99 -4.07 34.01
CA ASN B 134 -20.50 -4.32 35.35
C ASN B 134 -21.06 -5.73 35.59
N GLU B 135 -20.48 -6.73 34.92
CA GLU B 135 -20.94 -8.13 35.00
C GLU B 135 -20.02 -9.04 35.82
N LEU B 136 -18.94 -8.48 36.35
CA LEU B 136 -18.00 -9.24 37.14
C LEU B 136 -18.64 -9.64 38.47
N THR B 137 -18.64 -10.92 38.78
CA THR B 137 -19.21 -11.39 40.05
C THR B 137 -18.12 -11.56 41.12
N GLY B 138 -18.51 -11.56 42.39
CA GLY B 138 -17.53 -11.58 43.50
C GLY B 138 -16.87 -12.93 43.69
N SER B 139 -17.64 -14.00 43.48
CA SER B 139 -17.16 -15.37 43.62
C SER B 139 -16.08 -15.74 42.56
N MET B 140 -16.05 -15.02 41.44
CA MET B 140 -14.94 -15.16 40.46
C MET B 140 -13.60 -14.63 40.98
N LEU B 141 -13.61 -13.86 42.06
CA LEU B 141 -12.40 -13.19 42.56
C LEU B 141 -11.77 -13.83 43.78
N ILE B 142 -12.08 -15.11 44.01
CA ILE B 142 -11.52 -15.83 45.16
C ILE B 142 -10.07 -16.22 44.85
N ASP B 143 -9.15 -15.70 45.65
CA ASP B 143 -7.73 -16.01 45.44
C ASP B 143 -7.46 -17.50 45.40
N LEU B 144 -6.41 -17.87 44.71
CA LEU B 144 -6.12 -19.28 44.48
C LEU B 144 -5.52 -19.92 45.70
N GLN B 145 -4.59 -19.19 46.30
CA GLN B 145 -3.80 -19.67 47.44
C GLN B 145 -4.62 -20.19 48.61
N SER B 146 -5.74 -19.52 48.89
CA SER B 146 -6.62 -19.91 49.98
C SER B 146 -7.76 -20.77 49.45
N GLY B 147 -8.32 -20.39 48.30
CA GLY B 147 -9.53 -21.02 47.77
C GLY B 147 -10.70 -20.98 48.75
N ASN B 148 -10.73 -19.95 49.58
CA ASN B 148 -11.57 -19.93 50.75
C ASN B 148 -12.79 -19.07 50.54
N GLU B 149 -13.71 -19.60 49.77
CA GLU B 149 -14.92 -18.86 49.40
C GLU B 149 -15.68 -18.32 50.62
N ASP B 150 -15.73 -19.13 51.68
CA ASP B 150 -16.45 -18.74 52.89
C ASP B 150 -15.85 -17.52 53.53
N ARG B 151 -14.53 -17.44 53.54
CA ARG B 151 -13.84 -16.28 54.11
C ARG B 151 -13.97 -15.06 53.20
N GLY B 152 -14.11 -15.32 51.90
CA GLY B 152 -14.35 -14.28 50.94
C GLY B 152 -13.16 -13.89 50.06
N ILE B 153 -13.26 -12.69 49.51
CA ILE B 153 -12.28 -12.18 48.57
C ILE B 153 -11.12 -11.55 49.29
N CYS B 154 -9.94 -12.16 49.19
CA CYS B 154 -8.75 -11.52 49.76
C CYS B 154 -8.33 -10.39 48.86
N GLY B 155 -8.11 -9.23 49.49
CA GLY B 155 -7.65 -8.02 48.82
C GLY B 155 -6.40 -7.49 49.47
N LEU B 156 -5.44 -7.09 48.63
CA LEU B 156 -4.18 -6.56 49.12
C LEU B 156 -4.15 -5.04 49.05
N PRO B 157 -3.48 -4.42 50.02
CA PRO B 157 -3.35 -2.98 50.06
C PRO B 157 -2.32 -2.41 49.08
N PHE B 158 -2.70 -1.36 48.34
CA PHE B 158 -1.82 -0.64 47.43
C PHE B 158 -2.01 0.86 47.62
N THR B 159 -0.91 1.59 47.76
CA THR B 159 -0.95 3.05 47.87
C THR B 159 -1.18 3.64 46.49
N ARG B 160 -2.39 4.09 46.22
CA ARG B 160 -2.67 4.88 45.04
C ARG B 160 -1.84 6.16 45.09
N GLN B 161 -1.12 6.47 44.01
CA GLN B 161 0.02 7.39 44.08
C GLN B 161 -0.32 8.85 43.89
N SER B 162 -1.35 9.16 43.10
CA SER B 162 -1.77 10.56 42.96
C SER B 162 -2.17 11.21 44.29
N ASP B 163 -3.02 10.51 45.05
CA ASP B 163 -3.58 11.04 46.30
C ASP B 163 -3.16 10.27 47.55
N ASN B 164 -2.13 9.46 47.42
CA ASN B 164 -1.58 8.69 48.52
C ASN B 164 -2.55 7.88 49.37
N GLN B 165 -3.69 7.50 48.80
CA GLN B 165 -4.67 6.69 49.52
C GLN B 165 -4.48 5.20 49.32
N THR B 166 -4.85 4.41 50.31
CA THR B 166 -4.83 2.96 50.21
C THR B 166 -6.00 2.46 49.37
N VAL B 167 -5.74 1.49 48.51
CA VAL B 167 -6.75 0.84 47.70
C VAL B 167 -6.57 -0.66 47.82
N TYR B 168 -7.69 -1.37 47.99
CA TYR B 168 -7.63 -2.84 48.13
C TYR B 168 -7.89 -3.51 46.79
N ILE B 169 -6.90 -4.25 46.29
CA ILE B 169 -7.05 -4.95 45.03
C ILE B 169 -7.10 -6.44 45.32
N PRO B 170 -8.11 -7.16 44.78
CA PRO B 170 -8.23 -8.61 45.03
C PRO B 170 -7.02 -9.37 44.53
N MET B 171 -6.53 -10.29 45.34
CA MET B 171 -5.33 -11.01 44.99
C MET B 171 -5.59 -11.72 43.68
N ASN B 172 -6.81 -12.21 43.50
CA ASN B 172 -7.16 -12.85 42.25
C ASN B 172 -6.83 -11.99 41.04
N ILE B 173 -7.18 -10.72 41.08
CA ILE B 173 -6.96 -9.81 39.93
C ILE B 173 -5.48 -9.55 39.72
N ILE B 174 -4.79 -9.20 40.82
CA ILE B 174 -3.33 -8.98 40.78
C ILE B 174 -2.64 -10.11 40.05
N GLY B 175 -2.92 -11.33 40.50
CA GLY B 175 -2.20 -12.52 40.10
C GLY B 175 -2.52 -13.02 38.70
N ASN B 176 -3.75 -12.84 38.25
CA ASN B 176 -4.18 -13.29 36.93
C ASN B 176 -3.74 -12.39 35.80
N LEU B 177 -3.67 -11.09 36.08
CA LEU B 177 -3.46 -10.10 35.02
C LEU B 177 -2.10 -9.44 35.06
N TYR B 178 -1.47 -9.41 36.22
CA TYR B 178 -0.21 -8.69 36.31
C TYR B 178 0.96 -9.63 36.51
N VAL B 179 0.71 -10.78 37.14
CA VAL B 179 1.76 -11.75 37.45
C VAL B 179 3.05 -11.10 37.95
N SER B 180 4.19 -11.54 37.42
CA SER B 180 5.49 -11.05 37.89
C SER B 180 5.88 -9.70 37.27
N ASN B 181 4.92 -8.93 36.76
CA ASN B 181 5.25 -7.66 36.14
C ASN B 181 5.17 -6.45 37.05
N GLY B 182 6.28 -5.71 37.06
CA GLY B 182 6.39 -4.51 37.83
C GLY B 182 6.77 -4.80 39.25
N MET B 183 7.27 -5.99 39.51
CA MET B 183 7.85 -6.28 40.81
C MET B 183 9.30 -5.93 40.80
N SER B 184 9.77 -5.58 41.97
CA SER B 184 11.15 -5.33 42.14
C SER B 184 11.57 -5.41 43.59
N ALA B 185 12.87 -5.56 43.78
CA ALA B 185 13.51 -5.42 45.08
C ALA B 185 14.78 -4.58 44.88
N GLY B 186 15.28 -3.97 45.93
CA GLY B 186 16.42 -3.07 45.80
C GLY B 186 17.17 -2.75 47.08
N ASN B 187 18.27 -2.04 46.88
CA ASN B 187 19.05 -1.52 47.99
C ASN B 187 18.36 -0.34 48.71
N THR B 188 17.48 0.36 48.00
CA THR B 188 16.75 1.46 48.57
C THR B 188 15.34 1.44 48.04
N ARG B 189 14.44 2.12 48.74
CA ARG B 189 13.06 2.22 48.31
C ARG B 189 13.05 2.66 46.87
N ASN B 190 13.77 3.72 46.57
CA ASN B 190 13.66 4.34 45.24
C ASN B 190 14.33 3.56 44.13
N GLU B 191 15.47 2.95 44.44
CA GLU B 191 16.17 2.08 43.47
C GLU B 191 15.21 0.99 42.97
N ALA B 192 14.56 0.31 43.90
CA ALA B 192 13.58 -0.72 43.59
C ALA B 192 12.42 -0.19 42.76
N ARG B 193 11.92 0.98 43.10
CA ARG B 193 10.78 1.51 42.39
C ARG B 193 11.11 1.93 40.99
N VAL B 194 12.30 2.48 40.83
CA VAL B 194 12.75 2.88 39.52
C VAL B 194 12.94 1.62 38.64
N GLN B 195 13.52 0.56 39.20
CA GLN B 195 13.65 -0.71 38.47
C GLN B 195 12.25 -1.21 38.05
N GLY B 196 11.33 -1.29 38.99
CA GLY B 196 9.97 -1.76 38.73
C GLY B 196 9.16 -0.90 37.77
N LEU B 197 9.28 0.42 37.86
CA LEU B 197 8.51 1.31 36.97
C LEU B 197 9.06 1.23 35.56
N SER B 198 10.38 1.09 35.48
CA SER B 198 11.03 0.84 34.21
C SER B 198 10.56 -0.50 33.60
N GLU B 199 10.52 -1.56 34.43
CA GLU B 199 9.96 -2.87 34.02
C GLU B 199 8.58 -2.66 33.41
N VAL B 200 7.81 -1.69 33.91
CA VAL B 200 6.49 -1.42 33.35
C VAL B 200 6.58 -0.84 31.96
N PHE B 201 7.46 0.15 31.79
CA PHE B 201 7.65 0.76 30.48
C PHE B 201 8.16 -0.28 29.46
N GLU B 202 9.15 -1.08 29.88
CA GLU B 202 9.72 -2.16 29.05
C GLU B 202 8.59 -2.87 28.38
N ARG B 203 7.71 -3.40 29.19
CA ARG B 203 6.67 -4.31 28.69
C ARG B 203 5.50 -3.62 27.97
N TYR B 204 5.18 -2.40 28.36
CA TYR B 204 4.10 -1.64 27.71
C TYR B 204 4.51 -1.17 26.33
N VAL B 205 5.69 -0.57 26.26
CA VAL B 205 6.23 -0.09 25.00
C VAL B 205 6.44 -1.28 24.06
N LYS B 206 7.04 -2.37 24.58
CA LYS B 206 7.25 -3.61 23.83
C LYS B 206 5.98 -4.00 23.14
N ASN B 207 4.92 -4.13 23.91
CA ASN B 207 3.61 -4.52 23.37
C ASN B 207 3.01 -3.59 22.32
N ARG B 208 3.46 -2.35 22.29
CA ARG B 208 3.05 -1.43 21.26
C ARG B 208 3.90 -1.60 20.01
N ILE B 209 5.20 -1.57 20.23
CA ILE B 209 6.15 -1.75 19.15
C ILE B 209 5.80 -3.01 18.36
N ILE B 210 5.42 -4.06 19.09
CA ILE B 210 5.12 -5.37 18.49
C ILE B 210 3.76 -5.34 17.87
N ALA B 211 2.73 -5.12 18.67
CA ALA B 211 1.36 -5.23 18.19
C ALA B 211 1.05 -4.24 17.06
N GLU B 212 1.60 -3.04 17.15
CA GLU B 212 1.39 -2.01 16.13
C GLU B 212 2.40 -2.10 14.96
N SER B 213 3.24 -3.13 14.97
CA SER B 213 4.14 -3.45 13.85
C SER B 213 4.95 -2.21 13.47
N ILE B 214 5.61 -1.65 14.47
CA ILE B 214 6.34 -0.37 14.33
C ILE B 214 7.76 -0.64 13.83
N SER B 215 8.25 0.23 12.92
CA SER B 215 9.65 0.25 12.49
C SER B 215 10.39 1.22 13.37
N LEU B 216 11.40 0.72 14.08
CA LEU B 216 12.16 1.53 14.99
C LEU B 216 13.38 2.05 14.26
N PRO B 217 13.98 3.12 14.79
CA PRO B 217 15.22 3.71 14.30
C PRO B 217 16.47 3.14 14.93
N GLU B 218 17.45 2.78 14.10
CA GLU B 218 18.71 2.21 14.60
C GLU B 218 19.40 3.19 15.54
N ILE B 219 20.17 2.65 16.47
CA ILE B 219 20.97 3.46 17.35
C ILE B 219 22.23 3.74 16.54
N PRO B 220 22.59 5.01 16.34
CA PRO B 220 23.84 5.36 15.62
C PRO B 220 25.09 4.72 16.23
N ALA B 221 26.09 4.49 15.39
CA ALA B 221 27.28 3.75 15.80
C ALA B 221 28.11 4.51 16.83
N ASP B 222 28.23 5.82 16.64
CA ASP B 222 28.96 6.68 17.57
C ASP B 222 28.29 6.78 18.95
N VAL B 223 26.98 6.52 19.01
CA VAL B 223 26.23 6.45 20.29
C VAL B 223 26.54 5.13 21.02
N LEU B 224 26.51 4.03 20.27
CA LEU B 224 26.86 2.70 20.81
C LEU B 224 28.26 2.73 21.34
N ALA B 225 29.11 3.54 20.70
CA ALA B 225 30.53 3.63 21.00
C ALA B 225 30.76 4.03 22.44
N ARG B 226 29.83 4.81 22.98
CA ARG B 226 29.87 5.21 24.37
C ARG B 226 29.94 4.04 25.34
N TYR B 227 29.38 2.89 24.95
CA TYR B 227 29.28 1.73 25.81
C TYR B 227 30.04 0.57 25.19
N PRO B 228 31.38 0.64 25.22
CA PRO B 228 32.24 -0.37 24.57
C PRO B 228 32.04 -1.83 25.03
N ALA B 229 31.72 -2.01 26.32
CA ALA B 229 31.47 -3.33 26.89
C ALA B 229 30.23 -4.03 26.26
N VAL B 230 29.24 -3.24 25.84
CA VAL B 230 28.11 -3.76 25.11
C VAL B 230 28.51 -4.01 23.67
N VAL B 231 29.10 -3.00 23.04
CA VAL B 231 29.66 -3.12 21.68
C VAL B 231 30.45 -4.40 21.52
N GLU B 232 31.21 -4.77 22.55
CA GLU B 232 32.02 -6.00 22.56
C GLU B 232 31.17 -7.25 22.58
N ALA B 233 30.12 -7.23 23.41
CA ALA B 233 29.18 -8.31 23.45
C ALA B 233 28.46 -8.49 22.14
N ILE B 234 28.20 -7.39 21.43
CA ILE B 234 27.53 -7.46 20.11
C ILE B 234 28.44 -7.91 18.98
N GLU B 235 29.67 -7.43 18.96
CA GLU B 235 30.62 -7.88 17.97
C GLU B 235 30.84 -9.37 18.10
N THR B 236 30.84 -9.86 19.33
CA THR B 236 31.08 -11.27 19.55
C THR B 236 29.93 -12.08 19.02
N LEU B 237 28.72 -11.68 19.38
CA LEU B 237 27.52 -12.35 18.87
C LEU B 237 27.44 -12.30 17.35
N GLU B 238 27.90 -11.20 16.77
CA GLU B 238 27.80 -11.01 15.33
C GLU B 238 28.79 -11.90 14.60
N ALA B 239 30.01 -11.93 15.11
CA ALA B 239 31.07 -12.77 14.56
C ALA B 239 30.77 -14.23 14.80
N GLU B 240 30.13 -14.52 15.91
CA GLU B 240 29.64 -15.87 16.19
C GLU B 240 28.55 -16.35 15.22
N GLY B 241 28.14 -15.51 14.28
CA GLY B 241 27.11 -15.86 13.28
C GLY B 241 25.69 -15.35 13.51
N PHE B 242 25.50 -14.40 14.43
CA PHE B 242 24.17 -13.89 14.76
C PHE B 242 24.04 -12.41 14.47
N PRO B 243 23.38 -12.07 13.37
CA PRO B 243 23.15 -10.67 13.14
C PRO B 243 22.43 -10.03 14.32
N ILE B 244 22.82 -8.81 14.69
CA ILE B 244 22.14 -8.02 15.72
C ILE B 244 21.59 -6.72 15.16
N PHE B 245 20.46 -6.26 15.70
CA PHE B 245 19.92 -4.91 15.45
C PHE B 245 19.71 -4.18 16.78
N ALA B 246 20.28 -3.01 16.93
CA ALA B 246 20.05 -2.20 18.13
C ALA B 246 19.13 -1.03 17.78
N TYR B 247 18.14 -0.76 18.61
CA TYR B 247 17.07 0.18 18.26
C TYR B 247 16.71 1.13 19.42
N ASP B 248 16.23 2.31 19.08
CA ASP B 248 15.71 3.24 20.06
C ASP B 248 14.22 2.98 20.21
N GLY B 249 13.84 2.45 21.35
CA GLY B 249 12.45 2.12 21.60
C GLY B 249 11.66 3.22 22.27
N SER B 250 12.23 4.42 22.31
CA SER B 250 11.61 5.55 22.99
C SER B 250 10.36 6.06 22.29
N LEU B 251 10.18 5.69 21.02
CA LEU B 251 9.04 6.17 20.23
C LEU B 251 9.08 7.71 20.13
N GLY B 252 10.23 8.22 19.66
CA GLY B 252 10.45 9.64 19.55
C GLY B 252 10.68 10.30 20.90
N GLY B 253 11.55 9.71 21.69
CA GLY B 253 11.95 10.32 22.95
C GLY B 253 10.97 10.24 24.13
N GLN B 254 9.79 9.68 23.93
CA GLN B 254 8.79 9.59 25.01
C GLN B 254 9.17 8.66 26.22
N TYR B 255 9.60 7.43 25.92
CA TYR B 255 9.80 6.42 26.92
C TYR B 255 11.23 5.95 26.94
N PRO B 256 11.72 5.48 28.10
CA PRO B 256 13.13 5.13 28.27
C PRO B 256 13.39 3.69 27.93
N VAL B 257 13.15 3.33 26.67
CA VAL B 257 13.15 1.95 26.22
C VAL B 257 14.07 1.70 25.03
N ILE B 258 14.97 0.75 25.21
CA ILE B 258 15.82 0.23 24.13
C ILE B 258 15.31 -1.13 23.70
N CYS B 259 15.44 -1.41 22.41
CA CYS B 259 15.08 -2.73 21.87
C CYS B 259 16.21 -3.26 21.02
N VAL B 260 16.57 -4.51 21.23
CA VAL B 260 17.67 -5.11 20.52
C VAL B 260 17.26 -6.49 20.04
N VAL B 261 17.43 -6.72 18.75
CA VAL B 261 16.95 -7.92 18.13
C VAL B 261 18.09 -8.75 17.59
N LEU B 262 18.04 -10.05 17.92
CA LEU B 262 18.97 -11.04 17.40
C LEU B 262 18.33 -11.87 16.29
N PHE B 263 19.11 -12.13 15.24
CA PHE B 263 18.71 -13.06 14.17
C PHE B 263 19.47 -14.36 14.37
N ASN B 264 18.81 -15.48 14.08
CA ASN B 264 19.50 -16.76 13.94
C ASN B 264 19.33 -17.35 12.52
N PRO B 265 20.29 -17.07 11.62
CA PRO B 265 20.15 -17.44 10.22
C PRO B 265 20.06 -18.95 10.04
N ALA B 266 20.66 -19.71 10.97
CA ALA B 266 20.62 -21.18 10.95
C ALA B 266 19.22 -21.78 10.98
N ASN B 267 18.30 -21.20 11.74
CA ASN B 267 16.90 -21.64 11.69
C ASN B 267 15.92 -20.59 11.11
N GLY B 268 16.45 -19.44 10.64
CA GLY B 268 15.66 -18.36 10.01
C GLY B 268 14.75 -17.61 10.96
N THR B 269 15.13 -17.57 12.24
CA THR B 269 14.27 -16.98 13.29
C THR B 269 14.90 -15.77 13.91
N CYS B 270 14.07 -14.99 14.58
CA CYS B 270 14.55 -13.78 15.30
C CYS B 270 14.07 -13.80 16.74
N PHE B 271 14.78 -13.06 17.57
CA PHE B 271 14.47 -12.96 18.98
C PHE B 271 14.64 -11.50 19.43
N ALA B 272 13.52 -10.87 19.77
CA ALA B 272 13.51 -9.47 20.18
C ALA B 272 13.55 -9.31 21.70
N SER B 273 14.59 -8.64 22.18
CA SER B 273 14.68 -8.23 23.56
C SER B 273 14.42 -6.75 23.74
N PHE B 274 13.88 -6.42 24.90
CA PHE B 274 13.53 -5.06 25.28
C PHE B 274 14.03 -4.77 26.68
N GLY B 275 14.13 -3.49 27.00
CA GLY B 275 14.70 -3.10 28.26
C GLY B 275 14.47 -1.63 28.50
N ALA B 276 14.32 -1.26 29.76
CA ALA B 276 14.10 0.11 30.10
C ALA B 276 14.85 0.51 31.35
N HIS B 277 15.36 1.74 31.32
CA HIS B 277 15.90 2.38 32.51
C HIS B 277 16.08 3.84 32.18
N PRO B 278 16.00 4.73 33.19
CA PRO B 278 16.05 6.16 32.88
C PRO B 278 17.34 6.55 32.16
N ASP B 279 18.44 5.88 32.51
CA ASP B 279 19.73 6.11 31.89
C ASP B 279 19.86 5.23 30.65
N PHE B 280 19.91 5.88 29.50
CA PHE B 280 20.09 5.20 28.19
C PHE B 280 21.04 3.98 28.20
N GLY B 281 22.21 4.19 28.77
CA GLY B 281 23.26 3.20 28.77
C GLY B 281 22.89 1.97 29.55
N VAL B 282 22.26 2.18 30.71
CA VAL B 282 21.84 1.05 31.56
C VAL B 282 20.78 0.26 30.83
N ALA B 283 19.86 0.98 30.21
CA ALA B 283 18.80 0.34 29.44
C ALA B 283 19.35 -0.48 28.28
N LEU B 284 20.38 0.04 27.61
CA LEU B 284 20.99 -0.67 26.49
C LEU B 284 21.53 -2.00 27.00
N GLU B 285 22.34 -1.96 28.05
CA GLU B 285 22.98 -3.15 28.58
C GLU B 285 21.97 -4.16 29.11
N ARG B 286 20.94 -3.67 29.77
CA ARG B 286 19.86 -4.53 30.26
C ARG B 286 19.24 -5.30 29.10
N THR B 287 19.00 -4.64 27.98
CA THR B 287 18.38 -5.29 26.81
C THR B 287 19.29 -6.35 26.22
N VAL B 288 20.57 -6.01 26.07
CA VAL B 288 21.55 -6.98 25.59
C VAL B 288 21.74 -8.19 26.55
N THR B 289 21.99 -7.98 27.86
CA THR B 289 22.23 -9.13 28.76
C THR B 289 21.04 -10.08 28.71
N GLU B 290 19.84 -9.55 28.50
CA GLU B 290 18.65 -10.40 28.47
C GLU B 290 18.56 -11.26 27.22
N LEU B 291 19.33 -10.96 26.18
CA LEU B 291 19.36 -11.88 25.02
C LEU B 291 19.84 -13.27 25.42
N LEU B 292 20.59 -13.38 26.51
CA LEU B 292 21.15 -14.65 26.98
C LEU B 292 21.06 -14.99 28.49
N GLN B 293 19.91 -14.80 29.13
CA GLN B 293 19.79 -15.08 30.56
C GLN B 293 19.79 -16.60 30.67
N THR B 304 10.87 -18.04 16.77
CA THR B 304 9.96 -17.97 15.61
C THR B 304 10.41 -16.95 14.55
N PRO B 305 10.16 -17.24 13.27
CA PRO B 305 10.58 -16.28 12.26
C PRO B 305 9.65 -15.07 12.24
N PRO B 306 10.14 -13.93 11.70
CA PRO B 306 9.32 -12.76 11.54
C PRO B 306 8.16 -13.06 10.64
N THR B 307 7.22 -12.14 10.55
CA THR B 307 5.99 -12.37 9.80
C THR B 307 5.42 -11.07 9.24
N PHE B 308 4.74 -11.14 8.11
CA PHE B 308 3.98 -10.01 7.60
C PHE B 308 2.52 -10.02 8.06
N ASP B 309 2.19 -10.86 9.05
CA ASP B 309 0.78 -11.00 9.46
C ASP B 309 0.43 -9.93 10.48
N ASP B 310 0.00 -8.79 9.95
CA ASP B 310 -0.42 -7.69 10.77
C ASP B 310 -1.30 -8.09 11.95
N GLU B 311 -2.21 -9.05 11.72
CA GLU B 311 -3.22 -9.43 12.72
C GLU B 311 -2.73 -10.46 13.73
N GLU B 312 -1.90 -11.42 13.30
CA GLU B 312 -1.44 -12.45 14.22
C GLU B 312 -0.41 -11.94 15.21
N VAL B 313 0.34 -10.90 14.82
CA VAL B 313 1.32 -10.27 15.70
C VAL B 313 0.60 -9.57 16.85
N ALA B 314 -0.45 -8.82 16.51
CA ALA B 314 -1.21 -8.02 17.49
C ALA B 314 -2.05 -8.85 18.45
N GLU B 315 -2.40 -10.08 18.07
CA GLU B 315 -3.22 -10.97 18.91
C GLU B 315 -2.67 -11.04 20.33
N HIS B 316 -3.56 -10.97 21.32
CA HIS B 316 -3.12 -10.95 22.71
C HIS B 316 -2.33 -12.17 23.12
N THR B 317 -2.69 -13.34 22.57
CA THR B 317 -1.95 -14.57 22.79
C THR B 317 -0.48 -14.51 22.30
N ASN B 318 -0.19 -13.63 21.34
CA ASN B 318 1.19 -13.44 20.89
C ASN B 318 2.02 -12.67 21.91
N LEU B 319 1.44 -11.59 22.45
CA LEU B 319 2.10 -10.72 23.40
C LEU B 319 2.21 -11.47 24.74
N GLU B 320 1.20 -12.29 25.06
CA GLU B 320 1.23 -13.16 26.26
C GLU B 320 2.40 -14.15 26.22
N THR B 321 2.66 -14.71 25.03
CA THR B 321 3.81 -15.59 24.84
C THR B 321 5.11 -14.81 25.08
N HIS B 322 5.31 -13.75 24.31
CA HIS B 322 6.48 -12.87 24.47
C HIS B 322 6.88 -12.63 25.94
N PHE B 323 5.89 -12.53 26.80
CA PHE B 323 6.16 -12.32 28.22
C PHE B 323 6.72 -13.55 28.92
N ILE B 324 6.13 -14.72 28.67
CA ILE B 324 6.57 -15.97 29.31
C ILE B 324 7.99 -16.31 28.85
N ASP B 325 8.25 -15.98 27.59
CA ASP B 325 9.03 -16.81 26.70
C ASP B 325 10.15 -16.11 25.89
N SER B 326 9.67 -15.08 25.20
CA SER B 326 10.25 -14.35 24.09
C SER B 326 10.26 -15.03 22.72
N SER B 327 9.79 -16.28 22.66
CA SER B 327 9.52 -16.92 21.38
C SER B 327 8.14 -16.55 20.88
N GLY B 328 7.97 -15.30 20.45
CA GLY B 328 6.71 -14.85 19.86
C GLY B 328 6.93 -14.26 18.47
N LEU B 329 5.82 -13.87 17.81
CA LEU B 329 5.86 -13.33 16.44
C LEU B 329 6.18 -11.83 16.37
N ILE B 330 7.21 -11.49 15.60
CA ILE B 330 7.63 -10.12 15.39
C ILE B 330 7.30 -9.79 13.95
N SER B 331 6.79 -8.59 13.71
CA SER B 331 6.56 -8.15 12.32
C SER B 331 7.87 -7.82 11.58
N TRP B 332 7.92 -8.09 10.27
CA TRP B 332 9.10 -7.79 9.47
C TRP B 332 9.29 -6.30 9.44
N ASP B 333 8.18 -5.58 9.67
CA ASP B 333 8.18 -4.12 9.70
C ASP B 333 9.15 -3.49 10.69
N LEU B 334 9.41 -4.17 11.78
CA LEU B 334 10.40 -3.69 12.72
C LEU B 334 11.71 -3.33 12.02
N PHE B 335 12.09 -4.12 11.01
CA PHE B 335 13.41 -4.05 10.38
C PHE B 335 13.45 -3.19 9.10
N LYS B 336 12.34 -2.52 8.81
CA LYS B 336 12.29 -1.64 7.67
C LYS B 336 13.34 -0.61 7.84
N GLN B 337 13.95 -0.23 6.71
CA GLN B 337 14.99 0.77 6.69
C GLN B 337 14.43 2.02 7.30
N ASP B 338 13.34 2.52 6.73
CA ASP B 338 12.71 3.74 7.22
C ASP B 338 11.90 3.52 8.48
N ALA B 339 12.33 4.21 9.54
CA ALA B 339 11.65 4.18 10.85
C ALA B 339 10.48 5.16 10.94
N ASP B 340 9.56 4.86 11.84
CA ASP B 340 8.35 5.66 12.02
C ASP B 340 8.57 6.76 13.05
N TYR B 341 9.68 6.68 13.75
CA TYR B 341 10.08 7.71 14.70
C TYR B 341 11.56 7.95 14.47
N PRO B 342 12.02 9.17 14.69
CA PRO B 342 13.42 9.43 14.60
C PRO B 342 14.16 8.95 15.82
N PHE B 343 15.46 8.69 15.66
CA PHE B 343 16.30 8.31 16.81
C PHE B 343 16.36 9.50 17.70
N VAL B 344 16.34 9.27 18.99
CA VAL B 344 16.51 10.36 19.94
C VAL B 344 17.59 9.91 20.89
N ASP B 345 18.60 10.72 21.10
CA ASP B 345 19.61 10.40 22.11
C ASP B 345 19.07 10.77 23.48
N TRP B 346 18.19 9.94 23.99
CA TRP B 346 17.44 10.27 25.20
C TRP B 346 18.20 10.01 26.49
N ASN B 347 17.74 10.70 27.52
CA ASN B 347 18.26 10.54 28.85
C ASN B 347 17.34 11.12 29.91
N PHE B 348 16.99 10.29 30.89
CA PHE B 348 16.08 10.65 31.97
C PHE B 348 16.78 10.51 33.33
N SER B 349 18.10 10.33 33.30
CA SER B 349 18.84 9.88 34.47
C SER B 349 18.92 10.89 35.64
N GLY B 350 19.65 10.54 36.68
CA GLY B 350 19.77 11.35 37.90
C GLY B 350 19.81 10.41 39.11
N THR B 351 19.58 10.93 40.30
CA THR B 351 19.54 10.06 41.46
C THR B 351 18.25 9.29 41.45
N THR B 352 18.26 8.13 42.08
CA THR B 352 17.09 7.27 42.13
C THR B 352 15.85 8.03 42.57
N GLU B 353 16.04 8.97 43.49
CA GLU B 353 14.96 9.85 43.92
C GLU B 353 14.41 10.75 42.79
N GLU B 354 15.31 11.37 42.04
CA GLU B 354 14.90 12.17 40.89
C GLU B 354 14.27 11.31 39.79
N GLU B 355 14.92 10.16 39.52
CA GLU B 355 14.51 9.22 38.45
C GLU B 355 13.10 8.74 38.74
N PHE B 356 12.82 8.47 40.01
CA PHE B 356 11.47 8.11 40.41
C PHE B 356 10.43 9.18 40.04
N ALA B 357 10.76 10.44 40.28
CA ALA B 357 9.85 11.54 39.95
C ALA B 357 9.69 11.75 38.44
N THR B 358 10.82 11.66 37.74
CA THR B 358 10.88 11.83 36.30
C THR B 358 9.98 10.82 35.63
N LEU B 359 10.03 9.57 36.12
CA LEU B 359 9.25 8.45 35.53
C LEU B 359 7.81 8.63 35.86
N MET B 360 7.54 8.91 37.14
CA MET B 360 6.18 9.19 37.59
C MET B 360 5.52 10.35 36.80
N ALA B 361 6.34 11.34 36.42
CA ALA B 361 5.93 12.45 35.54
C ALA B 361 5.34 11.94 34.24
N ILE B 362 5.95 10.90 33.67
CA ILE B 362 5.52 10.33 32.41
C ILE B 362 4.14 9.69 32.58
N PHE B 363 3.97 8.96 33.67
CA PHE B 363 2.67 8.33 33.93
C PHE B 363 1.58 9.36 34.11
N ASN B 364 1.94 10.46 34.76
CA ASN B 364 0.98 11.55 34.96
C ASN B 364 0.58 12.14 33.62
N LYS B 365 1.58 12.33 32.75
CA LYS B 365 1.33 12.82 31.40
C LYS B 365 0.38 11.92 30.63
N GLU B 366 0.42 10.63 30.92
CA GLU B 366 -0.42 9.64 30.22
C GLU B 366 -1.79 9.52 30.81
N ASP B 367 -2.04 10.21 31.91
CA ASP B 367 -3.30 10.06 32.67
C ASP B 367 -3.50 8.58 33.08
N LYS B 368 -2.44 8.02 33.67
CA LYS B 368 -2.46 6.66 34.18
C LYS B 368 -2.09 6.63 35.64
N GLU B 369 -3.07 6.28 36.46
CA GLU B 369 -2.84 6.07 37.90
C GLU B 369 -1.85 4.95 38.15
N VAL B 370 -0.90 5.20 39.03
CA VAL B 370 0.05 4.21 39.46
C VAL B 370 -0.39 3.73 40.84
N TYR B 371 -0.32 2.42 41.10
CA TYR B 371 -0.61 1.87 42.41
C TYR B 371 0.58 1.07 42.88
N ILE B 372 1.23 1.53 43.94
CA ILE B 372 2.41 0.85 44.50
C ILE B 372 2.07 0.16 45.82
N ALA B 373 2.80 -0.91 46.13
CA ALA B 373 2.66 -1.64 47.37
C ALA B 373 4.03 -2.01 47.89
N ASP B 374 4.32 -1.69 49.13
CA ASP B 374 5.66 -1.83 49.67
C ASP B 374 5.76 -2.97 50.65
N TYR B 375 6.89 -3.65 50.58
CA TYR B 375 7.13 -4.79 51.41
C TYR B 375 8.55 -4.59 51.96
N GLU B 376 8.68 -4.66 53.29
CA GLU B 376 10.00 -4.60 53.92
C GLU B 376 10.18 -5.70 54.97
N HIS B 377 9.25 -6.66 54.99
CA HIS B 377 9.19 -7.60 56.09
C HIS B 377 10.28 -8.65 56.04
N LEU B 378 11.02 -8.71 54.93
CA LEU B 378 12.17 -9.60 54.81
C LEU B 378 13.52 -8.89 54.99
N GLY B 379 13.47 -7.61 55.33
CA GLY B 379 14.69 -6.84 55.59
C GLY B 379 15.34 -6.25 54.35
N VAL B 380 14.61 -6.32 53.24
CA VAL B 380 15.02 -5.68 52.01
C VAL B 380 13.77 -5.07 51.46
N TYR B 381 13.93 -3.92 50.84
CA TYR B 381 12.78 -3.25 50.28
C TYR B 381 12.42 -3.93 49.00
N ALA B 382 11.12 -4.07 48.78
CA ALA B 382 10.59 -4.63 47.56
C ALA B 382 9.22 -4.02 47.29
N CYS B 383 8.95 -3.71 46.05
CA CYS B 383 7.67 -3.10 45.68
C CYS B 383 6.92 -3.97 44.71
N ARG B 384 5.65 -3.64 44.52
CA ARG B 384 4.87 -4.25 43.48
C ARG B 384 3.97 -3.20 42.86
N ILE B 385 4.08 -3.03 41.54
CA ILE B 385 3.50 -1.87 40.87
C ILE B 385 2.48 -2.28 39.84
N ILE B 386 1.26 -1.80 40.05
CA ILE B 386 0.15 -1.96 39.13
C ILE B 386 -0.11 -0.62 38.47
N VAL B 387 -0.36 -0.62 37.16
CA VAL B 387 -0.62 0.61 36.41
C VAL B 387 -1.66 0.28 35.37
N PRO B 388 -2.89 0.07 35.81
CA PRO B 388 -3.88 -0.49 34.87
C PRO B 388 -3.98 0.32 33.61
N GLY B 389 -3.96 -0.38 32.49
CA GLY B 389 -3.86 0.23 31.19
C GLY B 389 -2.43 0.28 30.65
N MET B 390 -1.47 -0.27 31.39
CA MET B 390 -0.07 -0.30 30.94
C MET B 390 0.72 -1.52 31.48
N SER B 391 0.57 -1.78 32.79
CA SER B 391 1.22 -2.90 33.47
C SER B 391 0.60 -4.23 33.09
N ASP B 392 -0.63 -4.22 32.62
CA ASP B 392 -1.32 -5.48 32.33
C ASP B 392 -0.57 -6.36 31.33
N ILE B 393 -0.45 -7.65 31.65
CA ILE B 393 0.08 -8.63 30.75
C ILE B 393 -1.06 -9.42 30.09
N TYR B 394 -2.06 -9.75 30.89
CA TYR B 394 -3.26 -10.41 30.40
C TYR B 394 -4.43 -9.40 30.40
N PRO B 395 -5.41 -9.56 29.48
CA PRO B 395 -6.56 -8.68 29.43
C PRO B 395 -7.64 -9.08 30.44
N ALA B 396 -8.43 -8.10 30.88
CA ALA B 396 -9.40 -8.32 31.96
C ALA B 396 -10.46 -9.35 31.63
N GLU B 397 -10.79 -9.54 30.34
CA GLU B 397 -11.67 -10.62 29.85
C GLU B 397 -11.23 -12.01 30.39
N ASP B 398 -9.94 -12.17 30.65
CA ASP B 398 -9.42 -13.40 31.26
C ASP B 398 -9.92 -13.68 32.70
N LEU B 399 -10.44 -12.70 33.43
CA LEU B 399 -11.01 -12.97 34.75
C LEU B 399 -12.25 -13.86 34.61
N TRP B 400 -12.86 -13.85 33.43
CA TRP B 400 -14.00 -14.71 33.11
C TRP B 400 -13.53 -15.97 32.43
N LEU B 401 -12.70 -15.81 31.41
CA LEU B 401 -12.35 -16.90 30.49
C LEU B 401 -11.16 -17.76 30.92
N ALA B 402 -10.19 -17.17 31.61
CA ALA B 402 -8.91 -17.83 31.90
C ALA B 402 -8.48 -17.55 33.32
N ASN B 403 -9.43 -17.70 34.25
CA ASN B 403 -9.16 -17.34 35.64
C ASN B 403 -8.50 -18.51 36.35
N ASN B 404 -7.30 -18.27 36.89
CA ASN B 404 -6.52 -19.34 37.48
C ASN B 404 -7.11 -19.99 38.75
N SER B 405 -8.28 -19.57 39.21
CA SER B 405 -8.97 -20.28 40.29
C SER B 405 -10.33 -20.84 39.82
N MET B 406 -10.54 -20.91 38.51
CA MET B 406 -11.79 -21.45 37.93
C MET B 406 -12.10 -22.83 38.46
N GLY B 407 -11.06 -23.63 38.72
CA GLY B 407 -11.23 -24.98 39.22
C GLY B 407 -11.28 -25.12 40.72
N SER B 408 -11.01 -24.04 41.46
CA SER B 408 -10.87 -24.10 42.93
C SER B 408 -12.00 -24.92 43.59
N HIS B 409 -13.20 -24.85 43.03
CA HIS B 409 -14.39 -25.47 43.63
C HIS B 409 -14.51 -26.99 43.38
N LEU B 410 -13.85 -27.51 42.36
CA LEU B 410 -13.79 -28.95 42.12
C LEU B 410 -12.65 -29.65 42.83
N ARG B 411 -11.74 -28.88 43.43
CA ARG B 411 -10.54 -29.46 44.01
C ARG B 411 -10.84 -30.66 44.93
N GLU B 412 -11.64 -30.41 45.96
CA GLU B 412 -11.91 -31.42 47.00
C GLU B 412 -12.55 -32.65 46.39
N THR B 413 -13.45 -32.43 45.42
CA THR B 413 -14.10 -33.53 44.69
C THR B 413 -13.11 -34.41 43.95
N ILE B 414 -12.22 -33.76 43.19
CA ILE B 414 -11.28 -34.45 42.35
C ILE B 414 -10.21 -35.16 43.19
N LEU B 415 -9.65 -34.49 44.19
CA LEU B 415 -8.65 -35.13 45.05
C LEU B 415 -9.18 -36.34 45.85
N SER B 416 -10.49 -36.40 46.00
CA SER B 416 -11.13 -37.53 46.66
C SER B 416 -11.20 -38.80 45.76
N LEU B 417 -11.14 -38.62 44.44
CA LEU B 417 -11.42 -39.71 43.50
C LEU B 417 -10.60 -40.99 43.69
N PRO B 418 -9.32 -40.88 43.96
CA PRO B 418 -8.57 -42.11 44.23
C PRO B 418 -9.03 -42.71 45.53
N GLY B 419 -9.58 -43.93 45.47
CA GLY B 419 -10.13 -44.59 46.66
C GLY B 419 -11.65 -44.46 46.78
N SER B 420 -12.21 -43.42 46.16
CA SER B 420 -13.67 -43.17 46.14
C SER B 420 -14.45 -44.39 45.63
N GLU B 421 -15.65 -44.54 46.15
CA GLU B 421 -16.55 -45.61 45.72
C GLU B 421 -17.96 -45.07 45.54
N TRP B 422 -18.09 -44.07 44.67
CA TRP B 422 -19.39 -43.49 44.37
C TRP B 422 -20.17 -44.36 43.42
N GLU B 423 -21.36 -43.91 43.06
CA GLU B 423 -22.17 -44.61 42.08
C GLU B 423 -21.62 -44.32 40.70
N LYS B 424 -21.93 -45.18 39.74
CA LYS B 424 -21.42 -45.01 38.37
C LYS B 424 -21.96 -43.78 37.68
N GLU B 425 -23.17 -43.32 38.06
CA GLU B 425 -23.79 -42.11 37.44
C GLU B 425 -22.99 -40.86 37.87
N ASP B 426 -22.57 -40.82 39.13
CA ASP B 426 -21.80 -39.70 39.66
C ASP B 426 -20.50 -39.47 38.90
N TYR B 427 -19.79 -40.55 38.58
CA TYR B 427 -18.56 -40.45 37.81
C TYR B 427 -18.83 -39.91 36.41
N LEU B 428 -19.85 -40.46 35.75
CA LEU B 428 -20.17 -40.03 34.39
C LEU B 428 -20.66 -38.60 34.33
N ASN B 429 -21.21 -38.08 35.42
CA ASN B 429 -21.72 -36.70 35.45
C ASN B 429 -20.58 -35.72 35.56
N LEU B 430 -19.62 -36.03 36.40
CA LEU B 430 -18.47 -35.18 36.58
C LEU B 430 -17.80 -34.90 35.24
N ILE B 431 -17.84 -35.86 34.33
CA ILE B 431 -17.36 -35.62 32.96
C ILE B 431 -18.19 -34.52 32.31
N GLU B 432 -19.50 -34.74 32.23
CA GLU B 432 -20.41 -33.77 31.65
C GLU B 432 -20.25 -32.41 32.31
N GLN B 433 -20.01 -32.37 33.61
CA GLN B 433 -19.79 -31.09 34.31
C GLN B 433 -18.52 -30.42 33.81
N LEU B 434 -17.43 -31.18 33.70
CA LEU B 434 -16.19 -30.65 33.15
C LEU B 434 -16.38 -30.09 31.75
N ASP B 435 -17.26 -30.71 30.97
CA ASP B 435 -17.62 -30.18 29.64
C ASP B 435 -18.47 -28.93 29.72
N GLU B 436 -19.52 -28.96 30.54
CA GLU B 436 -20.43 -27.82 30.69
C GLU B 436 -19.74 -26.61 31.25
N GLU B 437 -18.82 -26.83 32.19
CA GLU B 437 -18.00 -25.73 32.74
C GLU B 437 -16.90 -25.27 31.79
N GLY B 438 -16.76 -25.93 30.65
CA GLY B 438 -15.91 -25.46 29.57
C GLY B 438 -14.40 -25.53 29.82
N PHE B 439 -13.95 -26.52 30.60
CA PHE B 439 -12.52 -26.72 30.80
C PHE B 439 -11.90 -27.28 29.53
N ASP B 440 -10.65 -26.90 29.28
CA ASP B 440 -9.93 -27.40 28.10
C ASP B 440 -9.35 -28.77 28.44
N ASP B 441 -9.54 -29.74 27.54
CA ASP B 441 -9.01 -31.11 27.70
C ASP B 441 -7.50 -31.18 27.94
N PHE B 442 -6.77 -30.25 27.35
CA PHE B 442 -5.32 -30.23 27.47
C PHE B 442 -4.83 -29.68 28.78
N THR B 443 -5.71 -29.02 29.53
CA THR B 443 -5.30 -28.37 30.76
C THR B 443 -4.74 -29.37 31.77
N ARG B 444 -3.58 -29.07 32.31
CA ARG B 444 -3.01 -29.87 33.39
C ARG B 444 -3.83 -29.73 34.65
N VAL B 445 -4.23 -30.86 35.22
CA VAL B 445 -5.03 -30.84 36.43
C VAL B 445 -4.22 -30.28 37.58
N ARG B 446 -2.94 -30.61 37.66
CA ARG B 446 -2.14 -30.09 38.78
C ARG B 446 -1.99 -28.56 38.73
N GLU B 447 -2.08 -27.96 37.53
CA GLU B 447 -2.06 -26.51 37.37
C GLU B 447 -3.41 -25.90 37.70
N LEU B 448 -4.46 -26.60 37.33
CA LEU B 448 -5.81 -26.16 37.57
C LEU B 448 -6.18 -26.15 39.05
N LEU B 449 -5.59 -27.03 39.85
CA LEU B 449 -5.92 -27.11 41.28
C LEU B 449 -4.85 -26.50 42.15
N GLY B 450 -3.69 -26.19 41.56
CA GLY B 450 -2.58 -25.54 42.29
C GLY B 450 -1.75 -26.53 43.11
N LEU B 451 -1.49 -27.69 42.53
CA LEU B 451 -0.83 -28.78 43.22
C LEU B 451 0.59 -28.87 42.75
N ALA B 452 1.51 -28.72 43.68
CA ALA B 452 2.91 -29.10 43.49
C ALA B 452 3.07 -30.57 43.78
N THR B 453 2.87 -31.37 42.74
CA THR B 453 2.80 -32.82 42.88
C THR B 453 4.17 -33.47 42.95
N GLY B 454 5.17 -32.82 42.38
CA GLY B 454 6.46 -33.45 42.18
C GLY B 454 6.38 -34.41 41.01
N SER B 455 7.53 -34.85 40.52
CA SER B 455 7.61 -35.53 39.22
C SER B 455 7.34 -37.04 39.23
N ASP B 456 7.22 -37.62 40.42
CA ASP B 456 7.20 -39.08 40.56
C ASP B 456 5.82 -39.72 40.82
N ASN B 457 4.76 -39.24 40.18
CA ASN B 457 3.44 -39.86 40.33
C ASN B 457 2.45 -39.41 39.24
N GLY B 458 1.27 -40.02 39.24
CA GLY B 458 0.30 -39.83 38.15
C GLY B 458 -0.26 -38.44 37.97
N TRP B 459 -0.34 -37.69 39.07
CA TRP B 459 -0.91 -36.33 39.06
C TRP B 459 -0.03 -35.33 38.30
N TYR B 460 1.27 -35.58 38.27
CA TYR B 460 2.24 -34.70 37.62
C TYR B 460 2.01 -34.48 36.13
N THR B 461 1.41 -35.45 35.47
CA THR B 461 1.14 -35.40 34.02
C THR B 461 -0.35 -35.47 33.67
N LEU B 462 -1.20 -35.51 34.70
CA LEU B 462 -2.62 -35.76 34.53
C LEU B 462 -3.24 -34.54 33.92
N ARG B 463 -3.81 -34.74 32.73
CA ARG B 463 -4.58 -33.70 32.06
C ARG B 463 -6.07 -34.01 32.10
N ILE B 464 -6.89 -33.04 31.76
CA ILE B 464 -8.32 -33.21 31.83
C ILE B 464 -8.75 -34.40 31.00
N GLY B 465 -8.18 -34.54 29.82
CA GLY B 465 -8.58 -35.62 28.90
C GLY B 465 -8.34 -36.99 29.48
N GLU B 466 -7.21 -37.13 30.14
CA GLU B 466 -6.89 -38.36 30.84
C GLU B 466 -7.86 -38.60 32.01
N LEU B 467 -8.19 -37.54 32.74
CA LEU B 467 -9.12 -37.64 33.86
C LEU B 467 -10.48 -38.08 33.37
N LYS B 468 -10.91 -37.59 32.21
CA LYS B 468 -12.15 -38.06 31.60
C LYS B 468 -12.10 -39.56 31.30
N ALA B 469 -10.97 -40.03 30.79
CA ALA B 469 -10.81 -41.47 30.61
C ALA B 469 -11.00 -42.21 31.94
N MET B 470 -10.27 -41.79 32.96
CA MET B 470 -10.37 -42.39 34.28
C MET B 470 -11.79 -42.44 34.83
N LEU B 471 -12.58 -41.37 34.59
CA LEU B 471 -13.98 -41.30 35.07
C LEU B 471 -14.90 -42.23 34.28
N ALA B 472 -14.76 -42.20 32.96
CA ALA B 472 -15.48 -43.13 32.11
C ALA B 472 -15.25 -44.60 32.51
N LEU B 473 -14.04 -44.95 32.97
CA LEU B 473 -13.77 -46.31 33.44
C LEU B 473 -14.47 -46.61 34.75
N ALA B 474 -14.41 -45.66 35.68
CA ALA B 474 -15.02 -45.82 37.02
C ALA B 474 -16.54 -45.87 36.94
N GLY B 475 -17.10 -45.14 35.96
CA GLY B 475 -18.52 -45.15 35.69
C GLY B 475 -18.89 -46.13 34.58
N GLY B 476 -17.96 -47.02 34.26
CA GLY B 476 -18.21 -48.16 33.37
C GLY B 476 -18.75 -47.86 31.98
N ASP B 477 -18.41 -46.71 31.40
CA ASP B 477 -18.70 -46.44 29.99
C ASP B 477 -17.43 -46.67 29.18
N LEU B 478 -17.27 -47.89 28.66
CA LEU B 478 -16.03 -48.28 28.01
C LEU B 478 -15.83 -47.67 26.63
N GLU B 479 -16.89 -47.18 25.99
CA GLU B 479 -16.75 -46.53 24.68
C GLU B 479 -16.11 -45.16 24.80
N GLN B 480 -16.52 -44.41 25.83
CA GLN B 480 -15.93 -43.11 26.13
C GLN B 480 -14.52 -43.29 26.66
N ALA B 481 -14.36 -44.27 27.55
CA ALA B 481 -13.04 -44.59 28.11
C ALA B 481 -11.98 -44.80 27.03
N LEU B 482 -12.33 -45.52 25.97
CA LEU B 482 -11.42 -45.73 24.84
C LEU B 482 -11.02 -44.42 24.15
N VAL B 483 -12.02 -43.62 23.79
CA VAL B 483 -11.80 -42.32 23.16
C VAL B 483 -10.73 -41.51 23.87
N TRP B 484 -10.88 -41.38 25.18
CA TRP B 484 -9.96 -40.56 25.98
C TRP B 484 -8.64 -41.26 26.34
N THR B 485 -8.65 -42.58 26.38
CA THR B 485 -7.41 -43.35 26.54
C THR B 485 -6.52 -43.21 25.29
N GLU B 486 -7.14 -43.24 24.11
CA GLU B 486 -6.42 -42.93 22.87
C GLU B 486 -5.88 -41.49 22.89
N TRP B 487 -6.77 -40.54 23.14
CA TRP B 487 -6.40 -39.14 23.35
C TRP B 487 -5.20 -39.03 24.27
N THR B 488 -5.29 -39.68 25.42
CA THR B 488 -4.24 -39.63 26.44
C THR B 488 -2.90 -40.01 25.87
N MET B 489 -2.85 -41.14 25.19
CA MET B 489 -1.59 -41.62 24.63
C MET B 489 -1.10 -40.76 23.48
N GLU B 490 -2.02 -40.34 22.62
CA GLU B 490 -1.66 -39.45 21.52
C GLU B 490 -0.93 -38.19 21.99
N PHE B 491 -1.30 -37.66 23.16
CA PHE B 491 -0.78 -36.38 23.65
C PHE B 491 0.05 -36.39 24.94
N ASN B 492 0.12 -37.49 25.66
CA ASN B 492 0.89 -37.51 26.91
C ASN B 492 2.05 -38.52 26.89
N SER B 493 1.90 -39.63 26.18
CA SER B 493 2.81 -40.81 26.32
C SER B 493 4.29 -40.48 26.22
N SER B 494 4.60 -39.43 25.48
CA SER B 494 5.98 -38.94 25.37
C SER B 494 6.56 -38.38 26.68
N VAL B 495 5.72 -38.13 27.69
CA VAL B 495 6.19 -37.57 28.98
C VAL B 495 5.84 -38.45 30.16
N PHE B 496 5.11 -39.53 29.92
CA PHE B 496 4.83 -40.51 30.96
C PHE B 496 6.10 -41.30 31.29
N SER B 497 6.16 -41.82 32.52
CA SER B 497 7.23 -42.75 32.88
C SER B 497 7.04 -44.06 32.09
N PRO B 498 8.13 -44.76 31.78
CA PRO B 498 8.05 -46.10 31.20
C PRO B 498 6.89 -46.93 31.76
N GLU B 499 6.81 -47.02 33.09
CA GLU B 499 5.75 -47.81 33.76
C GLU B 499 4.36 -47.41 33.33
N ARG B 500 4.11 -46.12 33.42
CA ARG B 500 2.80 -45.54 33.18
C ARG B 500 2.42 -45.62 31.72
N ALA B 501 3.39 -45.36 30.84
CA ALA B 501 3.15 -45.39 29.40
C ALA B 501 2.75 -46.79 29.01
N ASN B 502 3.43 -47.77 29.61
CA ASN B 502 3.13 -49.19 29.41
C ASN B 502 1.74 -49.54 29.89
N TYR B 503 1.41 -49.13 31.11
CA TYR B 503 0.03 -49.31 31.61
C TYR B 503 -1.01 -48.83 30.59
N TYR B 504 -0.80 -47.63 30.04
CA TYR B 504 -1.75 -47.03 29.08
C TYR B 504 -1.80 -47.81 27.77
N ARG B 505 -0.65 -48.32 27.31
CA ARG B 505 -0.62 -49.18 26.10
C ARG B 505 -1.49 -50.44 26.30
N CYS B 506 -1.33 -51.08 27.47
CA CYS B 506 -2.10 -52.25 27.86
C CYS B 506 -3.59 -51.97 28.00
N LEU B 507 -3.93 -50.94 28.77
CA LEU B 507 -5.33 -50.53 28.96
C LEU B 507 -5.99 -50.28 27.61
N GLN B 508 -5.26 -49.62 26.73
CA GLN B 508 -5.77 -49.28 25.42
C GLN B 508 -6.09 -50.53 24.60
N THR B 509 -5.17 -51.50 24.62
CA THR B 509 -5.36 -52.80 23.94
C THR B 509 -6.64 -53.47 24.47
N LEU B 510 -6.79 -53.56 25.79
CA LEU B 510 -7.94 -54.23 26.41
C LEU B 510 -9.26 -53.56 26.08
N LEU B 511 -9.22 -52.24 25.95
CA LEU B 511 -10.41 -51.48 25.60
C LEU B 511 -10.78 -51.67 24.14
N LEU B 512 -9.77 -51.84 23.29
CA LEU B 512 -9.99 -52.14 21.89
C LEU B 512 -10.51 -53.56 21.70
N LEU B 513 -10.05 -54.48 22.55
CA LEU B 513 -10.48 -55.86 22.53
C LEU B 513 -11.93 -55.99 22.99
N ALA B 514 -12.28 -55.21 24.01
CA ALA B 514 -13.66 -55.14 24.48
C ALA B 514 -14.59 -54.78 23.34
N GLN B 515 -14.12 -53.97 22.39
CA GLN B 515 -14.92 -53.63 21.20
C GLN B 515 -15.05 -54.75 20.18
N GLU B 516 -14.05 -55.62 20.07
CA GLU B 516 -14.11 -56.79 19.17
C GLU B 516 -15.05 -57.84 19.75
N GLU B 517 -16.27 -57.89 19.23
CA GLU B 517 -17.31 -58.73 19.77
C GLU B 517 -17.13 -60.16 19.23
N ASP B 518 -16.36 -60.30 18.15
CA ASP B 518 -16.02 -61.62 17.61
C ASP B 518 -14.94 -62.35 18.40
N ARG B 519 -14.10 -61.61 19.13
CA ARG B 519 -12.91 -62.22 19.70
C ARG B 519 -13.11 -62.62 21.14
N GLN B 520 -12.32 -63.62 21.55
CA GLN B 520 -12.43 -64.24 22.87
C GLN B 520 -11.31 -63.82 23.82
N PRO B 521 -11.56 -62.84 24.70
CA PRO B 521 -10.51 -62.29 25.58
C PRO B 521 -9.50 -63.29 26.16
N LEU B 522 -9.97 -64.44 26.59
CA LEU B 522 -9.07 -65.44 27.14
C LEU B 522 -7.95 -65.88 26.19
N GLN B 523 -8.23 -65.89 24.90
CA GLN B 523 -7.24 -66.30 23.90
C GLN B 523 -5.98 -65.45 23.92
N TYR B 524 -6.20 -64.16 24.13
CA TYR B 524 -5.14 -63.15 24.03
C TYR B 524 -4.40 -62.93 25.34
N LEU B 525 -4.92 -63.53 26.41
CA LEU B 525 -4.43 -63.26 27.76
C LEU B 525 -2.96 -63.58 27.97
N ASN B 526 -2.49 -64.72 27.46
CA ASN B 526 -1.09 -65.06 27.63
C ASN B 526 -0.21 -64.02 26.95
N ALA B 527 -0.60 -63.67 25.72
CA ALA B 527 0.16 -62.73 24.89
C ALA B 527 0.30 -61.37 25.57
N PHE B 528 -0.81 -60.88 26.14
CA PHE B 528 -0.84 -59.61 26.89
C PHE B 528 0.11 -59.60 28.08
N VAL B 529 0.06 -60.67 28.87
CA VAL B 529 0.96 -60.81 30.02
C VAL B 529 2.43 -60.75 29.57
N ARG B 530 2.72 -61.27 28.39
CA ARG B 530 4.07 -61.30 27.89
C ARG B 530 4.53 -59.94 27.44
N MET B 531 3.63 -59.20 26.78
CA MET B 531 3.98 -57.87 26.24
C MET B 531 4.01 -56.78 27.29
N TYR B 532 2.99 -56.76 28.14
CA TYR B 532 2.79 -55.67 29.12
C TYR B 532 3.27 -56.00 30.53
N GLY B 533 3.34 -57.29 30.87
CA GLY B 533 3.71 -57.70 32.22
C GLY B 533 2.46 -57.89 33.05
N ALA B 534 2.51 -58.84 33.97
CA ALA B 534 1.32 -59.25 34.71
C ALA B 534 0.74 -58.11 35.57
N ASP B 535 1.60 -57.32 36.22
CA ASP B 535 1.14 -56.22 37.07
C ASP B 535 0.30 -55.22 36.28
N ALA B 536 0.84 -54.81 35.14
CA ALA B 536 0.16 -53.92 34.19
C ALA B 536 -1.20 -54.46 33.68
N VAL B 537 -1.30 -55.77 33.45
CA VAL B 537 -2.54 -56.38 32.94
C VAL B 537 -3.60 -56.46 34.04
N GLU B 538 -3.16 -56.81 35.25
CA GLU B 538 -4.03 -56.89 36.42
C GLU B 538 -4.63 -55.53 36.78
N ALA B 539 -3.81 -54.50 36.69
CA ALA B 539 -4.22 -53.12 36.94
C ALA B 539 -5.17 -52.59 35.87
N ALA B 540 -4.86 -52.80 34.60
CA ALA B 540 -5.73 -52.32 33.52
C ALA B 540 -7.12 -52.98 33.55
N SER B 541 -7.19 -54.21 34.07
CA SER B 541 -8.44 -54.93 34.19
C SER B 541 -9.26 -54.40 35.35
N ALA B 542 -8.61 -54.15 36.48
CA ALA B 542 -9.25 -53.49 37.62
C ALA B 542 -9.85 -52.18 37.16
N ALA B 543 -9.06 -51.40 36.42
CA ALA B 543 -9.50 -50.14 35.85
C ALA B 543 -10.77 -50.30 35.01
N MET B 544 -10.78 -51.32 34.14
CA MET B 544 -11.94 -51.58 33.27
C MET B 544 -13.18 -52.01 34.03
N SER B 545 -12.99 -52.84 35.05
CA SER B 545 -14.08 -53.26 35.92
C SER B 545 -14.59 -52.13 36.81
N GLY B 546 -14.13 -50.89 36.60
CA GLY B 546 -14.52 -49.78 37.42
C GLY B 546 -14.05 -49.86 38.86
N GLU B 547 -13.17 -50.79 39.17
CA GLU B 547 -12.77 -51.04 40.55
C GLU B 547 -11.67 -50.07 40.99
N ALA B 548 -10.59 -50.03 40.23
CA ALA B 548 -9.48 -49.11 40.52
C ALA B 548 -9.12 -48.34 39.26
N ALA B 549 -9.93 -47.33 38.93
CA ALA B 549 -9.84 -46.65 37.63
C ALA B 549 -8.72 -45.62 37.57
N PHE B 550 -8.40 -45.06 38.73
CA PHE B 550 -7.55 -43.86 38.84
C PHE B 550 -6.09 -44.21 39.01
N TYR B 551 -5.55 -44.81 37.96
CA TYR B 551 -4.25 -45.45 38.03
C TYR B 551 -3.14 -44.44 38.34
N GLY B 552 -2.36 -44.74 39.37
CA GLY B 552 -1.17 -43.95 39.69
C GLY B 552 -1.46 -42.73 40.52
N LEU B 553 -2.75 -42.42 40.67
CA LEU B 553 -3.17 -41.30 41.51
C LEU B 553 -3.34 -41.79 42.92
N GLN B 554 -2.49 -41.33 43.83
CA GLN B 554 -2.68 -41.57 45.25
C GLN B 554 -3.76 -40.61 45.71
N PRO B 555 -4.45 -40.93 46.81
CA PRO B 555 -5.44 -40.01 47.34
C PRO B 555 -4.73 -38.87 48.08
N VAL B 556 -5.36 -37.70 48.08
CA VAL B 556 -4.70 -36.48 48.58
C VAL B 556 -5.51 -35.77 49.67
N ASP B 557 -4.94 -35.72 50.88
CA ASP B 557 -5.53 -34.98 52.00
C ASP B 557 -5.50 -33.50 51.72
N SER B 558 -6.34 -32.73 52.40
CA SER B 558 -6.48 -31.32 52.04
C SER B 558 -5.42 -30.41 52.67
N ASP B 559 -4.32 -31.00 53.09
CA ASP B 559 -3.10 -30.23 53.36
C ASP B 559 -1.92 -30.68 52.49
N LEU B 560 -2.21 -31.56 51.53
CA LEU B 560 -1.27 -32.06 50.53
C LEU B 560 -0.08 -32.77 51.15
N HIS B 561 -0.32 -33.49 52.23
CA HIS B 561 0.70 -34.33 52.83
C HIS B 561 1.10 -35.40 51.83
N ALA B 562 0.12 -35.87 51.07
CA ALA B 562 0.39 -36.84 50.01
C ALA B 562 1.56 -36.47 49.08
N PHE B 563 1.75 -35.17 48.82
CA PHE B 563 2.84 -34.70 47.94
C PHE B 563 3.99 -34.13 48.74
N ALA B 564 5.16 -34.74 48.65
CA ALA B 564 6.32 -34.27 49.42
C ALA B 564 6.85 -32.98 48.84
N ALA B 565 6.65 -32.82 47.53
CA ALA B 565 7.03 -31.56 46.86
C ALA B 565 6.30 -30.37 47.45
N HIS B 566 4.99 -30.52 47.58
CA HIS B 566 4.13 -29.48 48.12
C HIS B 566 4.49 -29.22 49.59
N GLN B 567 4.86 -30.27 50.33
CA GLN B 567 5.24 -30.09 51.72
C GLN B 567 6.44 -29.18 51.81
N SER B 568 7.39 -29.36 50.91
CA SER B 568 8.59 -28.53 50.90
C SER B 568 8.23 -27.08 50.57
N LEU B 569 7.17 -26.91 49.78
CA LEU B 569 6.66 -25.55 49.41
C LEU B 569 6.09 -24.88 50.64
N LEU B 570 5.26 -25.60 51.37
CA LEU B 570 4.66 -25.05 52.57
C LEU B 570 5.67 -24.73 53.67
N LYS B 571 6.68 -25.60 53.81
CA LYS B 571 7.77 -25.40 54.81
C LYS B 571 8.52 -24.12 54.52
N ALA B 572 8.61 -23.79 53.23
CA ALA B 572 9.23 -22.54 52.80
C ALA B 572 8.34 -21.35 53.14
N TYR B 573 7.05 -21.48 52.88
CA TYR B 573 6.12 -20.39 53.11
C TYR B 573 5.96 -20.09 54.60
N GLU B 574 6.05 -21.12 55.44
CA GLU B 574 6.08 -20.92 56.92
C GLU B 574 7.16 -19.90 57.31
N LYS B 575 8.32 -19.98 56.67
CA LYS B 575 9.44 -19.10 57.00
C LYS B 575 9.11 -17.66 56.73
N LEU B 576 8.25 -17.46 55.73
CA LEU B 576 7.80 -16.11 55.37
C LEU B 576 6.69 -15.62 56.28
N GLN B 577 5.77 -16.50 56.64
CA GLN B 577 4.72 -16.15 57.60
C GLN B 577 5.30 -15.61 58.91
N ARG B 578 6.27 -16.33 59.45
CA ARG B 578 6.89 -16.00 60.72
C ARG B 578 7.55 -14.65 60.58
N ALA B 579 8.15 -14.43 59.43
CA ALA B 579 8.86 -13.18 59.17
C ALA B 579 7.90 -12.01 59.10
N LYS B 580 6.71 -12.27 58.56
CA LYS B 580 5.64 -11.28 58.45
C LYS B 580 5.04 -10.95 59.80
N ALA B 581 4.79 -12.00 60.60
CA ALA B 581 4.28 -11.83 61.95
C ALA B 581 5.22 -10.92 62.69
N ALA B 582 6.51 -11.27 62.68
CA ALA B 582 7.51 -10.47 63.37
C ALA B 582 7.37 -8.98 63.07
N PHE B 583 7.29 -8.68 61.77
CA PHE B 583 7.26 -7.34 61.27
C PHE B 583 6.03 -6.53 61.70
N TRP B 584 4.91 -7.18 61.95
CA TRP B 584 3.72 -6.47 62.35
C TRP B 584 3.33 -6.69 63.88
N GLU C 14 70.69 7.65 -40.57
CA GLU C 14 71.17 6.38 -41.22
C GLU C 14 72.05 5.58 -40.24
N ASP C 15 73.10 6.25 -39.82
CA ASP C 15 73.91 5.76 -38.71
C ASP C 15 73.09 5.87 -37.46
N SER C 16 72.56 7.07 -37.24
CA SER C 16 71.75 7.37 -36.06
C SER C 16 70.66 6.31 -35.88
N ILE C 17 70.04 5.91 -37.00
CA ILE C 17 68.94 4.92 -36.98
C ILE C 17 69.47 3.54 -36.56
N ALA C 18 70.53 3.13 -37.24
CA ALA C 18 71.10 1.82 -37.03
C ALA C 18 71.56 1.66 -35.60
N ARG C 19 72.31 2.65 -35.11
CA ARG C 19 72.75 2.68 -33.71
C ARG C 19 71.54 2.56 -32.75
N PHE C 20 70.57 3.46 -32.90
CA PHE C 20 69.46 3.56 -31.93
C PHE C 20 68.69 2.25 -31.90
N GLN C 21 68.40 1.70 -33.07
CA GLN C 21 67.68 0.44 -33.14
C GLN C 21 68.43 -0.64 -32.39
N GLN C 22 69.73 -0.71 -32.67
CA GLN C 22 70.60 -1.69 -32.04
C GLN C 22 70.55 -1.53 -30.54
N LYS C 23 70.76 -0.31 -30.08
CA LYS C 23 70.86 -0.07 -28.66
C LYS C 23 69.55 -0.37 -27.96
N LEU C 24 68.43 -0.06 -28.61
CA LEU C 24 67.11 -0.37 -28.05
C LEU C 24 66.89 -1.87 -27.90
N SER C 25 67.39 -2.61 -28.87
CA SER C 25 67.27 -4.05 -28.88
C SER C 25 68.09 -4.66 -27.74
N ASP C 26 69.37 -4.28 -27.66
CA ASP C 26 70.29 -4.68 -26.57
C ASP C 26 69.73 -4.41 -25.21
N LEU C 27 69.02 -3.30 -25.06
CA LEU C 27 68.38 -2.94 -23.78
C LEU C 27 67.20 -3.84 -23.41
N GLY C 28 66.68 -4.56 -24.42
CA GLY C 28 65.61 -5.55 -24.26
C GLY C 28 64.24 -5.06 -24.67
N PHE C 29 64.21 -4.15 -25.65
CA PHE C 29 62.96 -3.52 -26.11
C PHE C 29 62.64 -3.94 -27.54
N GLN C 30 61.45 -4.47 -27.74
CA GLN C 30 60.97 -4.80 -29.07
C GLN C 30 60.19 -3.62 -29.61
N ILE C 31 60.83 -2.85 -30.47
CA ILE C 31 60.24 -1.64 -31.02
C ILE C 31 59.69 -1.92 -32.40
N GLU C 32 58.51 -1.39 -32.69
CA GLU C 32 57.79 -1.69 -33.92
C GLU C 32 57.25 -0.41 -34.55
N GLU C 33 57.21 -0.36 -35.87
CA GLU C 33 56.80 0.87 -36.58
C GLU C 33 55.36 0.80 -37.01
N ALA C 34 54.52 1.61 -36.39
CA ALA C 34 53.07 1.45 -36.54
C ALA C 34 52.56 2.08 -37.81
N SER C 35 52.74 3.37 -38.00
CA SER C 35 52.06 3.99 -39.12
C SER C 35 52.73 5.22 -39.65
N TRP C 36 53.07 5.16 -40.93
CA TRP C 36 53.74 6.24 -41.60
C TRP C 36 52.75 7.25 -42.14
N LEU C 37 53.29 8.39 -42.58
CA LEU C 37 52.50 9.45 -43.21
C LEU C 37 53.39 10.39 -44.00
N ASN C 38 52.90 10.84 -45.14
CA ASN C 38 53.67 11.69 -46.04
C ASN C 38 52.73 12.71 -46.66
N PRO C 39 51.92 13.36 -45.82
CA PRO C 39 50.77 14.21 -46.22
C PRO C 39 51.05 15.15 -47.39
N VAL C 40 52.10 15.95 -47.28
CA VAL C 40 52.54 16.82 -48.38
C VAL C 40 54.00 16.53 -48.71
N PRO C 41 54.51 17.10 -49.83
CA PRO C 41 55.92 16.95 -50.12
C PRO C 41 56.81 17.44 -48.99
N ASN C 42 57.90 16.72 -48.74
CA ASN C 42 58.91 17.15 -47.77
C ASN C 42 58.42 17.20 -46.32
N VAL C 43 57.44 16.36 -46.00
CA VAL C 43 56.92 16.22 -44.65
C VAL C 43 56.51 14.78 -44.39
N TRP C 44 57.08 14.22 -43.33
CA TRP C 44 56.79 12.86 -42.94
C TRP C 44 56.53 12.76 -41.46
N SER C 45 55.99 11.62 -41.06
CA SER C 45 55.92 11.27 -39.66
C SER C 45 55.70 9.79 -39.50
N VAL C 46 56.06 9.26 -38.34
CA VAL C 46 55.91 7.87 -38.06
C VAL C 46 55.58 7.72 -36.60
N HIS C 47 54.87 6.65 -36.29
CA HIS C 47 54.53 6.28 -34.93
C HIS C 47 55.29 4.99 -34.63
N ILE C 48 56.04 4.99 -33.54
CA ILE C 48 56.70 3.77 -33.08
C ILE C 48 56.25 3.40 -31.68
N ARG C 49 56.25 2.12 -31.43
CA ARG C 49 55.59 1.56 -30.27
C ARG C 49 56.43 0.42 -29.68
N ASP C 50 56.34 0.24 -28.36
CA ASP C 50 56.89 -0.94 -27.69
C ASP C 50 55.92 -2.10 -27.88
N LYS C 51 56.38 -3.16 -28.53
CA LYS C 51 55.56 -4.33 -28.80
C LYS C 51 55.04 -5.01 -27.53
N GLU C 52 55.65 -4.73 -26.38
CA GLU C 52 55.28 -5.34 -25.11
C GLU C 52 54.72 -4.37 -24.09
N CYS C 53 54.64 -3.09 -24.41
CA CYS C 53 53.93 -2.12 -23.54
C CYS C 53 53.26 -1.05 -24.40
N ALA C 54 51.95 -0.98 -24.30
CA ALA C 54 51.16 -0.07 -25.15
C ALA C 54 51.44 1.40 -24.84
N LEU C 55 51.78 1.67 -23.59
CA LEU C 55 51.96 3.04 -23.12
C LEU C 55 53.28 3.65 -23.57
N CYS C 56 54.29 2.82 -23.85
CA CYS C 56 55.56 3.32 -24.33
C CYS C 56 55.49 3.47 -25.85
N PHE C 57 55.43 4.72 -26.32
CA PHE C 57 55.42 5.00 -27.74
C PHE C 57 55.85 6.43 -28.02
N THR C 58 56.36 6.67 -29.24
CA THR C 58 56.75 8.02 -29.67
C THR C 58 56.31 8.36 -31.07
N ASN C 59 56.46 9.64 -31.41
CA ASN C 59 56.13 10.11 -32.74
C ASN C 59 57.25 10.90 -33.33
N GLY C 60 57.71 10.45 -34.49
CA GLY C 60 58.80 11.10 -35.18
C GLY C 60 58.28 11.92 -36.34
N LYS C 61 59.02 12.98 -36.68
CA LYS C 61 58.65 13.88 -37.76
C LYS C 61 59.89 14.47 -38.36
N GLY C 62 59.88 14.67 -39.67
CA GLY C 62 61.04 15.22 -40.36
C GLY C 62 60.70 15.44 -41.80
N ALA C 63 61.61 16.02 -42.57
CA ALA C 63 61.32 16.36 -43.97
C ALA C 63 61.62 15.23 -44.98
N THR C 64 62.18 14.12 -44.50
CA THR C 64 62.47 12.96 -45.34
C THR C 64 61.96 11.78 -44.50
N LYS C 65 61.78 10.60 -45.10
CA LYS C 65 61.28 9.45 -44.34
C LYS C 65 62.22 9.06 -43.20
N LYS C 66 63.51 8.97 -43.51
CA LYS C 66 64.51 8.61 -42.49
C LYS C 66 64.60 9.68 -41.39
N ALA C 67 64.64 10.96 -41.77
CA ALA C 67 64.66 12.05 -40.79
C ALA C 67 63.64 11.83 -39.69
N ALA C 68 62.45 11.39 -40.12
CA ALA C 68 61.33 11.09 -39.24
C ALA C 68 61.57 9.86 -38.39
N LEU C 69 62.07 8.77 -38.97
CA LEU C 69 62.35 7.56 -38.18
C LEU C 69 63.43 7.80 -37.13
N ALA C 70 64.45 8.57 -37.51
CA ALA C 70 65.50 8.98 -36.57
C ALA C 70 64.92 9.84 -35.46
N SER C 71 63.97 10.69 -35.81
CA SER C 71 63.29 11.52 -34.83
C SER C 71 62.51 10.67 -33.83
N ALA C 72 61.78 9.70 -34.36
CA ALA C 72 60.94 8.84 -33.55
C ALA C 72 61.79 8.11 -32.56
N LEU C 73 62.95 7.65 -33.04
CA LEU C 73 63.86 6.85 -32.21
C LEU C 73 64.58 7.71 -31.19
N GLY C 74 64.98 8.89 -31.63
CA GLY C 74 65.60 9.85 -30.73
C GLY C 74 64.67 10.23 -29.59
N GLU C 75 63.43 10.54 -29.91
CA GLU C 75 62.44 10.79 -28.86
C GLU C 75 62.26 9.56 -27.98
N TYR C 76 62.47 8.37 -28.51
CA TYR C 76 62.30 7.17 -27.71
C TYR C 76 63.36 7.17 -26.58
N PHE C 77 64.61 7.50 -26.92
CA PHE C 77 65.65 7.54 -25.91
C PHE C 77 65.52 8.73 -24.97
N GLU C 78 65.04 9.85 -25.52
CA GLU C 78 64.71 11.05 -24.72
C GLU C 78 63.80 10.68 -23.57
N ARG C 79 62.79 9.87 -23.88
CA ARG C 79 61.73 9.54 -22.95
C ARG C 79 62.03 8.35 -22.04
N LEU C 80 62.90 7.44 -22.46
CA LEU C 80 63.36 6.38 -21.55
C LEU C 80 64.43 6.91 -20.60
N SER C 81 65.32 7.72 -21.16
CA SER C 81 66.38 8.28 -20.37
C SER C 81 65.78 9.12 -19.21
N THR C 82 64.82 9.97 -19.53
CA THR C 82 64.20 10.85 -18.52
C THR C 82 63.14 10.18 -17.64
N ASN C 83 62.82 8.92 -17.94
CA ASN C 83 61.72 8.17 -17.32
C ASN C 83 60.31 8.71 -17.63
N TYR C 84 60.19 9.58 -18.64
CA TYR C 84 58.95 10.32 -18.86
C TYR C 84 57.75 9.43 -19.17
N PHE C 85 57.96 8.29 -19.81
CA PHE C 85 56.84 7.35 -20.05
C PHE C 85 56.08 7.02 -18.77
N PHE C 86 56.82 6.88 -17.67
CA PHE C 86 56.28 6.39 -16.40
C PHE C 86 55.88 7.55 -15.47
N ALA C 87 55.97 8.77 -15.97
CA ALA C 87 55.80 9.98 -15.16
C ALA C 87 54.38 10.24 -14.69
N ASP C 88 53.39 9.60 -15.32
CA ASP C 88 51.99 9.82 -14.94
C ASP C 88 51.41 8.70 -14.06
N PHE C 89 52.29 7.81 -13.59
CA PHE C 89 51.88 6.58 -12.94
C PHE C 89 52.62 6.31 -11.64
N TRP C 90 51.91 5.80 -10.66
CA TRP C 90 52.50 5.23 -9.46
C TRP C 90 53.11 3.87 -9.82
N LEU C 91 54.32 3.59 -9.34
CA LEU C 91 55.08 2.41 -9.79
C LEU C 91 54.97 1.23 -8.81
N GLY C 92 54.09 1.39 -7.83
CA GLY C 92 53.74 0.28 -6.95
C GLY C 92 54.67 0.22 -5.76
N GLU C 93 54.28 -0.58 -4.79
CA GLU C 93 54.91 -0.58 -3.47
C GLU C 93 56.30 -1.17 -3.46
N THR C 94 56.55 -2.17 -4.29
CA THR C 94 57.88 -2.77 -4.36
C THR C 94 58.94 -1.79 -4.87
N ILE C 95 58.69 -1.18 -6.03
CA ILE C 95 59.61 -0.21 -6.67
C ILE C 95 59.79 1.01 -5.79
N ALA C 96 58.69 1.45 -5.19
CA ALA C 96 58.66 2.58 -4.24
C ALA C 96 59.55 2.40 -3.01
N ASN C 97 59.69 1.15 -2.56
CA ASN C 97 60.52 0.80 -1.40
C ASN C 97 61.83 0.10 -1.80
N GLY C 98 62.21 0.20 -3.06
CA GLY C 98 63.41 -0.46 -3.58
C GLY C 98 64.68 0.35 -3.35
N PRO C 99 65.85 -0.17 -3.80
CA PRO C 99 67.11 0.53 -3.64
C PRO C 99 67.02 1.97 -4.13
N PHE C 100 66.66 2.16 -5.39
CA PHE C 100 66.39 3.49 -5.92
C PHE C 100 65.11 3.43 -6.75
N VAL C 101 64.37 4.53 -6.79
CA VAL C 101 63.12 4.58 -7.54
C VAL C 101 63.39 5.15 -8.94
N HIS C 102 63.91 6.38 -8.96
CA HIS C 102 64.11 7.13 -10.21
C HIS C 102 65.50 6.90 -10.85
N TYR C 103 66.54 7.34 -10.15
CA TYR C 103 67.91 7.04 -10.55
C TYR C 103 68.71 6.67 -9.31
N PRO C 104 69.78 5.87 -9.47
CA PRO C 104 70.74 5.62 -8.40
C PRO C 104 71.27 6.91 -7.73
N ASN C 105 71.53 7.91 -8.56
CA ASN C 105 71.89 9.29 -8.34
C ASN C 105 71.03 10.14 -7.44
N GLU C 106 69.82 9.66 -7.25
CA GLU C 106 68.76 10.44 -6.63
C GLU C 106 69.10 10.63 -5.17
N LYS C 107 68.32 11.41 -4.47
CA LYS C 107 68.60 11.69 -3.08
C LYS C 107 67.31 11.98 -2.32
N TRP C 108 67.15 11.33 -1.17
CA TRP C 108 65.90 11.38 -0.42
C TRP C 108 66.01 12.22 0.84
N PHE C 109 65.14 13.21 0.98
CA PHE C 109 65.21 14.17 2.08
C PHE C 109 63.97 13.98 2.97
N PRO C 110 64.14 13.39 4.16
CA PRO C 110 62.96 13.09 5.00
C PRO C 110 62.22 14.33 5.39
N LEU C 111 60.92 14.21 5.61
CA LEU C 111 60.13 15.37 6.01
C LEU C 111 60.56 15.84 7.39
N THR C 112 60.46 17.15 7.60
CA THR C 112 60.90 17.76 8.85
C THR C 112 59.72 17.86 9.80
N GLU C 113 60.01 18.21 11.04
CA GLU C 113 58.98 18.16 12.11
C GLU C 113 57.87 19.20 11.98
N ASN C 114 58.22 20.35 11.45
CA ASN C 114 57.26 21.41 11.18
C ASN C 114 56.85 21.41 9.72
N ASP C 115 57.35 20.42 8.98
CA ASP C 115 57.07 20.23 7.55
C ASP C 115 57.49 21.38 6.64
N ASP C 116 58.65 21.96 6.90
CA ASP C 116 59.28 22.86 5.95
C ASP C 116 59.91 22.03 4.84
N VAL C 117 60.40 22.69 3.80
CA VAL C 117 61.08 22.01 2.70
C VAL C 117 62.51 21.83 3.17
N PRO C 118 62.94 20.58 3.38
CA PRO C 118 64.31 20.30 3.83
C PRO C 118 65.43 21.14 3.17
N GLU C 119 66.53 21.34 3.90
CA GLU C 119 67.56 22.35 3.60
C GLU C 119 68.39 21.97 2.34
N GLY C 120 68.71 20.68 2.17
CA GLY C 120 69.54 20.28 1.02
C GLY C 120 68.90 20.40 -0.35
N LEU C 121 67.60 20.72 -0.37
CA LEU C 121 66.84 20.76 -1.61
C LEU C 121 66.87 22.12 -2.24
N LEU C 122 66.65 22.15 -3.55
CA LEU C 122 66.59 23.38 -4.31
C LEU C 122 67.87 24.17 -4.08
N ASP C 123 67.84 25.44 -4.46
CA ASP C 123 68.79 26.41 -4.00
C ASP C 123 68.01 27.66 -3.55
N ASP C 124 68.65 28.83 -3.52
CA ASP C 124 68.02 30.04 -2.97
C ASP C 124 67.14 30.77 -3.98
N ARG C 125 67.59 30.86 -5.22
CA ARG C 125 66.82 31.49 -6.29
C ARG C 125 65.56 30.67 -6.57
N LEU C 126 65.72 29.34 -6.62
CA LEU C 126 64.62 28.44 -6.85
C LEU C 126 63.56 28.58 -5.76
N ARG C 127 63.99 28.50 -4.50
CA ARG C 127 63.07 28.70 -3.37
C ARG C 127 62.28 30.01 -3.44
N ALA C 128 62.90 31.07 -3.96
CA ALA C 128 62.27 32.37 -4.13
C ALA C 128 61.22 32.35 -5.25
N PHE C 129 61.54 31.63 -6.32
CA PHE C 129 60.67 31.51 -7.49
C PHE C 129 59.46 30.61 -7.26
N TYR C 130 59.69 29.38 -6.82
CA TYR C 130 58.61 28.41 -6.57
C TYR C 130 57.75 28.79 -5.38
N ASP C 131 58.36 29.38 -4.37
CA ASP C 131 57.66 29.65 -3.13
C ASP C 131 57.94 31.01 -2.48
N PRO C 132 57.53 32.09 -3.14
CA PRO C 132 57.93 33.40 -2.66
C PRO C 132 57.41 33.66 -1.27
N GLU C 133 56.22 33.17 -0.95
CA GLU C 133 55.59 33.50 0.34
C GLU C 133 56.13 32.63 1.46
N ASN C 134 57.03 31.71 1.12
CA ASN C 134 57.57 30.76 2.07
C ASN C 134 56.51 29.87 2.77
N GLU C 135 55.45 29.51 2.08
CA GLU C 135 54.37 28.69 2.64
C GLU C 135 54.37 27.24 2.15
N LEU C 136 55.30 26.90 1.29
CA LEU C 136 55.33 25.59 0.67
C LEU C 136 55.72 24.58 1.69
N THR C 137 54.93 23.52 1.84
CA THR C 137 55.25 22.48 2.82
C THR C 137 55.95 21.29 2.15
N GLY C 138 56.63 20.50 2.93
CA GLY C 138 57.44 19.39 2.39
C GLY C 138 56.64 18.20 1.90
N SER C 139 55.56 17.91 2.61
CA SER C 139 54.68 16.80 2.30
C SER C 139 53.90 17.00 0.97
N MET C 140 53.78 18.25 0.52
CA MET C 140 53.28 18.54 -0.84
C MET C 140 54.23 18.11 -1.96
N LEU C 141 55.50 17.84 -1.63
CA LEU C 141 56.51 17.55 -2.65
C LEU C 141 56.87 16.07 -2.80
N ILE C 142 55.98 15.19 -2.35
CA ILE C 142 56.22 13.76 -2.47
C ILE C 142 55.97 13.32 -3.91
N ASP C 143 57.00 12.79 -4.56
CA ASP C 143 56.88 12.33 -5.93
C ASP C 143 55.72 11.34 -6.11
N LEU C 144 55.17 11.29 -7.31
CA LEU C 144 54.01 10.45 -7.60
C LEU C 144 54.38 8.97 -7.74
N GLN C 145 55.48 8.74 -8.46
CA GLN C 145 55.99 7.39 -8.75
C GLN C 145 56.17 6.45 -7.54
N SER C 146 56.66 7.01 -6.44
CA SER C 146 56.87 6.23 -5.24
C SER C 146 55.68 6.41 -4.29
N GLY C 147 55.18 7.65 -4.17
CA GLY C 147 54.14 7.98 -3.19
C GLY C 147 54.59 7.64 -1.77
N ASN C 148 55.89 7.72 -1.53
CA ASN C 148 56.48 7.16 -0.33
C ASN C 148 56.82 8.23 0.69
N GLU C 149 55.78 8.75 1.32
CA GLU C 149 55.92 9.82 2.28
C GLU C 149 56.97 9.51 3.37
N ASP C 150 57.00 8.26 3.84
CA ASP C 150 57.91 7.85 4.91
C ASP C 150 59.35 7.97 4.47
N ARG C 151 59.64 7.62 3.23
CA ARG C 151 60.98 7.75 2.70
C ARG C 151 61.36 9.19 2.42
N GLY C 152 60.35 10.00 2.11
CA GLY C 152 60.54 11.44 2.00
C GLY C 152 60.52 11.94 0.58
N ILE C 153 61.08 13.13 0.41
CA ILE C 153 61.03 13.87 -0.85
C ILE C 153 62.15 13.43 -1.76
N CYS C 154 61.82 12.75 -2.85
CA CYS C 154 62.87 12.41 -3.79
C CYS C 154 63.25 13.67 -4.55
N GLY C 155 64.56 13.89 -4.63
CA GLY C 155 65.13 14.98 -5.37
C GLY C 155 66.17 14.48 -6.36
N LEU C 156 66.14 15.05 -7.56
CA LEU C 156 67.04 14.66 -8.63
C LEU C 156 68.15 15.66 -8.81
N PRO C 157 69.33 15.18 -9.19
CA PRO C 157 70.52 16.04 -9.34
C PRO C 157 70.53 16.78 -10.67
N PHE C 158 70.81 18.08 -10.61
CA PHE C 158 70.93 18.91 -11.78
C PHE C 158 72.18 19.78 -11.63
N THR C 159 73.01 19.83 -12.67
CA THR C 159 74.18 20.72 -12.70
C THR C 159 73.76 22.17 -12.98
N ARG C 160 73.75 23.00 -11.94
CA ARG C 160 73.56 24.42 -12.12
C ARG C 160 74.69 24.97 -12.98
N GLN C 161 74.37 25.72 -14.03
CA GLN C 161 75.31 25.94 -15.11
C GLN C 161 76.28 27.09 -14.90
N SER C 162 75.85 28.15 -14.21
CA SER C 162 76.76 29.27 -13.97
C SER C 162 78.00 28.87 -13.16
N ASP C 163 77.79 28.15 -12.06
CA ASP C 163 78.88 27.74 -11.16
C ASP C 163 79.15 26.22 -11.12
N ASN C 164 78.63 25.51 -12.11
CA ASN C 164 78.83 24.06 -12.22
C ASN C 164 78.59 23.21 -10.95
N GLN C 165 77.76 23.70 -10.03
CA GLN C 165 77.41 22.96 -8.81
C GLN C 165 76.12 22.16 -8.95
N THR C 166 76.09 21.03 -8.25
CA THR C 166 74.91 20.16 -8.23
C THR C 166 73.81 20.79 -7.39
N VAL C 167 72.58 20.73 -7.88
CA VAL C 167 71.41 21.18 -7.14
C VAL C 167 70.35 20.06 -7.18
N TYR C 168 69.72 19.80 -6.03
CA TYR C 168 68.72 18.76 -5.94
C TYR C 168 67.33 19.35 -6.09
N ILE C 169 66.61 18.93 -7.15
CA ILE C 169 65.24 19.44 -7.40
C ILE C 169 64.26 18.30 -7.18
N PRO C 170 63.21 18.52 -6.34
CA PRO C 170 62.28 17.45 -6.05
C PRO C 170 61.61 16.96 -7.32
N MET C 171 61.48 15.65 -7.46
CA MET C 171 60.87 15.07 -8.66
C MET C 171 59.45 15.61 -8.81
N ASN C 172 58.76 15.77 -7.68
CA ASN C 172 57.44 16.39 -7.70
C ASN C 172 57.41 17.72 -8.46
N ILE C 173 58.36 18.62 -8.20
CA ILE C 173 58.39 19.92 -8.84
C ILE C 173 58.71 19.79 -10.33
N ILE C 174 59.75 19.04 -10.66
CA ILE C 174 60.16 18.79 -12.04
C ILE C 174 58.97 18.39 -12.84
N GLY C 175 58.28 17.35 -12.35
CA GLY C 175 57.22 16.66 -13.10
C GLY C 175 55.92 17.44 -13.25
N ASN C 176 55.58 18.25 -12.25
CA ASN C 176 54.35 19.04 -12.25
C ASN C 176 54.42 20.29 -13.06
N LEU C 177 55.59 20.91 -13.11
CA LEU C 177 55.72 22.21 -13.75
C LEU C 177 56.48 22.20 -15.05
N TYR C 178 57.32 21.20 -15.28
CA TYR C 178 58.11 21.22 -16.48
C TYR C 178 57.74 20.12 -17.44
N VAL C 179 57.25 19.01 -16.91
CA VAL C 179 56.88 17.86 -17.73
C VAL C 179 57.90 17.54 -18.84
N SER C 180 57.42 17.28 -20.06
CA SER C 180 58.27 16.91 -21.17
C SER C 180 58.95 18.11 -21.84
N ASN C 181 59.05 19.25 -21.15
CA ASN C 181 59.69 20.41 -21.76
C ASN C 181 61.18 20.60 -21.45
N GLY C 182 61.95 20.72 -22.53
CA GLY C 182 63.36 20.88 -22.45
C GLY C 182 64.08 19.56 -22.31
N MET C 183 63.41 18.46 -22.62
CA MET C 183 64.12 17.20 -22.73
C MET C 183 64.63 17.01 -24.13
N SER C 184 65.73 16.29 -24.21
CA SER C 184 66.29 15.95 -25.49
C SER C 184 67.23 14.77 -25.41
N ALA C 185 67.43 14.14 -26.57
CA ALA C 185 68.41 13.10 -26.73
C ALA C 185 69.15 13.42 -28.02
N GLY C 186 70.37 12.91 -28.17
CA GLY C 186 71.14 13.20 -29.37
C GLY C 186 72.30 12.27 -29.67
N ASN C 187 72.92 12.53 -30.81
CA ASN C 187 74.13 11.82 -31.21
C ASN C 187 75.33 12.26 -30.40
N THR C 188 75.29 13.49 -29.87
CA THR C 188 76.37 14.02 -29.05
C THR C 188 75.78 14.76 -27.87
N ARG C 189 76.58 14.95 -26.83
CA ARG C 189 76.16 15.78 -25.71
C ARG C 189 75.60 17.11 -26.19
N ASN C 190 76.35 17.81 -27.04
CA ASN C 190 75.97 19.15 -27.42
C ASN C 190 74.79 19.24 -28.38
N GLU C 191 74.72 18.30 -29.32
CA GLU C 191 73.58 18.23 -30.24
C GLU C 191 72.29 18.20 -29.42
N ALA C 192 72.26 17.29 -28.44
CA ALA C 192 71.09 17.12 -27.57
C ALA C 192 70.76 18.37 -26.78
N ARG C 193 71.79 19.01 -26.24
CA ARG C 193 71.56 20.21 -25.44
C ARG C 193 71.07 21.39 -26.25
N VAL C 194 71.60 21.52 -27.46
CA VAL C 194 71.15 22.57 -28.33
C VAL C 194 69.68 22.31 -28.79
N GLN C 195 69.31 21.06 -29.05
CA GLN C 195 67.89 20.71 -29.32
C GLN C 195 67.01 21.08 -28.12
N GLY C 196 67.39 20.62 -26.93
CA GLY C 196 66.64 20.91 -25.69
C GLY C 196 66.55 22.38 -25.28
N LEU C 197 67.63 23.15 -25.45
CA LEU C 197 67.61 24.58 -25.12
C LEU C 197 66.76 25.34 -26.11
N SER C 198 66.81 24.91 -27.37
CA SER C 198 65.94 25.45 -28.39
C SER C 198 64.47 25.15 -28.04
N GLU C 199 64.17 23.92 -27.64
CA GLU C 199 62.82 23.52 -27.18
C GLU C 199 62.35 24.49 -26.10
N VAL C 200 63.27 24.97 -25.28
CA VAL C 200 62.89 25.95 -24.23
C VAL C 200 62.49 27.30 -24.83
N PHE C 201 63.27 27.77 -25.80
CA PHE C 201 62.94 29.03 -26.49
C PHE C 201 61.62 28.93 -27.26
N GLU C 202 61.45 27.84 -28.00
CA GLU C 202 60.21 27.56 -28.73
C GLU C 202 59.05 27.94 -27.83
N ARG C 203 58.99 27.27 -26.68
CA ARG C 203 57.82 27.32 -25.83
C ARG C 203 57.69 28.60 -25.03
N TYR C 204 58.81 29.19 -24.63
CA TYR C 204 58.78 30.46 -23.88
C TYR C 204 58.32 31.59 -24.79
N VAL C 205 58.92 31.66 -25.98
CA VAL C 205 58.59 32.72 -26.95
C VAL C 205 57.15 32.56 -27.38
N LYS C 206 56.79 31.33 -27.71
CA LYS C 206 55.42 31.01 -28.08
C LYS C 206 54.45 31.65 -27.08
N ASN C 207 54.64 31.32 -25.82
CA ASN C 207 53.73 31.80 -24.78
C ASN C 207 53.67 33.31 -24.66
N ARG C 208 54.67 34.00 -25.19
CA ARG C 208 54.67 35.43 -25.18
C ARG C 208 53.93 35.95 -26.38
N ILE C 209 54.32 35.45 -27.53
CA ILE C 209 53.65 35.79 -28.77
C ILE C 209 52.13 35.64 -28.66
N ILE C 210 51.71 34.56 -27.98
CA ILE C 210 50.30 34.24 -27.82
C ILE C 210 49.70 35.10 -26.75
N ALA C 211 50.19 34.96 -25.53
CA ALA C 211 49.56 35.65 -24.37
C ALA C 211 49.54 37.17 -24.51
N GLU C 212 50.61 37.73 -25.08
CA GLU C 212 50.71 39.16 -25.29
C GLU C 212 50.08 39.63 -26.61
N SER C 213 49.44 38.71 -27.35
CA SER C 213 48.67 39.05 -28.55
C SER C 213 49.53 39.85 -29.51
N ILE C 214 50.69 39.30 -29.81
CA ILE C 214 51.69 40.00 -30.63
C ILE C 214 51.41 39.78 -32.11
N SER C 215 51.58 40.85 -32.92
CA SER C 215 51.61 40.74 -34.39
C SER C 215 53.04 40.52 -34.83
N LEU C 216 53.27 39.41 -35.50
CA LEU C 216 54.60 39.07 -35.98
C LEU C 216 54.76 39.54 -37.40
N PRO C 217 56.03 39.64 -37.85
CA PRO C 217 56.38 40.06 -39.21
C PRO C 217 56.59 38.89 -40.16
N GLU C 218 55.97 38.97 -41.34
CA GLU C 218 56.07 37.87 -42.31
C GLU C 218 57.51 37.65 -42.67
N ILE C 219 57.82 36.44 -43.05
CA ILE C 219 59.13 36.15 -43.57
C ILE C 219 59.08 36.49 -45.08
N PRO C 220 60.00 37.34 -45.56
CA PRO C 220 60.06 37.70 -46.98
C PRO C 220 60.19 36.50 -47.91
N ALA C 221 59.68 36.64 -49.13
CA ALA C 221 59.58 35.52 -50.07
C ALA C 221 60.94 35.03 -50.53
N ASP C 222 61.84 35.97 -50.77
CA ASP C 222 63.20 35.64 -51.19
C ASP C 222 63.99 34.92 -50.10
N VAL C 223 63.59 35.12 -48.84
CA VAL C 223 64.22 34.41 -47.71
C VAL C 223 63.72 32.97 -47.70
N LEU C 224 62.41 32.80 -47.88
CA LEU C 224 61.80 31.45 -47.91
C LEU C 224 62.41 30.67 -49.06
N ALA C 225 62.76 31.39 -50.11
CA ALA C 225 63.29 30.81 -51.36
C ALA C 225 64.54 29.97 -51.12
N ARG C 226 65.31 30.38 -50.11
CA ARG C 226 66.49 29.64 -49.68
C ARG C 226 66.20 28.17 -49.35
N TYR C 227 64.98 27.90 -48.92
CA TYR C 227 64.61 26.57 -48.45
C TYR C 227 63.47 26.01 -49.33
N PRO C 228 63.79 25.59 -50.57
CA PRO C 228 62.79 25.19 -51.56
C PRO C 228 61.90 24.01 -51.14
N ALA C 229 62.48 23.10 -50.39
CA ALA C 229 61.75 21.94 -49.88
C ALA C 229 60.61 22.31 -48.93
N VAL C 230 60.80 23.39 -48.18
CA VAL C 230 59.74 23.94 -47.33
C VAL C 230 58.74 24.72 -48.19
N VAL C 231 59.23 25.64 -49.04
CA VAL C 231 58.33 26.38 -50.00
C VAL C 231 57.41 25.45 -50.76
N GLU C 232 57.92 24.26 -51.08
CA GLU C 232 57.12 23.23 -51.76
C GLU C 232 56.01 22.67 -50.86
N ALA C 233 56.37 22.38 -49.61
CA ALA C 233 55.39 21.92 -48.64
C ALA C 233 54.30 22.96 -48.39
N ILE C 234 54.66 24.24 -48.45
CA ILE C 234 53.69 25.32 -48.25
C ILE C 234 52.80 25.56 -49.49
N GLU C 235 53.38 25.52 -50.68
CA GLU C 235 52.59 25.68 -51.90
C GLU C 235 51.58 24.57 -52.03
N THR C 236 51.95 23.36 -51.60
CA THR C 236 51.02 22.23 -51.64
C THR C 236 49.87 22.45 -50.66
N LEU C 237 50.17 22.80 -49.42
CA LEU C 237 49.13 23.09 -48.41
C LEU C 237 48.23 24.25 -48.84
N GLU C 238 48.81 25.23 -49.51
CA GLU C 238 48.06 26.41 -49.93
C GLU C 238 47.10 26.13 -51.09
N ALA C 239 47.60 25.40 -52.09
CA ALA C 239 46.79 24.93 -53.21
C ALA C 239 45.77 23.91 -52.75
N GLU C 240 46.12 23.11 -51.74
CA GLU C 240 45.17 22.17 -51.11
C GLU C 240 44.02 22.87 -50.38
N GLY C 241 44.01 24.20 -50.35
CA GLY C 241 42.93 24.97 -49.74
C GLY C 241 43.21 25.51 -48.35
N PHE C 242 44.47 25.51 -47.91
CA PHE C 242 44.84 25.98 -46.55
C PHE C 242 45.78 27.19 -46.60
N PRO C 243 45.24 28.39 -46.38
CA PRO C 243 46.13 29.54 -46.30
C PRO C 243 47.20 29.32 -45.24
N ILE C 244 48.44 29.70 -45.57
CA ILE C 244 49.57 29.63 -44.64
C ILE C 244 50.14 31.02 -44.35
N PHE C 245 50.61 31.24 -43.13
CA PHE C 245 51.39 32.42 -42.77
C PHE C 245 52.72 31.96 -42.18
N ALA C 246 53.82 32.44 -42.73
CA ALA C 246 55.14 32.18 -42.15
C ALA C 246 55.64 33.46 -41.44
N TYR C 247 56.18 33.32 -40.24
CA TYR C 247 56.48 34.47 -39.41
C TYR C 247 57.87 34.38 -38.77
N ASP C 248 58.47 35.53 -38.51
CA ASP C 248 59.68 35.60 -37.70
C ASP C 248 59.29 35.75 -36.23
N GLY C 249 59.53 34.70 -35.46
CA GLY C 249 59.21 34.72 -34.05
C GLY C 249 60.35 35.17 -33.15
N SER C 250 61.39 35.75 -33.75
CA SER C 250 62.56 36.21 -33.01
C SER C 250 62.30 37.42 -32.11
N LEU C 251 61.20 38.15 -32.36
CA LEU C 251 60.85 39.34 -31.58
C LEU C 251 61.93 40.40 -31.72
N GLY C 252 62.21 40.72 -32.98
CA GLY C 252 63.30 41.64 -33.31
C GLY C 252 64.67 41.02 -33.08
N GLY C 253 64.90 39.83 -33.61
CA GLY C 253 66.23 39.20 -33.59
C GLY C 253 66.73 38.59 -32.28
N GLN C 254 65.95 38.70 -31.20
CA GLN C 254 66.38 38.21 -29.86
C GLN C 254 66.49 36.68 -29.72
N TYR C 255 65.46 35.97 -30.19
CA TYR C 255 65.39 34.54 -30.00
C TYR C 255 65.32 33.81 -31.32
N PRO C 256 65.77 32.55 -31.35
CA PRO C 256 65.83 31.78 -32.60
C PRO C 256 64.55 31.00 -32.85
N VAL C 257 63.45 31.74 -33.03
CA VAL C 257 62.11 31.14 -33.11
C VAL C 257 61.35 31.55 -34.39
N ILE C 258 60.90 30.54 -35.14
CA ILE C 258 59.99 30.71 -36.28
C ILE C 258 58.58 30.30 -35.87
N CYS C 259 57.58 31.01 -36.39
CA CYS C 259 56.20 30.66 -36.16
C CYS C 259 55.47 30.57 -37.49
N VAL C 260 54.69 29.51 -37.69
CA VAL C 260 53.98 29.30 -38.93
C VAL C 260 52.56 28.91 -38.62
N VAL C 261 51.60 29.63 -39.19
CA VAL C 261 50.19 29.43 -38.87
C VAL C 261 49.41 28.97 -40.10
N LEU C 262 48.61 27.93 -39.90
CA LEU C 262 47.70 27.38 -40.92
C LEU C 262 46.26 27.84 -40.65
N PHE C 263 45.56 28.19 -41.71
CA PHE C 263 44.12 28.48 -41.67
C PHE C 263 43.37 27.32 -42.29
N ASN C 264 42.21 27.01 -41.72
CA ASN C 264 41.27 26.08 -42.34
C ASN C 264 39.93 26.74 -42.60
N PRO C 265 39.75 27.32 -43.80
CA PRO C 265 38.57 28.14 -44.13
C PRO C 265 37.28 27.35 -44.04
N ALA C 266 37.36 26.05 -44.27
CA ALA C 266 36.21 25.15 -44.14
C ALA C 266 35.53 25.18 -42.79
N ASN C 267 36.30 25.22 -41.70
CA ASN C 267 35.69 25.32 -40.35
C ASN C 267 35.95 26.66 -39.65
N GLY C 268 36.62 27.58 -40.37
CA GLY C 268 36.94 28.92 -39.86
C GLY C 268 37.95 28.96 -38.72
N THR C 269 38.84 27.98 -38.67
CA THR C 269 39.78 27.86 -37.57
C THR C 269 41.19 28.06 -38.02
N CYS C 270 42.09 28.28 -37.05
CA CYS C 270 43.53 28.39 -37.30
C CYS C 270 44.32 27.46 -36.39
N PHE C 271 45.55 27.15 -36.82
CA PHE C 271 46.46 26.31 -36.06
C PHE C 271 47.88 26.87 -36.13
N ALA C 272 48.36 27.35 -35.00
CA ALA C 272 49.69 27.97 -34.89
C ALA C 272 50.79 27.00 -34.43
N SER C 273 51.78 26.79 -35.28
CA SER C 273 52.98 26.02 -34.92
C SER C 273 54.18 26.94 -34.69
N PHE C 274 55.07 26.47 -33.81
CA PHE C 274 56.28 27.20 -33.42
C PHE C 274 57.46 26.23 -33.44
N GLY C 275 58.66 26.78 -33.50
CA GLY C 275 59.85 25.97 -33.65
C GLY C 275 61.07 26.82 -33.47
N ALA C 276 62.11 26.21 -32.90
CA ALA C 276 63.33 26.95 -32.62
C ALA C 276 64.55 26.11 -32.91
N HIS C 277 65.55 26.76 -33.49
CA HIS C 277 66.87 26.18 -33.67
C HIS C 277 67.81 27.32 -34.04
N PRO C 278 69.10 27.19 -33.68
CA PRO C 278 70.00 28.31 -33.94
C PRO C 278 70.09 28.69 -35.41
N ASP C 279 69.99 27.70 -36.27
CA ASP C 279 69.99 27.91 -37.70
C ASP C 279 68.57 28.18 -38.19
N PHE C 280 68.34 29.40 -38.68
CA PHE C 280 67.05 29.85 -39.23
C PHE C 280 66.30 28.81 -40.07
N GLY C 281 67.02 28.17 -40.99
CA GLY C 281 66.46 27.19 -41.91
C GLY C 281 65.96 25.93 -41.24
N VAL C 282 66.72 25.41 -40.28
CA VAL C 282 66.30 24.23 -39.53
C VAL C 282 65.04 24.57 -38.75
N ALA C 283 65.04 25.74 -38.12
CA ALA C 283 63.90 26.19 -37.32
C ALA C 283 62.65 26.32 -38.18
N LEU C 284 62.81 26.82 -39.40
CA LEU C 284 61.68 26.99 -40.31
C LEU C 284 61.07 25.63 -40.64
N GLU C 285 61.90 24.69 -41.07
CA GLU C 285 61.43 23.36 -41.40
C GLU C 285 60.82 22.62 -40.19
N ARG C 286 61.44 22.74 -39.01
CA ARG C 286 60.89 22.16 -37.78
C ARG C 286 59.48 22.68 -37.51
N THR C 287 59.25 23.98 -37.68
CA THR C 287 57.92 24.56 -37.48
C THR C 287 56.89 24.03 -38.50
N VAL C 288 57.27 23.97 -39.78
CA VAL C 288 56.42 23.41 -40.84
C VAL C 288 56.14 21.91 -40.66
N THR C 289 57.16 21.07 -40.45
CA THR C 289 56.87 19.62 -40.27
C THR C 289 55.91 19.37 -39.07
N GLU C 290 55.96 20.21 -38.03
CA GLU C 290 55.08 20.05 -36.87
C GLU C 290 53.62 20.44 -37.13
N LEU C 291 53.37 21.20 -38.18
CA LEU C 291 52.00 21.40 -38.63
C LEU C 291 51.26 20.07 -38.92
N LEU C 292 51.99 18.97 -39.20
CA LEU C 292 51.44 17.63 -39.45
C LEU C 292 52.22 16.49 -38.72
N ASP C 299 41.64 16.17 -42.42
CA ASP C 299 42.00 15.84 -41.04
C ASP C 299 42.56 16.99 -40.07
N LEU C 300 42.51 18.23 -40.56
CA LEU C 300 42.90 19.53 -39.91
C LEU C 300 41.68 20.29 -39.40
N ASP C 301 40.91 19.62 -38.53
CA ASP C 301 39.55 20.01 -38.19
C ASP C 301 39.33 20.17 -36.69
N VAL C 302 40.28 19.77 -35.84
CA VAL C 302 40.07 19.74 -34.39
C VAL C 302 40.54 21.04 -33.69
N PHE C 303 40.43 22.18 -34.39
CA PHE C 303 41.04 23.46 -33.98
C PHE C 303 40.03 24.49 -33.51
N THR C 304 40.55 25.66 -33.16
CA THR C 304 39.73 26.78 -32.64
C THR C 304 39.94 28.04 -33.46
N PRO C 305 38.88 28.84 -33.63
CA PRO C 305 39.02 30.05 -34.44
C PRO C 305 39.72 31.12 -33.65
N PRO C 306 40.30 32.11 -34.36
CA PRO C 306 41.01 33.19 -33.70
C PRO C 306 40.02 33.99 -32.88
N THR C 307 40.51 34.91 -32.06
CA THR C 307 39.65 35.64 -31.13
C THR C 307 40.21 37.02 -30.86
N PHE C 308 39.32 37.96 -30.58
CA PHE C 308 39.74 39.29 -30.09
C PHE C 308 39.76 39.37 -28.57
N ASP C 309 39.69 38.23 -27.88
CA ASP C 309 39.61 38.26 -26.43
C ASP C 309 41.01 38.35 -25.83
N ASP C 310 41.47 39.59 -25.69
CA ASP C 310 42.67 39.98 -24.96
C ASP C 310 42.97 39.00 -23.82
N GLU C 311 41.96 38.76 -22.99
CA GLU C 311 42.15 38.11 -21.69
C GLU C 311 42.09 36.60 -21.76
N GLU C 312 41.24 36.04 -22.61
CA GLU C 312 41.09 34.57 -22.66
C GLU C 312 42.28 33.92 -23.31
N VAL C 313 42.95 34.66 -24.21
CA VAL C 313 44.15 34.17 -24.88
C VAL C 313 45.28 34.02 -23.86
N ALA C 314 45.44 35.04 -23.03
CA ALA C 314 46.52 35.09 -22.04
C ALA C 314 46.35 34.12 -20.88
N GLU C 315 45.12 33.71 -20.60
CA GLU C 315 44.84 32.81 -19.49
C GLU C 315 45.81 31.61 -19.52
N HIS C 316 46.34 31.26 -18.35
CA HIS C 316 47.31 30.17 -18.18
C HIS C 316 46.79 28.84 -18.76
N THR C 317 45.51 28.58 -18.56
CA THR C 317 44.86 27.41 -19.11
C THR C 317 44.87 27.32 -20.66
N ASN C 318 44.96 28.47 -21.34
CA ASN C 318 45.01 28.49 -22.79
C ASN C 318 46.37 28.03 -23.26
N LEU C 319 47.39 28.53 -22.59
CA LEU C 319 48.77 28.22 -22.95
C LEU C 319 49.08 26.79 -22.57
N GLU C 320 48.51 26.34 -21.45
CA GLU C 320 48.63 24.95 -21.00
C GLU C 320 48.05 24.00 -22.05
N THR C 321 46.94 24.39 -22.68
CA THR C 321 46.36 23.61 -23.78
C THR C 321 47.32 23.56 -24.94
N HIS C 322 47.67 24.73 -25.46
CA HIS C 322 48.63 24.83 -26.57
C HIS C 322 49.81 23.87 -26.45
N PHE C 323 50.28 23.63 -25.22
CA PHE C 323 51.38 22.72 -25.00
C PHE C 323 50.97 21.26 -25.25
N ILE C 324 49.82 20.83 -24.71
CA ILE C 324 49.38 19.42 -24.80
C ILE C 324 49.08 19.01 -26.25
N ASP C 325 48.21 19.77 -26.88
CA ASP C 325 47.93 19.71 -28.32
C ASP C 325 47.78 21.16 -28.68
N SER C 326 47.91 21.51 -29.94
CA SER C 326 47.93 22.96 -30.30
C SER C 326 46.56 23.52 -30.70
N SER C 327 45.49 22.93 -30.17
CA SER C 327 44.13 23.49 -30.29
C SER C 327 43.84 24.49 -29.17
N GLY C 328 44.48 25.65 -29.23
CA GLY C 328 44.24 26.71 -28.27
C GLY C 328 43.85 27.99 -28.98
N LEU C 329 43.53 29.02 -28.20
CA LEU C 329 43.09 30.31 -28.74
C LEU C 329 44.24 31.23 -29.15
N ILE C 330 44.18 31.68 -30.38
CA ILE C 330 45.15 32.61 -30.94
C ILE C 330 44.44 33.95 -31.13
N SER C 331 45.11 35.05 -30.81
CA SER C 331 44.54 36.37 -31.08
C SER C 331 44.53 36.71 -32.57
N TRP C 332 43.52 37.42 -33.02
CA TRP C 332 43.46 37.91 -34.42
C TRP C 332 44.60 38.87 -34.71
N ASP C 333 45.10 39.50 -33.65
CA ASP C 333 46.25 40.39 -33.73
C ASP C 333 47.51 39.78 -34.36
N LEU C 334 47.73 38.48 -34.19
CA LEU C 334 48.87 37.84 -34.80
C LEU C 334 48.96 38.19 -36.30
N PHE C 335 47.79 38.29 -36.93
CA PHE C 335 47.67 38.41 -38.39
C PHE C 335 47.47 39.85 -38.88
N LYS C 336 47.60 40.80 -37.97
CA LYS C 336 47.60 42.19 -38.36
C LYS C 336 48.70 42.42 -39.39
N GLN C 337 48.39 43.27 -40.36
CA GLN C 337 49.33 43.64 -41.40
C GLN C 337 50.59 44.18 -40.74
N ASP C 338 50.41 45.22 -39.93
CA ASP C 338 51.53 45.87 -39.25
C ASP C 338 52.01 45.06 -38.04
N ALA C 339 53.25 44.59 -38.13
CA ALA C 339 53.94 43.86 -37.06
C ALA C 339 54.52 44.79 -35.98
N ASP C 340 54.71 44.24 -34.79
CA ASP C 340 55.23 44.98 -33.63
C ASP C 340 56.75 44.88 -33.55
N TYR C 341 57.32 44.00 -34.36
CA TYR C 341 58.75 43.86 -34.47
C TYR C 341 59.05 43.76 -35.95
N PRO C 342 60.23 44.24 -36.37
CA PRO C 342 60.62 44.09 -37.76
C PRO C 342 61.15 42.71 -38.00
N PHE C 343 61.07 42.28 -39.27
CA PHE C 343 61.64 41.00 -39.63
C PHE C 343 63.13 41.11 -39.45
N VAL C 344 63.75 40.05 -38.99
CA VAL C 344 65.22 40.01 -38.87
C VAL C 344 65.68 38.73 -39.53
N ASP C 345 66.62 38.83 -40.46
CA ASP C 345 67.16 37.63 -41.08
C ASP C 345 68.19 37.06 -40.13
N TRP C 346 67.70 36.43 -39.08
CA TRP C 346 68.58 36.02 -38.01
C TRP C 346 69.35 34.75 -38.34
N ASN C 347 70.45 34.59 -37.61
CA ASN C 347 71.20 33.36 -37.63
C ASN C 347 72.16 33.25 -36.45
N PHE C 348 72.09 32.12 -35.75
CA PHE C 348 72.88 31.87 -34.54
C PHE C 348 73.75 30.63 -34.75
N SER C 349 73.82 30.14 -35.98
CA SER C 349 74.35 28.80 -36.29
C SER C 349 75.89 28.64 -36.13
N GLY C 350 76.38 27.44 -36.44
CA GLY C 350 77.76 27.04 -36.17
C GLY C 350 77.82 25.58 -35.75
N THR C 351 78.92 25.14 -35.16
CA THR C 351 78.97 23.77 -34.63
C THR C 351 78.16 23.67 -33.36
N THR C 352 77.64 22.47 -33.09
CA THR C 352 76.81 22.25 -31.91
C THR C 352 77.47 22.81 -30.65
N GLU C 353 78.80 22.72 -30.59
CA GLU C 353 79.55 23.28 -29.47
C GLU C 353 79.43 24.82 -29.38
N GLU C 354 79.56 25.48 -30.51
CA GLU C 354 79.39 26.94 -30.58
C GLU C 354 77.95 27.35 -30.31
N GLU C 355 77.03 26.63 -30.95
CA GLU C 355 75.58 26.87 -30.83
C GLU C 355 75.18 26.79 -29.36
N PHE C 356 75.71 25.79 -28.65
CA PHE C 356 75.45 25.66 -27.21
C PHE C 356 75.84 26.91 -26.44
N ALA C 357 77.00 27.47 -26.77
CA ALA C 357 77.48 28.67 -26.09
C ALA C 357 76.69 29.91 -26.46
N THR C 358 76.38 30.03 -27.76
CA THR C 358 75.60 31.14 -28.29
C THR C 358 74.25 31.24 -27.58
N LEU C 359 73.63 30.08 -27.38
CA LEU C 359 72.29 30.00 -26.79
C LEU C 359 72.41 30.33 -25.31
N MET C 360 73.38 29.70 -24.65
CA MET C 360 73.62 29.92 -23.23
C MET C 360 73.88 31.40 -22.97
N ALA C 361 74.48 32.06 -23.95
CA ALA C 361 74.72 33.52 -23.93
C ALA C 361 73.44 34.30 -23.76
N ILE C 362 72.40 33.84 -24.45
CA ILE C 362 71.10 34.50 -24.41
C ILE C 362 70.50 34.37 -23.03
N PHE C 363 70.59 33.17 -22.44
CA PHE C 363 70.08 32.94 -21.07
C PHE C 363 70.80 33.80 -20.04
N ASN C 364 72.10 33.96 -20.23
CA ASN C 364 72.88 34.82 -19.36
C ASN C 364 72.42 36.27 -19.50
N LYS C 365 72.21 36.71 -20.74
CA LYS C 365 71.70 38.05 -20.99
C LYS C 365 70.37 38.29 -20.28
N GLU C 366 69.55 37.24 -20.16
CA GLU C 366 68.23 37.35 -19.55
C GLU C 366 68.27 37.28 -18.03
N ASP C 367 69.45 37.03 -17.45
CA ASP C 367 69.59 36.76 -16.02
C ASP C 367 68.72 35.55 -15.58
N LYS C 368 68.85 34.45 -16.32
CA LYS C 368 68.14 33.22 -16.06
C LYS C 368 69.09 32.06 -15.94
N GLU C 369 69.18 31.52 -14.73
CA GLU C 369 69.98 30.33 -14.45
C GLU C 369 69.46 29.15 -15.23
N VAL C 370 70.36 28.41 -15.84
CA VAL C 370 70.02 27.17 -16.52
C VAL C 370 70.44 26.01 -15.64
N TYR C 371 69.62 24.97 -15.53
CA TYR C 371 69.94 23.76 -14.75
C TYR C 371 69.82 22.55 -15.63
N ILE C 372 70.94 21.90 -15.94
CA ILE C 372 70.93 20.74 -16.83
C ILE C 372 71.16 19.47 -16.04
N ALA C 373 70.68 18.36 -16.57
CA ALA C 373 70.87 17.05 -15.97
C ALA C 373 71.15 16.06 -17.09
N ASP C 374 72.25 15.30 -16.98
CA ASP C 374 72.69 14.43 -18.06
C ASP C 374 72.45 12.96 -17.77
N TYR C 375 72.05 12.25 -18.80
CA TYR C 375 71.73 10.84 -18.69
C TYR C 375 72.43 10.15 -19.84
N GLU C 376 73.20 9.11 -19.53
CA GLU C 376 73.86 8.32 -20.57
C GLU C 376 73.68 6.83 -20.33
N HIS C 377 72.82 6.48 -19.39
CA HIS C 377 72.79 5.12 -18.88
C HIS C 377 72.16 4.15 -19.86
N LEU C 378 71.57 4.69 -20.92
CA LEU C 378 71.00 3.85 -21.97
C LEU C 378 71.88 3.76 -23.20
N GLY C 379 73.07 4.35 -23.14
CA GLY C 379 74.00 4.33 -24.25
C GLY C 379 73.76 5.40 -25.31
N VAL C 380 72.91 6.35 -24.98
CA VAL C 380 72.72 7.51 -25.82
C VAL C 380 72.62 8.67 -24.88
N TYR C 381 73.15 9.80 -25.31
CA TYR C 381 73.14 10.96 -24.45
C TYR C 381 71.76 11.52 -24.49
N ALA C 382 71.28 11.95 -23.33
CA ALA C 382 70.00 12.64 -23.20
C ALA C 382 70.07 13.63 -22.04
N CYS C 383 69.53 14.82 -22.24
CA CYS C 383 69.55 15.83 -21.20
C CYS C 383 68.14 16.18 -20.77
N ARG C 384 68.07 16.89 -19.65
CA ARG C 384 66.83 17.49 -19.21
C ARG C 384 67.13 18.87 -18.65
N ILE C 385 66.49 19.87 -19.21
CA ILE C 385 66.82 21.26 -18.93
C ILE C 385 65.69 22.06 -18.28
N ILE C 386 65.98 22.56 -17.09
CA ILE C 386 65.09 23.42 -16.33
C ILE C 386 65.66 24.82 -16.39
N VAL C 387 64.80 25.82 -16.57
CA VAL C 387 65.23 27.22 -16.65
C VAL C 387 64.14 28.05 -16.00
N PRO C 388 64.03 27.95 -14.68
CA PRO C 388 62.88 28.55 -14.03
C PRO C 388 62.72 30.01 -14.42
N GLY C 389 61.47 30.37 -14.74
CA GLY C 389 61.11 31.66 -15.33
C GLY C 389 61.05 31.63 -16.85
N MET C 390 61.28 30.46 -17.49
CA MET C 390 61.22 30.32 -18.97
C MET C 390 60.79 28.93 -19.46
N SER C 391 61.39 27.89 -18.86
CA SER C 391 61.06 26.48 -19.14
C SER C 391 59.67 26.07 -18.57
N ASP C 392 59.16 26.80 -17.58
CA ASP C 392 57.89 26.42 -16.94
C ASP C 392 56.74 26.33 -17.94
N ILE C 393 55.98 25.25 -17.88
CA ILE C 393 54.74 25.10 -18.63
C ILE C 393 53.54 25.40 -17.72
N TYR C 394 53.61 24.92 -16.49
CA TYR C 394 52.59 25.19 -15.46
C TYR C 394 53.18 26.15 -14.42
N PRO C 395 52.31 26.97 -13.80
CA PRO C 395 52.79 27.94 -12.84
C PRO C 395 52.94 27.32 -11.45
N ALA C 396 53.83 27.88 -10.63
CA ALA C 396 54.16 27.27 -9.36
C ALA C 396 52.98 27.15 -8.39
N GLU C 397 51.98 28.05 -8.51
CA GLU C 397 50.72 27.92 -7.72
C GLU C 397 50.16 26.52 -7.84
N ASP C 398 50.39 25.86 -8.97
CA ASP C 398 49.89 24.51 -9.20
C ASP C 398 50.46 23.47 -8.25
N LEU C 399 51.57 23.75 -7.57
CA LEU C 399 52.06 22.80 -6.56
C LEU C 399 51.11 22.70 -5.38
N TRP C 400 50.29 23.74 -5.20
CA TRP C 400 49.22 23.76 -4.18
C TRP C 400 47.91 23.29 -4.77
N LEU C 401 47.55 23.87 -5.91
CA LEU C 401 46.20 23.72 -6.49
C LEU C 401 46.00 22.51 -7.42
N ALA C 402 47.03 22.10 -8.15
CA ALA C 402 46.91 21.08 -9.18
C ALA C 402 48.07 20.12 -9.13
N ASN C 403 48.36 19.62 -7.94
CA ASN C 403 49.55 18.83 -7.75
C ASN C 403 49.20 17.41 -8.08
N ASN C 404 49.92 16.85 -9.02
CA ASN C 404 49.63 15.49 -9.50
C ASN C 404 49.79 14.33 -8.50
N SER C 405 50.17 14.62 -7.26
CA SER C 405 50.15 13.60 -6.23
C SER C 405 49.18 13.93 -5.09
N MET C 406 48.30 14.89 -5.32
CA MET C 406 47.27 15.28 -4.35
C MET C 406 46.47 14.08 -3.84
N GLY C 407 46.22 13.11 -4.71
CA GLY C 407 45.43 11.95 -4.33
C GLY C 407 46.24 10.80 -3.75
N SER C 408 47.58 10.89 -3.78
CA SER C 408 48.45 9.75 -3.43
C SER C 408 48.00 9.07 -2.13
N HIS C 409 47.47 9.85 -1.20
CA HIS C 409 47.15 9.35 0.14
C HIS C 409 45.85 8.60 0.23
N LEU C 410 44.94 8.80 -0.73
CA LEU C 410 43.70 8.02 -0.80
C LEU C 410 43.84 6.71 -1.56
N ARG C 411 44.96 6.52 -2.24
CA ARG C 411 45.09 5.42 -3.17
C ARG C 411 44.68 4.12 -2.52
N GLU C 412 45.33 3.78 -1.42
CA GLU C 412 45.16 2.48 -0.80
C GLU C 412 43.73 2.28 -0.33
N THR C 413 43.14 3.33 0.19
CA THR C 413 41.72 3.32 0.57
C THR C 413 40.79 2.99 -0.60
N ILE C 414 40.99 3.69 -1.72
CA ILE C 414 40.14 3.58 -2.90
C ILE C 414 40.32 2.23 -3.61
N LEU C 415 41.56 1.78 -3.80
CA LEU C 415 41.81 0.46 -4.40
C LEU C 415 41.29 -0.73 -3.58
N SER C 416 41.06 -0.51 -2.28
CA SER C 416 40.47 -1.52 -1.41
C SER C 416 38.95 -1.70 -1.61
N LEU C 417 38.27 -0.67 -2.11
CA LEU C 417 36.80 -0.62 -2.16
C LEU C 417 36.08 -1.81 -2.82
N PRO C 418 36.57 -2.27 -3.99
CA PRO C 418 35.97 -3.48 -4.52
C PRO C 418 36.24 -4.65 -3.59
N GLY C 419 35.19 -5.23 -3.02
CA GLY C 419 35.34 -6.37 -2.09
C GLY C 419 35.27 -5.96 -0.64
N SER C 420 35.55 -4.69 -0.37
CA SER C 420 35.42 -4.11 0.96
C SER C 420 34.03 -4.37 1.55
N GLU C 421 33.99 -4.47 2.88
CA GLU C 421 32.73 -4.59 3.60
C GLU C 421 32.73 -3.72 4.84
N TRP C 422 32.91 -2.41 4.63
CA TRP C 422 32.88 -1.46 5.72
C TRP C 422 31.47 -1.13 6.12
N GLU C 423 31.34 -0.27 7.12
CA GLU C 423 30.05 0.21 7.57
C GLU C 423 29.55 1.22 6.58
N LYS C 424 28.24 1.42 6.56
CA LYS C 424 27.64 2.34 5.60
C LYS C 424 28.08 3.77 5.80
N GLU C 425 28.43 4.13 7.03
CA GLU C 425 28.79 5.52 7.29
C GLU C 425 30.13 5.82 6.69
N ASP C 426 31.02 4.83 6.74
CA ASP C 426 32.38 4.99 6.21
C ASP C 426 32.35 5.31 4.73
N TYR C 427 31.49 4.62 4.00
CA TYR C 427 31.30 4.90 2.57
C TYR C 427 30.77 6.32 2.32
N LEU C 428 29.75 6.73 3.07
CA LEU C 428 29.16 8.04 2.89
C LEU C 428 30.08 9.16 3.31
N ASN C 429 31.03 8.87 4.20
CA ASN C 429 32.02 9.88 4.61
C ASN C 429 33.07 10.14 3.54
N LEU C 430 33.55 9.08 2.95
CA LEU C 430 34.55 9.18 1.88
C LEU C 430 34.05 10.11 0.77
N ILE C 431 32.75 10.15 0.54
CA ILE C 431 32.17 11.14 -0.36
C ILE C 431 32.43 12.55 0.16
N GLU C 432 31.96 12.84 1.37
CA GLU C 432 32.15 14.13 2.01
C GLU C 432 33.62 14.51 2.04
N GLN C 433 34.51 13.54 2.25
CA GLN C 433 35.98 13.81 2.23
C GLN C 433 36.42 14.25 0.83
N LEU C 434 36.00 13.52 -0.20
CA LEU C 434 36.31 13.90 -1.58
C LEU C 434 35.83 15.31 -1.89
N ASP C 435 34.69 15.70 -1.33
CA ASP C 435 34.24 17.08 -1.46
C ASP C 435 35.07 18.07 -0.67
N GLU C 436 35.32 17.78 0.60
CA GLU C 436 36.09 18.67 1.49
C GLU C 436 37.50 18.88 0.98
N GLU C 437 38.11 17.83 0.43
CA GLU C 437 39.45 17.93 -0.19
C GLU C 437 39.43 18.60 -1.55
N GLY C 438 38.24 18.92 -2.04
CA GLY C 438 38.08 19.74 -3.23
C GLY C 438 38.48 19.09 -4.55
N PHE C 439 38.32 17.77 -4.67
CA PHE C 439 38.58 17.09 -5.94
C PHE C 439 37.48 17.43 -6.93
N ASP C 440 37.84 17.50 -8.20
CA ASP C 440 36.87 17.82 -9.26
C ASP C 440 36.15 16.54 -9.64
N ASP C 441 34.83 16.61 -9.73
CA ASP C 441 33.99 15.48 -10.13
C ASP C 441 34.40 14.85 -11.46
N PHE C 442 34.89 15.68 -12.39
CA PHE C 442 35.26 15.21 -13.72
C PHE C 442 36.59 14.50 -13.77
N THR C 443 37.37 14.61 -12.70
CA THR C 443 38.69 14.01 -12.66
C THR C 443 38.68 12.51 -12.80
N ARG C 444 39.49 12.00 -13.72
CA ARG C 444 39.67 10.57 -13.86
C ARG C 444 40.38 10.00 -12.67
N VAL C 445 39.81 8.96 -12.08
CA VAL C 445 40.40 8.34 -10.91
C VAL C 445 41.70 7.65 -11.29
N ARG C 446 41.75 7.03 -12.45
CA ARG C 446 42.99 6.35 -12.83
C ARG C 446 44.16 7.31 -13.04
N GLU C 447 43.85 8.56 -13.40
CA GLU C 447 44.86 9.61 -13.53
C GLU C 447 45.27 10.15 -12.16
N LEU C 448 44.30 10.25 -11.27
CA LEU C 448 44.53 10.76 -9.92
C LEU C 448 45.37 9.86 -9.06
N LEU C 449 45.32 8.56 -9.31
CA LEU C 449 46.09 7.62 -8.52
C LEU C 449 47.30 7.08 -9.25
N GLY C 450 47.38 7.34 -10.56
CA GLY C 450 48.52 6.93 -11.35
C GLY C 450 48.41 5.47 -11.76
N LEU C 451 47.21 5.06 -12.16
CA LEU C 451 46.94 3.69 -12.55
C LEU C 451 46.86 3.56 -14.06
N ALA C 452 47.72 2.70 -14.61
CA ALA C 452 47.58 2.17 -15.98
C ALA C 452 46.66 0.96 -15.96
N THR C 453 45.37 1.23 -16.12
CA THR C 453 44.35 0.24 -15.95
C THR C 453 44.19 -0.63 -17.18
N GLY C 454 44.53 -0.10 -18.35
CA GLY C 454 44.14 -0.73 -19.61
C GLY C 454 42.66 -0.51 -19.90
N SER C 455 42.24 -0.75 -21.14
CA SER C 455 40.95 -0.26 -21.64
C SER C 455 39.78 -1.16 -21.31
N ASP C 456 40.05 -2.34 -20.78
CA ASP C 456 39.03 -3.40 -20.68
C ASP C 456 38.47 -3.62 -19.26
N ASN C 457 38.24 -2.54 -18.49
CA ASN C 457 37.58 -2.68 -17.18
C ASN C 457 37.06 -1.36 -16.65
N GLY C 458 36.38 -1.40 -15.53
CA GLY C 458 35.66 -0.22 -15.04
C GLY C 458 36.49 0.98 -14.61
N TRP C 459 37.72 0.71 -14.19
CA TRP C 459 38.62 1.74 -13.71
C TRP C 459 39.03 2.69 -14.82
N TYR C 460 39.08 2.16 -16.04
CA TYR C 460 39.55 2.93 -17.21
C TYR C 460 38.76 4.20 -17.56
N THR C 461 37.50 4.21 -17.17
CA THR C 461 36.61 5.35 -17.40
C THR C 461 36.05 5.97 -16.10
N LEU C 462 36.51 5.45 -14.96
CA LEU C 462 35.96 5.82 -13.66
C LEU C 462 36.37 7.22 -13.30
N ARG C 463 35.38 8.10 -13.14
CA ARG C 463 35.61 9.46 -12.70
C ARG C 463 35.10 9.63 -11.30
N ILE C 464 35.45 10.75 -10.70
CA ILE C 464 35.08 11.00 -9.31
C ILE C 464 33.57 10.93 -9.14
N GLY C 465 32.83 11.54 -10.07
CA GLY C 465 31.37 11.58 -9.97
C GLY C 465 30.74 10.19 -9.95
N GLU C 466 31.28 9.30 -10.78
CA GLU C 466 30.84 7.91 -10.81
C GLU C 466 31.22 7.21 -9.51
N LEU C 467 32.40 7.49 -9.00
CA LEU C 467 32.83 6.91 -7.74
C LEU C 467 31.91 7.34 -6.59
N LYS C 468 31.50 8.60 -6.60
CA LYS C 468 30.51 9.04 -5.62
C LYS C 468 29.22 8.23 -5.73
N ALA C 469 28.76 7.95 -6.93
CA ALA C 469 27.57 7.12 -7.09
C ALA C 469 27.82 5.78 -6.43
N MET C 470 28.94 5.17 -6.79
CA MET C 470 29.28 3.86 -6.26
C MET C 470 29.28 3.84 -4.73
N LEU C 471 29.76 4.90 -4.13
CA LEU C 471 29.85 4.98 -2.66
C LEU C 471 28.45 5.15 -2.06
N ALA C 472 27.67 6.04 -2.64
CA ALA C 472 26.31 6.28 -2.19
C ALA C 472 25.51 4.98 -2.19
N LEU C 473 25.81 4.10 -3.14
CA LEU C 473 25.15 2.78 -3.21
C LEU C 473 25.61 1.85 -2.09
N ALA C 474 26.92 1.80 -1.87
CA ALA C 474 27.50 0.94 -0.84
C ALA C 474 27.09 1.40 0.55
N GLY C 475 26.91 2.71 0.71
CA GLY C 475 26.45 3.32 1.95
C GLY C 475 24.95 3.57 1.95
N GLY C 476 24.27 2.95 1.00
CA GLY C 476 22.82 2.88 1.01
C GLY C 476 22.06 4.17 1.05
N ASP C 477 22.62 5.22 0.47
CA ASP C 477 21.88 6.47 0.25
C ASP C 477 21.47 6.53 -1.21
N LEU C 478 20.27 6.05 -1.48
CA LEU C 478 19.82 5.89 -2.86
C LEU C 478 19.45 7.20 -3.54
N GLU C 479 19.18 8.27 -2.76
CA GLU C 479 18.83 9.60 -3.33
C GLU C 479 20.07 10.27 -3.96
N GLN C 480 21.20 10.16 -3.25
CA GLN C 480 22.48 10.61 -3.76
C GLN C 480 22.93 9.72 -4.91
N ALA C 481 22.81 8.42 -4.71
CA ALA C 481 23.19 7.45 -5.73
C ALA C 481 22.59 7.81 -7.07
N LEU C 482 21.31 8.17 -7.07
CA LEU C 482 20.61 8.52 -8.32
C LEU C 482 21.22 9.76 -8.97
N VAL C 483 21.41 10.81 -8.19
CA VAL C 483 22.02 12.05 -8.66
C VAL C 483 23.31 11.79 -9.46
N TRP C 484 24.19 11.00 -8.89
CA TRP C 484 25.49 10.73 -9.51
C TRP C 484 25.44 9.68 -10.61
N THR C 485 24.48 8.78 -10.54
CA THR C 485 24.27 7.82 -11.60
C THR C 485 23.77 8.56 -12.85
N GLU C 486 22.86 9.52 -12.67
CA GLU C 486 22.44 10.38 -13.77
C GLU C 486 23.64 11.18 -14.32
N TRP C 487 24.33 11.87 -13.43
CA TRP C 487 25.59 12.54 -13.78
C TRP C 487 26.51 11.63 -14.61
N THR C 488 26.73 10.43 -14.11
CA THR C 488 27.64 9.47 -14.74
C THR C 488 27.26 9.29 -16.17
N MET C 489 25.98 9.02 -16.42
CA MET C 489 25.53 8.73 -17.75
C MET C 489 25.58 9.96 -18.60
N GLU C 490 25.17 11.09 -18.05
CA GLU C 490 25.20 12.33 -18.82
C GLU C 490 26.57 12.60 -19.40
N PHE C 491 27.64 12.23 -18.68
CA PHE C 491 29.03 12.58 -19.05
C PHE C 491 29.99 11.45 -19.38
N ASN C 492 29.61 10.20 -19.18
CA ASN C 492 30.53 9.08 -19.47
C ASN C 492 29.98 8.13 -20.51
N SER C 493 28.66 7.96 -20.58
CA SER C 493 28.05 6.87 -21.36
C SER C 493 28.52 6.77 -22.80
N SER C 494 28.89 7.90 -23.39
CA SER C 494 29.47 7.92 -24.73
C SER C 494 30.82 7.21 -24.85
N VAL C 495 31.47 6.86 -23.75
CA VAL C 495 32.78 6.18 -23.76
C VAL C 495 32.78 4.86 -23.01
N PHE C 496 31.65 4.54 -22.38
CA PHE C 496 31.50 3.24 -21.76
C PHE C 496 31.33 2.16 -22.82
N SER C 497 31.73 0.94 -22.49
CA SER C 497 31.45 -0.19 -23.37
C SER C 497 29.94 -0.37 -23.41
N PRO C 498 29.40 -0.85 -24.54
CA PRO C 498 28.04 -1.35 -24.58
C PRO C 498 27.54 -2.02 -23.29
N GLU C 499 28.28 -3.01 -22.79
CA GLU C 499 27.92 -3.73 -21.56
C GLU C 499 27.67 -2.77 -20.40
N ARG C 500 28.68 -1.94 -20.16
CA ARG C 500 28.71 -1.06 -19.00
C ARG C 500 27.67 0.04 -19.11
N ALA C 501 27.48 0.56 -20.33
CA ALA C 501 26.50 1.62 -20.58
C ALA C 501 25.11 1.09 -20.29
N ASN C 502 24.89 -0.15 -20.71
CA ASN C 502 23.64 -0.88 -20.43
C ASN C 502 23.44 -1.06 -18.92
N TYR C 503 24.46 -1.54 -18.22
CA TYR C 503 24.38 -1.66 -16.76
C TYR C 503 23.90 -0.38 -16.14
N TYR C 504 24.47 0.73 -16.57
CA TYR C 504 24.13 2.05 -16.01
C TYR C 504 22.71 2.47 -16.36
N ARG C 505 22.25 2.14 -17.56
CA ARG C 505 20.84 2.41 -17.93
C ARG C 505 19.89 1.68 -16.99
N CYS C 506 20.18 0.40 -16.73
CA CYS C 506 19.39 -0.45 -15.83
C CYS C 506 19.39 0.04 -14.38
N LEU C 507 20.58 0.29 -13.87
CA LEU C 507 20.75 0.81 -12.50
C LEU C 507 19.94 2.07 -12.33
N GLN C 508 19.98 2.90 -13.34
CA GLN C 508 19.33 4.18 -13.30
C GLN C 508 17.84 4.00 -13.20
N THR C 509 17.32 3.08 -14.00
CA THR C 509 15.90 2.77 -13.96
C THR C 509 15.48 2.29 -12.57
N LEU C 510 16.24 1.35 -12.01
CA LEU C 510 15.91 0.76 -10.70
C LEU C 510 15.93 1.80 -9.61
N LEU C 511 16.82 2.78 -9.74
CA LEU C 511 16.94 3.87 -8.77
C LEU C 511 15.77 4.82 -8.88
N LEU C 512 15.29 5.01 -10.09
CA LEU C 512 14.13 5.86 -10.32
C LEU C 512 12.87 5.17 -9.81
N LEU C 513 12.86 3.84 -9.89
CA LEU C 513 11.73 3.01 -9.43
C LEU C 513 11.68 2.98 -7.94
N ALA C 514 12.85 2.91 -7.32
CA ALA C 514 12.96 3.05 -5.88
C ALA C 514 12.30 4.35 -5.40
N GLN C 515 12.34 5.41 -6.19
CA GLN C 515 11.69 6.66 -5.81
C GLN C 515 10.18 6.61 -5.94
N GLU C 516 9.65 5.76 -6.84
CA GLU C 516 8.19 5.59 -6.97
C GLU C 516 7.70 4.71 -5.83
N GLU C 517 7.14 5.33 -4.81
CA GLU C 517 6.69 4.62 -3.61
C GLU C 517 5.32 3.97 -3.86
N ASP C 518 4.60 4.43 -4.87
CA ASP C 518 3.32 3.81 -5.27
C ASP C 518 3.47 2.51 -6.04
N ARG C 519 4.63 2.30 -6.68
CA ARG C 519 4.77 1.17 -7.62
C ARG C 519 5.42 -0.05 -6.98
N GLN C 520 5.09 -1.21 -7.54
CA GLN C 520 5.47 -2.50 -6.99
C GLN C 520 6.56 -3.18 -7.79
N PRO C 521 7.82 -3.06 -7.34
CA PRO C 521 9.00 -3.54 -8.11
C PRO C 521 8.82 -4.87 -8.84
N LEU C 522 8.15 -5.82 -8.21
CA LEU C 522 7.91 -7.12 -8.86
C LEU C 522 7.15 -7.07 -10.19
N GLN C 523 6.25 -6.11 -10.32
CA GLN C 523 5.47 -5.93 -11.53
C GLN C 523 6.35 -5.69 -12.74
N TYR C 524 7.39 -4.88 -12.54
CA TYR C 524 8.22 -4.42 -13.62
C TYR C 524 9.39 -5.36 -13.93
N LEU C 525 9.57 -6.36 -13.08
CA LEU C 525 10.75 -7.22 -13.13
C LEU C 525 10.91 -7.96 -14.45
N ASN C 526 9.82 -8.48 -14.99
CA ASN C 526 9.94 -9.17 -16.26
C ASN C 526 10.41 -8.23 -17.35
N ALA C 527 9.79 -7.05 -17.42
CA ALA C 527 10.09 -6.05 -18.43
C ALA C 527 11.55 -5.64 -18.42
N PHE C 528 12.08 -5.41 -17.21
CA PHE C 528 13.49 -5.08 -17.00
C PHE C 528 14.44 -6.15 -17.54
N VAL C 529 14.15 -7.40 -17.23
CA VAL C 529 14.97 -8.50 -17.69
C VAL C 529 14.99 -8.53 -19.20
N ARG C 530 13.90 -8.12 -19.81
CA ARG C 530 13.80 -8.16 -21.25
C ARG C 530 14.59 -7.05 -21.90
N MET C 531 14.53 -5.86 -21.33
CA MET C 531 15.19 -4.68 -21.88
C MET C 531 16.69 -4.73 -21.62
N TYR C 532 17.10 -5.06 -20.38
CA TYR C 532 18.49 -4.94 -19.93
C TYR C 532 19.25 -6.25 -19.90
N GLY C 533 18.55 -7.35 -19.79
CA GLY C 533 19.21 -8.65 -19.72
C GLY C 533 19.41 -9.03 -18.28
N ALA C 534 19.28 -10.32 -17.99
CA ALA C 534 19.23 -10.79 -16.61
C ALA C 534 20.50 -10.47 -15.85
N ASP C 535 21.65 -10.63 -16.50
CA ASP C 535 22.93 -10.38 -15.84
C ASP C 535 22.98 -8.95 -15.32
N ALA C 536 22.64 -8.02 -16.21
CA ALA C 536 22.58 -6.59 -15.88
C ALA C 536 21.62 -6.22 -14.74
N VAL C 537 20.50 -6.90 -14.65
CA VAL C 537 19.52 -6.62 -13.63
C VAL C 537 20.03 -7.13 -12.29
N GLU C 538 20.60 -8.34 -12.32
CA GLU C 538 21.09 -9.00 -11.11
C GLU C 538 22.21 -8.19 -10.45
N ALA C 539 23.04 -7.62 -11.30
CA ALA C 539 24.16 -6.76 -10.87
C ALA C 539 23.70 -5.41 -10.33
N ALA C 540 22.78 -4.76 -11.01
CA ALA C 540 22.30 -3.45 -10.57
C ALA C 540 21.58 -3.57 -9.22
N SER C 541 21.02 -4.74 -8.95
CA SER C 541 20.27 -4.97 -7.70
C SER C 541 21.23 -5.21 -6.56
N ALA C 542 22.26 -6.00 -6.81
CA ALA C 542 23.35 -6.17 -5.86
C ALA C 542 23.90 -4.80 -5.47
N ALA C 543 24.15 -3.98 -6.48
CA ALA C 543 24.63 -2.61 -6.29
C ALA C 543 23.73 -1.79 -5.37
N MET C 544 22.43 -1.86 -5.62
CA MET C 544 21.46 -1.12 -4.82
C MET C 544 21.38 -1.61 -3.37
N SER C 545 21.48 -2.94 -3.19
CA SER C 545 21.49 -3.52 -1.87
C SER C 545 22.81 -3.28 -1.12
N GLY C 546 23.66 -2.44 -1.67
CA GLY C 546 24.94 -2.12 -1.05
C GLY C 546 25.91 -3.29 -1.05
N GLU C 547 25.59 -4.37 -1.74
CA GLU C 547 26.39 -5.60 -1.65
C GLU C 547 27.59 -5.55 -2.56
N ALA C 548 27.35 -5.33 -3.84
CA ALA C 548 28.41 -5.21 -4.81
C ALA C 548 28.22 -3.91 -5.58
N ALA C 549 28.55 -2.80 -4.93
CA ALA C 549 28.26 -1.46 -5.46
C ALA C 549 29.23 -1.03 -6.57
N PHE C 550 30.44 -1.58 -6.48
CA PHE C 550 31.55 -1.12 -7.29
C PHE C 550 31.65 -1.90 -8.59
N TYR C 551 30.65 -1.69 -9.46
CA TYR C 551 30.46 -2.50 -10.65
C TYR C 551 31.59 -2.37 -11.63
N GLY C 552 32.15 -3.51 -12.00
CA GLY C 552 33.18 -3.56 -13.01
C GLY C 552 34.57 -3.25 -12.47
N LEU C 553 34.65 -2.79 -11.23
CA LEU C 553 35.93 -2.56 -10.57
C LEU C 553 36.42 -3.81 -9.87
N GLN C 554 37.50 -4.39 -10.37
CA GLN C 554 38.13 -5.52 -9.70
C GLN C 554 38.95 -4.93 -8.59
N PRO C 555 39.26 -5.75 -7.56
CA PRO C 555 40.08 -5.23 -6.45
C PRO C 555 41.54 -5.21 -6.88
N VAL C 556 42.31 -4.27 -6.33
CA VAL C 556 43.65 -4.00 -6.81
C VAL C 556 44.70 -4.08 -5.71
N ASP C 557 45.59 -5.05 -5.84
CA ASP C 557 46.72 -5.19 -4.91
C ASP C 557 47.69 -4.02 -5.09
N SER C 558 48.53 -3.75 -4.09
CA SER C 558 49.38 -2.57 -4.13
C SER C 558 50.67 -2.76 -4.96
N ASP C 559 50.69 -3.77 -5.81
CA ASP C 559 51.68 -3.83 -6.88
C ASP C 559 51.02 -3.85 -8.28
N LEU C 560 49.70 -3.65 -8.29
CA LEU C 560 48.88 -3.54 -9.51
C LEU C 560 48.96 -4.78 -10.39
N HIS C 561 49.04 -5.94 -9.76
CA HIS C 561 48.92 -7.22 -10.47
C HIS C 561 47.56 -7.32 -11.14
N ALA C 562 46.54 -6.79 -10.47
CA ALA C 562 45.19 -6.72 -11.05
C ALA C 562 45.12 -6.13 -12.48
N PHE C 563 46.00 -5.18 -12.82
CA PHE C 563 46.00 -4.56 -14.14
C PHE C 563 47.14 -5.14 -14.94
N ALA C 564 46.83 -5.82 -16.03
CA ALA C 564 47.88 -6.41 -16.87
C ALA C 564 48.59 -5.31 -17.65
N ALA C 565 47.90 -4.20 -17.93
CA ALA C 565 48.51 -3.04 -18.58
C ALA C 565 49.65 -2.50 -17.73
N HIS C 566 49.38 -2.33 -16.44
CA HIS C 566 50.33 -1.77 -15.49
C HIS C 566 51.50 -2.74 -15.32
N GLN C 567 51.23 -4.04 -15.35
CA GLN C 567 52.29 -5.01 -15.25
C GLN C 567 53.24 -4.86 -16.41
N SER C 568 52.71 -4.60 -17.61
CA SER C 568 53.55 -4.40 -18.78
C SER C 568 54.38 -3.11 -18.66
N LEU C 569 53.83 -2.11 -17.95
CA LEU C 569 54.55 -0.87 -17.65
C LEU C 569 55.71 -1.14 -16.72
N LEU C 570 55.48 -1.87 -15.64
CA LEU C 570 56.54 -2.19 -14.67
C LEU C 570 57.64 -3.07 -15.26
N LYS C 571 57.25 -4.01 -16.11
CA LYS C 571 58.18 -4.89 -16.82
C LYS C 571 59.12 -4.09 -17.70
N ALA C 572 58.59 -3.01 -18.28
CA ALA C 572 59.37 -2.09 -19.09
C ALA C 572 60.33 -1.30 -18.22
N TYR C 573 59.86 -0.82 -17.08
CA TYR C 573 60.69 -0.03 -16.17
C TYR C 573 61.81 -0.86 -15.53
N GLU C 574 61.56 -2.14 -15.25
CA GLU C 574 62.62 -3.09 -14.80
C GLU C 574 63.82 -3.07 -15.74
N LYS C 575 63.55 -3.03 -17.05
CA LYS C 575 64.62 -2.97 -18.05
C LYS C 575 65.50 -1.73 -17.94
N LEU C 576 64.90 -0.63 -17.49
CA LEU C 576 65.63 0.62 -17.26
C LEU C 576 66.37 0.59 -15.93
N GLN C 577 65.76 0.04 -14.88
CA GLN C 577 66.43 -0.11 -13.56
C GLN C 577 67.74 -0.90 -13.64
N ARG C 578 67.67 -2.03 -14.32
CA ARG C 578 68.85 -2.88 -14.48
C ARG C 578 69.92 -2.17 -15.37
N ALA C 579 69.47 -1.39 -16.36
CA ALA C 579 70.38 -0.56 -17.18
C ALA C 579 71.07 0.52 -16.36
N LYS C 580 70.34 1.06 -15.40
CA LYS C 580 70.87 2.07 -14.49
C LYS C 580 71.97 1.50 -13.56
N ALA C 581 71.87 0.24 -13.13
CA ALA C 581 72.99 -0.39 -12.40
C ALA C 581 74.01 -1.13 -13.33
N THR D 2 -3.57 -13.77 -61.84
CA THR D 2 -3.47 -14.11 -60.37
C THR D 2 -4.26 -13.17 -59.49
N GLN D 3 -4.94 -13.69 -58.49
CA GLN D 3 -5.80 -12.86 -57.68
C GLN D 3 -5.64 -13.23 -56.26
N THR D 4 -5.29 -12.24 -55.46
CA THR D 4 -5.03 -12.45 -54.08
C THR D 4 -6.06 -11.66 -53.25
N PHE D 5 -6.89 -12.38 -52.48
CA PHE D 5 -7.90 -11.75 -51.66
C PHE D 5 -7.51 -11.82 -50.23
N ILE D 6 -7.13 -10.70 -49.67
CA ILE D 6 -6.76 -10.65 -48.25
C ILE D 6 -8.02 -10.29 -47.44
N PRO D 7 -7.98 -10.51 -46.13
CA PRO D 7 -9.04 -10.22 -45.20
C PRO D 7 -9.81 -8.92 -45.16
N GLY D 8 -9.22 -7.78 -44.90
CA GLY D 8 -10.19 -6.61 -44.81
C GLY D 8 -10.95 -6.11 -46.07
N LYS D 9 -10.47 -6.55 -47.23
CA LYS D 9 -10.73 -5.79 -48.44
C LYS D 9 -11.81 -6.41 -49.32
N ASP D 10 -12.30 -5.59 -50.26
CA ASP D 10 -13.45 -5.95 -51.11
C ASP D 10 -12.99 -6.21 -52.54
N ALA D 11 -11.70 -6.49 -52.77
CA ALA D 11 -11.20 -6.67 -54.13
C ALA D 11 -9.81 -7.23 -54.18
N ALA D 12 -9.50 -8.11 -55.14
CA ALA D 12 -8.12 -8.63 -55.31
C ALA D 12 -7.00 -7.54 -55.38
N LEU D 13 -5.92 -7.74 -54.64
CA LEU D 13 -4.81 -6.80 -54.64
C LEU D 13 -4.37 -6.39 -56.06
N GLU D 14 -4.30 -7.37 -56.98
CA GLU D 14 -3.72 -7.15 -58.32
C GLU D 14 -4.69 -6.25 -59.10
N ASP D 15 -6.00 -6.35 -58.80
CA ASP D 15 -7.01 -5.45 -59.40
C ASP D 15 -6.87 -4.04 -58.83
N SER D 16 -6.88 -3.95 -57.50
CA SER D 16 -6.76 -2.68 -56.79
C SER D 16 -5.56 -1.89 -57.28
N ILE D 17 -4.46 -2.60 -57.55
CA ILE D 17 -3.23 -1.95 -58.02
C ILE D 17 -3.39 -1.42 -59.45
N ALA D 18 -3.87 -2.29 -60.32
CA ALA D 18 -4.02 -1.99 -61.73
C ALA D 18 -4.95 -0.80 -61.93
N ARG D 19 -6.11 -0.85 -61.29
CA ARG D 19 -7.04 0.26 -61.26
C ARG D 19 -6.42 1.58 -60.78
N PHE D 20 -5.81 1.57 -59.60
CA PHE D 20 -5.25 2.80 -59.01
C PHE D 20 -4.16 3.41 -59.89
N GLN D 21 -3.26 2.58 -60.38
CA GLN D 21 -2.21 3.06 -61.27
C GLN D 21 -2.79 3.76 -62.50
N GLN D 22 -3.75 3.08 -63.14
CA GLN D 22 -4.43 3.60 -64.31
C GLN D 22 -5.09 4.92 -64.01
N LYS D 23 -5.88 4.96 -62.95
CA LYS D 23 -6.59 6.16 -62.60
C LYS D 23 -5.63 7.31 -62.28
N LEU D 24 -4.52 7.03 -61.61
CA LEU D 24 -3.55 8.07 -61.29
C LEU D 24 -2.96 8.65 -62.57
N SER D 25 -2.75 7.79 -63.55
CA SER D 25 -2.13 8.18 -64.81
C SER D 25 -3.08 9.08 -65.57
N ASP D 26 -4.32 8.62 -65.75
CA ASP D 26 -5.39 9.40 -66.34
C ASP D 26 -5.53 10.78 -65.73
N LEU D 27 -5.35 10.89 -64.42
CA LEU D 27 -5.47 12.18 -63.71
C LEU D 27 -4.34 13.11 -64.06
N GLY D 28 -3.27 12.53 -64.59
CA GLY D 28 -2.10 13.29 -65.02
C GLY D 28 -0.93 13.28 -64.04
N PHE D 29 -0.78 12.17 -63.30
CA PHE D 29 0.27 12.01 -62.29
C PHE D 29 1.24 10.93 -62.69
N GLN D 30 2.53 11.26 -62.73
CA GLN D 30 3.58 10.27 -62.98
C GLN D 30 4.08 9.76 -61.66
N ILE D 31 3.63 8.58 -61.29
CA ILE D 31 3.95 8.00 -60.01
C ILE D 31 5.07 7.00 -60.17
N GLU D 32 6.03 7.00 -59.24
CA GLU D 32 7.24 6.20 -59.36
C GLU D 32 7.53 5.50 -58.03
N GLU D 33 8.08 4.28 -58.10
CA GLU D 33 8.31 3.47 -56.89
C GLU D 33 9.74 3.59 -56.43
N ALA D 34 9.95 4.25 -55.30
CA ALA D 34 11.29 4.64 -54.87
C ALA D 34 12.05 3.51 -54.24
N SER D 35 11.53 2.94 -53.16
CA SER D 35 12.34 2.00 -52.44
C SER D 35 11.52 1.00 -51.68
N TRP D 36 11.73 -0.26 -52.01
CA TRP D 36 11.14 -1.35 -51.30
C TRP D 36 11.93 -1.78 -50.03
N LEU D 37 11.29 -2.60 -49.24
CA LEU D 37 11.87 -3.12 -48.03
C LEU D 37 11.10 -4.36 -47.56
N ASN D 38 11.83 -5.33 -47.05
CA ASN D 38 11.25 -6.60 -46.63
C ASN D 38 12.01 -7.07 -45.41
N PRO D 39 12.19 -6.16 -44.43
CA PRO D 39 13.01 -6.33 -43.24
C PRO D 39 12.94 -7.69 -42.54
N VAL D 40 11.74 -8.14 -42.20
CA VAL D 40 11.52 -9.50 -41.69
C VAL D 40 10.46 -10.24 -42.53
N PRO D 41 10.31 -11.55 -42.30
CA PRO D 41 9.32 -12.29 -43.06
C PRO D 41 7.95 -11.67 -42.86
N ASN D 42 7.14 -11.66 -43.92
CA ASN D 42 5.75 -11.22 -43.84
C ASN D 42 5.55 -9.77 -43.46
N VAL D 43 6.52 -8.94 -43.82
CA VAL D 43 6.44 -7.50 -43.63
C VAL D 43 7.15 -6.80 -44.77
N TRP D 44 6.42 -5.91 -45.43
CA TRP D 44 6.93 -5.13 -46.53
C TRP D 44 6.56 -3.69 -46.40
N SER D 45 7.22 -2.89 -47.21
CA SER D 45 6.85 -1.51 -47.34
C SER D 45 7.47 -0.96 -48.61
N VAL D 46 6.86 0.11 -49.12
CA VAL D 46 7.35 0.76 -50.32
C VAL D 46 7.07 2.24 -50.20
N HIS D 47 7.90 3.01 -50.88
CA HIS D 47 7.80 4.45 -50.92
C HIS D 47 7.47 4.77 -52.34
N ILE D 48 6.38 5.51 -52.53
CA ILE D 48 6.02 6.01 -53.86
C ILE D 48 5.97 7.54 -53.88
N ARG D 49 6.30 8.10 -55.04
CA ARG D 49 6.61 9.49 -55.16
C ARG D 49 6.04 10.01 -56.47
N ASP D 50 5.63 11.27 -56.48
CA ASP D 50 5.27 11.99 -57.72
C ASP D 50 6.54 12.42 -58.41
N LYS D 51 6.75 11.90 -59.62
CA LYS D 51 7.94 12.22 -60.39
C LYS D 51 8.12 13.73 -60.70
N GLU D 52 7.04 14.51 -60.57
CA GLU D 52 7.06 15.94 -60.86
C GLU D 52 6.81 16.85 -59.65
N CYS D 53 6.58 16.28 -58.47
CA CYS D 53 6.52 17.05 -57.22
C CYS D 53 7.09 16.24 -56.06
N ALA D 54 8.16 16.75 -55.46
CA ALA D 54 8.88 16.02 -54.41
C ALA D 54 8.06 15.90 -53.14
N LEU D 55 7.18 16.86 -52.91
CA LEU D 55 6.37 16.90 -51.70
C LEU D 55 5.20 15.88 -51.71
N CYS D 56 4.73 15.47 -52.88
CA CYS D 56 3.67 14.48 -52.96
C CYS D 56 4.27 13.07 -52.95
N PHE D 57 4.11 12.36 -51.83
CA PHE D 57 4.63 10.99 -51.70
C PHE D 57 3.94 10.26 -50.57
N THR D 58 3.95 8.94 -50.67
CA THR D 58 3.28 8.10 -49.70
C THR D 58 4.11 6.90 -49.30
N ASN D 59 3.74 6.23 -48.21
CA ASN D 59 4.37 4.98 -47.77
C ASN D 59 3.39 3.85 -47.52
N GLY D 60 3.60 2.75 -48.25
CA GLY D 60 2.68 1.61 -48.21
C GLY D 60 3.31 0.52 -47.40
N LYS D 61 2.48 -0.28 -46.74
CA LYS D 61 2.93 -1.33 -45.83
C LYS D 61 1.91 -2.43 -45.79
N GLY D 62 2.38 -3.65 -45.72
CA GLY D 62 1.48 -4.80 -45.76
C GLY D 62 2.29 -6.05 -45.56
N ALA D 63 1.65 -7.20 -45.45
CA ALA D 63 2.39 -8.41 -45.17
C ALA D 63 2.90 -9.15 -46.40
N THR D 64 2.59 -8.63 -47.57
CA THR D 64 3.03 -9.24 -48.82
C THR D 64 3.51 -8.03 -49.63
N LYS D 65 4.28 -8.26 -50.70
CA LYS D 65 4.76 -7.14 -51.48
C LYS D 65 3.61 -6.32 -52.06
N LYS D 66 2.67 -7.02 -52.70
CA LYS D 66 1.54 -6.35 -53.36
C LYS D 66 0.71 -5.63 -52.34
N ALA D 67 0.43 -6.30 -51.24
CA ALA D 67 -0.37 -5.68 -50.17
C ALA D 67 0.12 -4.24 -49.91
N ALA D 68 1.45 -4.13 -49.91
CA ALA D 68 2.15 -2.89 -49.61
C ALA D 68 1.99 -1.91 -50.72
N LEU D 69 2.15 -2.36 -51.95
CA LEU D 69 2.01 -1.45 -53.09
C LEU D 69 0.58 -0.90 -53.17
N ALA D 70 -0.39 -1.77 -52.92
CA ALA D 70 -1.77 -1.37 -52.92
C ALA D 70 -2.00 -0.37 -51.82
N SER D 71 -1.30 -0.56 -50.70
CA SER D 71 -1.43 0.36 -49.57
C SER D 71 -0.89 1.71 -49.92
N ALA D 72 0.27 1.70 -50.55
CA ALA D 72 0.94 2.93 -50.95
C ALA D 72 0.07 3.73 -51.87
N LEU D 73 -0.56 3.04 -52.81
CA LEU D 73 -1.42 3.66 -53.81
C LEU D 73 -2.71 4.17 -53.18
N GLY D 74 -3.28 3.34 -52.32
CA GLY D 74 -4.49 3.71 -51.63
C GLY D 74 -4.26 4.97 -50.82
N GLU D 75 -3.17 5.02 -50.08
CA GLU D 75 -2.86 6.23 -49.34
C GLU D 75 -2.67 7.38 -50.31
N TYR D 76 -2.27 7.10 -51.54
CA TYR D 76 -2.03 8.19 -52.49
C TYR D 76 -3.35 8.84 -52.82
N PHE D 77 -4.36 8.03 -53.06
CA PHE D 77 -5.70 8.57 -53.31
C PHE D 77 -6.38 9.20 -52.07
N GLU D 78 -6.11 8.61 -50.92
CA GLU D 78 -6.53 9.16 -49.63
C GLU D 78 -6.09 10.62 -49.52
N ARG D 79 -4.84 10.86 -49.87
CA ARG D 79 -4.21 12.15 -49.64
C ARG D 79 -4.41 13.18 -50.75
N LEU D 80 -4.69 12.73 -51.97
CA LEU D 80 -5.09 13.66 -52.99
C LEU D 80 -6.54 14.02 -52.80
N SER D 81 -7.35 13.01 -52.50
CA SER D 81 -8.77 13.25 -52.35
C SER D 81 -8.98 14.30 -51.26
N THR D 82 -8.28 14.15 -50.14
CA THR D 82 -8.48 15.03 -48.99
C THR D 82 -7.72 16.35 -49.09
N ASN D 83 -6.92 16.48 -50.15
CA ASN D 83 -5.98 17.60 -50.32
C ASN D 83 -4.83 17.67 -49.29
N TYR D 84 -4.59 16.58 -48.56
CA TYR D 84 -3.68 16.60 -47.40
C TYR D 84 -2.23 16.96 -47.76
N PHE D 85 -1.77 16.58 -48.96
CA PHE D 85 -0.42 16.95 -49.39
C PHE D 85 -0.17 18.45 -49.26
N PHE D 86 -1.20 19.25 -49.56
CA PHE D 86 -1.08 20.72 -49.67
C PHE D 86 -1.48 21.43 -48.37
N ALA D 87 -1.76 20.64 -47.35
CA ALA D 87 -2.34 21.14 -46.11
C ALA D 87 -1.41 22.00 -45.28
N ASP D 88 -0.11 21.90 -45.52
CA ASP D 88 0.86 22.68 -44.75
C ASP D 88 1.40 23.95 -45.46
N PHE D 89 0.77 24.28 -46.58
CA PHE D 89 1.27 25.33 -47.47
C PHE D 89 0.19 26.31 -47.91
N TRP D 90 0.59 27.58 -47.98
CA TRP D 90 -0.24 28.60 -48.60
C TRP D 90 -0.19 28.38 -50.09
N LEU D 91 -1.33 28.46 -50.77
CA LEU D 91 -1.43 28.12 -52.20
C LEU D 91 -1.35 29.34 -53.13
N GLY D 92 -1.04 30.50 -52.55
CA GLY D 92 -0.76 31.67 -53.32
C GLY D 92 -2.02 32.44 -53.63
N GLU D 93 -1.83 33.67 -54.12
CA GLU D 93 -2.90 34.65 -54.26
C GLU D 93 -3.91 34.30 -55.36
N THR D 94 -3.45 33.69 -56.45
CA THR D 94 -4.35 33.32 -57.55
C THR D 94 -5.38 32.28 -57.11
N ILE D 95 -4.89 31.17 -56.55
CA ILE D 95 -5.73 30.04 -56.08
C ILE D 95 -6.65 30.48 -54.96
N ALA D 96 -6.10 31.32 -54.07
CA ALA D 96 -6.82 31.93 -52.93
C ALA D 96 -8.01 32.79 -53.32
N ASN D 97 -7.90 33.45 -54.47
CA ASN D 97 -8.98 34.28 -55.02
C ASN D 97 -9.74 33.64 -56.20
N GLY D 98 -9.58 32.33 -56.39
CA GLY D 98 -10.17 31.62 -57.53
C GLY D 98 -11.60 31.22 -57.28
N PRO D 99 -12.24 30.54 -58.25
CA PRO D 99 -13.62 30.06 -58.09
C PRO D 99 -13.81 29.30 -56.79
N PHE D 100 -13.05 28.22 -56.60
CA PHE D 100 -13.03 27.52 -55.31
C PHE D 100 -11.59 27.21 -54.95
N VAL D 101 -11.29 27.19 -53.66
CA VAL D 101 -9.94 26.89 -53.19
C VAL D 101 -9.78 25.41 -52.91
N HIS D 102 -10.63 24.91 -52.01
CA HIS D 102 -10.58 23.51 -51.53
C HIS D 102 -11.43 22.50 -52.33
N TYR D 103 -12.73 22.67 -52.28
CA TYR D 103 -13.65 21.93 -53.15
C TYR D 103 -14.73 22.87 -53.68
N PRO D 104 -15.35 22.53 -54.83
CA PRO D 104 -16.49 23.27 -55.38
C PRO D 104 -17.65 23.41 -54.38
N ASN D 105 -17.93 22.35 -53.63
CA ASN D 105 -19.01 22.36 -52.66
C ASN D 105 -18.63 22.99 -51.32
N GLU D 106 -17.47 23.63 -51.24
CA GLU D 106 -17.07 24.36 -50.03
C GLU D 106 -17.99 25.54 -49.84
N LYS D 107 -17.85 26.27 -48.76
CA LYS D 107 -18.76 27.37 -48.48
C LYS D 107 -18.06 28.43 -47.65
N TRP D 108 -18.19 29.68 -48.06
CA TRP D 108 -17.44 30.76 -47.43
C TRP D 108 -18.32 31.66 -46.57
N PHE D 109 -17.93 31.86 -45.33
CA PHE D 109 -18.74 32.59 -44.38
C PHE D 109 -18.01 33.86 -43.98
N PRO D 110 -18.46 35.03 -44.46
CA PRO D 110 -17.71 36.27 -44.16
C PRO D 110 -17.63 36.54 -42.68
N LEU D 111 -16.56 37.21 -42.26
CA LEU D 111 -16.45 37.57 -40.87
C LEU D 111 -17.55 38.56 -40.47
N THR D 112 -17.97 38.47 -39.21
CA THR D 112 -19.06 39.31 -38.71
C THR D 112 -18.48 40.57 -38.05
N GLU D 113 -19.35 41.53 -37.73
CA GLU D 113 -18.90 42.86 -37.24
C GLU D 113 -18.22 42.84 -35.88
N ASN D 114 -18.69 41.96 -35.02
CA ASN D 114 -18.11 41.79 -33.69
C ASN D 114 -17.15 40.59 -33.67
N ASP D 115 -16.95 39.98 -34.85
CA ASP D 115 -16.04 38.84 -35.07
C ASP D 115 -16.39 37.58 -34.27
N ASP D 116 -17.68 37.28 -34.17
CA ASP D 116 -18.10 35.98 -33.69
C ASP D 116 -17.89 34.96 -34.80
N VAL D 117 -18.09 33.68 -34.48
CA VAL D 117 -18.06 32.63 -35.48
C VAL D 117 -19.42 32.59 -36.17
N PRO D 118 -19.48 32.93 -37.47
CA PRO D 118 -20.74 32.96 -38.22
C PRO D 118 -21.68 31.78 -37.98
N GLU D 119 -22.97 32.03 -38.13
CA GLU D 119 -23.97 31.09 -37.63
C GLU D 119 -24.10 29.80 -38.44
N GLY D 120 -23.93 29.87 -39.76
CA GLY D 120 -24.06 28.64 -40.58
C GLY D 120 -22.98 27.58 -40.34
N LEU D 121 -21.97 27.93 -39.55
CA LEU D 121 -20.82 27.07 -39.34
C LEU D 121 -21.02 26.17 -38.16
N LEU D 122 -20.31 25.04 -38.18
CA LEU D 122 -20.36 24.07 -37.10
C LEU D 122 -21.81 23.67 -36.86
N ASP D 123 -22.05 23.05 -35.71
CA ASP D 123 -23.37 22.88 -35.16
C ASP D 123 -23.27 23.23 -33.67
N ASP D 124 -24.21 22.76 -32.85
CA ASP D 124 -24.29 23.18 -31.44
C ASP D 124 -23.36 22.39 -30.52
N ARG D 125 -23.27 21.07 -30.75
CA ARG D 125 -22.35 20.20 -29.99
C ARG D 125 -20.88 20.54 -30.26
N LEU D 126 -20.57 20.78 -31.55
CA LEU D 126 -19.24 21.19 -31.96
C LEU D 126 -18.84 22.51 -31.31
N ARG D 127 -19.69 23.53 -31.43
CA ARG D 127 -19.44 24.81 -30.76
C ARG D 127 -19.11 24.68 -29.28
N ALA D 128 -19.79 23.73 -28.61
CA ALA D 128 -19.62 23.49 -27.17
C ALA D 128 -18.29 22.82 -26.86
N PHE D 129 -17.89 21.91 -27.75
CA PHE D 129 -16.63 21.19 -27.65
C PHE D 129 -15.40 22.05 -27.97
N TYR D 130 -15.38 22.67 -29.16
CA TYR D 130 -14.23 23.50 -29.59
C TYR D 130 -14.10 24.77 -28.76
N ASP D 131 -15.24 25.32 -28.36
CA ASP D 131 -15.23 26.65 -27.75
C ASP D 131 -16.19 26.77 -26.58
N PRO D 132 -15.89 26.05 -25.48
CA PRO D 132 -16.85 26.05 -24.36
C PRO D 132 -17.05 27.44 -23.77
N GLU D 133 -15.99 28.25 -23.71
CA GLU D 133 -16.10 29.59 -23.09
C GLU D 133 -16.74 30.63 -24.03
N ASN D 134 -17.08 30.23 -25.25
CA ASN D 134 -17.64 31.13 -26.25
C ASN D 134 -16.75 32.33 -26.62
N GLU D 135 -15.43 32.15 -26.55
CA GLU D 135 -14.47 33.24 -26.81
C GLU D 135 -13.76 33.13 -28.17
N LEU D 136 -14.09 32.10 -28.93
CA LEU D 136 -13.41 31.84 -30.19
C LEU D 136 -13.86 32.90 -31.17
N THR D 137 -12.91 33.59 -31.80
CA THR D 137 -13.24 34.64 -32.76
C THR D 137 -13.21 34.07 -34.19
N GLY D 138 -13.89 34.73 -35.12
CA GLY D 138 -13.99 34.23 -36.52
C GLY D 138 -12.73 34.37 -37.34
N SER D 139 -12.00 35.45 -37.12
CA SER D 139 -10.75 35.73 -37.79
C SER D 139 -9.64 34.73 -37.43
N MET D 140 -9.75 34.05 -36.29
CA MET D 140 -8.84 32.93 -35.95
C MET D 140 -9.04 31.69 -36.83
N LEU D 141 -10.15 31.62 -37.56
CA LEU D 141 -10.50 30.42 -38.31
C LEU D 141 -10.26 30.52 -39.80
N ILE D 142 -9.40 31.45 -40.20
CA ILE D 142 -9.11 31.63 -41.63
C ILE D 142 -8.17 30.52 -42.08
N ASP D 143 -8.62 29.72 -43.04
CA ASP D 143 -7.80 28.61 -43.55
C ASP D 143 -6.42 29.08 -44.03
N LEU D 144 -5.43 28.19 -43.97
CA LEU D 144 -4.04 28.55 -44.28
C LEU D 144 -3.81 28.65 -45.77
N GLN D 145 -4.38 27.68 -46.46
CA GLN D 145 -4.25 27.56 -47.92
C GLN D 145 -4.57 28.84 -48.71
N SER D 146 -5.63 29.54 -48.29
CA SER D 146 -6.07 30.73 -48.96
C SER D 146 -5.53 31.96 -48.26
N GLY D 147 -5.54 31.93 -46.92
CA GLY D 147 -5.13 33.09 -46.12
C GLY D 147 -5.97 34.31 -46.51
N ASN D 148 -7.19 34.06 -46.96
CA ASN D 148 -8.03 35.08 -47.56
C ASN D 148 -9.07 35.64 -46.61
N GLU D 149 -8.62 36.46 -45.67
CA GLU D 149 -9.49 37.04 -44.64
C GLU D 149 -10.72 37.77 -45.22
N ASP D 150 -10.52 38.49 -46.30
CA ASP D 150 -11.59 39.22 -46.94
C ASP D 150 -12.69 38.29 -47.47
N ARG D 151 -12.32 37.15 -48.04
CA ARG D 151 -13.30 36.17 -48.52
C ARG D 151 -13.97 35.42 -47.38
N GLY D 152 -13.25 35.31 -46.27
CA GLY D 152 -13.82 34.79 -45.01
C GLY D 152 -13.38 33.39 -44.64
N ILE D 153 -14.19 32.76 -43.81
CA ILE D 153 -13.90 31.44 -43.28
C ILE D 153 -14.35 30.36 -44.24
N CYS D 154 -13.41 29.64 -44.82
CA CYS D 154 -13.80 28.50 -45.63
C CYS D 154 -14.24 27.37 -44.71
N GLY D 155 -15.40 26.81 -45.02
CA GLY D 155 -15.95 25.68 -44.32
C GLY D 155 -16.26 24.54 -45.27
N LEU D 156 -15.93 23.32 -44.86
CA LEU D 156 -16.16 22.13 -45.68
C LEU D 156 -17.38 21.37 -45.21
N PRO D 157 -18.09 20.76 -46.14
CA PRO D 157 -19.27 19.98 -45.83
C PRO D 157 -18.95 18.58 -45.28
N PHE D 158 -19.66 18.21 -44.21
CA PHE D 158 -19.57 16.88 -43.61
C PHE D 158 -20.99 16.37 -43.27
N THR D 159 -21.30 15.15 -43.66
CA THR D 159 -22.56 14.52 -43.33
C THR D 159 -22.55 14.05 -41.88
N ARG D 160 -23.23 14.80 -41.00
CA ARG D 160 -23.48 14.35 -39.63
C ARG D 160 -24.32 13.06 -39.65
N GLN D 161 -23.87 12.03 -38.94
CA GLN D 161 -24.28 10.64 -39.24
C GLN D 161 -25.53 10.20 -38.54
N SER D 162 -25.79 10.71 -37.34
CA SER D 162 -27.05 10.38 -36.67
C SER D 162 -28.30 10.80 -37.49
N ASP D 163 -28.28 12.03 -37.98
CA ASP D 163 -29.36 12.65 -38.73
C ASP D 163 -29.26 12.80 -40.20
N ASN D 164 -28.17 12.30 -40.73
CA ASN D 164 -27.79 12.50 -42.10
C ASN D 164 -27.79 13.95 -42.62
N GLN D 165 -27.60 14.92 -41.75
CA GLN D 165 -27.57 16.31 -42.16
C GLN D 165 -26.17 16.82 -42.48
N THR D 166 -26.07 17.79 -43.39
CA THR D 166 -24.81 18.44 -43.71
C THR D 166 -24.44 19.43 -42.61
N VAL D 167 -23.15 19.43 -42.25
CA VAL D 167 -22.59 20.39 -41.32
C VAL D 167 -21.31 20.98 -41.92
N TYR D 168 -21.15 22.29 -41.80
CA TYR D 168 -19.98 22.98 -42.34
C TYR D 168 -18.93 23.17 -41.24
N ILE D 169 -17.77 22.55 -41.43
CA ILE D 169 -16.67 22.68 -40.46
C ILE D 169 -15.55 23.51 -41.11
N PRO D 170 -15.04 24.56 -40.41
CA PRO D 170 -14.00 25.43 -40.98
C PRO D 170 -12.76 24.63 -41.28
N MET D 171 -12.17 24.87 -42.45
CA MET D 171 -11.03 24.11 -42.86
C MET D 171 -9.94 24.33 -41.80
N ASN D 172 -9.85 25.54 -41.27
CA ASN D 172 -8.89 25.80 -40.21
C ASN D 172 -8.95 24.77 -39.08
N ILE D 173 -10.16 24.48 -38.61
CA ILE D 173 -10.37 23.57 -37.47
C ILE D 173 -9.99 22.14 -37.87
N ILE D 174 -10.53 21.68 -39.00
CA ILE D 174 -10.24 20.34 -39.55
C ILE D 174 -8.76 20.11 -39.52
N GLY D 175 -8.03 21.05 -40.13
CA GLY D 175 -6.61 20.90 -40.40
C GLY D 175 -5.69 21.02 -39.21
N ASN D 176 -6.05 21.86 -38.24
CA ASN D 176 -5.22 22.08 -37.06
C ASN D 176 -5.35 20.99 -36.04
N LEU D 177 -6.54 20.38 -35.94
CA LEU D 177 -6.85 19.45 -34.85
C LEU D 177 -6.99 18.01 -35.28
N TYR D 178 -7.29 17.75 -36.53
CA TYR D 178 -7.51 16.38 -36.96
C TYR D 178 -6.48 15.90 -37.94
N VAL D 179 -5.89 16.82 -38.69
CA VAL D 179 -4.84 16.50 -39.64
C VAL D 179 -5.16 15.22 -40.41
N SER D 180 -4.18 14.33 -40.56
CA SER D 180 -4.34 13.10 -41.37
C SER D 180 -5.04 11.97 -40.62
N ASN D 181 -5.78 12.29 -39.57
CA ASN D 181 -6.45 11.25 -38.82
C ASN D 181 -7.90 10.99 -39.22
N GLY D 182 -8.15 9.72 -39.52
CA GLY D 182 -9.45 9.27 -39.91
C GLY D 182 -9.70 9.47 -41.38
N MET D 183 -8.66 9.68 -42.15
CA MET D 183 -8.80 9.66 -43.59
C MET D 183 -8.62 8.26 -44.08
N SER D 184 -9.31 7.99 -45.19
CA SER D 184 -9.13 6.73 -45.85
C SER D 184 -9.59 6.76 -47.29
N ALA D 185 -9.11 5.78 -48.04
CA ALA D 185 -9.53 5.55 -49.40
C ALA D 185 -9.71 4.07 -49.55
N GLY D 186 -10.52 3.63 -50.50
CA GLY D 186 -10.80 2.20 -50.64
C GLY D 186 -11.36 1.75 -51.97
N ASN D 187 -11.48 0.44 -52.09
CA ASN D 187 -12.15 -0.18 -53.22
C ASN D 187 -13.67 0.04 -53.23
N THR D 188 -14.24 0.25 -52.05
CA THR D 188 -15.67 0.51 -51.91
C THR D 188 -15.89 1.59 -50.86
N ARG D 189 -17.07 2.22 -50.89
CA ARG D 189 -17.44 3.20 -49.91
C ARG D 189 -17.20 2.63 -48.53
N ASN D 190 -17.72 1.43 -48.28
CA ASN D 190 -17.67 0.86 -46.93
C ASN D 190 -16.31 0.35 -46.47
N GLU D 191 -15.55 -0.25 -47.39
CA GLU D 191 -14.16 -0.66 -47.10
C GLU D 191 -13.36 0.52 -46.58
N ALA D 192 -13.43 1.63 -47.29
CA ALA D 192 -12.77 2.87 -46.87
C ALA D 192 -13.24 3.37 -45.50
N ARG D 193 -14.54 3.37 -45.28
CA ARG D 193 -15.06 3.91 -44.04
C ARG D 193 -14.70 3.05 -42.84
N VAL D 194 -14.69 1.74 -43.05
CA VAL D 194 -14.25 0.82 -42.00
C VAL D 194 -12.76 1.02 -41.68
N GLN D 195 -11.92 1.20 -42.71
CA GLN D 195 -10.50 1.51 -42.49
C GLN D 195 -10.40 2.81 -41.67
N GLY D 196 -11.05 3.87 -42.12
CA GLY D 196 -11.00 5.19 -41.46
C GLY D 196 -11.57 5.25 -40.06
N LEU D 197 -12.65 4.54 -39.81
CA LEU D 197 -13.22 4.50 -38.47
C LEU D 197 -12.34 3.72 -37.54
N SER D 198 -11.74 2.64 -38.06
CA SER D 198 -10.78 1.86 -37.30
C SER D 198 -9.57 2.74 -36.95
N GLU D 199 -9.08 3.51 -37.94
CA GLU D 199 -8.00 4.50 -37.73
C GLU D 199 -8.36 5.42 -36.55
N VAL D 200 -9.64 5.73 -36.36
CA VAL D 200 -10.05 6.58 -35.23
C VAL D 200 -9.90 5.86 -33.92
N PHE D 201 -10.34 4.61 -33.87
CA PHE D 201 -10.21 3.79 -32.67
C PHE D 201 -8.74 3.56 -32.31
N GLU D 202 -7.93 3.20 -33.31
CA GLU D 202 -6.48 3.03 -33.14
C GLU D 202 -5.96 4.16 -32.28
N ARG D 203 -6.18 5.37 -32.74
CA ARG D 203 -5.56 6.54 -32.14
C ARG D 203 -6.21 7.02 -30.84
N TYR D 204 -7.51 6.83 -30.70
CA TYR D 204 -8.19 7.21 -29.46
C TYR D 204 -7.81 6.28 -28.32
N VAL D 205 -7.88 4.98 -28.59
CA VAL D 205 -7.56 3.95 -27.61
C VAL D 205 -6.11 4.09 -27.23
N LYS D 206 -5.25 4.21 -28.24
CA LYS D 206 -3.82 4.48 -28.03
C LYS D 206 -3.61 5.58 -26.99
N ASN D 207 -4.19 6.74 -27.25
CA ASN D 207 -4.05 7.90 -26.35
C ASN D 207 -4.56 7.70 -24.94
N ARG D 208 -5.41 6.71 -24.75
CA ARG D 208 -5.85 6.35 -23.43
C ARG D 208 -4.88 5.40 -22.77
N ILE D 209 -4.58 4.32 -23.48
CA ILE D 209 -3.64 3.32 -23.02
C ILE D 209 -2.36 4.00 -22.53
N ILE D 210 -1.93 5.02 -23.30
CA ILE D 210 -0.70 5.73 -23.02
C ILE D 210 -0.90 6.72 -21.89
N ALA D 211 -1.78 7.70 -22.10
CA ALA D 211 -1.92 8.79 -21.15
C ALA D 211 -2.34 8.29 -19.76
N GLU D 212 -3.20 7.29 -19.72
CA GLU D 212 -3.69 6.73 -18.45
C GLU D 212 -2.75 5.64 -17.88
N SER D 213 -1.62 5.41 -18.55
CA SER D 213 -0.58 4.49 -18.06
C SER D 213 -1.18 3.12 -17.74
N ILE D 214 -1.86 2.55 -18.74
CA ILE D 214 -2.60 1.31 -18.56
C ILE D 214 -1.71 0.12 -18.79
N SER D 215 -1.88 -0.92 -17.95
CA SER D 215 -1.26 -2.24 -18.18
C SER D 215 -2.20 -3.09 -18.97
N LEU D 216 -1.78 -3.51 -20.15
CA LEU D 216 -2.59 -4.33 -21.02
C LEU D 216 -2.26 -5.79 -20.79
N PRO D 217 -3.17 -6.67 -21.25
CA PRO D 217 -3.05 -8.13 -21.11
C PRO D 217 -2.46 -8.78 -22.33
N GLU D 218 -1.48 -9.66 -22.13
CA GLU D 218 -0.81 -10.30 -23.25
C GLU D 218 -1.81 -11.06 -24.07
N ILE D 219 -1.51 -11.23 -25.34
CA ILE D 219 -2.31 -12.10 -26.22
C ILE D 219 -1.77 -13.50 -25.98
N PRO D 220 -2.61 -14.44 -25.59
CA PRO D 220 -2.16 -15.80 -25.37
C PRO D 220 -1.48 -16.41 -26.58
N ALA D 221 -0.60 -17.37 -26.34
CA ALA D 221 0.21 -17.94 -27.40
C ALA D 221 -0.60 -18.73 -28.43
N ASP D 222 -1.57 -19.49 -27.95
CA ASP D 222 -2.43 -20.28 -28.82
C ASP D 222 -3.35 -19.42 -29.71
N VAL D 223 -3.60 -18.19 -29.27
CA VAL D 223 -4.34 -17.21 -30.07
C VAL D 223 -3.45 -16.63 -31.19
N LEU D 224 -2.22 -16.27 -30.85
CA LEU D 224 -1.26 -15.82 -31.84
C LEU D 224 -1.01 -16.90 -32.88
N ALA D 225 -1.10 -18.16 -32.45
CA ALA D 225 -0.83 -19.33 -33.30
C ALA D 225 -1.72 -19.38 -34.53
N ARG D 226 -2.94 -18.84 -34.37
CA ARG D 226 -3.87 -18.69 -35.48
C ARG D 226 -3.25 -17.95 -36.69
N TYR D 227 -2.31 -17.06 -36.43
CA TYR D 227 -1.78 -16.18 -37.44
C TYR D 227 -0.28 -16.44 -37.56
N PRO D 228 0.12 -17.59 -38.15
CA PRO D 228 1.55 -18.01 -38.25
C PRO D 228 2.48 -17.03 -38.97
N ALA D 229 1.96 -16.33 -39.96
CA ALA D 229 2.72 -15.34 -40.70
C ALA D 229 3.16 -14.15 -39.83
N VAL D 230 2.34 -13.77 -38.85
CA VAL D 230 2.69 -12.74 -37.87
C VAL D 230 3.67 -13.31 -36.84
N VAL D 231 3.32 -14.45 -36.26
CA VAL D 231 4.21 -15.22 -35.39
C VAL D 231 5.63 -15.33 -35.96
N GLU D 232 5.74 -15.52 -37.25
CA GLU D 232 7.02 -15.67 -37.92
C GLU D 232 7.74 -14.35 -37.90
N ALA D 233 7.01 -13.29 -38.18
CA ALA D 233 7.59 -11.93 -38.17
C ALA D 233 8.10 -11.57 -36.79
N ILE D 234 7.41 -12.04 -35.75
CA ILE D 234 7.81 -11.78 -34.36
C ILE D 234 9.01 -12.64 -33.93
N GLU D 235 9.00 -13.92 -34.28
CA GLU D 235 10.12 -14.77 -33.93
C GLU D 235 11.39 -14.25 -34.58
N THR D 236 11.28 -13.69 -35.78
CA THR D 236 12.44 -13.16 -36.47
C THR D 236 12.96 -11.92 -35.75
N LEU D 237 12.08 -10.99 -35.44
CA LEU D 237 12.47 -9.79 -34.68
C LEU D 237 13.08 -10.16 -33.32
N GLU D 238 12.55 -11.21 -32.69
CA GLU D 238 12.95 -11.59 -31.34
C GLU D 238 14.33 -12.22 -31.35
N ALA D 239 14.55 -13.12 -32.29
CA ALA D 239 15.85 -13.74 -32.50
C ALA D 239 16.86 -12.71 -32.99
N GLU D 240 16.40 -11.73 -33.75
CA GLU D 240 17.23 -10.61 -34.21
C GLU D 240 17.66 -9.69 -33.08
N GLY D 241 17.22 -9.98 -31.85
CA GLY D 241 17.67 -9.23 -30.68
C GLY D 241 16.68 -8.18 -30.17
N PHE D 242 15.43 -8.24 -30.62
CA PHE D 242 14.40 -7.28 -30.18
C PHE D 242 13.24 -7.96 -29.43
N PRO D 243 13.22 -7.85 -28.11
CA PRO D 243 12.05 -8.36 -27.40
C PRO D 243 10.75 -7.75 -27.92
N ILE D 244 9.72 -8.57 -28.08
CA ILE D 244 8.39 -8.12 -28.49
C ILE D 244 7.34 -8.41 -27.42
N PHE D 245 6.36 -7.53 -27.28
CA PHE D 245 5.18 -7.77 -26.47
C PHE D 245 3.94 -7.61 -27.34
N ALA D 246 3.08 -8.61 -27.39
CA ALA D 246 1.79 -8.48 -28.08
C ALA D 246 0.66 -8.32 -27.05
N TYR D 247 -0.25 -7.38 -27.28
CA TYR D 247 -1.23 -7.01 -26.28
C TYR D 247 -2.66 -6.88 -26.86
N ASP D 248 -3.65 -7.12 -26.02
CA ASP D 248 -5.04 -6.85 -26.37
C ASP D 248 -5.37 -5.41 -25.94
N GLY D 249 -5.56 -4.55 -26.93
CA GLY D 249 -5.84 -3.14 -26.66
C GLY D 249 -7.32 -2.84 -26.65
N SER D 250 -8.14 -3.89 -26.58
CA SER D 250 -9.62 -3.73 -26.53
C SER D 250 -10.15 -3.10 -25.25
N LEU D 251 -9.35 -3.11 -24.18
CA LEU D 251 -9.78 -2.57 -22.89
C LEU D 251 -10.99 -3.35 -22.38
N GLY D 252 -10.82 -4.67 -22.32
CA GLY D 252 -11.89 -5.57 -21.92
C GLY D 252 -12.95 -5.74 -22.99
N GLY D 253 -12.52 -6.00 -24.21
CA GLY D 253 -13.45 -6.27 -25.31
C GLY D 253 -14.20 -5.11 -25.97
N GLN D 254 -14.04 -3.88 -25.45
CA GLN D 254 -14.79 -2.69 -25.96
C GLN D 254 -14.44 -2.21 -27.38
N TYR D 255 -13.14 -2.09 -27.65
CA TYR D 255 -12.67 -1.57 -28.92
C TYR D 255 -11.83 -2.59 -29.67
N PRO D 256 -11.78 -2.47 -31.00
CA PRO D 256 -11.10 -3.47 -31.82
C PRO D 256 -9.65 -3.08 -32.06
N VAL D 257 -8.88 -3.03 -30.98
CA VAL D 257 -7.51 -2.47 -30.99
C VAL D 257 -6.48 -3.46 -30.42
N ILE D 258 -5.46 -3.75 -31.22
CA ILE D 258 -4.28 -4.50 -30.79
C ILE D 258 -3.11 -3.52 -30.58
N CYS D 259 -2.27 -3.82 -29.60
CA CYS D 259 -1.07 -3.03 -29.35
C CYS D 259 0.13 -3.96 -29.23
N VAL D 260 1.21 -3.62 -29.90
CA VAL D 260 2.39 -4.47 -29.94
C VAL D 260 3.58 -3.58 -29.72
N VAL D 261 4.41 -3.93 -28.74
CA VAL D 261 5.53 -3.11 -28.37
C VAL D 261 6.85 -3.83 -28.63
N LEU D 262 7.78 -3.10 -29.25
CA LEU D 262 9.14 -3.55 -29.48
C LEU D 262 10.12 -2.91 -28.48
N PHE D 263 11.05 -3.72 -27.98
CA PHE D 263 12.16 -3.25 -27.13
C PHE D 263 13.43 -3.24 -27.96
N ASN D 264 14.27 -2.23 -27.76
CA ASN D 264 15.63 -2.23 -28.29
C ASN D 264 16.67 -2.16 -27.17
N PRO D 265 17.11 -3.34 -26.68
CA PRO D 265 17.99 -3.40 -25.51
C PRO D 265 19.31 -2.64 -25.71
N ALA D 266 19.75 -2.57 -26.97
CA ALA D 266 20.98 -1.87 -27.35
C ALA D 266 20.98 -0.40 -26.94
N ASN D 267 19.87 0.29 -27.09
CA ASN D 267 19.81 1.69 -26.62
C ASN D 267 18.85 1.90 -25.44
N GLY D 268 18.29 0.80 -24.91
CA GLY D 268 17.39 0.83 -23.77
C GLY D 268 16.05 1.53 -24.02
N THR D 269 15.58 1.49 -25.27
CA THR D 269 14.34 2.16 -25.65
C THR D 269 13.27 1.20 -26.12
N CYS D 270 12.03 1.69 -26.16
CA CYS D 270 10.89 0.90 -26.62
C CYS D 270 10.14 1.68 -27.67
N PHE D 271 9.38 0.95 -28.48
CA PHE D 271 8.55 1.52 -29.53
C PHE D 271 7.17 0.83 -29.59
N ALA D 272 6.13 1.57 -29.23
CA ALA D 272 4.77 1.03 -29.15
C ALA D 272 3.99 1.28 -30.41
N SER D 273 3.56 0.20 -31.05
CA SER D 273 2.65 0.30 -32.17
C SER D 273 1.25 -0.11 -31.81
N PHE D 274 0.29 0.48 -32.51
CA PHE D 274 -1.12 0.22 -32.32
C PHE D 274 -1.80 0.01 -33.67
N GLY D 275 -2.97 -0.60 -33.63
CA GLY D 275 -3.66 -0.94 -34.85
C GLY D 275 -5.06 -1.39 -34.55
N ALA D 276 -5.99 -1.07 -35.45
CA ALA D 276 -7.39 -1.41 -35.26
C ALA D 276 -8.03 -1.89 -36.55
N HIS D 277 -8.85 -2.91 -36.40
CA HIS D 277 -9.71 -3.41 -37.47
C HIS D 277 -10.74 -4.35 -36.82
N PRO D 278 -11.96 -4.42 -37.41
CA PRO D 278 -12.99 -5.25 -36.78
C PRO D 278 -12.57 -6.73 -36.61
N ASP D 279 -11.81 -7.23 -37.56
CA ASP D 279 -11.28 -8.56 -37.48
C ASP D 279 -9.97 -8.56 -36.71
N PHE D 280 -9.97 -9.22 -35.56
CA PHE D 280 -8.78 -9.42 -34.68
C PHE D 280 -7.46 -9.69 -35.41
N GLY D 281 -7.48 -10.64 -36.34
CA GLY D 281 -6.30 -11.03 -37.10
C GLY D 281 -5.75 -9.94 -37.99
N VAL D 282 -6.62 -9.20 -38.68
CA VAL D 282 -6.20 -8.08 -39.52
C VAL D 282 -5.59 -6.99 -38.65
N ALA D 283 -6.22 -6.69 -37.52
CA ALA D 283 -5.70 -5.69 -36.59
C ALA D 283 -4.33 -6.08 -36.05
N LEU D 284 -4.13 -7.37 -35.78
CA LEU D 284 -2.84 -7.84 -35.26
C LEU D 284 -1.76 -7.55 -36.29
N GLU D 285 -1.99 -7.99 -37.52
CA GLU D 285 -1.01 -7.82 -38.59
C GLU D 285 -0.73 -6.36 -38.92
N ARG D 286 -1.78 -5.54 -38.95
CA ARG D 286 -1.64 -4.09 -39.14
C ARG D 286 -0.72 -3.49 -38.08
N THR D 287 -0.86 -3.89 -36.82
CA THR D 287 -0.02 -3.37 -35.73
C THR D 287 1.45 -3.82 -35.89
N VAL D 288 1.67 -5.11 -36.20
CA VAL D 288 3.01 -5.62 -36.48
C VAL D 288 3.68 -4.98 -37.71
N THR D 289 2.99 -4.94 -38.84
CA THR D 289 3.57 -4.33 -40.03
C THR D 289 3.99 -2.88 -39.81
N GLU D 290 3.26 -2.16 -39.00
CA GLU D 290 3.60 -0.77 -38.70
C GLU D 290 4.85 -0.61 -37.80
N LEU D 291 5.32 -1.66 -37.14
CA LEU D 291 6.61 -1.55 -36.44
C LEU D 291 7.75 -1.15 -37.41
N LEU D 292 7.60 -1.44 -38.72
CA LEU D 292 8.65 -1.18 -39.75
C LEU D 292 8.19 -0.53 -41.12
N PHE D 303 14.29 6.13 -30.83
CA PHE D 303 13.22 6.01 -29.81
C PHE D 303 13.53 6.57 -28.42
N THR D 304 12.56 6.42 -27.52
CA THR D 304 12.69 6.89 -26.14
C THR D 304 12.44 5.74 -25.15
N PRO D 305 13.18 5.75 -24.02
CA PRO D 305 12.97 4.69 -23.06
C PRO D 305 11.65 4.89 -22.32
N PRO D 306 11.10 3.81 -21.76
CA PRO D 306 9.95 3.92 -20.89
C PRO D 306 10.21 4.82 -19.71
N THR D 307 9.17 5.16 -18.96
CA THR D 307 9.28 6.13 -17.86
C THR D 307 8.23 5.87 -16.80
N PHE D 308 8.57 6.21 -15.55
CA PHE D 308 7.59 6.16 -14.46
C PHE D 308 6.89 7.50 -14.25
N ASP D 309 7.04 8.42 -15.20
CA ASP D 309 6.51 9.75 -14.98
C ASP D 309 5.07 9.77 -15.41
N ASP D 310 4.20 9.46 -14.47
CA ASP D 310 2.78 9.54 -14.69
C ASP D 310 2.33 10.80 -15.45
N GLU D 311 2.91 11.97 -15.15
CA GLU D 311 2.44 13.26 -15.69
C GLU D 311 3.02 13.59 -17.04
N GLU D 312 4.28 13.23 -17.28
CA GLU D 312 4.91 13.55 -18.58
C GLU D 312 4.40 12.66 -19.73
N VAL D 313 3.97 11.44 -19.42
CA VAL D 313 3.38 10.55 -20.40
C VAL D 313 2.05 11.13 -20.89
N ALA D 314 1.22 11.60 -19.95
CA ALA D 314 -0.13 12.09 -20.25
C ALA D 314 -0.12 13.43 -20.97
N GLU D 315 0.96 14.21 -20.84
CA GLU D 315 1.05 15.54 -21.44
C GLU D 315 0.66 15.48 -22.92
N HIS D 316 -0.14 16.45 -23.37
CA HIS D 316 -0.64 16.45 -24.75
C HIS D 316 0.49 16.47 -25.79
N THR D 317 1.58 17.17 -25.50
CA THR D 317 2.77 17.15 -26.36
C THR D 317 3.39 15.73 -26.55
N ASN D 318 3.17 14.83 -25.60
CA ASN D 318 3.69 13.47 -25.72
C ASN D 318 2.87 12.66 -26.72
N LEU D 319 1.57 12.80 -26.62
CA LEU D 319 0.66 12.09 -27.50
C LEU D 319 0.74 12.68 -28.90
N GLU D 320 0.94 13.99 -28.97
CA GLU D 320 1.14 14.69 -30.26
C GLU D 320 2.39 14.15 -30.99
N THR D 321 3.47 13.90 -30.24
CA THR D 321 4.74 13.29 -30.78
C THR D 321 4.38 11.88 -31.32
N HIS D 322 3.87 11.02 -30.45
CA HIS D 322 3.42 9.68 -30.85
C HIS D 322 2.70 9.61 -32.22
N PHE D 323 1.91 10.62 -32.51
CA PHE D 323 1.17 10.65 -33.77
C PHE D 323 2.07 10.93 -34.98
N ILE D 324 2.97 11.91 -34.85
CA ILE D 324 3.86 12.28 -35.95
C ILE D 324 4.78 11.12 -36.27
N ASP D 325 5.14 10.41 -35.20
CA ASP D 325 6.48 9.89 -35.03
C ASP D 325 6.63 8.40 -34.60
N SER D 326 5.95 8.16 -33.50
CA SER D 326 6.05 7.05 -32.56
C SER D 326 7.24 6.98 -31.62
N SER D 327 8.14 7.96 -31.73
CA SER D 327 9.13 8.21 -30.67
C SER D 327 8.58 9.09 -29.54
N GLY D 328 7.70 8.53 -28.72
CA GLY D 328 7.14 9.22 -27.54
C GLY D 328 7.32 8.41 -26.29
N LEU D 329 6.92 8.98 -25.16
CA LEU D 329 7.10 8.35 -23.85
C LEU D 329 6.00 7.35 -23.50
N ILE D 330 6.40 6.14 -23.18
CA ILE D 330 5.51 5.09 -22.76
C ILE D 330 5.74 4.88 -21.27
N SER D 331 4.68 4.67 -20.49
CA SER D 331 4.84 4.29 -19.08
C SER D 331 5.35 2.86 -18.92
N TRP D 332 6.17 2.62 -17.91
CA TRP D 332 6.63 1.26 -17.59
C TRP D 332 5.44 0.38 -17.22
N ASP D 333 4.38 1.02 -16.75
CA ASP D 333 3.15 0.34 -16.36
C ASP D 333 2.52 -0.51 -17.45
N LEU D 334 2.70 -0.15 -18.69
CA LEU D 334 2.22 -0.96 -19.79
C LEU D 334 2.66 -2.43 -19.65
N PHE D 335 3.88 -2.61 -19.16
CA PHE D 335 4.54 -3.93 -19.12
C PHE D 335 4.41 -4.67 -17.79
N LYS D 336 3.61 -4.13 -16.90
CA LYS D 336 3.34 -4.79 -15.64
C LYS D 336 2.77 -6.15 -15.95
N GLN D 337 3.16 -7.11 -15.13
CA GLN D 337 2.68 -8.47 -15.27
C GLN D 337 1.15 -8.44 -15.20
N ASP D 338 0.63 -7.90 -14.12
CA ASP D 338 -0.82 -7.83 -13.91
C ASP D 338 -1.45 -6.72 -14.72
N ALA D 339 -2.34 -7.14 -15.62
CA ALA D 339 -3.13 -6.24 -16.45
C ALA D 339 -4.39 -5.68 -15.76
N ASP D 340 -4.85 -4.51 -16.24
CA ASP D 340 -5.99 -3.83 -15.67
C ASP D 340 -7.29 -4.26 -16.35
N TYR D 341 -7.16 -4.99 -17.46
CA TYR D 341 -8.30 -5.56 -18.15
C TYR D 341 -7.92 -6.97 -18.49
N PRO D 342 -8.88 -7.87 -18.52
CA PRO D 342 -8.57 -9.22 -18.95
C PRO D 342 -8.46 -9.29 -20.46
N PHE D 343 -7.73 -10.31 -20.94
CA PHE D 343 -7.66 -10.55 -22.37
C PHE D 343 -9.03 -10.94 -22.84
N VAL D 344 -9.40 -10.49 -24.03
CA VAL D 344 -10.68 -10.89 -24.64
C VAL D 344 -10.42 -11.34 -26.04
N ASP D 345 -10.87 -12.53 -26.40
CA ASP D 345 -10.64 -12.99 -27.76
C ASP D 345 -11.73 -12.37 -28.62
N TRP D 346 -11.53 -11.09 -28.93
CA TRP D 346 -12.58 -10.31 -29.57
C TRP D 346 -12.67 -10.52 -31.07
N ASN D 347 -13.84 -10.19 -31.58
CA ASN D 347 -14.12 -10.21 -32.99
C ASN D 347 -15.40 -9.43 -33.34
N PHE D 348 -15.26 -8.49 -34.27
CA PHE D 348 -16.34 -7.63 -34.71
C PHE D 348 -16.58 -7.81 -36.22
N SER D 349 -15.99 -8.86 -36.81
CA SER D 349 -15.87 -8.99 -38.28
C SER D 349 -17.17 -9.29 -39.04
N GLY D 350 -17.07 -9.47 -40.35
CA GLY D 350 -18.22 -9.58 -41.25
C GLY D 350 -17.95 -8.86 -42.57
N THR D 351 -18.99 -8.60 -43.37
CA THR D 351 -18.79 -7.87 -44.58
C THR D 351 -18.62 -6.37 -44.25
N THR D 352 -17.90 -5.65 -45.12
CA THR D 352 -17.59 -4.23 -44.88
C THR D 352 -18.83 -3.42 -44.51
N GLU D 353 -19.95 -3.78 -45.11
CA GLU D 353 -21.22 -3.17 -44.78
C GLU D 353 -21.64 -3.43 -43.33
N GLU D 354 -21.54 -4.68 -42.88
CA GLU D 354 -21.86 -5.05 -41.49
C GLU D 354 -20.87 -4.43 -40.51
N GLU D 355 -19.58 -4.51 -40.86
CA GLU D 355 -18.50 -3.98 -40.06
C GLU D 355 -18.75 -2.48 -39.84
N PHE D 356 -19.15 -1.76 -40.90
CA PHE D 356 -19.43 -0.34 -40.77
C PHE D 356 -20.49 -0.08 -39.71
N ALA D 357 -21.51 -0.91 -39.69
CA ALA D 357 -22.60 -0.74 -38.74
C ALA D 357 -22.17 -1.10 -37.30
N THR D 358 -21.41 -2.19 -37.19
CA THR D 358 -20.91 -2.68 -35.92
C THR D 358 -20.06 -1.62 -35.23
N LEU D 359 -19.24 -0.95 -36.03
CA LEU D 359 -18.34 0.07 -35.50
C LEU D 359 -19.15 1.28 -35.11
N MET D 360 -20.03 1.70 -36.01
CA MET D 360 -20.88 2.88 -35.77
C MET D 360 -21.68 2.68 -34.51
N ALA D 361 -22.03 1.42 -34.25
CA ALA D 361 -22.72 1.02 -33.02
C ALA D 361 -21.95 1.40 -31.76
N ILE D 362 -20.63 1.23 -31.82
CA ILE D 362 -19.77 1.56 -30.70
C ILE D 362 -19.76 3.07 -30.45
N PHE D 363 -19.68 3.86 -31.52
CA PHE D 363 -19.72 5.32 -31.40
C PHE D 363 -21.03 5.81 -30.82
N ASN D 364 -22.12 5.17 -31.22
CA ASN D 364 -23.42 5.49 -30.67
C ASN D 364 -23.46 5.17 -29.19
N LYS D 365 -22.94 4.01 -28.82
CA LYS D 365 -22.84 3.63 -27.42
C LYS D 365 -22.07 4.66 -26.59
N GLU D 366 -21.09 5.31 -27.20
CA GLU D 366 -20.25 6.29 -26.51
C GLU D 366 -20.88 7.68 -26.45
N ASP D 367 -22.03 7.85 -27.11
CA ASP D 367 -22.64 9.18 -27.29
C ASP D 367 -21.67 10.15 -27.99
N LYS D 368 -21.10 9.68 -29.10
CA LYS D 368 -20.16 10.47 -29.90
C LYS D 368 -20.66 10.53 -31.32
N GLU D 369 -21.04 11.74 -31.72
CA GLU D 369 -21.42 12.04 -33.09
C GLU D 369 -20.26 11.80 -34.04
N VAL D 370 -20.53 11.10 -35.12
CA VAL D 370 -19.57 10.88 -36.18
C VAL D 370 -19.92 11.87 -37.30
N TYR D 371 -18.92 12.51 -37.91
CA TYR D 371 -19.12 13.36 -39.09
C TYR D 371 -18.25 12.86 -40.25
N ILE D 372 -18.88 12.36 -41.30
CA ILE D 372 -18.15 11.84 -42.45
C ILE D 372 -18.25 12.83 -43.61
N ALA D 373 -17.25 12.80 -44.50
CA ALA D 373 -17.25 13.58 -45.73
C ALA D 373 -16.71 12.70 -46.85
N ASP D 374 -17.45 12.60 -47.94
CA ASP D 374 -17.11 11.67 -49.02
C ASP D 374 -16.51 12.39 -50.21
N TYR D 375 -15.53 11.77 -50.83
CA TYR D 375 -14.85 12.34 -51.98
C TYR D 375 -14.76 11.21 -53.00
N GLU D 376 -15.22 11.48 -54.21
CA GLU D 376 -15.12 10.51 -55.30
C GLU D 376 -14.58 11.15 -56.58
N HIS D 377 -14.10 12.38 -56.46
CA HIS D 377 -13.81 13.21 -57.63
C HIS D 377 -12.54 12.76 -58.34
N LEU D 378 -11.79 11.87 -57.72
CA LEU D 378 -10.64 11.30 -58.36
C LEU D 378 -10.87 9.88 -58.86
N GLY D 379 -12.11 9.40 -58.79
CA GLY D 379 -12.44 8.07 -59.33
C GLY D 379 -12.17 6.91 -58.39
N VAL D 380 -11.89 7.26 -57.15
CA VAL D 380 -11.76 6.27 -56.09
C VAL D 380 -12.42 6.89 -54.90
N TYR D 381 -13.09 6.04 -54.13
CA TYR D 381 -13.81 6.55 -52.98
C TYR D 381 -12.79 6.84 -51.92
N ALA D 382 -13.01 7.96 -51.23
CA ALA D 382 -12.20 8.34 -50.09
C ALA D 382 -13.05 9.11 -49.11
N CYS D 383 -12.87 8.84 -47.83
CA CYS D 383 -13.62 9.55 -46.84
C CYS D 383 -12.71 10.37 -45.93
N ARG D 384 -13.32 11.25 -45.16
CA ARG D 384 -12.64 11.92 -44.07
C ARG D 384 -13.55 12.00 -42.85
N ILE D 385 -13.10 11.46 -41.71
CA ILE D 385 -13.95 11.23 -40.55
C ILE D 385 -13.51 12.00 -39.34
N ILE D 386 -14.40 12.87 -38.89
CA ILE D 386 -14.22 13.64 -37.67
C ILE D 386 -15.15 13.04 -36.62
N VAL D 387 -14.68 12.89 -35.38
CA VAL D 387 -15.48 12.35 -34.27
C VAL D 387 -15.12 13.10 -33.00
N PRO D 388 -15.54 14.37 -32.92
CA PRO D 388 -14.95 15.25 -31.88
C PRO D 388 -15.13 14.62 -30.53
N GLY D 389 -14.03 14.63 -29.77
CA GLY D 389 -13.92 13.91 -28.51
C GLY D 389 -13.22 12.57 -28.64
N MET D 390 -12.78 12.20 -29.84
CA MET D 390 -12.12 10.89 -30.07
C MET D 390 -11.09 10.94 -31.22
N SER D 391 -11.50 11.53 -32.35
CA SER D 391 -10.65 11.71 -33.53
C SER D 391 -9.57 12.79 -33.32
N ASP D 392 -9.78 13.69 -32.36
CA ASP D 392 -8.82 14.79 -32.15
C ASP D 392 -7.42 14.33 -31.85
N ILE D 393 -6.45 14.92 -32.54
CA ILE D 393 -5.03 14.71 -32.27
C ILE D 393 -4.48 15.86 -31.44
N TYR D 394 -4.87 17.07 -31.80
CA TYR D 394 -4.50 18.25 -31.06
C TYR D 394 -5.74 18.77 -30.32
N PRO D 395 -5.53 19.45 -29.16
CA PRO D 395 -6.63 19.93 -28.36
C PRO D 395 -7.10 21.28 -28.86
N ALA D 396 -8.36 21.59 -28.62
CA ALA D 396 -8.96 22.80 -29.17
C ALA D 396 -8.29 24.11 -28.73
N GLU D 397 -7.67 24.13 -27.53
CA GLU D 397 -6.88 25.28 -27.06
C GLU D 397 -5.88 25.69 -28.11
N ASP D 398 -5.40 24.73 -28.90
CA ASP D 398 -4.46 25.04 -29.98
C ASP D 398 -5.00 25.96 -31.11
N LEU D 399 -6.32 26.11 -31.25
CA LEU D 399 -6.84 27.11 -32.17
C LEU D 399 -6.48 28.56 -31.75
N TRP D 400 -6.18 28.75 -30.47
CA TRP D 400 -5.69 30.02 -29.95
C TRP D 400 -4.16 30.02 -29.91
N LEU D 401 -3.58 28.98 -29.34
CA LEU D 401 -2.15 28.95 -28.99
C LEU D 401 -1.21 28.46 -30.09
N ALA D 402 -1.67 27.56 -30.93
CA ALA D 402 -0.81 26.88 -31.91
C ALA D 402 -1.52 26.78 -33.24
N ASN D 403 -2.08 27.91 -33.68
CA ASN D 403 -2.91 27.90 -34.89
C ASN D 403 -2.03 28.07 -36.09
N ASN D 404 -2.07 27.09 -36.99
CA ASN D 404 -1.17 27.06 -38.13
C ASN D 404 -1.31 28.22 -39.14
N SER D 405 -2.22 29.17 -38.90
CA SER D 405 -2.32 30.36 -39.72
C SER D 405 -2.01 31.62 -38.93
N MET D 406 -1.47 31.47 -37.74
CA MET D 406 -1.13 32.61 -36.88
C MET D 406 -0.28 33.64 -37.61
N GLY D 407 0.62 33.18 -38.49
CA GLY D 407 1.53 34.08 -39.20
C GLY D 407 0.98 34.59 -40.51
N SER D 408 -0.19 34.09 -40.94
CA SER D 408 -0.75 34.40 -42.28
C SER D 408 -0.70 35.91 -42.61
N HIS D 409 -0.88 36.75 -41.59
CA HIS D 409 -0.97 38.20 -41.77
C HIS D 409 0.38 38.94 -41.91
N LEU D 410 1.47 38.33 -41.47
CA LEU D 410 2.81 38.87 -41.73
C LEU D 410 3.45 38.40 -43.05
N ARG D 411 2.84 37.43 -43.71
CA ARG D 411 3.44 36.81 -44.89
C ARG D 411 3.95 37.85 -45.88
N GLU D 412 3.04 38.70 -46.36
CA GLU D 412 3.34 39.65 -47.41
C GLU D 412 4.46 40.63 -46.97
N THR D 413 4.43 41.06 -45.73
CA THR D 413 5.45 41.92 -45.16
C THR D 413 6.82 41.26 -45.20
N ILE D 414 6.88 40.01 -44.75
CA ILE D 414 8.15 39.27 -44.62
C ILE D 414 8.74 38.86 -45.97
N LEU D 415 7.91 38.37 -46.87
CA LEU D 415 8.36 38.07 -48.24
C LEU D 415 8.86 39.29 -49.06
N SER D 416 8.44 40.49 -48.66
CA SER D 416 8.90 41.73 -49.28
C SER D 416 10.32 42.15 -48.84
N LEU D 417 10.77 41.67 -47.68
CA LEU D 417 12.03 42.13 -47.09
C LEU D 417 13.31 42.07 -47.97
N PRO D 418 13.54 40.95 -48.70
CA PRO D 418 14.66 40.94 -49.62
C PRO D 418 14.42 41.96 -50.70
N GLY D 419 15.26 42.99 -50.77
CA GLY D 419 15.11 44.05 -51.76
C GLY D 419 14.44 45.31 -51.22
N SER D 420 13.66 45.16 -50.15
CA SER D 420 13.06 46.28 -49.45
C SER D 420 14.11 47.37 -49.05
N GLU D 421 13.65 48.62 -49.03
CA GLU D 421 14.47 49.74 -48.58
C GLU D 421 13.64 50.64 -47.68
N TRP D 422 13.12 50.08 -46.58
CA TRP D 422 12.36 50.85 -45.59
C TRP D 422 13.28 51.65 -44.69
N GLU D 423 12.69 52.37 -43.75
CA GLU D 423 13.43 53.12 -42.74
C GLU D 423 13.97 52.16 -41.70
N LYS D 424 15.02 52.56 -41.01
CA LYS D 424 15.64 51.69 -40.03
C LYS D 424 14.73 51.39 -38.85
N GLU D 425 13.80 52.28 -38.55
CA GLU D 425 12.91 52.08 -37.40
C GLU D 425 11.90 50.97 -37.74
N ASP D 426 11.46 50.93 -39.00
CA ASP D 426 10.48 49.92 -39.44
C ASP D 426 11.03 48.52 -39.24
N TYR D 427 12.30 48.33 -39.57
CA TYR D 427 12.95 47.02 -39.42
C TYR D 427 13.05 46.62 -37.94
N LEU D 428 13.48 47.56 -37.10
CA LEU D 428 13.61 47.27 -35.68
C LEU D 428 12.28 47.03 -35.00
N ASN D 429 11.19 47.58 -35.54
CA ASN D 429 9.88 47.43 -34.91
C ASN D 429 9.30 46.04 -35.25
N LEU D 430 9.52 45.58 -36.47
CA LEU D 430 9.10 44.23 -36.87
C LEU D 430 9.68 43.15 -35.94
N ILE D 431 10.87 43.39 -35.40
CA ILE D 431 11.42 42.52 -34.35
C ILE D 431 10.51 42.57 -33.12
N GLU D 432 10.31 43.76 -32.57
CA GLU D 432 9.45 43.95 -31.41
C GLU D 432 8.08 43.35 -31.65
N GLN D 433 7.54 43.48 -32.86
CA GLN D 433 6.24 42.89 -33.17
C GLN D 433 6.29 41.37 -33.05
N LEU D 434 7.32 40.77 -33.64
CA LEU D 434 7.49 39.31 -33.55
C LEU D 434 7.59 38.86 -32.10
N ASP D 435 8.20 39.67 -31.25
CA ASP D 435 8.20 39.39 -29.83
C ASP D 435 6.84 39.57 -29.16
N GLU D 436 6.16 40.70 -29.40
CA GLU D 436 4.85 41.00 -28.75
C GLU D 436 3.79 40.01 -29.23
N GLU D 437 3.88 39.55 -30.48
CA GLU D 437 2.98 38.50 -30.98
C GLU D 437 3.35 37.10 -30.49
N GLY D 438 4.48 37.00 -29.78
CA GLY D 438 4.83 35.77 -29.07
C GLY D 438 5.28 34.61 -29.92
N PHE D 439 5.88 34.87 -31.07
CA PHE D 439 6.38 33.78 -31.93
C PHE D 439 7.63 33.21 -31.30
N ASP D 440 7.81 31.91 -31.49
CA ASP D 440 8.97 31.23 -30.91
C ASP D 440 10.15 31.43 -31.84
N ASP D 441 11.29 31.79 -31.26
CA ASP D 441 12.54 32.01 -32.02
C ASP D 441 12.97 30.82 -32.86
N PHE D 442 12.69 29.61 -32.38
CA PHE D 442 13.07 28.38 -33.08
C PHE D 442 12.17 28.02 -34.23
N THR D 443 11.01 28.68 -34.32
CA THR D 443 10.05 28.41 -35.40
C THR D 443 10.61 28.66 -36.81
N ARG D 444 10.48 27.66 -37.67
CA ARG D 444 10.84 27.83 -39.05
C ARG D 444 9.92 28.80 -39.76
N VAL D 445 10.50 29.80 -40.43
CA VAL D 445 9.70 30.80 -41.13
C VAL D 445 8.96 30.16 -42.29
N ARG D 446 9.59 29.21 -42.98
CA ARG D 446 8.90 28.60 -44.11
C ARG D 446 7.70 27.76 -43.71
N GLU D 447 7.72 27.24 -42.47
CA GLU D 447 6.56 26.53 -41.89
C GLU D 447 5.46 27.49 -41.44
N LEU D 448 5.88 28.61 -40.88
CA LEU D 448 4.97 29.63 -40.39
C LEU D 448 4.19 30.34 -41.49
N LEU D 449 4.75 30.44 -42.69
CA LEU D 449 4.07 31.13 -43.78
C LEU D 449 3.54 30.17 -44.82
N GLY D 450 3.91 28.90 -44.72
CA GLY D 450 3.37 27.86 -45.63
C GLY D 450 4.09 27.87 -46.95
N LEU D 451 5.41 28.02 -46.89
CA LEU D 451 6.25 28.11 -48.07
C LEU D 451 7.00 26.79 -48.32
N ALA D 452 6.75 26.20 -49.49
CA ALA D 452 7.57 25.13 -50.02
C ALA D 452 8.73 25.77 -50.73
N THR D 453 9.81 26.02 -49.99
CA THR D 453 10.95 26.76 -50.49
C THR D 453 11.90 25.91 -51.34
N GLY D 454 11.93 24.60 -51.09
CA GLY D 454 12.97 23.73 -51.66
C GLY D 454 14.27 23.93 -50.89
N SER D 455 15.23 23.02 -51.08
CA SER D 455 16.44 22.89 -50.21
C SER D 455 17.55 23.89 -50.50
N ASP D 456 17.46 24.58 -51.63
CA ASP D 456 18.62 25.24 -52.20
C ASP D 456 18.61 26.74 -52.05
N ASN D 457 18.16 27.26 -50.90
CA ASN D 457 18.23 28.70 -50.66
C ASN D 457 18.06 29.05 -49.21
N GLY D 458 18.22 30.32 -48.88
CA GLY D 458 18.22 30.77 -47.48
C GLY D 458 16.94 30.55 -46.68
N TRP D 459 15.79 30.56 -47.37
CA TRP D 459 14.48 30.44 -46.72
C TRP D 459 14.25 29.06 -46.13
N TYR D 460 14.88 28.06 -46.74
CA TYR D 460 14.72 26.67 -46.32
C TYR D 460 15.16 26.34 -44.87
N THR D 461 16.08 27.12 -44.32
CA THR D 461 16.58 26.94 -42.97
C THR D 461 16.30 28.16 -42.08
N LEU D 462 15.62 29.16 -42.62
CA LEU D 462 15.46 30.45 -41.95
C LEU D 462 14.50 30.26 -40.79
N ARG D 463 15.00 30.54 -39.58
CA ARG D 463 14.19 30.56 -38.38
C ARG D 463 13.96 31.98 -37.90
N ILE D 464 13.03 32.16 -36.98
CA ILE D 464 12.69 33.48 -36.47
C ILE D 464 13.94 34.17 -35.93
N GLY D 465 14.75 33.44 -35.19
CA GLY D 465 15.95 34.04 -34.59
C GLY D 465 16.93 34.61 -35.60
N GLU D 466 17.12 33.88 -36.70
CA GLU D 466 17.96 34.33 -37.78
C GLU D 466 17.33 35.54 -38.47
N LEU D 467 16.01 35.54 -38.61
CA LEU D 467 15.29 36.68 -39.18
C LEU D 467 15.43 37.92 -38.33
N LYS D 468 15.40 37.75 -37.01
CA LYS D 468 15.69 38.86 -36.12
C LYS D 468 17.10 39.44 -36.37
N ALA D 469 18.09 38.58 -36.55
CA ALA D 469 19.45 39.05 -36.86
C ALA D 469 19.42 39.88 -38.13
N MET D 470 18.83 39.33 -39.16
CA MET D 470 18.72 40.01 -40.43
C MET D 470 18.03 41.37 -40.32
N LEU D 471 17.01 41.49 -39.47
CA LEU D 471 16.31 42.77 -39.28
C LEU D 471 17.16 43.78 -38.49
N ALA D 472 17.77 43.31 -37.42
CA ALA D 472 18.69 44.14 -36.65
C ALA D 472 19.81 44.74 -37.53
N LEU D 473 20.27 44.00 -38.53
CA LEU D 473 21.29 44.50 -39.44
C LEU D 473 20.74 45.57 -40.37
N ALA D 474 19.55 45.31 -40.91
CA ALA D 474 18.90 46.25 -41.84
C ALA D 474 18.48 47.54 -41.14
N GLY D 475 18.15 47.42 -39.86
CA GLY D 475 17.84 48.58 -39.01
C GLY D 475 19.04 49.07 -38.22
N GLY D 476 20.22 48.62 -38.62
CA GLY D 476 21.47 49.10 -38.08
C GLY D 476 21.66 49.06 -36.57
N ASP D 477 21.07 48.09 -35.88
CA ASP D 477 21.38 47.86 -34.47
C ASP D 477 22.34 46.68 -34.37
N LEU D 478 23.64 46.98 -34.35
CA LEU D 478 24.64 45.94 -34.45
C LEU D 478 24.81 45.12 -33.16
N GLU D 479 24.36 45.64 -32.02
CA GLU D 479 24.44 44.90 -30.76
C GLU D 479 23.45 43.74 -30.73
N GLN D 480 22.23 44.01 -31.20
CA GLN D 480 21.21 42.99 -31.32
C GLN D 480 21.58 42.02 -32.41
N ALA D 481 22.03 42.55 -33.54
CA ALA D 481 22.45 41.73 -34.66
C ALA D 481 23.42 40.64 -34.22
N LEU D 482 24.39 41.00 -33.38
CA LEU D 482 25.38 40.05 -32.87
C LEU D 482 24.73 38.93 -32.08
N VAL D 483 23.89 39.32 -31.12
CA VAL D 483 23.16 38.37 -30.29
C VAL D 483 22.51 37.26 -31.13
N TRP D 484 21.76 37.66 -32.15
CA TRP D 484 21.00 36.70 -32.96
C TRP D 484 21.84 36.01 -34.01
N THR D 485 22.93 36.63 -34.43
CA THR D 485 23.89 35.97 -35.30
C THR D 485 24.62 34.83 -34.55
N GLU D 486 24.97 35.07 -33.30
CA GLU D 486 25.49 34.00 -32.45
C GLU D 486 24.45 32.90 -32.29
N TRP D 487 23.26 33.30 -31.88
CA TRP D 487 22.13 32.37 -31.79
C TRP D 487 22.02 31.53 -33.04
N THR D 488 22.00 32.20 -34.18
CA THR D 488 21.78 31.55 -35.46
C THR D 488 22.78 30.43 -35.64
N MET D 489 24.05 30.74 -35.40
CA MET D 489 25.08 29.76 -35.60
C MET D 489 24.99 28.64 -34.57
N GLU D 490 24.74 29.01 -33.33
CA GLU D 490 24.65 28.00 -32.29
C GLU D 490 23.65 26.92 -32.65
N PHE D 491 22.57 27.30 -33.34
CA PHE D 491 21.42 26.40 -33.58
C PHE D 491 21.11 26.04 -35.02
N ASN D 492 21.76 26.67 -36.00
CA ASN D 492 21.45 26.36 -37.39
C ASN D 492 22.67 25.85 -38.16
N SER D 493 23.86 26.31 -37.81
CA SER D 493 25.06 26.07 -38.63
C SER D 493 25.31 24.64 -39.04
N SER D 494 24.87 23.69 -38.22
CA SER D 494 24.93 22.26 -38.55
C SER D 494 24.03 21.84 -39.74
N VAL D 495 23.12 22.71 -40.20
CA VAL D 495 22.27 22.41 -41.34
C VAL D 495 22.38 23.41 -42.49
N PHE D 496 23.17 24.44 -42.29
CA PHE D 496 23.46 25.38 -43.37
C PHE D 496 24.41 24.76 -44.39
N SER D 497 24.36 25.27 -45.62
CA SER D 497 25.34 24.87 -46.63
C SER D 497 26.69 25.42 -46.24
N PRO D 498 27.77 24.72 -46.60
CA PRO D 498 29.11 25.25 -46.48
C PRO D 498 29.20 26.75 -46.78
N GLU D 499 28.68 27.18 -47.93
CA GLU D 499 28.72 28.62 -48.28
C GLU D 499 28.10 29.54 -47.20
N ARG D 500 26.88 29.19 -46.83
CA ARG D 500 26.07 29.98 -45.91
C ARG D 500 26.66 29.96 -44.50
N ALA D 501 27.17 28.81 -44.08
CA ALA D 501 27.74 28.64 -42.74
C ALA D 501 28.97 29.51 -42.63
N ASN D 502 29.75 29.54 -43.71
CA ASN D 502 30.91 30.39 -43.81
C ASN D 502 30.56 31.86 -43.75
N TYR D 503 29.56 32.27 -44.54
CA TYR D 503 29.06 33.65 -44.48
C TYR D 503 28.78 34.06 -43.05
N TYR D 504 28.07 33.20 -42.32
CA TYR D 504 27.71 33.48 -40.92
C TYR D 504 28.92 33.55 -40.00
N ARG D 505 29.92 32.71 -40.23
CA ARG D 505 31.17 32.77 -39.45
C ARG D 505 31.83 34.14 -39.63
N CYS D 506 31.89 34.58 -40.88
CA CYS D 506 32.50 35.87 -41.24
C CYS D 506 31.73 37.07 -40.65
N LEU D 507 30.41 37.08 -40.86
CA LEU D 507 29.55 38.14 -40.35
C LEU D 507 29.74 38.26 -38.86
N GLN D 508 29.82 37.10 -38.22
CA GLN D 508 29.95 37.05 -36.77
C GLN D 508 31.25 37.67 -36.29
N THR D 509 32.35 37.33 -36.97
CA THR D 509 33.64 37.94 -36.70
C THR D 509 33.59 39.48 -36.83
N LEU D 510 33.03 39.96 -37.94
CA LEU D 510 32.96 41.39 -38.19
C LEU D 510 32.14 42.12 -37.14
N LEU D 511 31.11 41.46 -36.65
CA LEU D 511 30.24 42.05 -35.65
C LEU D 511 30.94 42.12 -34.33
N LEU D 512 31.79 41.12 -34.08
CA LEU D 512 32.59 41.09 -32.86
C LEU D 512 33.69 42.15 -32.90
N LEU D 513 34.19 42.41 -34.10
CA LEU D 513 35.23 43.43 -34.33
C LEU D 513 34.67 44.82 -34.19
N ALA D 514 33.46 45.00 -34.70
CA ALA D 514 32.72 46.24 -34.50
C ALA D 514 32.65 46.59 -33.01
N GLN D 515 32.56 45.58 -32.15
CA GLN D 515 32.52 45.82 -30.70
C GLN D 515 33.87 46.22 -30.12
N GLU D 516 34.97 45.77 -30.72
CA GLU D 516 36.32 46.18 -30.29
C GLU D 516 36.58 47.62 -30.74
N GLU D 517 36.45 48.56 -29.80
CA GLU D 517 36.62 49.98 -30.08
C GLU D 517 38.09 50.36 -30.20
N ASP D 518 38.95 49.56 -29.59
CA ASP D 518 40.40 49.76 -29.67
C ASP D 518 41.02 49.34 -31.00
N ARG D 519 40.37 48.43 -31.73
CA ARG D 519 41.02 47.82 -32.88
C ARG D 519 40.68 48.51 -34.18
N GLN D 520 41.58 48.39 -35.14
CA GLN D 520 41.49 49.06 -36.45
C GLN D 520 41.09 48.12 -37.60
N PRO D 521 39.79 48.09 -37.96
CA PRO D 521 39.29 47.14 -38.94
C PRO D 521 40.19 46.86 -40.13
N LEU D 522 40.81 47.90 -40.67
CA LEU D 522 41.68 47.72 -41.83
C LEU D 522 42.82 46.73 -41.60
N GLN D 523 43.31 46.66 -40.37
CA GLN D 523 44.41 45.78 -40.04
C GLN D 523 44.09 44.32 -40.33
N TYR D 524 42.85 43.97 -40.03
CA TYR D 524 42.42 42.59 -40.04
C TYR D 524 41.91 42.16 -41.41
N LEU D 525 41.76 43.13 -42.30
CA LEU D 525 41.06 42.92 -43.56
C LEU D 525 41.70 41.86 -44.43
N ASN D 526 43.02 41.84 -44.50
CA ASN D 526 43.66 40.82 -45.31
C ASN D 526 43.37 39.44 -44.77
N ALA D 527 43.52 39.32 -43.44
CA ALA D 527 43.35 38.04 -42.75
C ALA D 527 41.95 37.46 -42.98
N PHE D 528 40.94 38.32 -42.88
CA PHE D 528 39.57 37.94 -43.14
C PHE D 528 39.37 37.40 -44.54
N VAL D 529 39.90 38.10 -45.52
CA VAL D 529 39.74 37.70 -46.93
C VAL D 529 40.35 36.32 -47.14
N ARG D 530 41.40 36.03 -46.39
CA ARG D 530 42.07 34.75 -46.49
C ARG D 530 41.29 33.61 -45.84
N MET D 531 40.69 33.87 -44.68
CA MET D 531 39.94 32.86 -43.96
C MET D 531 38.59 32.60 -44.60
N TYR D 532 37.86 33.66 -44.93
CA TYR D 532 36.45 33.57 -45.36
C TYR D 532 36.23 33.68 -46.85
N GLY D 533 37.17 34.30 -47.54
CA GLY D 533 37.03 34.52 -48.98
C GLY D 533 36.41 35.88 -49.24
N ALA D 534 36.81 36.49 -50.34
CA ALA D 534 36.44 37.85 -50.63
C ALA D 534 34.93 38.05 -50.79
N ASP D 535 34.27 37.12 -51.47
CA ASP D 535 32.82 37.22 -51.69
C ASP D 535 32.10 37.32 -50.36
N ALA D 536 32.45 36.40 -49.46
CA ALA D 536 31.87 36.32 -48.12
C ALA D 536 32.09 37.59 -47.29
N VAL D 537 33.25 38.22 -47.45
CA VAL D 537 33.58 39.43 -46.67
C VAL D 537 32.80 40.62 -47.22
N GLU D 538 32.72 40.72 -48.54
CA GLU D 538 31.98 41.78 -49.22
C GLU D 538 30.50 41.75 -48.85
N ALA D 539 29.95 40.54 -48.77
CA ALA D 539 28.55 40.33 -48.42
C ALA D 539 28.25 40.64 -46.96
N ALA D 540 29.12 40.18 -46.07
CA ALA D 540 28.90 40.41 -44.65
C ALA D 540 28.97 41.90 -44.31
N SER D 541 29.74 42.65 -45.10
CA SER D 541 29.90 44.09 -44.91
C SER D 541 28.69 44.85 -45.39
N ALA D 542 28.19 44.45 -46.57
CA ALA D 542 26.93 44.97 -47.06
C ALA D 542 25.84 44.78 -46.02
N ALA D 543 25.79 43.57 -45.47
CA ALA D 543 24.82 43.22 -44.44
C ALA D 543 24.93 44.17 -43.24
N MET D 544 26.16 44.42 -42.80
CA MET D 544 26.39 45.31 -41.65
C MET D 544 26.01 46.75 -41.91
N SER D 545 26.30 47.23 -43.13
CA SER D 545 25.93 48.58 -43.55
C SER D 545 24.43 48.72 -43.78
N GLY D 546 23.66 47.71 -43.41
CA GLY D 546 22.21 47.74 -43.62
C GLY D 546 21.79 47.71 -45.07
N GLU D 547 22.72 47.45 -45.99
CA GLU D 547 22.43 47.56 -47.42
C GLU D 547 21.77 46.30 -47.95
N ALA D 548 22.43 45.17 -47.74
CA ALA D 548 21.88 43.88 -48.16
C ALA D 548 21.91 42.92 -46.99
N ALA D 549 20.96 43.09 -46.07
CA ALA D 549 20.98 42.36 -44.79
C ALA D 549 20.49 40.93 -44.88
N PHE D 550 19.59 40.70 -45.84
CA PHE D 550 18.83 39.47 -45.95
C PHE D 550 19.52 38.45 -46.82
N TYR D 551 20.65 37.97 -46.31
CA TYR D 551 21.56 37.15 -47.09
C TYR D 551 20.96 35.81 -47.54
N GLY D 552 21.00 35.55 -48.83
CA GLY D 552 20.54 34.29 -49.40
C GLY D 552 19.06 34.22 -49.64
N LEU D 553 18.34 35.22 -49.13
CA LEU D 553 16.89 35.30 -49.33
C LEU D 553 16.60 36.05 -50.60
N GLN D 554 16.04 35.35 -51.59
CA GLN D 554 15.55 36.01 -52.79
C GLN D 554 14.22 36.62 -52.42
N PRO D 555 13.80 37.68 -53.13
CA PRO D 555 12.46 38.20 -52.94
C PRO D 555 11.40 37.26 -53.55
N VAL D 556 10.22 37.26 -52.94
CA VAL D 556 9.19 36.30 -53.27
C VAL D 556 7.85 36.94 -53.66
N ASP D 557 7.46 36.76 -54.92
CA ASP D 557 6.15 37.25 -55.42
C ASP D 557 5.02 36.47 -54.75
N SER D 558 3.82 37.02 -54.76
CA SER D 558 2.72 36.42 -54.00
C SER D 558 2.03 35.28 -54.75
N ASP D 559 2.69 34.73 -55.76
CA ASP D 559 2.31 33.40 -56.30
C ASP D 559 3.43 32.36 -56.17
N LEU D 560 4.49 32.75 -55.44
CA LEU D 560 5.64 31.90 -55.10
C LEU D 560 6.37 31.39 -56.36
N HIS D 561 6.41 32.22 -57.40
CA HIS D 561 7.18 31.90 -58.58
C HIS D 561 8.65 31.79 -58.19
N ALA D 562 9.07 32.60 -57.24
CA ALA D 562 10.43 32.55 -56.72
C ALA D 562 10.88 31.17 -56.27
N PHE D 563 9.97 30.34 -55.79
CA PHE D 563 10.30 28.97 -55.37
C PHE D 563 9.85 27.97 -56.41
N ALA D 564 10.78 27.25 -57.02
CA ALA D 564 10.42 26.27 -58.03
C ALA D 564 9.75 25.08 -57.38
N ALA D 565 10.11 24.80 -56.12
CA ALA D 565 9.49 23.70 -55.36
C ALA D 565 8.01 23.91 -55.22
N HIS D 566 7.68 25.13 -54.83
CA HIS D 566 6.29 25.51 -54.64
C HIS D 566 5.53 25.49 -55.96
N GLN D 567 6.19 25.88 -57.05
CA GLN D 567 5.53 25.86 -58.34
C GLN D 567 5.15 24.45 -58.71
N SER D 568 6.02 23.49 -58.40
CA SER D 568 5.72 22.08 -58.67
C SER D 568 4.55 21.61 -57.83
N LEU D 569 4.40 22.20 -56.63
CA LEU D 569 3.24 21.92 -55.73
C LEU D 569 1.94 22.44 -56.33
N LEU D 570 1.94 23.69 -56.81
CA LEU D 570 0.76 24.28 -57.45
C LEU D 570 0.36 23.58 -58.76
N LYS D 571 1.36 23.18 -59.55
CA LYS D 571 1.13 22.42 -60.79
C LYS D 571 0.43 21.09 -60.51
N ALA D 572 0.75 20.48 -59.36
CA ALA D 572 0.10 19.25 -58.89
C ALA D 572 -1.33 19.53 -58.48
N TYR D 573 -1.54 20.62 -57.75
CA TYR D 573 -2.88 21.00 -57.29
C TYR D 573 -3.82 21.39 -58.43
N GLU D 574 -3.29 22.04 -59.47
CA GLU D 574 -4.08 22.30 -60.71
C GLU D 574 -4.73 21.03 -61.24
N LYS D 575 -4.00 19.92 -61.23
CA LYS D 575 -4.51 18.64 -61.73
C LYS D 575 -5.71 18.17 -60.94
N LEU D 576 -5.76 18.53 -59.65
CA LEU D 576 -6.88 18.19 -58.77
C LEU D 576 -8.05 19.14 -58.95
N GLN D 577 -7.77 20.43 -59.11
CA GLN D 577 -8.82 21.42 -59.38
C GLN D 577 -9.63 21.05 -60.61
N ARG D 578 -8.94 20.68 -61.68
CA ARG D 578 -9.59 20.31 -62.92
C ARG D 578 -10.42 19.07 -62.76
N ALA D 579 -9.88 18.13 -61.98
CA ALA D 579 -10.60 16.89 -61.68
C ALA D 579 -11.86 17.15 -60.87
N LYS D 580 -11.81 18.15 -59.98
CA LYS D 580 -12.96 18.57 -59.17
C LYS D 580 -14.01 19.30 -60.00
N ALA D 581 -13.58 20.22 -60.87
CA ALA D 581 -14.47 20.92 -61.76
C ALA D 581 -15.26 19.90 -62.57
N ALA D 582 -14.57 18.95 -63.17
CA ALA D 582 -15.22 17.88 -63.91
C ALA D 582 -16.41 17.26 -63.18
N PHE D 583 -16.24 16.86 -61.91
CA PHE D 583 -17.20 16.00 -61.13
C PHE D 583 -18.60 16.62 -60.86
N THR E 2 -41.30 68.16 17.28
CA THR E 2 -40.58 68.56 16.05
C THR E 2 -40.66 67.51 14.98
N GLN E 3 -40.86 67.93 13.73
CA GLN E 3 -41.05 66.97 12.64
C GLN E 3 -40.35 67.42 11.42
N THR E 4 -39.45 66.54 10.95
CA THR E 4 -38.61 66.84 9.86
C THR E 4 -38.90 65.88 8.70
N PHE E 5 -39.41 66.41 7.59
CA PHE E 5 -39.73 65.64 6.42
C PHE E 5 -38.71 65.85 5.38
N ILE E 6 -37.93 64.82 5.15
CA ILE E 6 -36.90 64.88 4.18
C ILE E 6 -37.49 64.39 2.84
N PRO E 7 -36.94 64.85 1.71
CA PRO E 7 -37.28 64.32 0.41
C PRO E 7 -37.26 62.81 0.26
N GLY E 8 -38.34 62.28 -0.31
CA GLY E 8 -38.43 60.89 -0.71
C GLY E 8 -38.78 59.92 0.40
N LYS E 9 -38.77 60.37 1.65
CA LYS E 9 -39.26 59.55 2.77
C LYS E 9 -40.75 59.81 3.02
N ASP E 10 -41.45 58.86 3.64
CA ASP E 10 -42.92 58.91 3.82
C ASP E 10 -43.29 59.14 5.26
N ALA E 11 -42.38 59.69 6.05
CA ALA E 11 -42.65 59.90 7.48
C ALA E 11 -41.56 60.73 8.11
N ALA E 12 -41.95 61.61 9.03
CA ALA E 12 -40.95 62.43 9.76
C ALA E 12 -39.79 61.60 10.38
N LEU E 13 -38.55 62.07 10.21
CA LEU E 13 -37.36 61.42 10.81
C LEU E 13 -37.54 61.05 12.29
N GLU E 14 -38.15 61.95 13.05
CA GLU E 14 -38.28 61.76 14.47
C GLU E 14 -39.24 60.61 14.80
N ASP E 15 -40.25 60.43 13.94
CA ASP E 15 -41.22 59.37 14.10
C ASP E 15 -40.55 58.07 13.77
N SER E 16 -39.95 58.04 12.60
CA SER E 16 -39.21 56.87 12.14
C SER E 16 -38.24 56.35 13.21
N ILE E 17 -37.54 57.25 13.88
CA ILE E 17 -36.55 56.87 14.87
C ILE E 17 -37.24 56.26 16.07
N ALA E 18 -38.25 56.97 16.55
CA ALA E 18 -38.95 56.58 17.76
C ALA E 18 -39.55 55.21 17.58
N ARG E 19 -40.24 55.04 16.47
CA ARG E 19 -40.84 53.77 16.11
C ARG E 19 -39.82 52.65 16.06
N PHE E 20 -38.76 52.84 15.30
CA PHE E 20 -37.74 51.80 15.12
C PHE E 20 -37.06 51.40 16.41
N GLN E 21 -36.70 52.40 17.21
CA GLN E 21 -36.13 52.13 18.54
C GLN E 21 -37.05 51.30 19.42
N GLN E 22 -38.31 51.72 19.48
CA GLN E 22 -39.33 51.02 20.22
C GLN E 22 -39.47 49.58 19.75
N LYS E 23 -39.63 49.40 18.45
CA LYS E 23 -39.83 48.08 17.91
C LYS E 23 -38.63 47.16 18.15
N LEU E 24 -37.42 47.69 18.04
CA LEU E 24 -36.23 46.90 18.28
C LEU E 24 -36.20 46.43 19.70
N SER E 25 -36.66 47.29 20.60
CA SER E 25 -36.61 47.00 22.03
C SER E 25 -37.60 45.88 22.33
N ASP E 26 -38.84 46.07 21.87
CA ASP E 26 -39.90 45.04 21.97
C ASP E 26 -39.49 43.69 21.44
N LEU E 27 -38.69 43.68 20.38
CA LEU E 27 -38.16 42.43 19.81
C LEU E 27 -37.10 41.74 20.68
N GLY E 28 -36.55 42.50 21.62
CA GLY E 28 -35.61 41.97 22.60
C GLY E 28 -34.17 42.29 22.27
N PHE E 29 -33.93 43.43 21.62
CA PHE E 29 -32.58 43.85 21.19
C PHE E 29 -32.16 45.11 21.93
N GLN E 30 -30.99 45.05 22.57
CA GLN E 30 -30.41 46.21 23.20
C GLN E 30 -29.48 46.88 22.23
N ILE E 31 -29.95 47.96 21.63
CA ILE E 31 -29.20 48.67 20.59
C ILE E 31 -28.52 49.87 21.18
N GLU E 32 -27.28 50.09 20.78
CA GLU E 32 -26.44 51.15 21.39
C GLU E 32 -25.74 51.95 20.31
N GLU E 33 -25.55 53.26 20.52
CA GLU E 33 -24.95 54.15 19.51
C GLU E 33 -23.50 54.38 19.76
N ALA E 34 -22.65 53.83 18.91
CA ALA E 34 -21.20 53.75 19.19
C ALA E 34 -20.50 55.06 18.91
N SER E 35 -20.56 55.54 17.68
CA SER E 35 -19.72 56.67 17.37
C SER E 35 -20.25 57.50 16.25
N TRP E 36 -20.47 58.76 16.57
CA TRP E 36 -20.93 59.74 15.61
C TRP E 36 -19.79 60.38 14.83
N LEU E 37 -20.15 61.10 13.78
CA LEU E 37 -19.22 61.82 12.95
C LEU E 37 -19.94 62.89 12.14
N ASN E 38 -19.28 64.02 11.98
CA ASN E 38 -19.85 65.16 11.26
C ASN E 38 -18.75 65.86 10.48
N PRO E 39 -17.94 65.09 9.73
CA PRO E 39 -16.70 65.51 9.03
C PRO E 39 -16.74 66.87 8.34
N VAL E 40 -17.71 67.06 7.46
CA VAL E 40 -17.97 68.37 6.84
C VAL E 40 -19.43 68.82 7.07
N PRO E 41 -19.78 70.07 6.72
CA PRO E 41 -21.18 70.53 6.85
C PRO E 41 -22.12 69.63 6.07
N ASN E 42 -23.28 69.36 6.64
CA ASN E 42 -24.31 68.61 5.93
C ASN E 42 -23.97 67.18 5.60
N VAL E 43 -23.12 66.57 6.44
CA VAL E 43 -22.77 65.15 6.33
C VAL E 43 -22.52 64.57 7.70
N TRP E 44 -23.25 63.48 7.98
CA TRP E 44 -23.16 62.76 9.24
C TRP E 44 -23.05 61.28 9.02
N SER E 45 -22.67 60.60 10.08
CA SER E 45 -22.79 59.16 10.13
C SER E 45 -22.72 58.67 11.57
N VAL E 46 -23.25 57.48 11.80
CA VAL E 46 -23.30 56.88 13.12
C VAL E 46 -23.17 55.37 12.99
N HIS E 47 -22.60 54.77 14.00
CA HIS E 47 -22.40 53.34 14.07
C HIS E 47 -23.28 52.88 15.20
N ILE E 48 -24.14 51.92 14.93
CA ILE E 48 -24.98 51.30 15.97
C ILE E 48 -24.72 49.79 16.06
N ARG E 49 -24.86 49.29 17.28
CA ARG E 49 -24.36 47.98 17.65
C ARG E 49 -25.37 47.29 18.55
N ASP E 50 -25.46 45.95 18.46
CA ASP E 50 -26.19 45.11 19.44
C ASP E 50 -25.32 44.90 20.67
N LYS E 51 -25.81 45.40 21.80
CA LYS E 51 -25.06 45.36 23.04
C LYS E 51 -24.70 43.93 23.44
N GLU E 52 -25.39 42.94 22.88
CA GLU E 52 -25.22 41.54 23.27
C GLU E 52 -24.70 40.65 22.14
N CYS E 53 -24.48 41.20 20.96
CA CYS E 53 -23.81 40.46 19.86
C CYS E 53 -22.96 41.40 19.02
N ALA E 54 -21.66 41.14 19.01
CA ALA E 54 -20.72 42.06 18.40
C ALA E 54 -20.89 42.08 16.91
N LEU E 55 -21.32 40.96 16.35
CA LEU E 55 -21.41 40.80 14.91
C LEU E 55 -22.65 41.53 14.30
N CYS E 56 -23.69 41.76 15.10
CA CYS E 56 -24.85 42.54 14.64
C CYS E 56 -24.62 44.05 14.82
N PHE E 57 -24.36 44.74 13.72
CA PHE E 57 -24.15 46.20 13.74
C PHE E 57 -24.41 46.85 12.38
N THR E 58 -24.77 48.13 12.39
CA THR E 58 -25.01 48.86 11.15
C THR E 58 -24.36 50.24 11.14
N ASN E 59 -24.33 50.84 9.95
CA ASN E 59 -23.85 52.19 9.77
C ASN E 59 -24.83 53.09 9.05
N GLY E 60 -25.19 54.17 9.71
CA GLY E 60 -26.15 55.13 9.16
C GLY E 60 -25.45 56.38 8.67
N LYS E 61 -26.05 57.02 7.68
CA LYS E 61 -25.48 58.20 7.04
C LYS E 61 -26.59 59.05 6.50
N GLY E 62 -26.41 60.36 6.57
CA GLY E 62 -27.42 61.29 6.07
C GLY E 62 -26.90 62.69 6.19
N ALA E 63 -27.66 63.67 5.73
CA ALA E 63 -27.19 65.06 5.74
C ALA E 63 -27.49 65.84 7.02
N THR E 64 -28.19 65.21 7.93
CA THR E 64 -28.52 65.81 9.21
C THR E 64 -28.22 64.69 10.22
N LYS E 65 -28.12 65.01 11.51
CA LYS E 65 -27.81 63.99 12.49
C LYS E 65 -28.88 62.91 12.52
N LYS E 66 -30.13 63.35 12.61
CA LYS E 66 -31.26 62.43 12.70
C LYS E 66 -31.34 61.57 11.45
N ALA E 67 -31.22 62.21 10.29
CA ALA E 67 -31.25 61.48 9.01
C ALA E 67 -30.38 60.23 9.08
N ALA E 68 -29.20 60.41 9.69
CA ALA E 68 -28.21 59.37 9.86
C ALA E 68 -28.63 58.34 10.84
N LEU E 69 -29.15 58.75 11.99
CA LEU E 69 -29.63 57.76 12.96
C LEU E 69 -30.78 56.91 12.41
N ALA E 70 -31.67 57.57 11.67
CA ALA E 70 -32.80 56.89 11.03
C ALA E 70 -32.29 55.90 10.01
N SER E 71 -31.23 56.29 9.33
CA SER E 71 -30.59 55.42 8.39
C SER E 71 -30.01 54.18 9.06
N ALA E 72 -29.31 54.41 10.16
CA ALA E 72 -28.65 53.34 10.88
C ALA E 72 -29.66 52.33 11.35
N LEU E 73 -30.79 52.83 11.84
CA LEU E 73 -31.85 51.99 12.38
C LEU E 73 -32.59 51.26 11.27
N GLY E 74 -32.84 51.97 10.17
CA GLY E 74 -33.49 51.37 9.00
C GLY E 74 -32.67 50.23 8.46
N GLU E 75 -31.37 50.45 8.32
CA GLU E 75 -30.47 49.35 7.93
C GLU E 75 -30.50 48.22 8.97
N TYR E 76 -30.77 48.54 10.22
CA TYR E 76 -30.82 47.52 11.21
C TYR E 76 -31.97 46.58 10.90
N PHE E 77 -33.14 47.13 10.58
CA PHE E 77 -34.31 46.28 10.26
C PHE E 77 -34.17 45.58 8.91
N GLU E 78 -33.51 46.27 7.97
CA GLU E 78 -33.17 45.69 6.68
C GLU E 78 -32.48 44.36 6.91
N ARG E 79 -31.52 44.37 7.82
CA ARG E 79 -30.57 43.28 7.96
C ARG E 79 -31.01 42.19 8.92
N LEU E 80 -31.93 42.53 9.82
CA LEU E 80 -32.59 41.48 10.61
C LEU E 80 -33.69 40.82 9.79
N SER E 81 -34.45 41.65 9.08
CA SER E 81 -35.53 41.12 8.31
C SER E 81 -34.98 40.09 7.31
N THR E 82 -33.91 40.45 6.62
CA THR E 82 -33.35 39.59 5.56
C THR E 82 -32.45 38.49 6.07
N ASN E 83 -32.22 38.49 7.40
CA ASN E 83 -31.29 37.57 8.07
C ASN E 83 -29.79 37.79 7.68
N TYR E 84 -29.50 38.94 7.06
CA TYR E 84 -28.17 39.12 6.49
C TYR E 84 -27.03 39.04 7.50
N PHE E 85 -27.26 39.48 8.73
CA PHE E 85 -26.23 39.38 9.76
C PHE E 85 -25.63 37.97 9.87
N PHE E 86 -26.49 36.98 9.73
CA PHE E 86 -26.13 35.59 9.96
C PHE E 86 -25.72 34.87 8.66
N ALA E 87 -25.66 35.63 7.56
CA ALA E 87 -25.49 35.06 6.22
C ALA E 87 -24.11 34.45 5.96
N ASP E 88 -23.13 34.78 6.78
CA ASP E 88 -21.80 34.25 6.55
C ASP E 88 -21.42 33.10 7.51
N PHE E 89 -22.41 32.59 8.24
CA PHE E 89 -22.19 31.65 9.31
C PHE E 89 -23.11 30.45 9.26
N TRP E 90 -22.57 29.28 9.58
CA TRP E 90 -23.34 28.08 9.83
C TRP E 90 -24.03 28.24 11.16
N LEU E 91 -25.31 27.88 11.25
CA LEU E 91 -26.12 28.16 12.46
C LEU E 91 -26.23 26.97 13.41
N GLY E 92 -25.45 25.93 13.11
CA GLY E 92 -25.34 24.81 14.03
C GLY E 92 -26.43 23.80 13.80
N GLU E 93 -26.25 22.64 14.39
CA GLU E 93 -26.99 21.47 14.00
C GLU E 93 -28.43 21.52 14.48
N THR E 94 -28.66 22.15 15.64
CA THR E 94 -30.02 22.26 16.16
C THR E 94 -30.94 23.09 15.24
N ILE E 95 -30.47 24.30 14.90
CA ILE E 95 -31.20 25.23 14.03
C ILE E 95 -31.39 24.63 12.63
N ALA E 96 -30.35 23.96 12.16
CA ALA E 96 -30.33 23.30 10.85
C ALA E 96 -31.34 22.20 10.70
N ASN E 97 -31.63 21.52 11.80
CA ASN E 97 -32.63 20.44 11.80
C ASN E 97 -33.97 20.84 12.44
N GLY E 98 -34.20 22.16 12.60
CA GLY E 98 -35.38 22.69 13.30
C GLY E 98 -36.57 22.77 12.39
N PRO E 99 -37.74 23.13 12.92
CA PRO E 99 -38.92 23.36 12.08
C PRO E 99 -38.65 24.18 10.79
N PHE E 100 -38.14 25.39 10.91
CA PHE E 100 -37.67 26.15 9.77
C PHE E 100 -36.32 26.78 10.11
N VAL E 101 -35.45 26.94 9.13
CA VAL E 101 -34.13 27.52 9.33
C VAL E 101 -34.19 29.01 9.06
N HIS E 102 -34.58 29.35 7.83
CA HIS E 102 -34.59 30.73 7.35
C HIS E 102 -35.89 31.51 7.59
N TYR E 103 -36.96 31.07 6.96
CA TYR E 103 -38.30 31.57 7.27
C TYR E 103 -39.27 30.41 7.29
N PRO E 104 -40.39 30.54 8.03
CA PRO E 104 -41.51 29.57 7.99
C PRO E 104 -42.01 29.24 6.58
N ASN E 105 -42.11 30.25 5.71
CA ASN E 105 -42.58 30.02 4.33
C ASN E 105 -41.51 29.55 3.37
N GLU E 106 -40.36 29.18 3.89
CA GLU E 106 -39.31 28.63 3.04
C GLU E 106 -39.78 27.29 2.50
N LYS E 107 -39.01 26.66 1.64
CA LYS E 107 -39.42 25.40 1.02
C LYS E 107 -38.20 24.55 0.65
N TRP E 108 -38.23 23.29 1.05
CA TRP E 108 -37.06 22.43 0.92
C TRP E 108 -37.22 21.37 -0.17
N PHE E 109 -36.27 21.31 -1.10
CA PHE E 109 -36.40 20.48 -2.28
C PHE E 109 -35.33 19.43 -2.24
N PRO E 110 -35.70 18.16 -1.99
CA PRO E 110 -34.65 17.11 -1.77
C PRO E 110 -33.84 16.90 -3.02
N LEU E 111 -32.60 16.49 -2.85
CA LEU E 111 -31.75 16.26 -4.02
C LEU E 111 -32.31 15.09 -4.84
N THR E 112 -32.13 15.16 -6.15
CA THR E 112 -32.65 14.14 -7.04
C THR E 112 -31.60 13.05 -7.31
N GLU E 113 -32.01 11.95 -7.94
CA GLU E 113 -31.15 10.76 -8.06
C GLU E 113 -29.97 10.92 -9.01
N ASN E 114 -30.14 11.75 -10.03
CA ASN E 114 -29.05 12.13 -10.92
C ASN E 114 -28.46 13.52 -10.56
N ASP E 115 -28.93 14.09 -9.45
CA ASP E 115 -28.49 15.40 -8.91
C ASP E 115 -28.69 16.59 -9.85
N ASP E 116 -29.81 16.61 -10.58
CA ASP E 116 -30.19 17.84 -11.31
C ASP E 116 -30.76 18.80 -10.23
N VAL E 117 -31.03 20.01 -10.66
CA VAL E 117 -31.64 20.99 -9.81
C VAL E 117 -33.12 20.68 -9.83
N PRO E 118 -33.70 20.26 -8.70
CA PRO E 118 -35.14 19.98 -8.63
C PRO E 118 -36.08 20.95 -9.36
N GLU E 119 -37.22 20.42 -9.82
CA GLU E 119 -38.04 21.17 -10.77
C GLU E 119 -38.81 22.36 -10.20
N GLY E 120 -39.28 22.28 -8.95
CA GLY E 120 -40.01 23.40 -8.34
C GLY E 120 -39.19 24.68 -8.13
N LEU E 121 -37.87 24.60 -8.34
CA LEU E 121 -36.96 25.68 -8.01
C LEU E 121 -36.75 26.56 -9.20
N LEU E 122 -36.39 27.81 -8.91
CA LEU E 122 -36.14 28.81 -9.94
C LEU E 122 -37.36 28.92 -10.84
N ASP E 123 -37.15 29.52 -11.99
CA ASP E 123 -38.05 29.41 -13.11
C ASP E 123 -37.20 29.16 -14.36
N ASP E 124 -37.72 29.45 -15.55
CA ASP E 124 -37.05 29.08 -16.81
C ASP E 124 -35.99 30.10 -17.23
N ARG E 125 -36.30 31.39 -17.06
CA ARG E 125 -35.35 32.48 -17.38
C ARG E 125 -34.14 32.43 -16.42
N LEU E 126 -34.41 32.19 -15.14
CA LEU E 126 -33.37 32.08 -14.13
C LEU E 126 -32.48 30.92 -14.43
N ARG E 127 -33.05 29.75 -14.69
CA ARG E 127 -32.25 28.58 -15.09
C ARG E 127 -31.32 28.82 -16.29
N ALA E 128 -31.79 29.63 -17.24
CA ALA E 128 -31.02 29.99 -18.43
C ALA E 128 -29.87 30.95 -18.13
N PHE E 129 -30.13 31.88 -17.21
CA PHE E 129 -29.13 32.84 -16.75
C PHE E 129 -28.02 32.24 -15.84
N TYR E 130 -28.43 31.56 -14.76
CA TYR E 130 -27.49 30.99 -13.78
C TYR E 130 -26.74 29.81 -14.37
N ASP E 131 -27.42 29.05 -15.21
CA ASP E 131 -26.86 27.82 -15.69
C ASP E 131 -27.13 27.56 -17.17
N PRO E 132 -26.53 28.38 -18.05
CA PRO E 132 -26.80 28.24 -19.48
C PRO E 132 -26.39 26.87 -20.02
N GLU E 133 -25.30 26.29 -19.54
CA GLU E 133 -24.81 25.02 -20.08
C GLU E 133 -25.58 23.80 -19.52
N ASN E 134 -26.52 24.06 -18.61
CA ASN E 134 -27.27 23.03 -17.95
C ASN E 134 -26.41 22.01 -17.18
N GLU E 135 -25.30 22.45 -16.61
CA GLU E 135 -24.38 21.58 -15.86
C GLU E 135 -24.43 21.76 -14.32
N LEU E 136 -25.29 22.67 -13.86
CA LEU E 136 -25.39 22.98 -12.44
C LEU E 136 -26.02 21.82 -11.70
N THR E 137 -25.35 21.32 -10.67
CA THR E 137 -25.87 20.18 -9.91
C THR E 137 -26.63 20.70 -8.65
N GLY E 138 -27.50 19.86 -8.08
CA GLY E 138 -28.32 20.25 -6.92
C GLY E 138 -27.56 20.36 -5.63
N SER E 139 -26.60 19.45 -5.45
CA SER E 139 -25.79 19.39 -4.22
C SER E 139 -24.84 20.60 -4.06
N MET E 140 -24.55 21.29 -5.17
CA MET E 140 -23.88 22.62 -5.12
C MET E 140 -24.73 23.75 -4.52
N LEU E 141 -26.05 23.55 -4.41
CA LEU E 141 -26.94 24.61 -3.96
C LEU E 141 -27.41 24.48 -2.51
N ILE E 142 -26.67 23.75 -1.68
CA ILE E 142 -27.03 23.58 -0.29
C ILE E 142 -26.67 24.84 0.48
N ASP E 143 -27.67 25.50 1.06
CA ASP E 143 -27.43 26.71 1.85
C ASP E 143 -26.38 26.52 2.95
N LEU E 144 -25.71 27.59 3.32
CA LEU E 144 -24.59 27.54 4.25
C LEU E 144 -25.09 27.41 5.69
N GLN E 145 -26.10 28.21 6.00
CA GLN E 145 -26.68 28.33 7.33
C GLN E 145 -27.10 26.99 7.97
N SER E 146 -27.63 26.09 7.15
CA SER E 146 -28.04 24.76 7.62
C SER E 146 -26.98 23.73 7.33
N GLY E 147 -26.40 23.80 6.15
CA GLY E 147 -25.47 22.78 5.68
C GLY E 147 -26.12 21.39 5.69
N ASN E 148 -27.43 21.36 5.46
CA ASN E 148 -28.20 20.17 5.67
C ASN E 148 -28.54 19.45 4.38
N GLU E 149 -27.53 18.77 3.81
CA GLU E 149 -27.69 18.09 2.53
C GLU E 149 -28.88 17.11 2.51
N ASP E 150 -29.07 16.38 3.61
CA ASP E 150 -30.16 15.40 3.72
C ASP E 150 -31.55 16.05 3.63
N ARG E 151 -31.72 17.22 4.22
CA ARG E 151 -32.96 17.96 4.10
C ARG E 151 -33.14 18.57 2.74
N GLY E 152 -32.03 18.89 2.08
CA GLY E 152 -32.04 19.34 0.69
C GLY E 152 -31.79 20.83 0.50
N ILE E 153 -32.22 21.31 -0.65
CA ILE E 153 -31.97 22.69 -1.05
C ILE E 153 -33.01 23.61 -0.50
N CYS E 154 -32.62 24.48 0.42
CA CYS E 154 -33.57 25.49 0.89
C CYS E 154 -33.76 26.54 -0.18
N GLY E 155 -35.00 26.82 -0.47
CA GLY E 155 -35.39 27.85 -1.41
C GLY E 155 -36.32 28.84 -0.78
N LEU E 156 -36.08 30.12 -1.03
CA LEU E 156 -36.91 31.19 -0.50
C LEU E 156 -37.91 31.72 -1.54
N PRO E 157 -39.09 32.13 -1.09
CA PRO E 157 -40.15 32.60 -1.97
C PRO E 157 -39.93 34.07 -2.39
N PHE E 158 -40.10 34.32 -3.69
CA PHE E 158 -40.02 35.66 -4.25
C PHE E 158 -41.15 35.88 -5.24
N THR E 159 -41.84 37.00 -5.12
CA THR E 159 -42.92 37.35 -6.03
C THR E 159 -42.34 37.88 -7.32
N ARG E 160 -42.36 37.04 -8.35
CA ARG E 160 -42.02 37.48 -9.70
C ARG E 160 -43.00 38.58 -10.11
N GLN E 161 -42.49 39.71 -10.58
CA GLN E 161 -43.28 40.94 -10.63
C GLN E 161 -44.12 41.10 -11.86
N SER E 162 -43.69 40.58 -13.01
CA SER E 162 -44.53 40.68 -14.23
C SER E 162 -45.89 40.00 -14.11
N ASP E 163 -45.88 38.77 -13.63
CA ASP E 163 -47.11 37.96 -13.49
C ASP E 163 -47.56 37.66 -12.04
N ASN E 164 -47.00 38.40 -11.09
CA ASN E 164 -47.29 38.22 -9.69
C ASN E 164 -47.30 36.78 -9.12
N GLN E 165 -46.53 35.88 -9.74
CA GLN E 165 -46.39 34.51 -9.24
C GLN E 165 -45.16 34.30 -8.34
N THR E 166 -45.30 33.38 -7.39
CA THR E 166 -44.21 33.01 -6.48
C THR E 166 -43.18 32.15 -7.19
N VAL E 167 -41.92 32.43 -6.94
CA VAL E 167 -40.81 31.68 -7.47
C VAL E 167 -39.87 31.35 -6.31
N TYR E 168 -39.42 30.12 -6.27
CA TYR E 168 -38.50 29.68 -5.22
C TYR E 168 -37.04 29.79 -5.67
N ILE E 169 -36.25 30.62 -5.01
CA ILE E 169 -34.82 30.77 -5.34
C ILE E 169 -33.97 30.19 -4.21
N PRO E 170 -33.00 29.32 -4.52
CA PRO E 170 -32.21 28.66 -3.49
C PRO E 170 -31.45 29.68 -2.68
N MET E 171 -31.43 29.53 -1.37
CA MET E 171 -30.78 30.47 -0.49
C MET E 171 -29.30 30.52 -0.87
N ASN E 172 -28.72 29.38 -1.22
CA ASN E 172 -27.36 29.37 -1.75
C ASN E 172 -27.12 30.40 -2.86
N ILE E 173 -27.99 30.46 -3.86
CA ILE E 173 -27.81 31.37 -5.01
C ILE E 173 -27.98 32.80 -4.57
N ILE E 174 -29.05 33.09 -3.85
CA ILE E 174 -29.33 34.44 -3.30
C ILE E 174 -28.09 34.98 -2.64
N GLY E 175 -27.57 34.20 -1.70
CA GLY E 175 -26.52 34.64 -0.80
C GLY E 175 -25.13 34.75 -1.41
N ASN E 176 -24.81 33.90 -2.40
CA ASN E 176 -23.51 33.89 -3.07
C ASN E 176 -23.36 34.97 -4.11
N LEU E 177 -24.47 35.31 -4.80
CA LEU E 177 -24.43 36.23 -5.96
C LEU E 177 -25.04 37.59 -5.71
N TYR E 178 -25.93 37.72 -4.75
CA TYR E 178 -26.59 39.02 -4.56
C TYR E 178 -26.22 39.67 -3.25
N VAL E 179 -25.86 38.85 -2.28
CA VAL E 179 -25.51 39.35 -0.96
C VAL E 179 -26.43 40.51 -0.51
N SER E 180 -25.83 41.58 0.03
CA SER E 180 -26.60 42.65 0.61
C SER E 180 -27.05 43.66 -0.44
N ASN E 181 -27.11 43.24 -1.71
CA ASN E 181 -27.59 44.14 -2.73
C ASN E 181 -29.09 44.08 -3.07
N GLY E 182 -29.70 45.27 -2.99
CA GLY E 182 -31.10 45.41 -3.29
C GLY E 182 -31.96 45.08 -2.11
N MET E 183 -31.39 45.05 -0.92
CA MET E 183 -32.20 44.98 0.30
C MET E 183 -32.56 46.37 0.75
N SER E 184 -33.71 46.43 1.40
CA SER E 184 -34.14 47.68 1.98
C SER E 184 -35.17 47.48 3.05
N ALA E 185 -35.31 48.49 3.89
CA ALA E 185 -36.37 48.58 4.87
C ALA E 185 -36.91 50.01 4.82
N GLY E 186 -38.14 50.22 5.25
CA GLY E 186 -38.73 51.54 5.14
C GLY E 186 -39.94 51.80 6.00
N ASN E 187 -40.37 53.06 5.97
CA ASN E 187 -41.61 53.46 6.62
C ASN E 187 -42.87 52.93 5.92
N THR E 188 -42.77 52.66 4.63
CA THR E 188 -43.87 52.12 3.84
C THR E 188 -43.31 51.05 2.90
N ARG E 189 -44.20 50.18 2.42
CA ARG E 189 -43.85 49.18 1.44
C ARG E 189 -43.11 49.86 0.29
N ASN E 190 -43.69 50.92 -0.25
CA ASN E 190 -43.14 51.55 -1.45
C ASN E 190 -41.88 52.37 -1.26
N GLU E 191 -41.79 53.09 -0.13
CA GLU E 191 -40.55 53.79 0.25
C GLU E 191 -39.35 52.82 0.23
N ALA E 192 -39.53 51.67 0.90
CA ALA E 192 -38.50 50.62 0.94
C ALA E 192 -38.16 50.07 -0.45
N ARG E 193 -39.17 49.83 -1.27
CA ARG E 193 -38.93 49.27 -2.58
C ARG E 193 -38.22 50.25 -3.50
N VAL E 194 -38.57 51.52 -3.41
CA VAL E 194 -37.91 52.52 -4.20
C VAL E 194 -36.45 52.63 -3.76
N GLN E 195 -36.18 52.60 -2.45
CA GLN E 195 -34.79 52.64 -1.95
C GLN E 195 -34.03 51.43 -2.52
N GLY E 196 -34.57 50.22 -2.35
CA GLY E 196 -33.95 48.99 -2.85
C GLY E 196 -33.78 48.88 -4.37
N LEU E 197 -34.75 49.35 -5.14
CA LEU E 197 -34.64 49.33 -6.60
C LEU E 197 -33.59 50.33 -7.07
N SER E 198 -33.55 51.48 -6.40
CA SER E 198 -32.52 52.47 -6.66
C SER E 198 -31.14 51.89 -6.34
N GLU E 199 -31.01 51.20 -5.20
CA GLU E 199 -29.77 50.49 -4.82
C GLU E 199 -29.34 49.58 -5.97
N VAL E 200 -30.30 49.00 -6.71
CA VAL E 200 -29.95 48.11 -7.83
C VAL E 200 -29.37 48.90 -8.99
N PHE E 201 -29.96 50.05 -9.31
CA PHE E 201 -29.42 50.95 -10.35
C PHE E 201 -28.05 51.54 -10.01
N GLU E 202 -27.91 52.04 -8.79
CA GLU E 202 -26.61 52.47 -8.24
C GLU E 202 -25.53 51.50 -8.68
N ARG E 203 -25.67 50.26 -8.26
CA ARG E 203 -24.61 49.30 -8.42
C ARG E 203 -24.43 48.73 -9.83
N TYR E 204 -25.53 48.62 -10.58
CA TYR E 204 -25.45 48.12 -11.96
C TYR E 204 -24.80 49.16 -12.84
N VAL E 205 -25.24 50.41 -12.70
CA VAL E 205 -24.69 51.54 -13.49
C VAL E 205 -23.23 51.79 -13.14
N LYS E 206 -22.95 51.82 -11.85
CA LYS E 206 -21.59 51.89 -11.36
C LYS E 206 -20.70 50.89 -12.11
N ASN E 207 -21.06 49.61 -12.06
CA ASN E 207 -20.24 48.55 -12.67
C ASN E 207 -20.06 48.67 -14.16
N ARG E 208 -20.92 49.46 -14.80
CA ARG E 208 -20.74 49.76 -16.20
C ARG E 208 -19.78 50.94 -16.40
N ILE E 209 -20.08 52.02 -15.71
CA ILE E 209 -19.27 53.20 -15.75
C ILE E 209 -17.81 52.84 -15.53
N ILE E 210 -17.60 51.92 -14.59
CA ILE E 210 -16.25 51.55 -14.19
C ILE E 210 -15.67 50.58 -15.19
N ALA E 211 -16.30 49.42 -15.34
CA ALA E 211 -15.71 48.37 -16.18
C ALA E 211 -15.52 48.81 -17.61
N GLU E 212 -16.46 49.61 -18.12
CA GLU E 212 -16.41 50.08 -19.50
C GLU E 212 -15.57 51.37 -19.65
N SER E 213 -14.98 51.83 -18.55
CA SER E 213 -14.06 52.97 -18.56
C SER E 213 -14.70 54.19 -19.20
N ILE E 214 -15.87 54.54 -18.71
CA ILE E 214 -16.70 55.57 -19.32
C ILE E 214 -16.28 56.92 -18.78
N SER E 215 -16.25 57.94 -19.67
CA SER E 215 -16.13 59.35 -19.28
C SER E 215 -17.49 59.93 -19.11
N LEU E 216 -17.77 60.41 -17.90
CA LEU E 216 -19.06 60.97 -17.58
C LEU E 216 -19.01 62.47 -17.76
N PRO E 217 -20.20 63.09 -17.89
CA PRO E 217 -20.36 64.54 -18.04
C PRO E 217 -20.56 65.26 -16.71
N GLU E 218 -19.81 66.33 -16.49
CA GLU E 218 -19.91 67.09 -15.25
C GLU E 218 -21.33 67.60 -15.05
N ILE E 219 -21.71 67.79 -13.80
CA ILE E 219 -22.98 68.40 -13.47
C ILE E 219 -22.70 69.88 -13.56
N PRO E 220 -23.44 70.62 -14.37
CA PRO E 220 -23.30 72.06 -14.42
C PRO E 220 -23.43 72.76 -13.06
N ALA E 221 -22.76 73.89 -12.91
CA ALA E 221 -22.70 74.59 -11.63
C ALA E 221 -24.07 75.12 -11.18
N ASP E 222 -24.82 75.66 -12.14
CA ASP E 222 -26.15 76.21 -11.86
C ASP E 222 -27.15 75.14 -11.46
N VAL E 223 -26.87 73.89 -11.86
CA VAL E 223 -27.68 72.73 -11.42
C VAL E 223 -27.32 72.32 -9.98
N LEU E 224 -26.04 72.25 -9.67
CA LEU E 224 -25.60 72.02 -8.31
C LEU E 224 -26.16 73.09 -7.36
N ALA E 225 -26.30 74.32 -7.87
CA ALA E 225 -26.73 75.50 -7.10
C ALA E 225 -28.09 75.31 -6.44
N ARG E 226 -28.91 74.50 -7.11
CA ARG E 226 -30.20 74.07 -6.56
C ARG E 226 -30.11 73.41 -5.18
N TYR E 227 -28.99 72.74 -4.89
CA TYR E 227 -28.82 72.00 -3.65
C TYR E 227 -27.65 72.59 -2.83
N PRO E 228 -27.86 73.77 -2.21
CA PRO E 228 -26.79 74.49 -1.51
C PRO E 228 -26.11 73.72 -0.38
N ALA E 229 -26.89 72.89 0.32
CA ALA E 229 -26.37 72.07 1.42
C ALA E 229 -25.33 71.04 0.96
N VAL E 230 -25.47 70.56 -0.26
CA VAL E 230 -24.46 69.70 -0.89
C VAL E 230 -23.28 70.54 -1.36
N VAL E 231 -23.57 71.60 -2.10
CA VAL E 231 -22.57 72.59 -2.52
C VAL E 231 -21.66 73.01 -1.37
N GLU E 232 -22.24 73.17 -0.18
CA GLU E 232 -21.47 73.53 1.00
C GLU E 232 -20.54 72.42 1.43
N ALA E 233 -21.05 71.20 1.41
CA ALA E 233 -20.24 70.03 1.73
C ALA E 233 -19.08 69.86 0.76
N ILE E 234 -19.29 70.21 -0.50
CA ILE E 234 -18.23 70.11 -1.51
C ILE E 234 -17.21 71.25 -1.40
N GLU E 235 -17.68 72.48 -1.15
CA GLU E 235 -16.75 73.60 -1.00
C GLU E 235 -15.85 73.38 0.20
N THR E 236 -16.38 72.76 1.24
CA THR E 236 -15.59 72.45 2.43
C THR E 236 -14.54 71.40 2.12
N LEU E 237 -14.94 70.29 1.49
CA LEU E 237 -13.97 69.26 1.05
C LEU E 237 -12.90 69.82 0.09
N GLU E 238 -13.30 70.74 -0.77
CA GLU E 238 -12.39 71.30 -1.80
C GLU E 238 -11.36 72.23 -1.18
N ALA E 239 -11.83 73.10 -0.27
CA ALA E 239 -10.97 74.00 0.48
C ALA E 239 -10.10 73.23 1.44
N GLU E 240 -10.62 72.14 1.99
CA GLU E 240 -9.86 71.23 2.84
C GLU E 240 -8.73 70.51 2.10
N GLY E 241 -8.60 70.74 0.79
CA GLY E 241 -7.53 70.16 -0.02
C GLY E 241 -7.89 68.97 -0.91
N PHE E 242 -9.18 68.70 -1.09
CA PHE E 242 -9.62 67.55 -1.86
C PHE E 242 -10.42 67.95 -3.08
N PRO E 243 -9.81 67.89 -4.26
CA PRO E 243 -10.59 68.13 -5.45
C PRO E 243 -11.79 67.20 -5.54
N ILE E 244 -12.94 67.75 -5.95
CA ILE E 244 -14.17 66.99 -6.17
C ILE E 244 -14.64 67.07 -7.61
N PHE E 245 -15.20 65.98 -8.14
CA PHE E 245 -15.86 65.91 -9.45
C PHE E 245 -17.27 65.42 -9.25
N ALA E 246 -18.26 66.19 -9.69
CA ALA E 246 -19.65 65.75 -9.65
C ALA E 246 -20.10 65.39 -11.05
N TYR E 247 -20.77 64.26 -11.21
CA TYR E 247 -21.03 63.68 -12.54
C TYR E 247 -22.46 63.18 -12.69
N ASP E 248 -22.95 63.23 -13.92
CA ASP E 248 -24.26 62.64 -14.23
C ASP E 248 -24.03 61.19 -14.65
N GLY E 249 -24.47 60.28 -13.80
CA GLY E 249 -24.29 58.87 -14.07
C GLY E 249 -25.46 58.25 -14.78
N SER E 250 -26.36 59.08 -15.32
CA SER E 250 -27.57 58.59 -15.99
C SER E 250 -27.30 57.90 -17.33
N LEU E 251 -26.11 58.15 -17.91
CA LEU E 251 -25.75 57.55 -19.19
C LEU E 251 -26.70 58.04 -20.27
N GLY E 252 -26.80 59.37 -20.36
CA GLY E 252 -27.74 60.01 -21.28
C GLY E 252 -29.19 59.88 -20.84
N GLY E 253 -29.47 60.19 -19.57
CA GLY E 253 -30.83 60.23 -19.06
C GLY E 253 -31.52 58.92 -18.74
N GLN E 254 -30.87 57.78 -19.01
CA GLN E 254 -31.50 56.44 -18.84
C GLN E 254 -31.79 56.01 -17.40
N TYR E 255 -30.79 56.17 -16.54
CA TYR E 255 -30.88 55.72 -15.17
C TYR E 255 -30.76 56.87 -14.20
N PRO E 256 -31.34 56.74 -13.00
CA PRO E 256 -31.33 57.80 -12.00
C PRO E 256 -30.10 57.74 -11.09
N VAL E 257 -28.91 57.91 -11.67
CA VAL E 257 -27.62 57.68 -10.99
C VAL E 257 -26.67 58.90 -11.07
N ILE E 258 -26.27 59.39 -9.90
CA ILE E 258 -25.22 60.39 -9.77
C ILE E 258 -23.90 59.74 -9.31
N CYS E 259 -22.79 60.26 -9.80
CA CYS E 259 -21.46 59.76 -9.42
C CYS E 259 -20.56 60.94 -9.07
N VAL E 260 -19.85 60.82 -7.98
CA VAL E 260 -19.07 61.91 -7.44
C VAL E 260 -17.77 61.33 -6.99
N VAL E 261 -16.69 61.92 -7.47
CA VAL E 261 -15.36 61.40 -7.23
C VAL E 261 -14.50 62.40 -6.50
N LEU E 262 -13.84 61.89 -5.46
CA LEU E 262 -12.92 62.67 -4.65
C LEU E 262 -11.50 62.34 -5.04
N PHE E 263 -10.65 63.38 -5.12
CA PHE E 263 -9.19 63.22 -5.29
C PHE E 263 -8.48 63.49 -3.98
N ASN E 264 -7.44 62.70 -3.71
CA ASN E 264 -6.55 63.00 -2.60
C ASN E 264 -5.13 63.22 -3.13
N PRO E 265 -4.79 64.50 -3.42
CA PRO E 265 -3.51 64.81 -4.05
C PRO E 265 -2.30 64.39 -3.19
N ALA E 266 -2.48 64.39 -1.87
CA ALA E 266 -1.45 63.98 -0.94
C ALA E 266 -0.92 62.58 -1.22
N ASN E 267 -1.79 61.64 -1.55
CA ASN E 267 -1.32 60.27 -1.86
C ASN E 267 -1.54 59.86 -3.30
N GLY E 268 -2.03 60.82 -4.11
CA GLY E 268 -2.27 60.62 -5.56
C GLY E 268 -3.38 59.65 -5.89
N THR E 269 -4.36 59.50 -5.01
CA THR E 269 -5.42 58.51 -5.16
C THR E 269 -6.76 59.19 -5.37
N CYS E 270 -7.71 58.40 -5.86
CA CYS E 270 -9.08 58.85 -6.01
C CYS E 270 -10.05 57.88 -5.35
N PHE E 271 -11.24 58.38 -5.04
CA PHE E 271 -12.32 57.58 -4.45
C PHE E 271 -13.66 57.93 -5.10
N ALA E 272 -14.23 56.97 -5.84
CA ALA E 272 -15.47 57.16 -6.57
C ALA E 272 -16.68 56.69 -5.79
N SER E 273 -17.60 57.61 -5.50
CA SER E 273 -18.91 57.28 -4.95
C SER E 273 -20.03 57.37 -5.97
N PHE E 274 -21.04 56.54 -5.77
CA PHE E 274 -22.21 56.47 -6.63
C PHE E 274 -23.48 56.44 -5.78
N GLY E 275 -24.61 56.74 -6.40
CA GLY E 275 -25.86 56.87 -5.67
C GLY E 275 -27.01 57.03 -6.62
N ALA E 276 -28.16 56.51 -6.22
CA ALA E 276 -29.32 56.54 -7.09
C ALA E 276 -30.57 56.82 -6.29
N HIS E 277 -31.43 57.64 -6.89
CA HIS E 277 -32.75 57.86 -6.38
C HIS E 277 -33.53 58.55 -7.49
N PRO E 278 -34.85 58.33 -7.55
CA PRO E 278 -35.63 58.94 -8.63
C PRO E 278 -35.49 60.47 -8.69
N ASP E 279 -35.39 61.10 -7.54
CA ASP E 279 -35.21 62.52 -7.47
C ASP E 279 -33.73 62.83 -7.55
N PHE E 280 -33.34 63.51 -8.62
CA PHE E 280 -31.97 64.00 -8.83
C PHE E 280 -31.24 64.51 -7.60
N GLY E 281 -31.89 65.40 -6.85
CA GLY E 281 -31.33 66.03 -5.66
C GLY E 281 -31.04 65.09 -4.53
N VAL E 282 -31.95 64.14 -4.29
CA VAL E 282 -31.73 63.12 -3.27
C VAL E 282 -30.55 62.24 -3.67
N ALA E 283 -30.49 61.87 -4.93
CA ALA E 283 -29.42 61.03 -5.43
C ALA E 283 -28.10 61.72 -5.28
N LEU E 284 -28.08 63.03 -5.53
CA LEU E 284 -26.84 63.81 -5.42
C LEU E 284 -26.32 63.75 -4.00
N GLU E 285 -27.20 64.06 -3.05
CA GLU E 285 -26.82 64.06 -1.65
C GLU E 285 -26.41 62.68 -1.15
N ARG E 286 -27.14 61.64 -1.57
CA ARG E 286 -26.80 60.23 -1.22
C ARG E 286 -25.38 59.87 -1.66
N THR E 287 -24.99 60.29 -2.86
CA THR E 287 -23.64 60.07 -3.36
C THR E 287 -22.59 60.80 -2.55
N VAL E 288 -22.85 62.08 -2.26
CA VAL E 288 -21.94 62.89 -1.44
C VAL E 288 -21.81 62.35 0.01
N THR E 289 -22.94 62.10 0.70
CA THR E 289 -22.83 61.61 2.09
C THR E 289 -22.04 60.30 2.15
N GLU E 290 -22.11 59.47 1.12
CA GLU E 290 -21.38 58.19 1.11
C GLU E 290 -19.88 58.35 0.92
N LEU E 291 -19.43 59.49 0.43
CA LEU E 291 -17.98 59.79 0.42
C LEU E 291 -17.34 59.71 1.82
N LEU E 292 -18.14 59.82 2.89
CA LEU E 292 -17.69 59.72 4.27
C LEU E 292 -18.66 58.87 5.18
N LEU E 300 -8.84 59.69 4.58
CA LEU E 300 -9.03 59.53 3.14
C LEU E 300 -7.77 59.09 2.42
N ASP E 301 -7.16 58.06 2.98
CA ASP E 301 -5.81 57.64 2.62
C ASP E 301 -5.75 56.16 2.13
N VAL E 302 -6.82 55.38 2.30
CA VAL E 302 -6.76 53.93 2.08
C VAL E 302 -7.20 53.53 0.65
N PHE E 303 -6.92 54.42 -0.30
CA PHE E 303 -7.45 54.33 -1.67
C PHE E 303 -6.41 53.93 -2.70
N THR E 304 -6.85 53.88 -3.94
CA THR E 304 -5.99 53.51 -5.06
C THR E 304 -5.98 54.63 -6.12
N PRO E 305 -4.81 54.87 -6.75
CA PRO E 305 -4.77 55.82 -7.84
C PRO E 305 -5.47 55.31 -9.10
N PRO E 306 -5.86 56.25 -9.97
CA PRO E 306 -6.50 55.90 -11.23
C PRO E 306 -5.52 55.14 -12.09
N THR E 307 -5.98 54.58 -13.20
CA THR E 307 -5.17 53.69 -14.01
C THR E 307 -5.62 53.73 -15.44
N PHE E 308 -4.68 53.52 -16.34
CA PHE E 308 -4.99 53.37 -17.75
C PHE E 308 -5.18 51.90 -18.14
N ASP E 309 -5.30 51.02 -17.16
CA ASP E 309 -5.39 49.61 -17.47
C ASP E 309 -6.82 49.23 -17.81
N ASP E 310 -7.15 49.36 -19.10
CA ASP E 310 -8.37 48.88 -19.75
C ASP E 310 -8.91 47.60 -19.10
N GLU E 311 -8.02 46.61 -18.94
CA GLU E 311 -8.40 45.25 -18.56
C GLU E 311 -8.49 45.01 -17.05
N GLU E 312 -7.62 45.63 -16.25
CA GLU E 312 -7.66 45.41 -14.82
C GLU E 312 -8.84 46.08 -14.15
N VAL E 313 -9.32 47.18 -14.72
CA VAL E 313 -10.48 47.88 -14.18
C VAL E 313 -11.71 47.01 -14.34
N ALA E 314 -11.86 46.42 -15.53
CA ALA E 314 -13.05 45.62 -15.88
C ALA E 314 -13.10 44.28 -15.16
N GLU E 315 -11.95 43.78 -14.70
CA GLU E 315 -11.87 42.47 -14.05
C GLU E 315 -12.94 42.37 -12.94
N HIS E 316 -13.63 41.23 -12.88
CA HIS E 316 -14.74 41.06 -11.95
C HIS E 316 -14.27 41.26 -10.50
N THR E 317 -13.06 40.84 -10.18
CA THR E 317 -12.51 41.05 -8.85
C THR E 317 -12.39 42.53 -8.46
N ASN E 318 -12.30 43.42 -9.45
CA ASN E 318 -12.17 44.88 -9.17
C ASN E 318 -13.49 45.45 -8.75
N LEU E 319 -14.53 45.02 -9.46
CA LEU E 319 -15.87 45.48 -9.18
C LEU E 319 -16.36 44.86 -7.87
N GLU E 320 -15.97 43.60 -7.64
CA GLU E 320 -16.30 42.89 -6.38
C GLU E 320 -15.70 43.64 -5.21
N THR E 321 -14.48 44.17 -5.36
CA THR E 321 -13.88 45.02 -4.34
C THR E 321 -14.72 46.28 -4.13
N HIS E 322 -14.89 47.06 -5.19
CA HIS E 322 -15.70 48.29 -5.12
C HIS E 322 -16.96 48.14 -4.30
N PHE E 323 -17.56 46.96 -4.34
CA PHE E 323 -18.76 46.69 -3.59
C PHE E 323 -18.50 46.58 -2.09
N ILE E 324 -17.46 45.83 -1.71
CA ILE E 324 -17.15 45.58 -0.28
C ILE E 324 -16.73 46.86 0.47
N ASP E 325 -15.74 47.53 -0.08
CA ASP E 325 -15.34 48.87 0.29
C ASP E 325 -15.03 49.52 -1.05
N SER E 326 -14.95 50.83 -1.15
CA SER E 326 -14.75 51.48 -2.48
C SER E 326 -13.29 51.83 -2.80
N SER E 327 -12.35 51.06 -2.24
CA SER E 327 -10.94 51.10 -2.67
C SER E 327 -10.68 50.15 -3.84
N GLY E 328 -11.19 50.52 -5.01
CA GLY E 328 -10.96 49.76 -6.26
C GLY E 328 -10.38 50.66 -7.33
N LEU E 329 -10.03 50.06 -8.46
CA LEU E 329 -9.40 50.77 -9.55
C LEU E 329 -10.41 51.51 -10.45
N ILE E 330 -10.17 52.80 -10.64
CA ILE E 330 -10.97 53.64 -11.52
C ILE E 330 -10.13 54.01 -12.72
N SER E 331 -10.71 53.97 -13.92
CA SER E 331 -9.97 54.40 -15.13
C SER E 331 -9.77 55.91 -15.16
N TRP E 332 -8.64 56.35 -15.69
CA TRP E 332 -8.39 57.79 -15.86
C TRP E 332 -9.42 58.39 -16.81
N ASP E 333 -9.94 57.54 -17.68
CA ASP E 333 -10.94 57.94 -18.64
C ASP E 333 -12.17 58.59 -18.03
N LEU E 334 -12.53 58.23 -16.82
CA LEU E 334 -13.68 58.86 -16.17
C LEU E 334 -13.57 60.39 -16.22
N PHE E 335 -12.34 60.87 -16.09
CA PHE E 335 -12.05 62.31 -15.91
C PHE E 335 -11.67 63.02 -17.21
N LYS E 336 -11.80 62.33 -18.34
CA LYS E 336 -11.58 62.96 -19.61
C LYS E 336 -12.51 64.13 -19.74
N GLN E 337 -11.99 65.18 -20.38
CA GLN E 337 -12.76 66.38 -20.61
C GLN E 337 -14.03 65.97 -21.35
N ASP E 338 -13.85 65.35 -22.50
CA ASP E 338 -14.97 64.98 -23.36
C ASP E 338 -15.66 63.73 -22.83
N ALA E 339 -16.92 63.90 -22.47
CA ALA E 339 -17.79 62.82 -22.01
C ALA E 339 -18.37 62.01 -23.17
N ASP E 340 -18.74 60.77 -22.88
CA ASP E 340 -19.34 59.84 -23.86
C ASP E 340 -20.89 59.93 -23.87
N TYR E 341 -21.45 60.63 -22.91
CA TYR E 341 -22.87 60.93 -22.88
C TYR E 341 -23.01 62.40 -22.51
N PRO E 342 -24.07 63.06 -22.98
CA PRO E 342 -24.29 64.43 -22.58
C PRO E 342 -24.90 64.48 -21.20
N PHE E 343 -24.71 65.60 -20.52
CA PHE E 343 -25.38 65.80 -19.25
C PHE E 343 -26.87 65.85 -19.52
N VAL E 344 -27.66 65.30 -18.61
CA VAL E 344 -29.12 65.37 -18.72
C VAL E 344 -29.63 65.83 -17.37
N ASP E 345 -30.46 66.88 -17.35
CA ASP E 345 -31.04 67.32 -16.10
C ASP E 345 -32.24 66.42 -15.79
N TRP E 346 -31.95 65.22 -15.34
CA TRP E 346 -32.98 64.22 -15.21
C TRP E 346 -33.82 64.39 -13.97
N ASN E 347 -35.01 63.79 -14.05
CA ASN E 347 -35.89 63.67 -12.90
C ASN E 347 -36.98 62.64 -13.09
N PHE E 348 -37.09 61.72 -12.13
CA PHE E 348 -38.04 60.62 -12.18
C PHE E 348 -38.98 60.68 -10.95
N SER E 349 -38.95 61.80 -10.23
CA SER E 349 -39.58 61.89 -8.90
C SER E 349 -41.13 61.87 -8.85
N GLY E 350 -41.69 62.03 -7.65
CA GLY E 350 -43.13 61.86 -7.39
C GLY E 350 -43.36 61.16 -6.05
N THR E 351 -44.56 60.65 -5.81
CA THR E 351 -44.79 59.87 -4.59
C THR E 351 -44.17 58.52 -4.71
N THR E 352 -43.83 57.94 -3.57
CA THR E 352 -43.15 56.63 -3.54
C THR E 352 -43.88 55.61 -4.39
N GLU E 353 -45.20 55.70 -4.39
CA GLU E 353 -46.02 54.85 -5.25
C GLU E 353 -45.74 55.07 -6.76
N GLU E 354 -45.69 56.34 -7.19
CA GLU E 354 -45.40 56.66 -8.58
C GLU E 354 -43.99 56.30 -8.93
N GLU E 355 -43.08 56.64 -8.04
CA GLU E 355 -41.65 56.39 -8.21
C GLU E 355 -41.44 54.88 -8.42
N PHE E 356 -42.13 54.05 -7.63
CA PHE E 356 -42.00 52.62 -7.77
C PHE E 356 -42.36 52.18 -9.18
N ALA E 357 -43.41 52.77 -9.73
CA ALA E 357 -43.85 52.41 -11.08
C ALA E 357 -42.87 52.90 -12.14
N THR E 358 -42.41 54.13 -11.95
CA THR E 358 -41.49 54.77 -12.89
C THR E 358 -40.23 53.95 -13.04
N LEU E 359 -39.76 53.42 -11.90
CA LEU E 359 -38.52 52.65 -11.89
C LEU E 359 -38.76 51.31 -12.50
N MET E 360 -39.85 50.68 -12.08
CA MET E 360 -40.24 49.38 -12.63
C MET E 360 -40.36 49.46 -14.17
N ALA E 361 -40.82 50.62 -14.65
CA ALA E 361 -40.94 50.90 -16.07
C ALA E 361 -39.60 50.69 -16.76
N ILE E 362 -38.53 51.11 -16.10
CA ILE E 362 -37.18 51.07 -16.68
C ILE E 362 -36.77 49.64 -16.81
N PHE E 363 -37.07 48.85 -15.79
CA PHE E 363 -36.73 47.43 -15.83
C PHE E 363 -37.48 46.71 -16.92
N ASN E 364 -38.72 47.10 -17.13
CA ASN E 364 -39.52 46.52 -18.20
C ASN E 364 -38.93 46.88 -19.55
N LYS E 365 -38.53 48.14 -19.70
CA LYS E 365 -37.87 48.59 -20.90
C LYS E 365 -36.62 47.80 -21.21
N GLU E 366 -35.94 47.34 -20.16
CA GLU E 366 -34.69 46.58 -20.31
C GLU E 366 -34.93 45.08 -20.53
N ASP E 367 -36.20 44.64 -20.49
CA ASP E 367 -36.54 43.23 -20.55
C ASP E 367 -35.85 42.44 -19.42
N LYS E 368 -35.97 42.97 -18.21
CA LYS E 368 -35.38 42.35 -17.02
C LYS E 368 -36.43 42.13 -15.99
N GLU E 369 -36.70 40.85 -15.75
CA GLU E 369 -37.64 40.44 -14.70
C GLU E 369 -37.16 40.88 -13.34
N VAL E 370 -38.05 41.45 -12.55
CA VAL E 370 -37.75 41.82 -11.19
C VAL E 370 -38.36 40.75 -10.30
N TYR E 371 -37.66 40.33 -9.26
CA TYR E 371 -38.21 39.41 -8.25
C TYR E 371 -38.11 40.02 -6.86
N ILE E 372 -39.24 40.32 -6.25
CA ILE E 372 -39.26 40.92 -4.93
C ILE E 372 -39.69 39.89 -3.88
N ALA E 373 -39.26 40.10 -2.63
CA ALA E 373 -39.66 39.29 -1.48
C ALA E 373 -39.88 40.18 -0.29
N ASP E 374 -41.05 40.08 0.33
CA ASP E 374 -41.44 41.04 1.38
C ASP E 374 -41.34 40.42 2.74
N TYR E 375 -40.92 41.21 3.71
CA TYR E 375 -40.76 40.75 5.07
C TYR E 375 -41.40 41.81 5.94
N GLU E 376 -42.32 41.40 6.81
CA GLU E 376 -42.93 42.34 7.76
C GLU E 376 -42.91 41.78 9.19
N HIS E 377 -42.18 40.67 9.39
CA HIS E 377 -42.32 39.89 10.61
C HIS E 377 -41.69 40.56 11.81
N LEU E 378 -40.92 41.62 11.56
CA LEU E 378 -40.32 42.40 12.65
C LEU E 378 -41.05 43.72 12.91
N GLY E 379 -42.17 43.92 12.23
CA GLY E 379 -43.00 45.12 12.46
C GLY E 379 -42.57 46.33 11.68
N VAL E 380 -41.67 46.10 10.73
CA VAL E 380 -41.28 47.12 9.78
C VAL E 380 -41.17 46.44 8.47
N TYR E 381 -41.55 47.16 7.41
CA TYR E 381 -41.52 46.56 6.09
C TYR E 381 -40.08 46.53 5.66
N ALA E 382 -39.71 45.42 5.02
CA ALA E 382 -38.43 45.27 4.41
C ALA E 382 -38.53 44.37 3.19
N CYS E 383 -37.85 44.73 2.11
CA CYS E 383 -37.86 43.92 0.92
C CYS E 383 -36.49 43.36 0.61
N ARG E 384 -36.48 42.39 -0.30
CA ARG E 384 -35.25 41.96 -0.92
C ARG E 384 -35.45 41.74 -2.43
N ILE E 385 -34.64 42.41 -3.25
CA ILE E 385 -34.89 42.51 -4.69
C ILE E 385 -33.78 41.91 -5.54
N ILE E 386 -34.16 40.90 -6.30
CA ILE E 386 -33.29 40.25 -7.26
C ILE E 386 -33.72 40.66 -8.64
N VAL E 387 -32.76 40.94 -9.53
CA VAL E 387 -33.03 41.37 -10.90
C VAL E 387 -31.95 40.76 -11.78
N PRO E 388 -31.99 39.45 -11.97
CA PRO E 388 -30.86 38.78 -12.57
C PRO E 388 -30.49 39.42 -13.87
N GLY E 389 -29.18 39.65 -14.05
CA GLY E 389 -28.66 40.41 -15.16
C GLY E 389 -28.44 41.86 -14.81
N MET E 390 -28.70 42.26 -13.57
CA MET E 390 -28.46 43.67 -13.12
C MET E 390 -28.09 43.77 -11.61
N SER E 391 -28.84 43.06 -10.77
CA SER E 391 -28.63 43.04 -9.32
C SER E 391 -27.37 42.27 -8.96
N ASP E 392 -26.91 41.38 -9.84
CA ASP E 392 -25.77 40.52 -9.50
C ASP E 392 -24.53 41.32 -9.09
N ILE E 393 -23.89 40.93 -7.99
CA ILE E 393 -22.58 41.43 -7.58
C ILE E 393 -21.47 40.46 -7.95
N TYR E 394 -21.72 39.18 -7.75
CA TYR E 394 -20.82 38.12 -8.21
C TYR E 394 -21.44 37.40 -9.44
N PRO E 395 -20.59 36.85 -10.32
CA PRO E 395 -21.06 36.17 -11.50
C PRO E 395 -21.41 34.70 -11.22
N ALA E 396 -22.33 34.15 -12.00
CA ALA E 396 -22.88 32.82 -11.71
C ALA E 396 -21.85 31.71 -11.74
N GLU E 397 -20.77 31.89 -12.50
CA GLU E 397 -19.63 30.97 -12.51
C GLU E 397 -19.12 30.73 -11.09
N ASP E 398 -19.28 31.71 -10.22
CA ASP E 398 -18.92 31.54 -8.81
C ASP E 398 -19.70 30.45 -8.03
N LEU E 399 -20.86 30.01 -8.51
CA LEU E 399 -21.56 28.90 -7.86
C LEU E 399 -20.76 27.61 -7.96
N TRP E 400 -19.87 27.54 -8.96
CA TRP E 400 -18.96 26.42 -9.14
C TRP E 400 -17.62 26.72 -8.47
N LEU E 401 -17.07 27.88 -8.75
CA LEU E 401 -15.70 28.22 -8.36
C LEU E 401 -15.50 28.84 -6.98
N ALA E 402 -16.48 29.61 -6.51
CA ALA E 402 -16.35 30.38 -5.30
C ALA E 402 -17.63 30.29 -4.47
N ASN E 403 -18.06 29.05 -4.26
CA ASN E 403 -19.33 28.84 -3.56
C ASN E 403 -19.09 28.84 -2.08
N ASN E 404 -19.74 29.74 -1.38
CA ASN E 404 -19.54 29.87 0.04
C ASN E 404 -19.94 28.67 0.94
N SER E 405 -20.42 27.56 0.37
CA SER E 405 -20.63 26.34 1.12
C SER E 405 -19.80 25.17 0.60
N MET E 406 -18.81 25.47 -0.23
CA MET E 406 -17.87 24.47 -0.74
C MET E 406 -17.28 23.61 0.36
N GLY E 407 -17.00 24.19 1.52
CA GLY E 407 -16.38 23.48 2.61
C GLY E 407 -17.37 22.81 3.54
N SER E 408 -18.66 23.05 3.37
CA SER E 408 -19.68 22.59 4.34
C SER E 408 -19.48 21.12 4.74
N HIS E 409 -19.01 20.31 3.81
CA HIS E 409 -18.90 18.86 4.04
C HIS E 409 -17.68 18.42 4.84
N LEU E 410 -16.65 19.26 4.90
CA LEU E 410 -15.48 19.00 5.77
C LEU E 410 -15.65 19.51 7.20
N ARG E 411 -16.67 20.30 7.45
CA ARG E 411 -16.81 20.97 8.74
C ARG E 411 -16.62 20.02 9.92
N GLU E 412 -17.44 18.99 9.96
CA GLU E 412 -17.47 18.08 11.09
C GLU E 412 -16.14 17.39 11.26
N THR E 413 -15.52 17.00 10.15
CA THR E 413 -14.19 16.42 10.17
C THR E 413 -13.13 17.34 10.83
N ILE E 414 -13.13 18.59 10.39
CA ILE E 414 -12.12 19.57 10.80
C ILE E 414 -12.33 20.00 12.24
N LEU E 415 -13.56 20.28 12.63
CA LEU E 415 -13.84 20.63 14.04
C LEU E 415 -13.53 19.52 15.05
N SER E 416 -13.45 18.28 14.56
CA SER E 416 -13.10 17.14 15.39
C SER E 416 -11.59 17.06 15.68
N LEU E 417 -10.78 17.67 14.83
CA LEU E 417 -9.30 17.50 14.89
C LEU E 417 -8.62 17.77 16.25
N PRO E 418 -8.98 18.86 16.94
CA PRO E 418 -8.45 19.03 18.28
C PRO E 418 -8.96 17.94 19.18
N GLY E 419 -8.06 17.11 19.70
CA GLY E 419 -8.42 15.99 20.57
C GLY E 419 -8.48 14.67 19.83
N SER E 420 -8.68 14.71 18.51
CA SER E 420 -8.67 13.53 17.66
C SER E 420 -7.37 12.70 17.82
N GLU E 421 -7.50 11.39 17.63
CA GLU E 421 -6.38 10.47 17.69
C GLU E 421 -6.51 9.46 16.58
N TRP E 422 -6.55 9.96 15.35
CA TRP E 422 -6.58 9.08 14.17
C TRP E 422 -5.21 8.53 13.85
N GLU E 423 -5.13 7.74 12.78
CA GLU E 423 -3.88 7.22 12.30
C GLU E 423 -3.14 8.33 11.58
N LYS E 424 -1.82 8.20 11.48
CA LYS E 424 -0.99 9.22 10.84
C LYS E 424 -1.30 9.38 9.38
N GLU E 425 -1.78 8.32 8.74
CA GLU E 425 -2.05 8.40 7.30
C GLU E 425 -3.30 9.24 7.03
N ASP E 426 -4.29 9.10 7.90
CA ASP E 426 -5.52 9.86 7.79
C ASP E 426 -5.24 11.37 7.80
N TYR E 427 -4.35 11.81 8.69
CA TYR E 427 -4.00 13.21 8.78
C TYR E 427 -3.31 13.68 7.48
N LEU E 428 -2.37 12.89 7.00
CA LEU E 428 -1.63 13.27 5.79
C LEU E 428 -2.50 13.26 4.56
N ASN E 429 -3.58 12.47 4.58
CA ASN E 429 -4.50 12.42 3.45
C ASN E 429 -5.39 13.65 3.38
N LEU E 430 -5.89 14.08 4.53
CA LEU E 430 -6.70 15.27 4.61
C LEU E 430 -5.99 16.47 3.98
N ILE E 431 -4.67 16.50 4.06
CA ILE E 431 -3.88 17.51 3.33
C ILE E 431 -4.08 17.35 1.83
N GLU E 432 -3.76 16.16 1.32
CA GLU E 432 -3.93 15.86 -0.10
C GLU E 432 -5.36 16.12 -0.55
N GLN E 433 -6.35 15.84 0.29
CA GLN E 433 -7.74 16.13 -0.06
C GLN E 433 -7.95 17.62 -0.21
N LEU E 434 -7.46 18.40 0.75
CA LEU E 434 -7.57 19.86 0.66
C LEU E 434 -6.92 20.39 -0.61
N ASP E 435 -5.84 19.75 -1.05
CA ASP E 435 -5.23 20.09 -2.33
C ASP E 435 -6.06 19.65 -3.53
N GLU E 436 -6.52 18.39 -3.54
CA GLU E 436 -7.33 17.84 -4.64
C GLU E 436 -8.65 18.58 -4.81
N GLU E 437 -9.26 18.98 -3.70
CA GLU E 437 -10.46 19.80 -3.75
C GLU E 437 -10.20 21.26 -4.10
N GLY E 438 -8.94 21.63 -4.23
CA GLY E 438 -8.56 22.94 -4.76
C GLY E 438 -8.84 24.12 -3.86
N PHE E 439 -8.77 23.94 -2.55
CA PHE E 439 -8.91 25.06 -1.64
C PHE E 439 -7.66 25.94 -1.68
N ASP E 440 -7.85 27.26 -1.49
CA ASP E 440 -6.73 28.22 -1.49
C ASP E 440 -6.09 28.25 -0.10
N ASP E 441 -4.76 28.18 -0.07
CA ASP E 441 -3.98 28.15 1.19
C ASP E 441 -4.22 29.37 2.07
N PHE E 442 -4.50 30.49 1.44
CA PHE E 442 -4.77 31.71 2.18
C PHE E 442 -6.16 31.80 2.78
N THR E 443 -7.08 30.92 2.37
CA THR E 443 -8.47 30.98 2.84
C THR E 443 -8.60 30.80 4.33
N ARG E 444 -9.31 31.70 4.98
CA ARG E 444 -9.56 31.56 6.41
C ARG E 444 -10.49 30.39 6.67
N VAL E 445 -10.11 29.51 7.58
CA VAL E 445 -10.91 28.35 7.88
C VAL E 445 -12.20 28.78 8.53
N ARG E 446 -12.14 29.78 9.39
CA ARG E 446 -13.38 30.18 10.06
C ARG E 446 -14.43 30.77 9.11
N GLU E 447 -13.97 31.33 7.99
CA GLU E 447 -14.86 31.82 6.93
C GLU E 447 -15.39 30.66 6.08
N LEU E 448 -14.55 29.69 5.84
CA LEU E 448 -14.89 28.52 5.03
C LEU E 448 -15.92 27.61 5.69
N LEU E 449 -15.97 27.59 7.02
CA LEU E 449 -16.91 26.73 7.73
C LEU E 449 -18.03 27.52 8.36
N GLY E 450 -17.92 28.83 8.37
CA GLY E 450 -19.02 29.71 8.85
C GLY E 450 -19.01 29.82 10.37
N LEU E 451 -17.81 29.92 10.93
CA LEU E 451 -17.62 29.94 12.37
C LEU E 451 -17.33 31.37 12.85
N ALA E 452 -18.22 31.89 13.70
CA ALA E 452 -17.95 33.08 14.50
C ALA E 452 -17.15 32.68 15.73
N THR E 453 -15.83 32.67 15.57
CA THR E 453 -14.93 32.16 16.60
C THR E 453 -14.68 33.14 17.71
N GLY E 454 -14.81 34.43 17.42
CA GLY E 454 -14.34 35.46 18.34
C GLY E 454 -12.83 35.56 18.28
N SER E 455 -12.27 36.64 18.83
CA SER E 455 -10.87 37.02 18.56
C SER E 455 -9.81 36.31 19.43
N ASP E 456 -10.24 35.58 20.45
CA ASP E 456 -9.33 35.13 21.52
C ASP E 456 -8.96 33.67 21.44
N ASN E 457 -8.74 33.13 20.24
CA ASN E 457 -8.30 31.73 20.14
C ASN E 457 -7.72 31.40 18.78
N GLY E 458 -7.18 30.20 18.64
CA GLY E 458 -6.47 29.80 17.42
C GLY E 458 -7.25 29.76 16.10
N TRP E 459 -8.56 29.47 16.18
CA TRP E 459 -9.42 29.40 15.01
C TRP E 459 -9.62 30.75 14.31
N TYR E 460 -9.59 31.83 15.07
CA TYR E 460 -9.81 33.19 14.57
C TYR E 460 -8.85 33.65 13.46
N THR E 461 -7.64 33.07 13.44
CA THR E 461 -6.59 33.41 12.46
C THR E 461 -6.16 32.20 11.60
N LEU E 462 -6.80 31.06 11.82
CA LEU E 462 -6.38 29.79 11.22
C LEU E 462 -6.69 29.81 9.76
N ARG E 463 -5.65 29.71 8.94
CA ARG E 463 -5.81 29.60 7.50
C ARG E 463 -5.46 28.20 7.04
N ILE E 464 -5.81 27.88 5.80
CA ILE E 464 -5.62 26.51 5.28
C ILE E 464 -4.16 26.12 5.43
N GLY E 465 -3.27 27.05 5.10
CA GLY E 465 -1.82 26.76 5.13
C GLY E 465 -1.33 26.38 6.51
N GLU E 466 -1.84 27.06 7.50
CA GLU E 466 -1.52 26.74 8.87
C GLU E 466 -2.11 25.37 9.23
N LEU E 467 -3.31 25.10 8.75
CA LEU E 467 -3.97 23.81 9.05
C LEU E 467 -3.19 22.68 8.43
N LYS E 468 -2.66 22.89 7.25
CA LYS E 468 -1.76 21.90 6.65
C LYS E 468 -0.55 21.64 7.55
N ALA E 469 0.04 22.68 8.10
CA ALA E 469 1.15 22.48 9.02
C ALA E 469 0.70 21.58 10.17
N MET E 470 -0.40 21.95 10.78
CA MET E 470 -0.90 21.21 11.90
C MET E 470 -1.11 19.74 11.58
N LEU E 471 -1.55 19.45 10.36
CA LEU E 471 -1.85 18.06 9.96
C LEU E 471 -0.57 17.30 9.72
N ALA E 472 0.36 17.94 9.03
CA ALA E 472 1.68 17.36 8.81
C ALA E 472 2.36 16.97 10.13
N LEU E 473 2.12 17.75 11.19
CA LEU E 473 2.67 17.43 12.50
C LEU E 473 1.99 16.22 13.13
N ALA E 474 0.66 16.19 13.05
CA ALA E 474 -0.14 15.10 13.63
C ALA E 474 0.12 13.79 12.90
N GLY E 475 0.41 13.90 11.59
CA GLY E 475 0.76 12.75 10.77
C GLY E 475 2.25 12.56 10.64
N GLY E 476 3.00 13.24 11.50
CA GLY E 476 4.43 13.03 11.63
C GLY E 476 5.29 13.16 10.38
N ASP E 477 4.91 14.03 9.45
CA ASP E 477 5.78 14.40 8.33
C ASP E 477 6.39 15.78 8.61
N LEU E 478 7.57 15.77 9.22
CA LEU E 478 8.18 17.01 9.71
C LEU E 478 8.73 17.90 8.59
N GLU E 479 8.97 17.34 7.40
CA GLU E 479 9.50 18.14 6.30
C GLU E 479 8.43 19.05 5.76
N GLN E 480 7.22 18.51 5.64
CA GLN E 480 6.06 19.28 5.20
C GLN E 480 5.67 20.25 6.27
N ALA E 481 5.66 19.76 7.50
CA ALA E 481 5.33 20.60 8.64
C ALA E 481 6.14 21.90 8.63
N LEU E 482 7.43 21.79 8.35
CA LEU E 482 8.29 22.95 8.33
C LEU E 482 7.85 23.94 7.25
N VAL E 483 7.68 23.43 6.05
CA VAL E 483 7.25 24.25 4.90
C VAL E 483 6.09 25.16 5.27
N TRP E 484 5.05 24.56 5.87
CA TRP E 484 3.84 25.30 6.18
C TRP E 484 3.96 26.13 7.44
N THR E 485 4.83 25.72 8.36
CA THR E 485 5.08 26.53 9.55
C THR E 485 5.79 27.82 9.16
N GLU E 486 6.74 27.72 8.24
CA GLU E 486 7.36 28.92 7.66
C GLU E 486 6.33 29.80 6.95
N TRP E 487 5.59 29.18 6.02
CA TRP E 487 4.46 29.83 5.37
C TRP E 487 3.60 30.56 6.41
N THR E 488 3.22 29.86 7.47
CA THR E 488 2.30 30.38 8.47
C THR E 488 2.81 31.67 9.03
N MET E 489 4.07 31.65 9.42
CA MET E 489 4.66 32.83 10.01
C MET E 489 4.83 33.94 8.98
N GLU E 490 5.26 33.58 7.78
CA GLU E 490 5.47 34.58 6.75
C GLU E 490 4.22 35.41 6.52
N PHE E 491 3.04 34.80 6.65
CA PHE E 491 1.77 35.44 6.31
C PHE E 491 0.76 35.65 7.43
N ASN E 492 1.00 35.12 8.62
CA ASN E 492 0.04 35.29 9.72
C ASN E 492 0.60 35.99 10.95
N SER E 493 1.90 35.82 11.21
CA SER E 493 2.49 36.28 12.49
C SER E 493 2.21 37.73 12.89
N SER E 494 2.02 38.60 11.90
CA SER E 494 1.63 39.99 12.14
C SER E 494 0.23 40.16 12.77
N VAL E 495 -0.57 39.10 12.82
CA VAL E 495 -1.91 39.17 13.41
C VAL E 495 -2.14 38.17 14.53
N PHE E 496 -1.15 37.32 14.77
CA PHE E 496 -1.21 36.39 15.88
C PHE E 496 -1.01 37.13 17.19
N SER E 497 -1.54 36.57 18.27
CA SER E 497 -1.29 37.12 19.60
C SER E 497 0.15 36.89 19.94
N PRO E 498 0.73 37.79 20.75
CA PRO E 498 2.06 37.55 21.31
C PRO E 498 2.34 36.11 21.69
N GLU E 499 1.45 35.50 22.47
CA GLU E 499 1.61 34.10 22.87
C GLU E 499 1.79 33.15 21.68
N ARG E 500 0.85 33.24 20.74
CA ARG E 500 0.76 32.34 19.60
C ARG E 500 1.92 32.54 18.64
N ALA E 501 2.28 33.80 18.42
CA ALA E 501 3.38 34.14 17.50
C ALA E 501 4.66 33.52 18.03
N ASN E 502 4.82 33.61 19.36
CA ASN E 502 5.96 33.03 20.06
C ASN E 502 5.96 31.52 19.87
N TYR E 503 4.84 30.87 20.13
CA TYR E 503 4.74 29.41 19.95
C TYR E 503 5.26 29.04 18.59
N TYR E 504 4.84 29.79 17.57
CA TYR E 504 5.22 29.49 16.18
C TYR E 504 6.70 29.73 15.91
N ARG E 505 7.27 30.75 16.54
CA ARG E 505 8.71 30.99 16.42
C ARG E 505 9.46 29.78 16.97
N CYS E 506 9.04 29.29 18.12
CA CYS E 506 9.66 28.15 18.80
C CYS E 506 9.55 26.85 18.00
N LEU E 507 8.32 26.55 17.57
CA LEU E 507 8.04 25.36 16.77
C LEU E 507 8.90 25.37 15.54
N GLN E 508 9.04 26.54 14.95
CA GLN E 508 9.80 26.69 13.73
C GLN E 508 11.27 26.37 13.95
N THR E 509 11.81 26.89 15.04
CA THR E 509 13.19 26.60 15.42
C THR E 509 13.40 25.09 15.61
N LEU E 510 12.53 24.44 16.39
CA LEU E 510 12.65 23.01 16.65
C LEU E 510 12.58 22.18 15.38
N LEU E 511 11.78 22.64 14.41
CA LEU E 511 11.62 21.93 13.16
C LEU E 511 12.84 22.10 12.32
N LEU E 512 13.46 23.27 12.43
CA LEU E 512 14.70 23.53 11.71
C LEU E 512 15.86 22.75 12.32
N LEU E 513 15.79 22.54 13.63
CA LEU E 513 16.79 21.78 14.36
C LEU E 513 16.68 20.30 14.04
N ALA E 514 15.44 19.82 13.94
CA ALA E 514 15.17 18.45 13.52
C ALA E 514 15.88 18.16 12.19
N GLN E 515 15.99 19.16 11.31
CA GLN E 515 16.69 18.98 10.04
C GLN E 515 18.20 18.95 10.17
N GLU E 516 18.77 19.62 11.17
CA GLU E 516 20.23 19.57 11.43
C GLU E 516 20.58 18.22 12.05
N GLU E 517 21.09 17.31 11.23
CA GLU E 517 21.43 15.96 11.68
C GLU E 517 22.78 15.96 12.41
N ASP E 518 23.59 16.99 12.20
CA ASP E 518 24.87 17.15 12.92
C ASP E 518 24.72 17.66 14.35
N ARG E 519 23.63 18.34 14.65
CA ARG E 519 23.49 19.00 15.94
C ARG E 519 22.74 18.16 16.97
N GLN E 520 23.04 18.42 18.23
CA GLN E 520 22.60 17.63 19.36
C GLN E 520 21.47 18.37 20.16
N PRO E 521 20.19 18.08 19.85
CA PRO E 521 19.06 18.82 20.48
C PRO E 521 19.21 19.22 21.96
N LEU E 522 19.73 18.32 22.79
CA LEU E 522 19.90 18.61 24.21
C LEU E 522 20.78 19.84 24.49
N GLN E 523 21.75 20.09 23.61
CA GLN E 523 22.65 21.23 23.73
C GLN E 523 21.89 22.55 23.76
N TYR E 524 20.88 22.61 22.90
CA TYR E 524 20.16 23.86 22.65
C TYR E 524 18.98 24.05 23.59
N LEU E 525 18.67 23.03 24.37
CA LEU E 525 17.47 23.03 25.18
C LEU E 525 17.38 24.16 26.19
N ASN E 526 18.47 24.46 26.86
CA ASN E 526 18.42 25.54 27.84
C ASN E 526 18.14 26.86 27.16
N ALA E 527 18.84 27.09 26.06
CA ALA E 527 18.72 28.34 25.31
C ALA E 527 17.29 28.58 24.83
N PHE E 528 16.66 27.53 24.32
CA PHE E 528 15.27 27.56 23.87
C PHE E 528 14.33 27.96 25.00
N VAL E 529 14.48 27.32 26.16
CA VAL E 529 13.63 27.62 27.31
C VAL E 529 13.76 29.09 27.72
N ARG E 530 14.93 29.65 27.52
CA ARG E 530 15.18 31.04 27.88
C ARG E 530 14.53 31.99 26.87
N MET E 531 14.62 31.68 25.57
CA MET E 531 14.10 32.56 24.51
C MET E 531 12.59 32.49 24.41
N TYR E 532 12.05 31.27 24.44
CA TYR E 532 10.61 31.02 24.17
C TYR E 532 9.75 30.82 25.41
N GLY E 533 10.37 30.37 26.49
CA GLY E 533 9.61 30.06 27.69
C GLY E 533 9.23 28.60 27.72
N ALA E 534 9.21 28.01 28.91
CA ALA E 534 9.07 26.56 29.06
C ALA E 534 7.74 26.02 28.52
N ASP E 535 6.66 26.75 28.77
CA ASP E 535 5.34 26.33 28.27
C ASP E 535 5.34 26.18 26.77
N ALA E 536 5.86 27.20 26.09
CA ALA E 536 6.00 27.21 24.64
C ALA E 536 6.83 26.04 24.07
N VAL E 537 7.88 25.66 24.78
CA VAL E 537 8.79 24.62 24.30
C VAL E 537 8.14 23.26 24.48
N GLU E 538 7.49 23.08 25.63
CA GLU E 538 6.78 21.84 25.94
C GLU E 538 5.66 21.57 24.94
N ALA E 539 4.97 22.63 24.54
CA ALA E 539 3.87 22.56 23.56
C ALA E 539 4.36 22.29 22.15
N ALA E 540 5.41 22.98 21.74
CA ALA E 540 5.95 22.76 20.39
C ALA E 540 6.49 21.35 20.22
N SER E 541 6.93 20.74 21.31
CA SER E 541 7.46 19.38 21.30
C SER E 541 6.37 18.35 21.23
N ALA E 542 5.32 18.55 22.01
CA ALA E 542 4.09 17.75 21.88
C ALA E 542 3.59 17.77 20.44
N ALA E 543 3.52 18.98 19.87
CA ALA E 543 3.13 19.15 18.49
C ALA E 543 3.98 18.33 17.55
N MET E 544 5.28 18.38 17.73
CA MET E 544 6.21 17.62 16.87
C MET E 544 6.05 16.11 17.01
N SER E 545 5.86 15.64 18.23
CA SER E 545 5.64 14.23 18.49
C SER E 545 4.27 13.76 18.01
N GLY E 546 3.55 14.61 17.28
CA GLY E 546 2.23 14.26 16.78
C GLY E 546 1.18 14.09 17.86
N GLU E 547 1.49 14.50 19.09
CA GLU E 547 0.62 14.25 20.21
C GLU E 547 -0.45 15.31 20.31
N ALA E 548 -0.03 16.56 20.38
CA ALA E 548 -0.96 17.68 20.43
C ALA E 548 -0.60 18.70 19.37
N ALA E 549 -0.96 18.40 18.11
CA ALA E 549 -0.51 19.16 16.94
C ALA E 549 -1.27 20.46 16.72
N PHE E 550 -2.53 20.45 17.17
CA PHE E 550 -3.50 21.51 16.84
C PHE E 550 -3.51 22.62 17.88
N TYR E 551 -2.39 23.35 17.93
CA TYR E 551 -2.13 24.29 18.99
C TYR E 551 -3.13 25.45 19.01
N GLY E 552 -3.75 25.66 20.16
CA GLY E 552 -4.63 26.80 20.38
C GLY E 552 -6.02 26.57 19.87
N LEU E 553 -6.23 25.46 19.15
CA LEU E 553 -7.56 25.06 18.68
C LEU E 553 -8.24 24.21 19.73
N GLN E 554 -9.31 24.74 20.34
CA GLN E 554 -10.12 23.94 21.24
C GLN E 554 -10.99 23.11 20.36
N PRO E 555 -11.47 21.97 20.89
CA PRO E 555 -12.42 21.16 20.11
C PRO E 555 -13.80 21.81 20.11
N VAL E 556 -14.56 21.58 19.03
CA VAL E 556 -15.80 22.33 18.80
C VAL E 556 -16.99 21.42 18.58
N ASP E 557 -17.95 21.50 19.50
CA ASP E 557 -19.20 20.73 19.37
C ASP E 557 -20.02 21.27 18.22
N SER E 558 -20.94 20.47 17.70
CA SER E 558 -21.64 20.87 16.50
C SER E 558 -22.82 21.84 16.77
N ASP E 559 -22.83 22.48 17.94
CA ASP E 559 -23.69 23.65 18.17
C ASP E 559 -22.87 24.89 18.52
N LEU E 560 -21.56 24.76 18.38
CA LEU E 560 -20.59 25.86 18.54
C LEU E 560 -20.64 26.47 19.96
N HIS E 561 -20.90 25.62 20.97
CA HIS E 561 -20.81 26.05 22.36
C HIS E 561 -19.39 26.48 22.68
N ALA E 562 -18.43 25.78 22.10
CA ALA E 562 -17.03 26.13 22.27
C ALA E 562 -16.72 27.61 22.00
N PHE E 563 -17.47 28.25 21.09
CA PHE E 563 -17.26 29.67 20.76
C PHE E 563 -18.33 30.53 21.40
N ALA E 564 -17.93 31.41 22.31
CA ALA E 564 -18.91 32.25 22.96
C ALA E 564 -19.45 33.31 22.02
N ALA E 565 -18.62 33.70 21.05
CA ALA E 565 -19.04 34.67 20.02
C ALA E 565 -20.21 34.14 19.21
N HIS E 566 -20.08 32.89 18.80
CA HIS E 566 -21.10 32.23 18.01
C HIS E 566 -22.37 32.03 18.85
N GLN E 567 -22.20 31.77 20.14
CA GLN E 567 -23.37 31.61 21.00
C GLN E 567 -24.15 32.88 21.02
N SER E 568 -23.46 34.03 21.06
CA SER E 568 -24.14 35.33 21.10
C SER E 568 -24.86 35.57 19.79
N LEU E 569 -24.32 35.02 18.70
CA LEU E 569 -24.96 35.08 17.37
C LEU E 569 -26.26 34.29 17.39
N LEU E 570 -26.22 33.05 17.89
CA LEU E 570 -27.40 32.18 17.91
C LEU E 570 -28.50 32.72 18.83
N LYS E 571 -28.09 33.31 19.95
CA LYS E 571 -29.03 33.91 20.90
C LYS E 571 -29.79 35.05 20.21
N ALA E 572 -29.11 35.73 19.30
CA ALA E 572 -29.70 36.84 18.55
C ALA E 572 -30.67 36.30 17.55
N TYR E 573 -30.28 35.23 16.87
CA TYR E 573 -31.14 34.60 15.85
C TYR E 573 -32.40 33.95 16.44
N GLU E 574 -32.30 33.37 17.64
CA GLU E 574 -33.49 32.91 18.40
C GLU E 574 -34.56 33.99 18.51
N LYS E 575 -34.14 35.23 18.77
CA LYS E 575 -35.07 36.34 18.88
C LYS E 575 -35.86 36.56 17.60
N LEU E 576 -35.23 36.26 16.46
CA LEU E 576 -35.86 36.43 15.15
C LEU E 576 -36.74 35.24 14.83
N GLN E 577 -36.31 34.03 15.19
CA GLN E 577 -37.12 32.82 14.98
C GLN E 577 -38.48 32.93 15.71
N ARG E 578 -38.45 33.40 16.96
CA ARG E 578 -39.68 33.57 17.73
C ARG E 578 -40.55 34.61 17.10
N ALA E 579 -39.94 35.68 16.60
CA ALA E 579 -40.69 36.77 15.92
C ALA E 579 -41.34 36.31 14.63
N LYS E 580 -40.68 35.37 13.95
CA LYS E 580 -41.20 34.74 12.74
C LYS E 580 -42.38 33.81 13.03
N ALA E 581 -42.27 33.01 14.09
CA ALA E 581 -43.41 32.15 14.57
C ALA E 581 -44.76 32.85 15.06
N GLN F 3 36.08 58.58 39.28
CA GLN F 3 37.20 58.47 38.29
C GLN F 3 38.30 57.50 38.63
N THR F 4 38.35 57.02 39.87
CA THR F 4 39.28 56.00 40.25
C THR F 4 38.48 54.93 41.03
N PHE F 5 37.96 53.94 40.30
CA PHE F 5 37.31 52.76 40.96
C PHE F 5 37.28 51.47 40.06
N ILE F 6 38.40 50.87 39.58
CA ILE F 6 39.71 51.48 39.12
C ILE F 6 39.79 51.46 37.53
N PRO F 7 39.92 52.64 36.81
CA PRO F 7 39.52 52.83 35.37
C PRO F 7 40.34 52.44 34.12
N GLY F 8 41.65 52.15 34.14
CA GLY F 8 42.46 52.12 32.87
C GLY F 8 42.76 53.49 32.23
N LYS F 9 42.15 54.55 32.74
CA LYS F 9 42.39 55.92 32.28
C LYS F 9 43.56 56.51 33.09
N ASP F 10 44.22 57.53 32.53
CA ASP F 10 45.42 58.14 33.15
C ASP F 10 45.09 59.56 33.67
N ALA F 11 43.82 59.86 33.93
CA ALA F 11 43.43 61.21 34.38
C ALA F 11 41.98 61.27 34.83
N ALA F 12 41.71 62.04 35.89
CA ALA F 12 40.33 62.21 36.41
C ALA F 12 39.32 62.64 35.33
N LEU F 13 38.16 62.01 35.31
CA LEU F 13 37.09 62.33 34.35
C LEU F 13 36.81 63.83 34.26
N GLU F 14 36.80 64.51 35.40
CA GLU F 14 36.43 65.90 35.44
C GLU F 14 37.51 66.78 34.80
N ASP F 15 38.77 66.35 34.92
CA ASP F 15 39.89 67.04 34.26
C ASP F 15 39.81 66.84 32.78
N SER F 16 39.70 65.57 32.38
CA SER F 16 39.59 65.17 30.98
C SER F 16 38.48 65.97 30.27
N ILE F 17 37.34 66.16 30.94
CA ILE F 17 36.22 66.90 30.37
C ILE F 17 36.54 68.39 30.20
N ALA F 18 37.03 68.98 31.29
CA ALA F 18 37.34 70.39 31.34
C ALA F 18 38.38 70.76 30.28
N ARG F 19 39.46 70.00 30.25
CA ARG F 19 40.47 70.12 29.22
C ARG F 19 39.90 70.05 27.79
N PHE F 20 39.20 68.95 27.49
CA PHE F 20 38.73 68.69 26.13
C PHE F 20 37.80 69.81 25.69
N GLN F 21 36.88 70.21 26.57
CA GLN F 21 35.96 71.30 26.26
C GLN F 21 36.72 72.58 25.93
N GLN F 22 37.70 72.90 26.77
CA GLN F 22 38.56 74.06 26.59
C GLN F 22 39.26 74.01 25.24
N LYS F 23 39.91 72.88 24.97
CA LYS F 23 40.70 72.75 23.76
C LYS F 23 39.84 72.82 22.51
N LEU F 24 38.64 72.24 22.58
CA LEU F 24 37.69 72.32 21.44
C LEU F 24 37.25 73.74 21.15
N SER F 25 37.08 74.50 22.22
CA SER F 25 36.66 75.87 22.12
C SER F 25 37.76 76.72 21.49
N ASP F 26 38.98 76.61 22.05
CA ASP F 26 40.19 77.27 21.52
C ASP F 26 40.40 77.00 20.04
N LEU F 27 40.11 75.78 19.61
CA LEU F 27 40.25 75.39 18.20
C LEU F 27 39.27 76.10 17.29
N GLY F 28 38.23 76.66 17.90
CA GLY F 28 37.28 77.48 17.20
C GLY F 28 36.08 76.70 16.82
N PHE F 29 35.56 75.91 17.75
CA PHE F 29 34.19 75.49 17.50
C PHE F 29 33.29 75.14 18.70
N GLN F 30 32.02 75.24 18.34
CA GLN F 30 30.95 75.28 19.29
C GLN F 30 30.31 73.92 19.45
N ILE F 31 30.66 73.25 20.55
CA ILE F 31 30.16 71.92 20.81
C ILE F 31 28.96 71.97 21.74
N GLU F 32 27.93 71.19 21.46
CA GLU F 32 26.67 71.24 22.20
C GLU F 32 26.20 69.82 22.57
N GLU F 33 25.55 69.67 23.72
CA GLU F 33 25.12 68.35 24.20
C GLU F 33 23.66 68.10 23.88
N ALA F 34 23.39 67.18 22.96
CA ALA F 34 22.05 67.00 22.40
C ALA F 34 21.15 66.20 23.32
N SER F 35 21.50 64.97 23.64
CA SER F 35 20.54 64.15 24.36
C SER F 35 21.16 63.06 25.20
N TRP F 36 20.88 63.11 26.49
CA TRP F 36 21.38 62.12 27.43
C TRP F 36 20.49 60.90 27.49
N LEU F 37 20.98 59.87 28.16
CA LEU F 37 20.23 58.64 28.38
C LEU F 37 20.84 57.84 29.53
N ASN F 38 19.98 57.23 30.33
CA ASN F 38 20.40 56.46 31.50
C ASN F 38 19.51 55.24 31.64
N PRO F 39 19.33 54.49 30.54
CA PRO F 39 18.35 53.41 30.41
C PRO F 39 18.25 52.46 31.61
N VAL F 40 19.38 51.90 32.01
CA VAL F 40 19.42 51.04 33.20
C VAL F 40 20.44 51.62 34.18
N PRO F 41 20.45 51.13 35.42
CA PRO F 41 21.53 51.49 36.33
C PRO F 41 22.93 51.27 35.74
N ASN F 42 23.85 52.21 36.00
CA ASN F 42 25.25 52.07 35.62
C ASN F 42 25.51 52.00 34.12
N VAL F 43 24.63 52.65 33.36
CA VAL F 43 24.79 52.78 31.91
C VAL F 43 24.24 54.12 31.44
N TRP F 44 25.09 54.87 30.75
CA TRP F 44 24.76 56.19 30.23
C TRP F 44 25.22 56.34 28.80
N SER F 45 24.71 57.38 28.16
CA SER F 45 25.22 57.80 26.88
C SER F 45 24.78 59.23 26.61
N VAL F 46 25.50 59.88 25.73
CA VAL F 46 25.19 61.24 25.34
C VAL F 46 25.56 61.43 23.88
N HIS F 47 24.85 62.34 23.24
CA HIS F 47 25.08 62.70 21.85
C HIS F 47 25.60 64.13 21.91
N ILE F 48 26.74 64.37 21.29
CA ILE F 48 27.31 65.69 21.19
C ILE F 48 27.51 66.10 19.71
N ARG F 49 27.35 67.38 19.45
CA ARG F 49 27.19 67.89 18.10
C ARG F 49 27.94 69.21 17.90
N ASP F 50 28.44 69.46 16.69
CA ASP F 50 29.00 70.77 16.31
C ASP F 50 27.83 71.67 15.97
N LYS F 51 27.68 72.73 16.74
CA LYS F 51 26.58 73.65 16.54
C LYS F 51 26.56 74.29 15.13
N GLU F 52 27.68 74.26 14.42
CA GLU F 52 27.84 74.94 13.15
C GLU F 52 28.15 73.96 11.98
N CYS F 53 28.18 72.66 12.26
CA CYS F 53 28.20 71.62 11.21
C CYS F 53 27.43 70.39 11.69
N ALA F 54 26.36 70.07 10.98
CA ALA F 54 25.49 68.97 11.38
C ALA F 54 26.21 67.62 11.31
N LEU F 55 27.17 67.50 10.38
CA LEU F 55 27.81 66.23 10.07
C LEU F 55 28.85 65.85 11.12
N CYS F 56 29.41 66.84 11.82
CA CYS F 56 30.37 66.58 12.88
C CYS F 56 29.64 66.30 14.21
N PHE F 57 29.63 65.05 14.64
CA PHE F 57 28.99 64.67 15.89
C PHE F 57 29.51 63.34 16.41
N THR F 58 29.40 63.12 17.71
CA THR F 58 29.85 61.86 18.33
C THR F 58 28.91 61.34 19.37
N ASN F 59 29.17 60.12 19.79
CA ASN F 59 28.36 59.47 20.81
C ASN F 59 29.21 58.88 21.88
N GLY F 60 28.96 59.34 23.10
CA GLY F 60 29.70 58.86 24.26
C GLY F 60 28.89 57.88 25.07
N LYS F 61 29.59 56.97 25.76
CA LYS F 61 28.98 55.92 26.56
C LYS F 61 29.91 55.52 27.69
N GLY F 62 29.33 55.23 28.85
CA GLY F 62 30.13 54.89 30.02
C GLY F 62 29.21 54.49 31.14
N ALA F 63 29.76 54.03 32.26
CA ALA F 63 28.92 53.58 33.38
C ALA F 63 28.48 54.70 34.37
N THR F 64 28.95 55.93 34.18
CA THR F 64 28.58 57.07 35.00
C THR F 64 28.29 58.18 34.00
N LYS F 65 27.62 59.24 34.41
CA LYS F 65 27.27 60.31 33.46
C LYS F 65 28.52 60.96 32.85
N LYS F 66 29.47 61.30 33.72
CA LYS F 66 30.72 61.94 33.28
C LYS F 66 31.51 61.01 32.37
N ALA F 67 31.66 59.74 32.77
CA ALA F 67 32.37 58.74 31.97
C ALA F 67 31.95 58.83 30.51
N ALA F 68 30.64 59.00 30.33
CA ALA F 68 30.01 59.12 29.02
C ALA F 68 30.34 60.41 28.33
N LEU F 69 30.26 61.53 29.03
CA LEU F 69 30.60 62.82 28.43
C LEU F 69 32.07 62.86 28.00
N ALA F 70 32.93 62.30 28.84
CA ALA F 70 34.35 62.21 28.55
C ALA F 70 34.58 61.32 27.34
N SER F 71 33.79 60.27 27.23
CA SER F 71 33.82 59.39 26.07
C SER F 71 33.41 60.13 24.79
N ALA F 72 32.32 60.88 24.88
CA ALA F 72 31.80 61.64 23.74
C ALA F 72 32.81 62.64 23.22
N LEU F 73 33.49 63.31 24.16
CA LEU F 73 34.50 64.30 23.83
C LEU F 73 35.79 63.67 23.30
N GLY F 74 36.21 62.57 23.93
CA GLY F 74 37.37 61.82 23.47
C GLY F 74 37.20 61.33 22.06
N GLU F 75 36.02 60.77 21.77
CA GLU F 75 35.74 60.39 20.41
C GLU F 75 35.72 61.63 19.49
N TYR F 76 35.39 62.81 20.03
CA TYR F 76 35.37 64.01 19.19
C TYR F 76 36.79 64.33 18.69
N PHE F 77 37.77 64.26 19.58
CA PHE F 77 39.15 64.45 19.18
C PHE F 77 39.74 63.31 18.34
N GLU F 78 39.31 62.08 18.63
CA GLU F 78 39.65 60.90 17.84
C GLU F 78 39.32 61.16 16.37
N ARG F 79 38.14 61.72 16.15
CA ARG F 79 37.59 61.88 14.81
C ARG F 79 37.97 63.18 14.10
N LEU F 80 38.31 64.24 14.82
CA LEU F 80 38.93 65.39 14.14
C LEU F 80 40.44 65.18 13.91
N SER F 81 41.13 64.53 14.86
CA SER F 81 42.55 64.22 14.67
C SER F 81 42.76 63.36 13.40
N THR F 82 41.96 62.30 13.25
CA THR F 82 42.09 61.37 12.13
C THR F 82 41.46 61.87 10.82
N ASN F 83 40.77 63.01 10.88
CA ASN F 83 39.96 63.56 9.78
C ASN F 83 38.71 62.73 9.42
N TYR F 84 38.31 61.80 10.29
CA TYR F 84 37.28 60.82 9.93
C TYR F 84 35.94 61.41 9.59
N PHE F 85 35.58 62.53 10.22
CA PHE F 85 34.33 63.20 9.88
C PHE F 85 34.21 63.48 8.38
N PHE F 86 35.33 63.83 7.75
CA PHE F 86 35.35 64.27 6.37
C PHE F 86 35.69 63.13 5.40
N ALA F 87 35.78 61.91 5.93
CA ALA F 87 36.29 60.75 5.20
C ALA F 87 35.37 60.27 4.09
N ASP F 88 34.10 60.67 4.16
CA ASP F 88 33.13 60.18 3.20
C ASP F 88 32.78 61.23 2.14
N PHE F 89 33.56 62.32 2.13
CA PHE F 89 33.29 63.48 1.29
C PHE F 89 34.49 64.00 0.49
N TRP F 90 34.25 64.40 -0.76
CA TRP F 90 35.21 65.11 -1.59
C TRP F 90 35.26 66.52 -1.05
N LEU F 91 36.46 67.07 -0.92
CA LEU F 91 36.64 68.36 -0.22
C LEU F 91 36.76 69.55 -1.18
N GLY F 92 36.49 69.29 -2.46
CA GLY F 92 36.37 70.36 -3.44
C GLY F 92 37.70 70.69 -4.03
N GLU F 93 37.66 71.45 -5.11
CA GLU F 93 38.82 71.66 -5.99
C GLU F 93 39.90 72.55 -5.37
N THR F 94 39.50 73.56 -4.57
CA THR F 94 40.45 74.48 -3.88
C THR F 94 41.34 73.69 -2.84
N ILE F 95 40.71 72.93 -1.94
CA ILE F 95 41.40 72.08 -0.94
C ILE F 95 42.23 70.95 -1.57
N ALA F 96 41.67 70.34 -2.61
CA ALA F 96 42.33 69.28 -3.40
C ALA F 96 43.64 69.72 -4.08
N ASN F 97 43.70 70.99 -4.47
CA ASN F 97 44.88 71.56 -5.11
C ASN F 97 45.69 72.48 -4.17
N GLY F 98 45.45 72.37 -2.87
CA GLY F 98 46.09 73.23 -1.88
C GLY F 98 47.44 72.69 -1.45
N PRO F 99 48.15 73.44 -0.57
CA PRO F 99 49.45 72.99 -0.07
C PRO F 99 49.43 71.53 0.39
N PHE F 100 48.57 71.22 1.34
CA PHE F 100 48.35 69.85 1.74
C PHE F 100 46.84 69.63 1.86
N VAL F 101 46.41 68.40 1.57
CA VAL F 101 44.99 68.05 1.68
C VAL F 101 44.67 67.44 3.06
N HIS F 102 45.37 66.33 3.39
CA HIS F 102 45.14 65.57 4.62
C HIS F 102 45.97 66.03 5.81
N TYR F 103 47.28 65.85 5.70
CA TYR F 103 48.21 66.41 6.69
C TYR F 103 49.39 67.01 5.96
N PRO F 104 50.07 68.00 6.58
CA PRO F 104 51.36 68.52 6.10
C PRO F 104 52.42 67.44 5.82
N ASN F 105 52.53 66.45 6.68
CA ASN F 105 53.50 65.37 6.51
C ASN F 105 53.06 64.25 5.54
N GLU F 106 51.96 64.45 4.82
CA GLU F 106 51.49 63.50 3.81
C GLU F 106 52.50 63.49 2.67
N LYS F 107 52.32 62.59 1.71
CA LYS F 107 53.28 62.47 0.62
C LYS F 107 52.58 61.99 -0.64
N TRP F 108 52.78 62.72 -1.75
CA TRP F 108 52.05 62.44 -3.05
C TRP F 108 52.97 61.69 -4.05
N PHE F 109 52.54 60.53 -4.53
CA PHE F 109 53.33 59.68 -5.40
C PHE F 109 52.66 59.67 -6.75
N PRO F 110 53.21 60.39 -7.75
CA PRO F 110 52.55 60.45 -9.07
C PRO F 110 52.36 59.07 -9.74
N LEU F 111 51.32 58.96 -10.60
CA LEU F 111 50.98 57.86 -11.55
C LEU F 111 52.21 57.43 -12.26
N THR F 112 52.52 56.13 -12.36
CA THR F 112 53.65 55.68 -13.20
C THR F 112 53.13 55.40 -14.60
N GLU F 113 54.03 55.23 -15.57
CA GLU F 113 53.64 55.15 -16.99
C GLU F 113 52.90 53.85 -17.38
N ASN F 114 53.17 52.75 -16.68
CA ASN F 114 52.43 51.50 -16.84
C ASN F 114 51.38 51.31 -15.73
N ASP F 115 51.24 52.33 -14.89
CA ASP F 115 50.26 52.39 -13.80
C ASP F 115 50.43 51.29 -12.74
N ASP F 116 51.67 50.98 -12.39
CA ASP F 116 51.93 50.18 -11.21
C ASP F 116 51.74 51.05 -9.97
N VAL F 117 51.79 50.43 -8.79
CA VAL F 117 51.75 51.18 -7.54
C VAL F 117 53.15 51.69 -7.28
N PRO F 118 53.37 53.04 -7.30
CA PRO F 118 54.69 53.62 -7.06
C PRO F 118 55.52 52.98 -5.92
N GLU F 119 56.86 53.03 -6.08
CA GLU F 119 57.80 52.30 -5.22
C GLU F 119 57.84 53.10 -3.92
N GLY F 120 57.87 52.36 -2.83
CA GLY F 120 57.99 53.04 -1.54
C GLY F 120 56.72 53.70 -1.05
N LEU F 121 55.63 53.45 -1.77
CA LEU F 121 54.36 53.33 -1.09
C LEU F 121 54.37 51.96 -0.47
N LEU F 122 53.59 51.82 0.60
CA LEU F 122 53.47 50.57 1.31
C LEU F 122 54.83 50.08 1.73
N ASP F 123 54.88 48.81 2.08
CA ASP F 123 56.12 48.07 2.16
C ASP F 123 55.92 46.71 1.46
N ASP F 124 56.73 45.70 1.79
CA ASP F 124 56.71 44.42 1.07
C ASP F 124 55.63 43.47 1.57
N ARG F 125 55.44 43.41 2.89
CA ARG F 125 54.41 42.56 3.50
C ARG F 125 53.01 43.06 3.15
N LEU F 126 52.86 44.39 3.19
CA LEU F 126 51.61 45.05 2.80
C LEU F 126 51.27 44.76 1.35
N ARG F 127 52.22 44.99 0.43
CA ARG F 127 52.01 44.68 -0.99
C ARG F 127 51.57 43.24 -1.24
N ALA F 128 52.08 42.31 -0.44
CA ALA F 128 51.74 40.88 -0.53
C ALA F 128 50.32 40.59 -0.03
N PHE F 129 49.94 41.28 1.03
CA PHE F 129 48.60 41.15 1.61
C PHE F 129 47.48 41.78 0.79
N TYR F 130 47.63 43.07 0.47
CA TYR F 130 46.62 43.81 -0.31
C TYR F 130 46.52 43.32 -1.76
N ASP F 131 47.66 42.93 -2.32
CA ASP F 131 47.70 42.66 -3.74
C ASP F 131 48.57 41.45 -4.07
N PRO F 132 48.15 40.25 -3.63
CA PRO F 132 48.98 39.05 -3.84
C PRO F 132 49.26 38.78 -5.31
N GLU F 133 48.29 39.01 -6.18
CA GLU F 133 48.45 38.72 -7.61
C GLU F 133 49.26 39.77 -8.36
N ASN F 134 49.65 40.84 -7.66
CA ASN F 134 50.35 41.95 -8.26
C ASN F 134 49.61 42.66 -9.41
N GLU F 135 48.29 42.71 -9.33
CA GLU F 135 47.47 43.31 -10.38
C GLU F 135 46.87 44.67 -10.01
N LEU F 136 47.16 45.14 -8.79
CA LEU F 136 46.63 46.39 -8.27
C LEU F 136 47.23 47.58 -9.01
N THR F 137 46.40 48.45 -9.57
CA THR F 137 46.92 49.56 -10.38
C THR F 137 46.95 50.81 -9.52
N GLY F 138 47.76 51.80 -9.92
CA GLY F 138 47.95 53.00 -9.11
C GLY F 138 46.77 53.95 -9.11
N SER F 139 46.11 54.05 -10.27
CA SER F 139 44.98 54.94 -10.49
C SER F 139 43.74 54.49 -9.67
N MET F 140 43.69 53.22 -9.25
CA MET F 140 42.68 52.75 -8.28
C MET F 140 42.88 53.29 -6.87
N LEU F 141 44.05 53.84 -6.57
CA LEU F 141 44.37 54.27 -5.20
C LEU F 141 44.30 55.79 -4.95
N ILE F 142 43.56 56.51 -5.81
CA ILE F 142 43.41 57.95 -5.64
C ILE F 142 42.44 58.23 -4.50
N ASP F 143 42.91 58.91 -3.48
CA ASP F 143 42.06 59.26 -2.34
C ASP F 143 40.79 59.99 -2.77
N LEU F 144 39.75 59.87 -1.96
CA LEU F 144 38.44 60.43 -2.27
C LEU F 144 38.38 61.93 -2.04
N GLN F 145 38.93 62.35 -0.91
CA GLN F 145 38.93 63.74 -0.46
C GLN F 145 39.45 64.75 -1.49
N SER F 146 40.51 64.37 -2.20
CA SER F 146 41.11 65.24 -3.21
C SER F 146 40.58 64.91 -4.61
N GLY F 147 40.46 63.61 -4.88
CA GLY F 147 40.10 63.14 -6.23
C GLY F 147 41.06 63.66 -7.28
N ASN F 148 42.31 63.87 -6.87
CA ASN F 148 43.27 64.60 -7.67
C ASN F 148 44.25 63.68 -8.38
N GLU F 149 43.76 63.01 -9.41
CA GLU F 149 44.56 62.03 -10.16
C GLU F 149 45.88 62.61 -10.66
N ASP F 150 45.85 63.86 -11.13
CA ASP F 150 47.04 64.53 -11.66
C ASP F 150 48.12 64.68 -10.59
N ARG F 151 47.72 65.01 -9.36
CA ARG F 151 48.66 65.13 -8.25
C ARG F 151 49.15 63.77 -7.77
N GLY F 152 48.31 62.76 -7.93
CA GLY F 152 48.69 61.40 -7.66
C GLY F 152 48.09 60.80 -6.39
N ILE F 153 48.76 59.74 -5.94
CA ILE F 153 48.30 58.94 -4.81
C ILE F 153 48.75 59.57 -3.51
N CYS F 154 47.82 60.08 -2.72
CA CYS F 154 48.19 60.55 -1.40
C CYS F 154 48.43 59.34 -0.51
N GLY F 155 49.56 59.38 0.18
CA GLY F 155 49.94 58.38 1.15
C GLY F 155 50.24 59.02 2.49
N LEU F 156 49.76 58.38 3.54
CA LEU F 156 49.96 58.88 4.91
C LEU F 156 51.03 58.12 5.63
N PRO F 157 51.80 58.83 6.50
CA PRO F 157 52.91 58.21 7.21
C PRO F 157 52.42 57.38 8.42
N PHE F 158 52.95 56.17 8.55
CA PHE F 158 52.68 55.29 9.70
C PHE F 158 53.99 54.66 10.20
N THR F 159 54.22 54.72 11.50
CA THR F 159 55.43 54.14 12.10
C THR F 159 55.25 52.65 12.21
N ARG F 160 55.91 51.90 11.32
CA ARG F 160 55.96 50.47 11.45
C ARG F 160 56.64 50.13 12.77
N GLN F 161 56.03 49.26 13.58
CA GLN F 161 56.37 49.16 15.00
C GLN F 161 57.50 48.21 15.36
N SER F 162 57.71 47.15 14.60
CA SER F 162 58.88 46.26 14.85
C SER F 162 60.23 46.95 14.72
N ASP F 163 60.41 47.71 13.64
CA ASP F 163 61.69 48.39 13.32
C ASP F 163 61.61 49.92 13.35
N ASN F 164 60.54 50.45 13.93
CA ASN F 164 60.33 51.88 14.05
C ASN F 164 60.50 52.75 12.78
N GLN F 165 60.31 52.15 11.61
CA GLN F 165 60.44 52.88 10.34
C GLN F 165 59.11 53.43 9.86
N THR F 166 59.18 54.54 9.13
CA THR F 166 58.02 55.16 8.49
C THR F 166 57.63 54.37 7.24
N VAL F 167 56.33 54.16 7.08
CA VAL F 167 55.77 53.52 5.91
C VAL F 167 54.64 54.39 5.42
N TYR F 168 54.60 54.60 4.11
CA TYR F 168 53.54 55.41 3.51
C TYR F 168 52.37 54.51 3.00
N ILE F 169 51.17 54.70 3.58
CA ILE F 169 50.00 53.90 3.18
C ILE F 169 49.03 54.85 2.47
N PRO F 170 48.56 54.46 1.25
CA PRO F 170 47.67 55.34 0.50
C PRO F 170 46.39 55.60 1.28
N MET F 171 45.94 56.85 1.28
CA MET F 171 44.75 57.22 2.02
C MET F 171 43.57 56.39 1.50
N ASN F 172 43.52 56.18 0.20
CA ASN F 172 42.54 55.29 -0.37
C ASN F 172 42.41 53.92 0.37
N ILE F 173 43.54 53.26 0.62
CA ILE F 173 43.54 51.94 1.25
C ILE F 173 43.09 52.04 2.70
N ILE F 174 43.68 52.98 3.43
CA ILE F 174 43.32 53.23 4.82
C ILE F 174 41.82 53.32 4.96
N GLY F 175 41.24 54.22 4.16
CA GLY F 175 39.84 54.62 4.29
C GLY F 175 38.82 53.61 3.82
N ASN F 176 39.17 52.80 2.83
CA ASN F 176 38.27 51.78 2.29
C ASN F 176 38.20 50.52 3.14
N LEU F 177 39.31 50.15 3.76
CA LEU F 177 39.41 48.83 4.41
C LEU F 177 39.47 48.91 5.90
N TYR F 178 39.89 50.06 6.45
CA TYR F 178 40.03 50.14 7.90
C TYR F 178 39.03 51.09 8.54
N VAL F 179 38.58 52.09 7.77
CA VAL F 179 37.61 53.06 8.25
C VAL F 179 37.89 53.51 9.70
N SER F 180 36.86 53.58 10.54
CA SER F 180 36.99 54.03 11.91
C SER F 180 37.51 52.94 12.86
N ASN F 181 38.18 51.91 12.36
CA ASN F 181 38.70 50.88 13.24
C ASN F 181 40.15 51.03 13.67
N GLY F 182 40.33 50.97 14.99
CA GLY F 182 41.62 51.14 15.61
C GLY F 182 42.03 52.58 15.78
N MET F 183 41.07 53.51 15.70
CA MET F 183 41.35 54.89 16.06
C MET F 183 41.10 55.07 17.53
N SER F 184 41.85 56.00 18.08
CA SER F 184 41.65 56.37 19.45
C SER F 184 42.24 57.74 19.76
N ALA F 185 41.74 58.32 20.85
CA ALA F 185 42.30 59.54 21.42
C ALA F 185 42.40 59.29 22.91
N GLY F 186 43.27 60.03 23.59
CA GLY F 186 43.45 59.83 25.01
C GLY F 186 44.13 60.94 25.79
N ASN F 187 44.16 60.74 27.09
CA ASN F 187 44.86 61.65 28.00
C ASN F 187 46.38 61.52 27.86
N THR F 188 46.86 60.37 27.42
CA THR F 188 48.28 60.13 27.23
C THR F 188 48.46 59.35 25.94
N ARG F 189 49.68 59.39 25.42
CA ARG F 189 50.04 58.57 24.27
C ARG F 189 49.63 57.09 24.48
N ASN F 190 50.05 56.50 25.61
CA ASN F 190 49.88 55.06 25.88
C ASN F 190 48.41 54.69 26.20
N GLU F 191 47.67 55.56 26.91
CA GLU F 191 46.22 55.35 27.15
C GLU F 191 45.47 55.19 25.82
N ALA F 192 45.70 56.14 24.89
CA ALA F 192 45.07 56.12 23.55
C ALA F 192 45.44 54.87 22.75
N ARG F 193 46.69 54.49 22.80
CA ARG F 193 47.13 53.31 22.07
C ARG F 193 46.59 51.99 22.63
N VAL F 194 46.51 51.88 23.96
CA VAL F 194 45.90 50.68 24.57
C VAL F 194 44.40 50.61 24.23
N GLN F 195 43.70 51.76 24.23
CA GLN F 195 42.28 51.81 23.77
C GLN F 195 42.17 51.33 22.30
N GLY F 196 42.94 51.95 21.41
CA GLY F 196 42.93 51.58 19.99
C GLY F 196 43.38 50.16 19.63
N LEU F 197 44.40 49.64 20.33
CA LEU F 197 44.84 48.25 20.10
C LEU F 197 43.82 47.24 20.63
N SER F 198 43.19 47.57 21.76
CA SER F 198 42.08 46.79 22.25
C SER F 198 40.90 46.80 21.24
N GLU F 199 40.56 47.98 20.70
CA GLU F 199 39.54 48.14 19.62
C GLU F 199 39.85 47.17 18.46
N VAL F 200 41.13 46.93 18.17
CA VAL F 200 41.51 45.95 17.14
C VAL F 200 41.19 44.51 17.54
N PHE F 201 41.51 44.13 18.79
CA PHE F 201 41.17 42.80 19.31
C PHE F 201 39.67 42.55 19.40
N GLU F 202 38.93 43.53 19.91
CA GLU F 202 37.44 43.50 19.92
C GLU F 202 36.92 42.99 18.58
N ARG F 203 37.26 43.70 17.52
CA ARG F 203 36.72 43.40 16.21
C ARG F 203 37.23 42.13 15.56
N TYR F 204 38.52 41.83 15.73
CA TYR F 204 39.13 40.67 15.09
C TYR F 204 38.61 39.39 15.73
N VAL F 205 38.60 39.35 17.07
CA VAL F 205 38.08 38.21 17.81
C VAL F 205 36.59 38.04 17.54
N LYS F 206 35.84 39.14 17.59
CA LYS F 206 34.42 39.14 17.23
C LYS F 206 34.18 38.39 15.92
N ASN F 207 34.85 38.83 14.87
CA ASN F 207 34.70 38.23 13.56
C ASN F 207 35.06 36.76 13.47
N ARG F 208 35.84 36.27 14.42
CA ARG F 208 36.15 34.84 14.50
C ARG F 208 35.08 34.08 15.27
N ILE F 209 34.76 34.57 16.44
CA ILE F 209 33.67 34.03 17.23
C ILE F 209 32.38 33.86 16.40
N ILE F 210 32.09 34.87 15.59
CA ILE F 210 30.87 34.89 14.76
C ILE F 210 31.04 33.99 13.55
N ALA F 211 32.00 34.32 12.67
CA ALA F 211 32.15 33.60 11.40
C ALA F 211 32.39 32.11 11.59
N GLU F 212 33.16 31.75 12.62
CA GLU F 212 33.48 30.34 12.88
C GLU F 212 32.43 29.67 13.78
N SER F 213 31.36 30.39 14.11
CA SER F 213 30.22 29.81 14.83
C SER F 213 30.67 29.13 16.11
N ILE F 214 31.41 29.91 16.91
CA ILE F 214 32.05 29.38 18.12
C ILE F 214 31.06 29.41 19.27
N SER F 215 31.06 28.35 20.11
CA SER F 215 30.40 28.35 21.40
C SER F 215 31.37 28.85 22.45
N LEU F 216 31.01 29.95 23.12
CA LEU F 216 31.85 30.54 24.15
C LEU F 216 31.43 30.01 25.50
N PRO F 217 32.34 30.11 26.49
CA PRO F 217 32.10 29.71 27.86
C PRO F 217 31.55 30.87 28.71
N GLU F 218 30.49 30.61 29.45
CA GLU F 218 29.95 31.64 30.29
C GLU F 218 30.94 32.17 31.24
N ILE F 219 30.70 33.37 31.72
CA ILE F 219 31.48 33.91 32.81
C ILE F 219 30.82 33.41 34.10
N PRO F 220 31.56 32.72 35.00
CA PRO F 220 31.02 32.26 36.28
C PRO F 220 30.42 33.40 37.10
N ALA F 221 29.44 33.07 37.93
CA ALA F 221 28.69 34.09 38.68
C ALA F 221 29.54 34.80 39.72
N ASP F 222 30.40 34.05 40.40
CA ASP F 222 31.31 34.61 41.41
C ASP F 222 32.36 35.55 40.80
N VAL F 223 32.65 35.37 39.52
CA VAL F 223 33.54 36.30 38.78
C VAL F 223 32.81 37.61 38.45
N LEU F 224 31.58 37.50 37.96
CA LEU F 224 30.74 38.68 37.69
C LEU F 224 30.53 39.47 38.97
N ALA F 225 30.49 38.75 40.10
CA ALA F 225 30.24 39.33 41.42
C ALA F 225 31.23 40.42 41.74
N ARG F 226 32.43 40.26 41.23
CA ARG F 226 33.49 41.25 41.37
C ARG F 226 33.06 42.65 40.91
N TYR F 227 32.15 42.71 39.94
CA TYR F 227 31.79 43.97 39.32
C TYR F 227 30.29 44.20 39.53
N PRO F 228 29.89 44.59 40.76
CA PRO F 228 28.47 44.70 41.15
C PRO F 228 27.67 45.71 40.32
N ALA F 229 28.33 46.79 39.89
CA ALA F 229 27.70 47.82 39.07
C ALA F 229 27.26 47.28 37.69
N VAL F 230 27.99 46.31 37.16
CA VAL F 230 27.62 45.62 35.90
C VAL F 230 26.52 44.59 36.20
N VAL F 231 26.74 43.75 37.21
CA VAL F 231 25.73 42.83 37.74
C VAL F 231 24.36 43.49 37.93
N GLU F 232 24.36 44.73 38.40
CA GLU F 232 23.12 45.51 38.58
C GLU F 232 22.49 45.87 37.24
N ALA F 233 23.31 46.30 36.29
CA ALA F 233 22.83 46.62 34.96
C ALA F 233 22.23 45.39 34.28
N ILE F 234 22.79 44.19 34.54
CA ILE F 234 22.28 42.91 33.91
C ILE F 234 21.02 42.43 34.64
N GLU F 235 20.94 42.53 35.98
CA GLU F 235 19.71 42.16 36.70
C GLU F 235 18.54 43.04 36.29
N THR F 236 18.80 44.32 36.03
CA THR F 236 17.75 45.22 35.57
C THR F 236 17.26 44.83 34.19
N LEU F 237 18.18 44.63 33.25
CA LEU F 237 17.82 44.18 31.89
C LEU F 237 17.10 42.83 31.91
N GLU F 238 17.49 41.94 32.83
CA GLU F 238 16.91 40.60 32.89
C GLU F 238 15.51 40.60 33.45
N ALA F 239 15.31 41.37 34.51
CA ALA F 239 13.98 41.60 35.09
C ALA F 239 13.08 42.43 34.17
N GLU F 240 13.67 43.35 33.42
CA GLU F 240 12.98 44.10 32.35
C GLU F 240 12.50 43.22 31.19
N GLY F 241 12.80 41.92 31.22
CA GLY F 241 12.31 40.97 30.21
C GLY F 241 13.32 40.58 29.14
N PHE F 242 14.59 40.86 29.37
CA PHE F 242 15.61 40.54 28.39
C PHE F 242 16.66 39.55 28.93
N PRO F 243 16.59 38.28 28.52
CA PRO F 243 17.66 37.35 28.89
C PRO F 243 19.04 37.84 28.44
N ILE F 244 20.03 37.72 29.33
CA ILE F 244 21.41 38.11 29.03
C ILE F 244 22.31 36.89 29.10
N PHE F 245 23.32 36.86 28.24
CA PHE F 245 24.44 35.92 28.35
C PHE F 245 25.76 36.70 28.43
N ALA F 246 26.55 36.45 29.45
CA ALA F 246 27.87 37.00 29.52
C ALA F 246 28.90 35.89 29.16
N TYR F 247 29.88 36.23 28.34
CA TYR F 247 30.80 35.22 27.82
C TYR F 247 32.30 35.65 27.89
N ASP F 248 33.19 34.66 28.00
CA ASP F 248 34.64 34.89 27.90
C ASP F 248 35.04 34.76 26.44
N GLY F 249 35.37 35.89 25.82
CA GLY F 249 35.72 35.93 24.41
C GLY F 249 37.20 35.79 24.16
N SER F 250 37.94 35.39 25.21
CA SER F 250 39.42 35.24 25.14
C SER F 250 39.88 34.07 24.28
N LEU F 251 38.97 33.12 24.01
CA LEU F 251 39.31 31.93 23.21
C LEU F 251 40.40 31.13 23.89
N GLY F 252 40.13 30.78 25.15
CA GLY F 252 41.12 30.09 25.98
C GLY F 252 42.26 31.00 26.40
N GLY F 253 41.94 32.18 26.91
CA GLY F 253 42.92 33.07 27.49
C GLY F 253 43.80 33.87 26.55
N GLN F 254 43.66 33.68 25.24
CA GLN F 254 44.55 34.35 24.23
C GLN F 254 44.39 35.86 24.09
N TYR F 255 43.14 36.29 23.97
CA TYR F 255 42.85 37.70 23.73
C TYR F 255 42.02 38.30 24.85
N PRO F 256 42.10 39.63 25.03
CA PRO F 256 41.41 40.29 26.13
C PRO F 256 40.01 40.77 25.72
N VAL F 257 39.14 39.82 25.40
CA VAL F 257 37.82 40.09 24.80
C VAL F 257 36.67 39.44 25.60
N ILE F 258 35.71 40.28 26.02
CA ILE F 258 34.44 39.84 26.59
C ILE F 258 33.33 39.99 25.55
N CYS F 259 32.38 39.05 25.55
CA CYS F 259 31.23 39.09 24.66
C CYS F 259 29.96 38.93 25.48
N VAL F 260 28.98 39.79 25.26
CA VAL F 260 27.76 39.75 26.04
C VAL F 260 26.60 39.85 25.09
N VAL F 261 25.66 38.91 25.19
CA VAL F 261 24.55 38.79 24.24
C VAL F 261 23.20 38.96 24.89
N LEU F 262 22.38 39.82 24.30
CA LEU F 262 21.05 40.10 24.78
C LEU F 262 20.05 39.35 23.93
N PHE F 263 19.04 38.79 24.56
CA PHE F 263 17.87 38.20 23.88
C PHE F 263 16.67 39.12 24.00
N ASN F 264 15.88 39.21 22.94
CA ASN F 264 14.57 39.89 22.99
C ASN F 264 13.45 38.93 22.63
N PRO F 265 12.87 38.27 23.65
CA PRO F 265 11.91 37.19 23.41
C PRO F 265 10.67 37.66 22.67
N ALA F 266 10.32 38.93 22.85
CA ALA F 266 9.19 39.55 22.19
C ALA F 266 9.26 39.43 20.68
N ASN F 267 10.43 39.63 20.09
CA ASN F 267 10.55 39.50 18.62
C ASN F 267 11.40 38.28 18.19
N GLY F 268 11.84 37.49 19.18
CA GLY F 268 12.67 36.30 18.97
C GLY F 268 14.07 36.54 18.44
N THR F 269 14.64 37.70 18.75
CA THR F 269 15.93 38.12 18.19
C THR F 269 16.97 38.20 19.27
N CYS F 270 18.23 38.23 18.84
CA CYS F 270 19.37 38.43 19.74
C CYS F 270 20.27 39.58 19.25
N PHE F 271 21.03 40.15 20.17
CA PHE F 271 21.99 41.23 19.87
C PHE F 271 23.30 40.99 20.62
N ALA F 272 24.35 40.70 19.87
CA ALA F 272 25.66 40.39 20.44
C ALA F 272 26.56 41.62 20.50
N SER F 273 26.99 41.97 21.71
CA SER F 273 28.03 43.00 21.93
C SER F 273 29.37 42.39 22.32
N PHE F 274 30.44 43.09 21.92
CA PHE F 274 31.80 42.68 22.19
C PHE F 274 32.59 43.88 22.74
N GLY F 275 33.71 43.59 23.38
CA GLY F 275 34.49 44.63 24.00
C GLY F 275 35.83 44.08 24.43
N ALA F 276 36.86 44.93 24.39
CA ALA F 276 38.20 44.49 24.76
C ALA F 276 38.93 45.55 25.55
N HIS F 277 39.66 45.07 26.56
CA HIS F 277 40.58 45.91 27.32
C HIS F 277 41.46 44.96 28.13
N PRO F 278 42.72 45.38 28.39
CA PRO F 278 43.61 44.48 29.14
C PRO F 278 43.06 44.03 30.50
N ASP F 279 42.35 44.93 31.20
CA ASP F 279 41.70 44.52 32.46
C ASP F 279 40.31 44.01 32.22
N PHE F 280 40.17 42.73 32.54
CA PHE F 280 38.92 41.98 32.45
C PHE F 280 37.67 42.79 32.80
N GLY F 281 37.72 43.51 33.93
CA GLY F 281 36.59 44.27 34.46
C GLY F 281 36.20 45.45 33.60
N VAL F 282 37.18 46.19 33.08
CA VAL F 282 36.90 47.29 32.14
C VAL F 282 36.27 46.76 30.85
N ALA F 283 36.82 45.64 30.36
CA ALA F 283 36.32 45.01 29.14
C ALA F 283 34.88 44.56 29.34
N LEU F 284 34.55 44.02 30.51
CA LEU F 284 33.18 43.56 30.80
C LEU F 284 32.20 44.74 30.73
N GLU F 285 32.52 45.81 31.44
CA GLU F 285 31.67 47.00 31.46
C GLU F 285 31.54 47.64 30.09
N ARG F 286 32.63 47.71 29.36
CA ARG F 286 32.62 48.19 27.99
C ARG F 286 31.64 47.46 27.08
N THR F 287 31.66 46.14 27.16
CA THR F 287 30.76 45.32 26.38
C THR F 287 29.28 45.58 26.78
N VAL F 288 29.00 45.62 28.09
CA VAL F 288 27.65 45.90 28.60
C VAL F 288 27.17 47.31 28.24
N THR F 289 27.96 48.37 28.50
CA THR F 289 27.50 49.74 28.17
C THR F 289 27.18 49.87 26.66
N GLU F 290 27.87 49.11 25.82
CA GLU F 290 27.60 49.16 24.39
C GLU F 290 26.32 48.40 24.08
N LEU F 300 15.45 48.17 21.15
CA LEU F 300 15.33 46.74 21.46
C LEU F 300 14.88 45.80 20.33
N ASP F 301 14.54 46.35 19.16
CA ASP F 301 13.64 45.67 18.22
C ASP F 301 14.21 45.51 16.81
N VAL F 302 15.32 46.18 16.49
CA VAL F 302 15.79 46.31 15.12
C VAL F 302 16.83 45.20 14.81
N PHE F 303 16.66 44.03 15.44
CA PHE F 303 17.66 42.94 15.40
C PHE F 303 17.24 41.74 14.57
N THR F 304 18.11 40.73 14.55
CA THR F 304 17.91 39.51 13.76
C THR F 304 17.97 38.27 14.68
N PRO F 305 17.15 37.24 14.38
CA PRO F 305 17.20 36.04 15.19
C PRO F 305 18.42 35.21 14.88
N PRO F 306 18.80 34.30 15.81
CA PRO F 306 19.94 33.43 15.59
C PRO F 306 19.63 32.47 14.46
N THR F 307 20.62 31.73 13.99
CA THR F 307 20.48 30.93 12.80
C THR F 307 21.40 29.76 12.87
N PHE F 308 21.01 28.66 12.25
CA PHE F 308 21.90 27.51 12.06
C PHE F 308 22.65 27.56 10.72
N ASP F 309 22.62 28.69 10.02
CA ASP F 309 23.22 28.76 8.70
C ASP F 309 24.71 29.03 8.85
N ASP F 310 25.45 27.95 8.99
CA ASP F 310 26.89 28.02 9.04
C ASP F 310 27.52 28.96 8.01
N GLU F 311 27.00 28.98 6.78
CA GLU F 311 27.60 29.77 5.69
C GLU F 311 27.18 31.23 5.63
N GLU F 312 25.91 31.54 5.97
CA GLU F 312 25.44 32.93 5.90
C GLU F 312 26.00 33.79 7.02
N VAL F 313 26.31 33.14 8.16
CA VAL F 313 26.95 33.83 9.30
C VAL F 313 28.36 34.30 8.92
N ALA F 314 29.13 33.40 8.31
CA ALA F 314 30.52 33.67 7.95
C ALA F 314 30.68 34.68 6.82
N GLU F 315 29.65 34.84 5.97
CA GLU F 315 29.74 35.73 4.79
C GLU F 315 30.29 37.11 5.18
N HIS F 316 31.22 37.65 4.37
CA HIS F 316 31.89 38.94 4.64
C HIS F 316 30.86 40.06 4.88
N THR F 317 29.77 40.05 4.10
CA THR F 317 28.69 41.04 4.23
C THR F 317 27.94 40.96 5.58
N ASN F 318 27.96 39.81 6.25
CA ASN F 318 27.37 39.68 7.61
C ASN F 318 28.21 40.35 8.68
N LEU F 319 29.51 40.14 8.60
CA LEU F 319 30.44 40.76 9.53
C LEU F 319 30.56 42.28 9.26
N GLU F 320 30.52 42.67 7.98
CA GLU F 320 30.56 44.09 7.58
C GLU F 320 29.35 44.81 8.19
N THR F 321 28.20 44.14 8.23
CA THR F 321 27.01 44.69 8.91
C THR F 321 27.28 44.86 10.40
N HIS F 322 27.59 43.76 11.07
CA HIS F 322 27.91 43.78 12.49
C HIS F 322 28.76 45.00 12.91
N PHE F 323 29.67 45.43 12.04
CA PHE F 323 30.51 46.58 12.32
C PHE F 323 29.72 47.89 12.29
N ILE F 324 28.90 48.09 11.26
CA ILE F 324 28.13 49.33 11.08
C ILE F 324 27.15 49.48 12.25
N ASP F 325 26.64 48.33 12.69
CA ASP F 325 25.24 48.18 13.06
C ASP F 325 24.93 47.46 14.38
N SER F 326 25.48 46.26 14.42
CA SER F 326 25.20 45.12 15.28
C SER F 326 23.93 44.32 15.07
N SER F 327 23.12 44.72 14.10
CA SER F 327 22.04 43.86 13.58
C SER F 327 22.54 42.90 12.51
N GLY F 328 23.32 41.91 12.92
CA GLY F 328 23.80 40.87 12.00
C GLY F 328 23.44 39.49 12.52
N LEU F 329 23.77 38.47 11.73
CA LEU F 329 23.40 37.07 12.05
C LEU F 329 24.40 36.39 12.98
N ILE F 330 23.87 35.84 14.07
CA ILE F 330 24.65 35.12 15.05
C ILE F 330 24.24 33.67 14.96
N SER F 331 25.21 32.76 15.04
CA SER F 331 24.89 31.33 15.06
C SER F 331 24.28 30.90 16.40
N TRP F 332 23.39 29.91 16.36
CA TRP F 332 22.78 29.34 17.58
C TRP F 332 23.84 28.64 18.38
N ASP F 333 24.89 28.23 17.70
CA ASP F 333 26.04 27.60 18.33
C ASP F 333 26.69 28.41 19.45
N LEU F 334 26.67 29.72 19.35
CA LEU F 334 27.22 30.57 20.42
C LEU F 334 26.68 30.14 21.80
N PHE F 335 25.40 29.73 21.83
CA PHE F 335 24.64 29.52 23.06
C PHE F 335 24.57 28.05 23.45
N LYS F 336 25.31 27.22 22.73
CA LYS F 336 25.40 25.84 23.12
C LYS F 336 25.89 25.77 24.56
N GLN F 337 25.36 24.80 25.27
CA GLN F 337 25.77 24.53 26.64
C GLN F 337 27.28 24.31 26.70
N ASP F 338 27.77 23.32 25.95
CA ASP F 338 29.20 23.01 25.90
C ASP F 338 29.99 23.98 25.01
N ALA F 339 30.91 24.68 25.66
CA ALA F 339 31.80 25.63 24.99
C ALA F 339 32.99 24.91 24.32
N ASP F 340 33.57 25.58 23.33
CA ASP F 340 34.75 25.07 22.60
C ASP F 340 36.09 25.50 23.25
N TYR F 341 36.02 26.42 24.20
CA TYR F 341 37.17 26.84 24.98
C TYR F 341 36.71 26.89 26.41
N PRO F 342 37.60 26.58 27.36
CA PRO F 342 37.26 26.77 28.76
C PRO F 342 37.29 28.24 29.15
N PHE F 343 36.53 28.57 30.18
CA PHE F 343 36.58 29.92 30.73
C PHE F 343 37.97 30.14 31.27
N VAL F 344 38.50 31.35 31.10
CA VAL F 344 39.79 31.71 31.70
C VAL F 344 39.61 33.02 32.43
N ASP F 345 39.99 33.05 33.72
CA ASP F 345 39.88 34.28 34.47
C ASP F 345 41.08 35.12 34.11
N TRP F 346 40.99 35.71 32.93
CA TRP F 346 42.17 36.39 32.37
C TRP F 346 42.40 37.77 32.97
N ASN F 347 43.66 38.21 32.83
CA ASN F 347 44.03 39.55 33.15
C ASN F 347 45.36 39.94 32.57
N PHE F 348 45.37 41.07 31.86
CA PHE F 348 46.56 41.57 31.17
C PHE F 348 46.93 42.97 31.70
N SER F 349 46.32 43.37 32.81
CA SER F 349 46.32 44.78 33.27
C SER F 349 47.68 45.29 33.81
N GLY F 350 47.69 46.53 34.31
CA GLY F 350 48.94 47.23 34.71
C GLY F 350 48.86 48.68 34.30
N THR F 351 50.00 49.37 34.25
CA THR F 351 49.99 50.75 33.77
C THR F 351 49.85 50.76 32.27
N THR F 352 49.27 51.84 31.73
CA THR F 352 49.05 52.00 30.28
C THR F 352 50.32 51.68 29.49
N GLU F 353 51.47 52.04 30.05
CA GLU F 353 52.75 51.70 29.45
C GLU F 353 53.01 50.19 29.39
N GLU F 354 52.77 49.49 30.50
CA GLU F 354 52.91 48.03 30.54
C GLU F 354 51.92 47.36 29.62
N GLU F 355 50.68 47.84 29.68
CA GLU F 355 49.60 47.26 28.87
C GLU F 355 49.89 47.37 27.42
N PHE F 356 50.45 48.50 27.02
CA PHE F 356 50.83 48.69 25.64
C PHE F 356 51.81 47.61 25.21
N ALA F 357 52.76 47.29 26.07
CA ALA F 357 53.74 46.26 25.76
C ALA F 357 53.13 44.84 25.76
N THR F 358 52.28 44.57 26.76
CA THR F 358 51.62 43.28 26.91
C THR F 358 50.79 42.93 25.68
N LEU F 359 50.10 43.95 25.15
CA LEU F 359 49.23 43.81 23.97
C LEU F 359 50.08 43.63 22.74
N MET F 360 51.08 44.50 22.59
CA MET F 360 52.02 44.41 21.48
C MET F 360 52.70 43.04 21.44
N ALA F 361 52.91 42.44 22.61
CA ALA F 361 53.43 41.07 22.76
C ALA F 361 52.58 40.04 22.06
N ILE F 362 51.26 40.22 22.15
CA ILE F 362 50.30 39.32 21.51
C ILE F 362 50.38 39.42 20.00
N PHE F 363 50.48 40.63 19.47
CA PHE F 363 50.65 40.85 18.01
C PHE F 363 51.93 40.24 17.48
N ASN F 364 53.00 40.34 18.27
CA ASN F 364 54.27 39.71 17.91
C ASN F 364 54.15 38.19 17.91
N LYS F 365 53.48 37.63 18.92
CA LYS F 365 53.19 36.18 18.96
C LYS F 365 52.43 35.73 17.71
N GLU F 366 51.57 36.59 17.15
CA GLU F 366 50.75 36.26 15.99
C GLU F 366 51.47 36.45 14.68
N ASP F 367 52.69 36.97 14.72
CA ASP F 367 53.43 37.37 13.50
C ASP F 367 52.64 38.40 12.67
N LYS F 368 52.15 39.44 13.35
CA LYS F 368 51.39 40.52 12.74
C LYS F 368 52.02 41.85 13.04
N GLU F 369 52.55 42.47 11.97
CA GLU F 369 53.04 43.86 12.00
C GLU F 369 51.98 44.84 12.40
N VAL F 370 52.30 45.70 13.35
CA VAL F 370 51.42 46.78 13.76
C VAL F 370 51.96 48.03 13.10
N TYR F 371 51.09 48.88 12.58
CA TYR F 371 51.47 50.20 12.01
C TYR F 371 50.70 51.33 12.68
N ILE F 372 51.39 52.17 13.44
CA ILE F 372 50.72 53.23 14.19
C ILE F 372 51.03 54.57 13.55
N ALA F 373 50.13 55.53 13.74
CA ALA F 373 50.30 56.89 13.25
C ALA F 373 49.80 57.84 14.33
N ASP F 374 50.64 58.80 14.71
CA ASP F 374 50.34 59.68 15.84
C ASP F 374 49.95 61.07 15.39
N TYR F 375 48.97 61.63 16.09
CA TYR F 375 48.44 62.95 15.78
C TYR F 375 48.33 63.71 17.10
N GLU F 376 48.93 64.89 17.16
CA GLU F 376 48.86 65.72 18.37
C GLU F 376 48.50 67.15 18.03
N HIS F 377 48.14 67.38 16.77
CA HIS F 377 48.04 68.75 16.24
C HIS F 377 46.84 69.50 16.77
N LEU F 378 45.94 68.79 17.44
CA LEU F 378 44.78 69.40 18.08
C LEU F 378 44.92 69.55 19.58
N GLY F 379 46.10 69.22 20.11
CA GLY F 379 46.38 69.39 21.53
C GLY F 379 45.91 68.23 22.39
N VAL F 380 45.53 67.15 21.73
CA VAL F 380 45.24 65.94 22.41
C VAL F 380 45.89 64.86 21.57
N TYR F 381 46.40 63.84 22.25
CA TYR F 381 47.03 62.75 21.54
C TYR F 381 45.92 61.90 20.95
N ALA F 382 46.15 61.45 19.72
CA ALA F 382 45.26 60.53 19.03
C ALA F 382 46.09 59.66 18.09
N CYS F 383 45.78 58.37 18.05
CA CYS F 383 46.48 57.46 17.18
C CYS F 383 45.54 56.87 16.14
N ARG F 384 46.13 56.25 15.14
CA ARG F 384 45.40 55.42 14.21
C ARG F 384 46.21 54.15 13.91
N ILE F 385 45.61 52.99 14.16
CA ILE F 385 46.33 51.73 14.14
C ILE F 385 45.81 50.78 13.05
N ILE F 386 46.73 50.43 12.16
CA ILE F 386 46.50 49.44 11.12
C ILE F 386 47.27 48.18 11.54
N VAL F 387 46.67 47.02 11.34
CA VAL F 387 47.29 45.73 11.66
C VAL F 387 46.86 44.73 10.59
N PRO F 388 47.36 44.90 9.34
CA PRO F 388 46.80 44.12 8.24
C PRO F 388 46.79 42.62 8.54
N GLY F 389 45.64 41.98 8.28
CA GLY F 389 45.36 40.63 8.70
C GLY F 389 44.61 40.53 10.01
N MET F 390 44.23 41.66 10.61
CA MET F 390 43.45 41.69 11.89
C MET F 390 42.53 42.93 12.05
N SER F 391 43.09 44.11 11.75
CA SER F 391 42.37 45.40 11.80
C SER F 391 41.38 45.55 10.65
N ASP F 392 41.57 44.80 9.56
CA ASP F 392 40.70 44.95 8.38
C ASP F 392 39.23 44.72 8.68
N ILE F 393 38.37 45.64 8.24
CA ILE F 393 36.91 45.47 8.32
C ILE F 393 36.39 44.99 6.99
N TYR F 394 36.91 45.56 5.92
CA TYR F 394 36.58 45.14 4.57
C TYR F 394 37.79 44.38 3.98
N PRO F 395 37.54 43.44 3.04
CA PRO F 395 38.61 42.66 2.42
C PRO F 395 39.23 43.36 1.24
N ALA F 396 40.50 43.07 0.96
CA ALA F 396 41.27 43.83 -0.02
C ALA F 396 40.68 43.78 -1.42
N GLU F 397 39.99 42.70 -1.74
CA GLU F 397 39.27 42.57 -3.01
C GLU F 397 38.36 43.82 -3.24
N ASP F 398 37.89 44.45 -2.17
CA ASP F 398 37.08 45.67 -2.28
C ASP F 398 37.80 46.87 -2.87
N LEU F 399 39.12 46.88 -2.92
CA LEU F 399 39.83 47.97 -3.62
C LEU F 399 39.54 47.95 -5.12
N TRP F 400 39.16 46.77 -5.63
CA TRP F 400 38.76 46.60 -7.03
C TRP F 400 37.23 46.75 -7.16
N LEU F 401 36.50 46.04 -6.31
CA LEU F 401 35.04 45.87 -6.46
C LEU F 401 34.19 46.93 -5.76
N ALA F 402 34.66 47.47 -4.64
CA ALA F 402 33.86 48.37 -3.82
C ALA F 402 34.69 49.56 -3.36
N ASN F 403 35.40 50.18 -4.30
CA ASN F 403 36.31 51.26 -3.94
C ASN F 403 35.56 52.58 -3.87
N ASN F 404 35.60 53.23 -2.71
CA ASN F 404 34.84 54.45 -2.48
C ASN F 404 35.21 55.67 -3.33
N SER F 405 36.18 55.54 -4.23
CA SER F 405 36.47 56.62 -5.18
C SER F 405 36.27 56.17 -6.62
N MET F 406 35.61 55.02 -6.78
CA MET F 406 35.30 54.49 -8.11
C MET F 406 34.63 55.53 -8.98
N GLY F 407 33.82 56.39 -8.37
CA GLY F 407 33.05 57.38 -9.10
C GLY F 407 33.76 58.71 -9.29
N SER F 408 34.90 58.89 -8.64
CA SER F 408 35.57 60.20 -8.59
C SER F 408 35.65 60.84 -9.97
N HIS F 409 35.82 60.03 -11.01
CA HIS F 409 36.06 60.54 -12.38
C HIS F 409 34.83 60.99 -13.12
N LEU F 410 33.66 60.54 -12.68
CA LEU F 410 32.41 61.02 -13.25
C LEU F 410 31.89 62.27 -12.56
N ARG F 411 32.47 62.64 -11.43
CA ARG F 411 31.90 63.70 -10.59
C ARG F 411 31.57 64.94 -11.40
N GLU F 412 32.58 65.47 -12.07
CA GLU F 412 32.44 66.73 -12.80
C GLU F 412 31.39 66.62 -13.90
N THR F 413 31.37 65.48 -14.61
CA THR F 413 30.33 65.26 -15.65
C THR F 413 28.91 65.23 -15.07
N ILE F 414 28.73 64.56 -13.93
CA ILE F 414 27.41 64.42 -13.30
C ILE F 414 26.94 65.73 -12.67
N LEU F 415 27.80 66.43 -11.94
CA LEU F 415 27.43 67.74 -11.36
C LEU F 415 27.11 68.83 -12.38
N SER F 416 27.57 68.64 -13.61
CA SER F 416 27.25 69.55 -14.73
C SER F 416 25.83 69.36 -15.30
N LEU F 417 25.25 68.19 -15.10
CA LEU F 417 23.99 67.80 -15.76
C LEU F 417 22.83 68.78 -15.58
N PRO F 418 22.60 69.29 -14.34
CA PRO F 418 21.54 70.29 -14.22
C PRO F 418 21.93 71.55 -14.95
N GLY F 419 21.18 71.92 -15.99
CA GLY F 419 21.50 73.09 -16.82
C GLY F 419 22.21 72.73 -18.13
N SER F 420 22.86 71.56 -18.16
CA SER F 420 23.50 71.04 -19.37
C SER F 420 22.53 70.98 -20.57
N GLU F 421 23.08 71.14 -21.77
CA GLU F 421 22.32 71.05 -23.01
C GLU F 421 23.13 70.28 -24.03
N TRP F 422 23.51 69.04 -23.68
CA TRP F 422 24.23 68.17 -24.59
C TRP F 422 23.31 67.57 -25.65
N GLU F 423 23.89 66.74 -26.51
CA GLU F 423 23.13 65.97 -27.50
C GLU F 423 22.41 64.81 -26.80
N LYS F 424 21.34 64.32 -27.41
CA LYS F 424 20.52 63.26 -26.81
C LYS F 424 21.33 61.97 -26.68
N GLU F 425 22.31 61.76 -27.55
CA GLU F 425 23.06 60.51 -27.54
C GLU F 425 24.02 60.48 -26.36
N ASP F 426 24.61 61.64 -26.06
CA ASP F 426 25.58 61.77 -24.97
C ASP F 426 24.91 61.48 -23.57
N TYR F 427 23.64 61.88 -23.39
CA TYR F 427 22.85 61.44 -22.22
C TYR F 427 22.59 59.91 -22.15
N LEU F 428 22.13 59.32 -23.26
CA LEU F 428 21.82 57.91 -23.30
C LEU F 428 23.06 57.05 -23.12
N ASN F 429 24.23 57.58 -23.47
CA ASN F 429 25.50 56.83 -23.34
C ASN F 429 25.96 56.78 -21.89
N LEU F 430 25.83 57.92 -21.21
CA LEU F 430 26.17 57.99 -19.82
C LEU F 430 25.43 56.91 -19.00
N ILE F 431 24.23 56.55 -19.42
CA ILE F 431 23.52 55.41 -18.83
C ILE F 431 24.32 54.12 -19.08
N GLU F 432 24.56 53.81 -20.35
CA GLU F 432 25.31 52.61 -20.74
C GLU F 432 26.66 52.57 -20.07
N GLN F 433 27.31 53.72 -19.90
CA GLN F 433 28.57 53.78 -19.16
C GLN F 433 28.37 53.37 -17.69
N LEU F 434 27.37 53.93 -17.03
CA LEU F 434 27.08 53.56 -15.65
C LEU F 434 26.85 52.05 -15.53
N ASP F 435 26.25 51.45 -16.55
CA ASP F 435 26.07 50.00 -16.59
C ASP F 435 27.34 49.25 -16.82
N GLU F 436 28.11 49.66 -17.83
CA GLU F 436 29.39 49.01 -18.17
C GLU F 436 30.38 49.09 -17.03
N GLU F 437 30.40 50.23 -16.32
CA GLU F 437 31.27 50.39 -15.15
C GLU F 437 30.75 49.68 -13.93
N GLY F 438 29.57 49.07 -14.04
CA GLY F 438 29.07 48.18 -13.02
C GLY F 438 28.65 48.82 -11.73
N PHE F 439 28.15 50.05 -11.78
CA PHE F 439 27.63 50.70 -10.57
C PHE F 439 26.30 50.06 -10.17
N ASP F 440 26.04 49.99 -8.86
CA ASP F 440 24.78 49.44 -8.35
C ASP F 440 23.68 50.51 -8.40
N ASP F 441 22.51 50.13 -8.93
CA ASP F 441 21.37 51.05 -9.09
C ASP F 441 20.93 51.69 -7.77
N PHE F 442 21.09 50.95 -6.67
CA PHE F 442 20.67 51.44 -5.36
C PHE F 442 21.64 52.42 -4.76
N THR F 443 22.84 52.54 -5.32
CA THR F 443 23.89 53.38 -4.75
C THR F 443 23.48 54.83 -4.72
N ARG F 444 23.62 55.45 -3.55
CA ARG F 444 23.37 56.88 -3.43
C ARG F 444 24.41 57.68 -4.18
N VAL F 445 23.97 58.58 -5.05
CA VAL F 445 24.91 59.38 -5.85
C VAL F 445 25.68 60.31 -4.94
N ARG F 446 25.03 60.86 -3.92
CA ARG F 446 25.74 61.77 -3.02
C ARG F 446 26.84 61.08 -2.20
N GLU F 447 26.69 59.77 -1.96
CA GLU F 447 27.75 58.96 -1.33
C GLU F 447 28.88 58.60 -2.32
N LEU F 448 28.49 58.31 -3.56
CA LEU F 448 29.42 57.94 -4.61
C LEU F 448 30.34 59.09 -5.02
N LEU F 449 29.87 60.33 -4.91
CA LEU F 449 30.67 61.49 -5.30
C LEU F 449 31.21 62.25 -4.12
N GLY F 450 30.74 61.92 -2.93
CA GLY F 450 31.25 62.51 -1.71
C GLY F 450 30.65 63.89 -1.45
N LEU F 451 29.35 64.00 -1.68
CA LEU F 451 28.66 65.26 -1.56
C LEU F 451 27.85 65.27 -0.28
N ALA F 452 28.15 66.24 0.58
CA ALA F 452 27.26 66.63 1.68
C ALA F 452 26.22 67.62 1.18
N THR F 453 25.11 67.07 0.72
CA THR F 453 24.11 67.84 0.04
C THR F 453 23.20 68.58 1.01
N GLY F 454 23.06 68.05 2.22
CA GLY F 454 22.01 68.50 3.13
C GLY F 454 20.66 67.93 2.70
N SER F 455 19.68 68.01 3.59
CA SER F 455 18.43 67.26 3.43
C SER F 455 17.38 67.91 2.50
N ASP F 456 17.61 69.15 2.07
CA ASP F 456 16.55 69.95 1.45
C ASP F 456 16.68 70.11 -0.07
N ASN F 457 17.08 69.06 -0.79
CA ASN F 457 17.10 69.13 -2.26
C ASN F 457 17.20 67.76 -2.90
N GLY F 458 17.12 67.73 -4.23
CA GLY F 458 17.03 66.45 -4.95
C GLY F 458 18.20 65.50 -4.83
N TRP F 459 19.40 66.05 -4.64
CA TRP F 459 20.63 65.26 -4.59
C TRP F 459 20.67 64.37 -3.33
N TYR F 460 20.02 64.81 -2.27
CA TYR F 460 20.05 64.12 -0.98
C TYR F 460 19.49 62.69 -0.98
N THR F 461 18.58 62.40 -1.93
CA THR F 461 17.96 61.09 -2.08
C THR F 461 18.22 60.45 -3.44
N LEU F 462 19.03 61.12 -4.27
CA LEU F 462 19.26 60.71 -5.66
C LEU F 462 20.08 59.45 -5.69
N ARG F 463 19.50 58.39 -6.24
CA ARG F 463 20.21 57.13 -6.44
C ARG F 463 20.48 56.91 -7.90
N ILE F 464 21.33 55.94 -8.20
CA ILE F 464 21.74 55.70 -9.58
C ILE F 464 20.51 55.45 -10.45
N GLY F 465 19.57 54.67 -9.93
CA GLY F 465 18.39 54.30 -10.70
C GLY F 465 17.55 55.50 -11.09
N GLU F 466 17.43 56.44 -10.16
CA GLU F 466 16.74 57.70 -10.43
C GLU F 466 17.50 58.56 -11.45
N LEU F 467 18.82 58.56 -11.34
CA LEU F 467 19.65 59.29 -12.28
C LEU F 467 19.49 58.73 -13.69
N LYS F 468 19.43 57.40 -13.80
CA LYS F 468 19.17 56.81 -15.10
C LYS F 468 17.84 57.31 -15.67
N ALA F 469 16.81 57.41 -14.83
CA ALA F 469 15.53 57.94 -15.29
C ALA F 469 15.73 59.33 -15.85
N MET F 470 16.37 60.17 -15.04
CA MET F 470 16.65 61.55 -15.46
C MET F 470 17.39 61.64 -16.80
N LEU F 471 18.32 60.72 -17.04
CA LEU F 471 19.10 60.74 -18.28
C LEU F 471 18.27 60.28 -19.48
N ALA F 472 17.53 59.20 -19.28
CA ALA F 472 16.64 58.69 -20.29
C ALA F 472 15.66 59.80 -20.74
N LEU F 473 15.25 60.67 -19.82
CA LEU F 473 14.35 61.78 -20.17
C LEU F 473 15.04 62.85 -20.98
N ALA F 474 16.26 63.21 -20.56
CA ALA F 474 17.07 64.22 -21.25
C ALA F 474 17.50 63.76 -22.65
N GLY F 475 17.71 62.45 -22.79
CA GLY F 475 18.03 61.84 -24.07
C GLY F 475 16.81 61.28 -24.78
N GLY F 476 15.63 61.67 -24.30
CA GLY F 476 14.37 61.38 -24.97
C GLY F 476 14.06 59.93 -25.29
N ASP F 477 14.54 58.97 -24.49
CA ASP F 477 14.01 57.56 -24.60
C ASP F 477 13.00 57.28 -23.44
N LEU F 478 11.74 57.50 -23.77
CA LEU F 478 10.68 57.52 -22.76
C LEU F 478 10.34 56.12 -22.24
N GLU F 479 10.72 55.07 -22.98
CA GLU F 479 10.46 53.70 -22.53
C GLU F 479 11.36 53.32 -21.36
N GLN F 480 12.62 53.74 -21.45
CA GLN F 480 13.58 53.53 -20.38
C GLN F 480 13.23 54.43 -19.23
N ALA F 481 12.92 55.68 -19.56
CA ALA F 481 12.55 56.66 -18.54
C ALA F 481 11.48 56.10 -17.60
N LEU F 482 10.47 55.45 -18.17
CA LEU F 482 9.37 54.88 -17.37
C LEU F 482 9.86 53.80 -16.42
N VAL F 483 10.62 52.85 -16.96
CA VAL F 483 11.22 51.76 -16.19
C VAL F 483 11.85 52.28 -14.89
N TRP F 484 12.69 53.30 -15.03
CA TRP F 484 13.45 53.82 -13.90
C TRP F 484 12.66 54.78 -13.03
N THR F 485 11.68 55.45 -13.62
CA THR F 485 10.77 56.26 -12.82
C THR F 485 9.92 55.38 -11.89
N GLU F 486 9.46 54.22 -12.40
CA GLU F 486 8.76 53.23 -11.57
C GLU F 486 9.68 52.71 -10.47
N TRP F 487 10.85 52.24 -10.89
CA TRP F 487 11.90 51.86 -9.96
C TRP F 487 12.08 52.92 -8.87
N THR F 488 12.23 54.17 -9.30
CA THR F 488 12.49 55.28 -8.38
C THR F 488 11.45 55.33 -7.30
N MET F 489 10.18 55.31 -7.70
CA MET F 489 9.10 55.41 -6.74
C MET F 489 9.01 54.17 -5.87
N GLU F 490 9.18 53.00 -6.47
CA GLU F 490 9.11 51.76 -5.73
C GLU F 490 10.06 51.76 -4.55
N PHE F 491 11.23 52.39 -4.72
CA PHE F 491 12.29 52.33 -3.70
C PHE F 491 12.70 53.63 -3.01
N ASN F 492 12.20 54.79 -3.46
CA ASN F 492 12.61 56.05 -2.85
C ASN F 492 11.44 56.82 -2.25
N SER F 493 10.24 56.70 -2.84
CA SER F 493 9.12 57.61 -2.51
C SER F 493 8.81 57.75 -1.03
N SER F 494 9.10 56.71 -0.26
CA SER F 494 8.96 56.75 1.20
C SER F 494 9.91 57.72 1.92
N VAL F 495 10.92 58.25 1.22
CA VAL F 495 11.87 59.21 1.82
C VAL F 495 11.94 60.55 1.07
N PHE F 496 11.21 60.66 -0.05
CA PHE F 496 11.11 61.91 -0.76
C PHE F 496 10.26 62.88 0.03
N SER F 497 10.49 64.17 -0.19
CA SER F 497 9.60 65.19 0.35
C SER F 497 8.25 65.10 -0.34
N PRO F 498 7.19 65.46 0.37
CA PRO F 498 5.89 65.60 -0.25
C PRO F 498 5.94 66.16 -1.66
N GLU F 499 6.61 67.30 -1.84
CA GLU F 499 6.71 67.97 -3.16
C GLU F 499 7.24 67.04 -4.24
N ARG F 500 8.37 66.44 -3.91
CA ARG F 500 9.12 65.60 -4.83
C ARG F 500 8.39 64.30 -5.15
N ALA F 501 7.79 63.70 -4.12
CA ALA F 501 7.07 62.45 -4.29
C ALA F 501 5.92 62.68 -5.25
N ASN F 502 5.26 63.83 -5.09
CA ASN F 502 4.16 64.25 -5.95
C ASN F 502 4.64 64.42 -7.37
N TYR F 503 5.73 65.14 -7.54
CA TYR F 503 6.32 65.31 -8.89
C TYR F 503 6.47 63.95 -9.56
N TYR F 504 7.03 62.98 -8.82
CA TYR F 504 7.29 61.64 -9.37
C TYR F 504 6.02 60.87 -9.69
N ARG F 505 4.99 61.05 -8.86
CA ARG F 505 3.69 60.47 -9.17
C ARG F 505 3.14 60.99 -10.50
N CYS F 506 3.23 62.29 -10.68
CA CYS F 506 2.78 62.98 -11.91
C CYS F 506 3.57 62.55 -13.16
N LEU F 507 4.89 62.61 -13.06
CA LEU F 507 5.79 62.22 -14.14
C LEU F 507 5.47 60.81 -14.57
N GLN F 508 5.25 59.95 -13.58
CA GLN F 508 5.00 58.55 -13.84
C GLN F 508 3.73 58.38 -14.64
N THR F 509 2.70 59.12 -14.26
CA THR F 509 1.41 59.10 -14.96
C THR F 509 1.58 59.50 -16.42
N LEU F 510 2.27 60.62 -16.64
CA LEU F 510 2.49 61.16 -18.00
C LEU F 510 3.28 60.20 -18.88
N LEU F 511 4.21 59.47 -18.27
CA LEU F 511 5.00 58.50 -18.98
C LEU F 511 4.18 57.27 -19.35
N LEU F 512 3.26 56.92 -18.47
CA LEU F 512 2.36 55.81 -18.74
C LEU F 512 1.39 56.16 -19.82
N LEU F 513 1.02 57.44 -19.87
CA LEU F 513 0.07 57.95 -20.84
C LEU F 513 0.71 58.01 -22.20
N ALA F 514 1.96 58.41 -22.21
CA ALA F 514 2.76 58.40 -23.44
C ALA F 514 2.74 56.99 -24.07
N GLN F 515 2.70 55.94 -23.25
CA GLN F 515 2.60 54.57 -23.77
C GLN F 515 1.23 54.19 -24.32
N GLU F 516 0.16 54.79 -23.81
CA GLU F 516 -1.20 54.53 -24.34
C GLU F 516 -1.35 55.24 -25.67
N GLU F 517 -1.25 54.47 -26.76
CA GLU F 517 -1.29 55.05 -28.10
C GLU F 517 -2.71 55.35 -28.51
N ASP F 518 -3.65 54.69 -27.84
CA ASP F 518 -5.07 54.93 -28.07
C ASP F 518 -5.59 56.21 -27.45
N ARG F 519 -4.93 56.72 -26.43
CA ARG F 519 -5.47 57.85 -25.68
C ARG F 519 -4.92 59.20 -26.10
N GLN F 520 -5.72 60.23 -25.85
CA GLN F 520 -5.45 61.60 -26.28
C GLN F 520 -5.02 62.51 -25.13
N PRO F 521 -3.71 62.70 -24.92
CA PRO F 521 -3.19 63.50 -23.80
C PRO F 521 -3.96 64.74 -23.36
N LEU F 522 -4.46 65.51 -24.32
CA LEU F 522 -5.24 66.69 -23.99
C LEU F 522 -6.53 66.40 -23.15
N GLN F 523 -7.13 65.24 -23.35
CA GLN F 523 -8.33 64.84 -22.62
C GLN F 523 -8.09 64.81 -21.12
N TYR F 524 -6.91 64.34 -20.75
CA TYR F 524 -6.59 64.05 -19.37
C TYR F 524 -5.96 65.25 -18.64
N LEU F 525 -5.67 66.30 -19.40
CA LEU F 525 -4.92 67.42 -18.89
C LEU F 525 -5.59 68.13 -17.70
N ASN F 526 -6.89 68.35 -17.79
CA ASN F 526 -7.54 69.01 -16.67
C ASN F 526 -7.42 68.18 -15.38
N ALA F 527 -7.69 66.89 -15.52
CA ALA F 527 -7.66 65.96 -14.39
C ALA F 527 -6.31 65.93 -13.69
N PHE F 528 -5.23 65.90 -14.49
CA PHE F 528 -3.86 65.92 -14.00
C PHE F 528 -3.57 67.16 -13.18
N VAL F 529 -3.96 68.32 -13.72
CA VAL F 529 -3.75 69.59 -13.02
C VAL F 529 -4.43 69.58 -11.66
N ARG F 530 -5.57 68.89 -11.58
CA ARG F 530 -6.32 68.84 -10.36
C ARG F 530 -5.68 67.96 -9.34
N MET F 531 -5.17 66.83 -9.80
CA MET F 531 -4.57 65.82 -8.90
C MET F 531 -3.19 66.26 -8.41
N TYR F 532 -2.35 66.71 -9.33
CA TYR F 532 -0.94 66.93 -9.05
C TYR F 532 -0.60 68.39 -8.82
N GLY F 533 -1.44 69.28 -9.35
CA GLY F 533 -1.14 70.72 -9.26
C GLY F 533 -0.38 71.19 -10.48
N ALA F 534 -0.63 72.41 -10.90
CA ALA F 534 -0.14 72.92 -12.17
C ALA F 534 1.38 72.95 -12.22
N ASP F 535 2.02 73.36 -11.13
CA ASP F 535 3.49 73.45 -11.07
C ASP F 535 4.14 72.12 -11.37
N ALA F 536 3.66 71.09 -10.68
CA ALA F 536 4.08 69.71 -10.89
C ALA F 536 3.88 69.19 -12.33
N VAL F 537 2.80 69.59 -12.99
CA VAL F 537 2.49 69.10 -14.34
C VAL F 537 3.40 69.79 -15.35
N GLU F 538 3.60 71.10 -15.18
CA GLU F 538 4.50 71.86 -16.09
C GLU F 538 5.92 71.33 -16.02
N ALA F 539 6.37 70.98 -14.81
CA ALA F 539 7.70 70.44 -14.58
C ALA F 539 7.89 69.05 -15.15
N ALA F 540 6.93 68.17 -14.93
CA ALA F 540 7.01 66.82 -15.46
C ALA F 540 7.01 66.81 -17.00
N SER F 541 6.38 67.81 -17.61
CA SER F 541 6.29 67.91 -19.07
C SER F 541 7.59 68.42 -19.66
N ALA F 542 8.18 69.43 -19.01
CA ALA F 542 9.52 69.90 -19.33
C ALA F 542 10.51 68.73 -19.30
N ALA F 543 10.43 67.96 -18.22
CA ALA F 543 11.24 66.75 -18.07
C ALA F 543 11.08 65.80 -19.25
N MET F 544 9.85 65.54 -19.65
CA MET F 544 9.57 64.62 -20.75
C MET F 544 10.05 65.13 -22.11
N SER F 545 9.89 66.43 -22.34
CA SER F 545 10.40 67.08 -23.56
C SER F 545 11.94 67.18 -23.56
N GLY F 546 12.61 66.55 -22.60
CA GLY F 546 14.07 66.58 -22.52
C GLY F 546 14.61 67.93 -22.19
N GLU F 547 13.76 68.87 -21.82
CA GLU F 547 14.15 70.29 -21.63
C GLU F 547 14.79 70.46 -20.24
N ALA F 548 14.06 70.10 -19.19
CA ALA F 548 14.55 70.20 -17.82
C ALA F 548 14.33 68.86 -17.12
N ALA F 549 15.18 67.90 -17.42
CA ALA F 549 14.98 66.51 -16.98
C ALA F 549 15.37 66.27 -15.51
N PHE F 550 16.30 67.08 -15.03
CA PHE F 550 16.98 66.84 -13.76
C PHE F 550 16.31 67.53 -12.62
N TYR F 551 15.10 67.05 -12.32
CA TYR F 551 14.20 67.75 -11.41
C TYR F 551 14.73 67.84 -9.99
N GLY F 552 14.78 69.06 -9.47
CA GLY F 552 15.16 69.29 -8.09
C GLY F 552 16.65 69.35 -7.89
N LEU F 553 17.40 68.97 -8.92
CA LEU F 553 18.85 69.04 -8.88
C LEU F 553 19.27 70.43 -9.32
N GLN F 554 19.83 71.20 -8.39
CA GLN F 554 20.49 72.46 -8.74
C GLN F 554 21.86 72.12 -9.31
N PRO F 555 22.45 73.02 -10.12
CA PRO F 555 23.78 72.77 -10.67
C PRO F 555 24.81 73.05 -9.59
N VAL F 556 25.94 72.34 -9.65
CA VAL F 556 26.91 72.35 -8.56
C VAL F 556 28.30 72.72 -9.04
N ASP F 557 28.80 73.86 -8.55
CA ASP F 557 30.17 74.30 -8.82
C ASP F 557 31.16 73.36 -8.16
N SER F 558 32.40 73.35 -8.63
CA SER F 558 33.36 72.36 -8.13
C SER F 558 34.02 72.78 -6.79
N ASP F 559 33.42 73.71 -6.07
CA ASP F 559 33.76 73.93 -4.66
C ASP F 559 32.55 73.70 -3.75
N LEU F 560 31.46 73.20 -4.35
CA LEU F 560 30.22 72.82 -3.66
C LEU F 560 29.58 74.02 -2.91
N HIS F 561 29.69 75.20 -3.49
CA HIS F 561 28.98 76.38 -2.97
C HIS F 561 27.48 76.11 -3.02
N ALA F 562 27.05 75.43 -4.08
CA ALA F 562 25.64 75.06 -4.24
C ALA F 562 25.04 74.40 -2.99
N PHE F 563 25.84 73.65 -2.23
CA PHE F 563 25.36 72.98 -1.02
C PHE F 563 25.82 73.71 0.21
N ALA F 564 24.88 74.25 0.99
CA ALA F 564 25.25 74.98 2.19
C ALA F 564 25.75 74.00 3.26
N ALA F 565 25.26 72.77 3.23
CA ALA F 565 25.71 71.74 4.15
C ALA F 565 27.19 71.49 3.99
N HIS F 566 27.59 71.34 2.73
CA HIS F 566 28.98 71.07 2.38
C HIS F 566 29.86 72.27 2.74
N GLN F 567 29.33 73.49 2.58
CA GLN F 567 30.08 74.67 2.97
C GLN F 567 30.38 74.66 4.45
N SER F 568 29.42 74.22 5.26
CA SER F 568 29.62 74.10 6.72
C SER F 568 30.65 73.01 7.06
N LEU F 569 30.72 71.98 6.22
CA LEU F 569 31.75 70.93 6.34
C LEU F 569 33.14 71.49 6.06
N LEU F 570 33.29 72.23 4.96
CA LEU F 570 34.59 72.85 4.60
C LEU F 570 35.07 73.92 5.60
N LYS F 571 34.13 74.72 6.09
CA LYS F 571 34.41 75.72 7.13
C LYS F 571 34.93 75.04 8.43
N ALA F 572 34.46 73.82 8.71
CA ALA F 572 34.95 73.01 9.81
C ALA F 572 36.35 72.49 9.51
N TYR F 573 36.61 71.97 8.30
CA TYR F 573 38.02 71.49 8.02
C TYR F 573 39.01 72.60 7.92
N GLU F 574 38.62 73.81 7.49
CA GLU F 574 39.52 74.97 7.57
C GLU F 574 40.11 75.15 8.98
N LYS F 575 39.29 74.95 10.01
CA LYS F 575 39.71 75.07 11.42
C LYS F 575 40.76 74.00 11.77
N LEU F 576 40.70 72.84 11.11
CA LEU F 576 41.71 71.76 11.27
C LEU F 576 43.00 72.02 10.43
N GLN F 577 42.88 72.51 9.19
CA GLN F 577 44.07 72.88 8.37
C GLN F 577 44.94 73.92 9.06
N ARG F 578 44.33 74.97 9.59
CA ARG F 578 45.09 76.03 10.26
C ARG F 578 45.74 75.49 11.56
N ALA F 579 45.06 74.58 12.26
CA ALA F 579 45.61 73.88 13.44
C ALA F 579 46.80 73.00 13.09
N LYS F 580 46.75 72.39 11.91
CA LYS F 580 47.84 71.56 11.38
C LYS F 580 49.08 72.41 11.00
N ALA F 581 48.85 73.55 10.34
CA ALA F 581 49.94 74.50 9.96
C ALA F 581 50.80 75.15 11.12
N SER G 25 -57.01 -67.81 -10.62
CA SER G 25 -58.44 -68.06 -10.22
C SER G 25 -58.56 -69.51 -9.79
N ASP G 26 -58.25 -70.42 -10.72
CA ASP G 26 -58.19 -71.87 -10.44
C ASP G 26 -57.32 -72.15 -9.24
N LEU G 27 -56.24 -71.39 -9.10
CA LEU G 27 -55.29 -71.56 -8.00
C LEU G 27 -55.90 -71.20 -6.67
N GLY G 28 -57.00 -70.44 -6.73
CA GLY G 28 -57.77 -70.05 -5.56
C GLY G 28 -57.51 -68.62 -5.07
N PHE G 29 -57.21 -67.71 -6.01
CA PHE G 29 -56.88 -66.33 -5.68
C PHE G 29 -57.91 -65.41 -6.25
N GLN G 30 -58.48 -64.57 -5.39
CA GLN G 30 -59.40 -63.55 -5.80
C GLN G 30 -58.61 -62.27 -6.06
N ILE G 31 -58.37 -61.98 -7.34
CA ILE G 31 -57.59 -60.81 -7.72
C ILE G 31 -58.51 -59.65 -8.11
N GLU G 32 -58.18 -58.42 -7.68
CA GLU G 32 -58.96 -57.20 -8.03
C GLU G 32 -58.10 -56.17 -8.64
N GLU G 33 -58.65 -55.43 -9.59
CA GLU G 33 -58.02 -54.17 -9.92
C GLU G 33 -58.29 -53.23 -8.73
N ALA G 34 -57.29 -52.38 -8.47
CA ALA G 34 -57.43 -51.15 -7.67
C ALA G 34 -57.47 -49.80 -8.42
N SER G 35 -56.44 -49.42 -9.15
CA SER G 35 -56.41 -48.05 -9.68
C SER G 35 -55.56 -47.88 -10.93
N TRP G 36 -56.19 -47.41 -12.02
CA TRP G 36 -55.49 -47.15 -13.30
C TRP G 36 -54.84 -45.77 -13.33
N LEU G 37 -54.05 -45.56 -14.38
CA LEU G 37 -53.43 -44.29 -14.69
C LEU G 37 -52.99 -44.22 -16.16
N ASN G 38 -53.14 -43.05 -16.76
CA ASN G 38 -52.81 -42.84 -18.17
C ASN G 38 -52.21 -41.45 -18.33
N PRO G 39 -51.25 -41.11 -17.47
CA PRO G 39 -50.69 -39.75 -17.34
C PRO G 39 -50.45 -39.00 -18.65
N VAL G 40 -49.71 -39.62 -19.56
CA VAL G 40 -49.35 -39.02 -20.82
C VAL G 40 -49.74 -40.02 -21.97
N PRO G 41 -49.78 -39.57 -23.26
CA PRO G 41 -50.10 -40.51 -24.34
C PRO G 41 -49.16 -41.70 -24.36
N ASN G 42 -49.68 -42.90 -24.65
CA ASN G 42 -48.83 -44.09 -24.80
C ASN G 42 -48.18 -44.57 -23.52
N VAL G 43 -48.76 -44.25 -22.35
CA VAL G 43 -48.22 -44.67 -21.05
C VAL G 43 -49.36 -44.95 -20.08
N TRP G 44 -49.36 -46.18 -19.54
CA TRP G 44 -50.36 -46.63 -18.57
C TRP G 44 -49.74 -47.36 -17.39
N SER G 45 -50.56 -47.56 -16.37
CA SER G 45 -50.21 -48.42 -15.24
C SER G 45 -51.45 -48.77 -14.45
N VAL G 46 -51.38 -49.88 -13.72
CA VAL G 46 -52.49 -50.36 -12.91
C VAL G 46 -51.95 -51.05 -11.68
N HIS G 47 -52.77 -51.02 -10.61
CA HIS G 47 -52.45 -51.68 -9.35
C HIS G 47 -53.46 -52.81 -9.20
N ILE G 48 -52.95 -54.02 -8.95
CA ILE G 48 -53.75 -55.20 -8.67
C ILE G 48 -53.46 -55.77 -7.29
N ARG G 49 -54.48 -56.34 -6.68
CA ARG G 49 -54.41 -56.75 -5.28
C ARG G 49 -55.14 -58.08 -5.03
N ASP G 50 -54.66 -58.85 -4.05
CA ASP G 50 -55.37 -60.07 -3.56
C ASP G 50 -56.48 -59.63 -2.61
N LYS G 51 -57.72 -59.94 -2.97
CA LYS G 51 -58.87 -59.55 -2.17
C LYS G 51 -58.85 -60.14 -0.76
N GLU G 52 -58.06 -61.17 -0.53
CA GLU G 52 -57.97 -61.84 0.76
C GLU G 52 -56.61 -61.73 1.47
N CYS G 53 -55.63 -61.07 0.85
CA CYS G 53 -54.37 -60.75 1.54
C CYS G 53 -53.84 -59.39 1.06
N ALA G 54 -53.75 -58.44 2.00
CA ALA G 54 -53.38 -57.07 1.64
C ALA G 54 -51.94 -57.00 1.14
N LEU G 55 -51.10 -57.91 1.62
CA LEU G 55 -49.68 -57.89 1.33
C LEU G 55 -49.34 -58.40 -0.07
N CYS G 56 -50.19 -59.25 -0.65
CA CYS G 56 -49.99 -59.73 -2.03
C CYS G 56 -50.59 -58.75 -3.05
N PHE G 57 -49.72 -58.01 -3.77
CA PHE G 57 -50.18 -57.03 -4.77
C PHE G 57 -49.08 -56.71 -5.76
N THR G 58 -49.47 -56.28 -6.95
CA THR G 58 -48.48 -55.90 -7.98
C THR G 58 -48.83 -54.63 -8.71
N ASN G 59 -47.87 -54.13 -9.49
CA ASN G 59 -48.05 -52.95 -10.33
C ASN G 59 -47.63 -53.18 -11.76
N GLY G 60 -48.58 -53.00 -12.67
CA GLY G 60 -48.34 -53.21 -14.09
C GLY G 60 -48.15 -51.90 -14.82
N LYS G 61 -47.39 -51.93 -15.90
CA LYS G 61 -47.08 -50.75 -16.70
C LYS G 61 -46.86 -51.16 -18.15
N GLY G 62 -47.29 -50.32 -19.08
CA GLY G 62 -47.13 -50.63 -20.51
C GLY G 62 -47.61 -49.46 -21.33
N ALA G 63 -47.46 -49.53 -22.66
CA ALA G 63 -47.84 -48.40 -23.50
C ALA G 63 -49.32 -48.39 -23.97
N THR G 64 -50.09 -49.44 -23.63
CA THR G 64 -51.54 -49.55 -23.92
C THR G 64 -52.14 -49.94 -22.57
N LYS G 65 -53.45 -49.80 -22.42
CA LYS G 65 -54.08 -50.21 -21.17
C LYS G 65 -53.88 -51.70 -20.90
N LYS G 66 -54.12 -52.52 -21.91
CA LYS G 66 -53.97 -53.99 -21.76
C LYS G 66 -52.55 -54.37 -21.47
N ALA G 67 -51.61 -53.81 -22.23
CA ALA G 67 -50.18 -54.06 -22.01
C ALA G 67 -49.86 -53.99 -20.52
N ALA G 68 -50.45 -52.98 -19.86
CA ALA G 68 -50.28 -52.72 -18.41
C ALA G 68 -50.96 -53.75 -17.55
N LEU G 69 -52.20 -54.10 -17.87
CA LEU G 69 -52.88 -55.16 -17.12
C LEU G 69 -52.16 -56.51 -17.25
N ALA G 70 -51.68 -56.83 -18.45
CA ALA G 70 -50.92 -58.06 -18.69
C ALA G 70 -49.63 -58.03 -17.91
N SER G 71 -49.04 -56.85 -17.81
CA SER G 71 -47.83 -56.65 -17.00
C SER G 71 -48.11 -56.91 -15.51
N ALA G 72 -49.20 -56.34 -15.01
CA ALA G 72 -49.59 -56.47 -13.60
C ALA G 72 -49.80 -57.92 -13.24
N LEU G 73 -50.45 -58.64 -14.13
CA LEU G 73 -50.73 -60.05 -13.93
C LEU G 73 -49.47 -60.90 -14.06
N GLY G 74 -48.66 -60.59 -15.06
CA GLY G 74 -47.38 -61.28 -15.27
C GLY G 74 -46.49 -61.15 -14.07
N GLU G 75 -46.38 -59.93 -13.54
CA GLU G 75 -45.66 -59.73 -12.28
C GLU G 75 -46.32 -60.48 -11.12
N TYR G 76 -47.64 -60.72 -11.18
CA TYR G 76 -48.30 -61.48 -10.13
C TYR G 76 -47.77 -62.93 -10.11
N PHE G 77 -47.65 -63.55 -11.28
CA PHE G 77 -47.11 -64.91 -11.37
C PHE G 77 -45.60 -64.98 -11.09
N GLU G 78 -44.89 -63.94 -11.53
CA GLU G 78 -43.47 -63.78 -11.24
C GLU G 78 -43.27 -63.92 -9.73
N ARG G 79 -44.13 -63.24 -8.96
CA ARG G 79 -43.95 -63.07 -7.52
C ARG G 79 -44.57 -64.18 -6.68
N LEU G 80 -45.56 -64.88 -7.20
CA LEU G 80 -46.02 -66.09 -6.55
C LEU G 80 -45.09 -67.27 -6.87
N SER G 81 -44.66 -67.36 -8.12
CA SER G 81 -43.77 -68.44 -8.53
C SER G 81 -42.48 -68.42 -7.68
N THR G 82 -41.89 -67.23 -7.54
CA THR G 82 -40.65 -67.08 -6.78
C THR G 82 -40.79 -67.04 -5.25
N ASN G 83 -42.04 -67.02 -4.78
CA ASN G 83 -42.40 -66.82 -3.36
C ASN G 83 -42.08 -65.41 -2.83
N TYR G 84 -41.83 -64.44 -3.72
CA TYR G 84 -41.29 -63.15 -3.28
C TYR G 84 -42.21 -62.36 -2.36
N PHE G 85 -43.52 -62.51 -2.50
CA PHE G 85 -44.45 -61.86 -1.57
C PHE G 85 -44.14 -62.15 -0.09
N PHE G 86 -43.72 -63.38 0.17
CA PHE G 86 -43.54 -63.87 1.54
C PHE G 86 -42.07 -63.73 2.02
N ALA G 87 -41.23 -63.11 1.18
CA ALA G 87 -39.79 -63.09 1.37
C ALA G 87 -39.33 -62.27 2.57
N ASP G 88 -40.20 -61.38 3.07
CA ASP G 88 -39.83 -60.52 4.18
C ASP G 88 -40.37 -60.97 5.52
N PHE G 89 -40.93 -62.19 5.55
CA PHE G 89 -41.71 -62.68 6.71
C PHE G 89 -41.34 -64.07 7.11
N TRP G 90 -41.31 -64.29 8.42
CA TRP G 90 -41.20 -65.62 9.00
C TRP G 90 -42.56 -66.28 8.82
N LEU G 91 -42.57 -67.54 8.41
CA LEU G 91 -43.82 -68.24 8.06
C LEU G 91 -44.38 -69.12 9.19
N GLY G 92 -43.76 -69.01 10.36
CA GLY G 92 -44.30 -69.65 11.55
C GLY G 92 -43.79 -71.05 11.69
N GLU G 93 -44.01 -71.62 12.88
CA GLU G 93 -43.37 -72.85 13.30
C GLU G 93 -43.88 -74.07 12.58
N THR G 94 -45.17 -74.07 12.24
CA THR G 94 -45.74 -75.21 11.50
C THR G 94 -45.12 -75.38 10.11
N ILE G 95 -45.15 -74.30 9.32
CA ILE G 95 -44.61 -74.29 7.94
C ILE G 95 -43.13 -74.58 7.95
N ALA G 96 -42.46 -74.00 8.96
CA ALA G 96 -41.00 -74.15 9.17
C ALA G 96 -40.56 -75.57 9.44
N ASN G 97 -41.45 -76.34 10.06
CA ASN G 97 -41.20 -77.76 10.35
C ASN G 97 -42.01 -78.70 9.47
N GLY G 98 -42.51 -78.20 8.34
CA GLY G 98 -43.35 -79.00 7.43
C GLY G 98 -42.52 -79.81 6.46
N PRO G 99 -43.19 -80.60 5.57
CA PRO G 99 -42.49 -81.41 4.56
C PRO G 99 -41.46 -80.59 3.78
N PHE G 100 -41.90 -79.51 3.13
CA PHE G 100 -40.98 -78.54 2.52
C PHE G 100 -41.46 -77.13 2.87
N VAL G 101 -40.52 -76.18 2.98
CA VAL G 101 -40.84 -74.79 3.31
C VAL G 101 -41.01 -73.98 2.01
N HIS G 102 -39.96 -73.96 1.20
CA HIS G 102 -39.90 -73.14 -0.02
C HIS G 102 -40.38 -73.83 -1.29
N TYR G 103 -39.67 -74.87 -1.70
CA TYR G 103 -40.13 -75.76 -2.78
C TYR G 103 -39.83 -77.20 -2.41
N PRO G 104 -40.57 -78.15 -2.99
CA PRO G 104 -40.33 -79.58 -2.80
C PRO G 104 -38.92 -79.97 -3.17
N ASN G 105 -38.39 -79.39 -4.24
CA ASN G 105 -37.03 -79.73 -4.70
C ASN G 105 -35.93 -78.99 -3.96
N GLU G 106 -36.27 -78.28 -2.88
CA GLU G 106 -35.28 -77.60 -2.03
C GLU G 106 -34.40 -78.65 -1.38
N LYS G 107 -33.38 -78.23 -0.66
CA LYS G 107 -32.49 -79.17 -0.05
C LYS G 107 -31.90 -78.55 1.23
N TRP G 108 -31.93 -79.32 2.31
CA TRP G 108 -31.48 -78.82 3.62
C TRP G 108 -30.11 -79.38 4.06
N PHE G 109 -29.18 -78.50 4.37
CA PHE G 109 -27.83 -78.88 4.70
C PHE G 109 -27.57 -78.57 6.16
N PRO G 110 -27.50 -79.60 7.04
CA PRO G 110 -27.33 -79.32 8.49
C PRO G 110 -26.04 -78.58 8.79
N LEU G 111 -26.04 -77.78 9.86
CA LEU G 111 -24.84 -77.05 10.22
C LEU G 111 -23.75 -78.02 10.66
N THR G 112 -22.51 -77.65 10.40
CA THR G 112 -21.36 -78.51 10.69
C THR G 112 -20.82 -78.17 12.08
N GLU G 113 -19.94 -79.00 12.60
CA GLU G 113 -19.50 -78.86 14.00
C GLU G 113 -18.56 -77.67 14.27
N ASN G 114 -17.83 -77.23 13.27
CA ASN G 114 -17.03 -75.99 13.36
C ASN G 114 -17.75 -74.81 12.68
N ASP G 115 -18.96 -75.06 12.21
CA ASP G 115 -19.83 -74.08 11.55
C ASP G 115 -19.28 -73.48 10.25
N ASP G 116 -18.65 -74.31 9.43
CA ASP G 116 -18.32 -73.93 8.06
C ASP G 116 -19.58 -73.98 7.22
N VAL G 117 -19.51 -73.50 5.99
CA VAL G 117 -20.63 -73.61 5.06
C VAL G 117 -20.58 -74.99 4.44
N PRO G 118 -21.59 -75.84 4.71
CA PRO G 118 -21.58 -77.24 4.23
C PRO G 118 -21.15 -77.41 2.76
N GLU G 119 -20.60 -78.58 2.44
CA GLU G 119 -19.94 -78.75 1.16
C GLU G 119 -20.86 -78.82 -0.05
N GLY G 120 -22.05 -79.41 0.06
CA GLY G 120 -22.96 -79.49 -1.10
C GLY G 120 -23.53 -78.16 -1.58
N LEU G 121 -23.27 -77.08 -0.84
CA LEU G 121 -23.83 -75.77 -1.13
C LEU G 121 -22.93 -74.98 -2.04
N LEU G 122 -23.54 -74.04 -2.76
CA LEU G 122 -22.82 -73.14 -3.66
C LEU G 122 -22.00 -73.98 -4.62
N ASP G 123 -21.07 -73.33 -5.30
CA ASP G 123 -20.00 -73.99 -6.00
C ASP G 123 -18.71 -73.24 -5.64
N ASP G 124 -17.67 -73.37 -6.47
CA ASP G 124 -16.35 -72.83 -6.11
C ASP G 124 -16.22 -71.34 -6.42
N ARG G 125 -16.76 -70.92 -7.56
CA ARG G 125 -16.73 -69.50 -7.98
C ARG G 125 -17.58 -68.63 -7.09
N LEU G 126 -18.74 -69.16 -6.73
CA LEU G 126 -19.64 -68.51 -5.79
C LEU G 126 -18.97 -68.33 -4.44
N ARG G 127 -18.42 -69.40 -3.87
CA ARG G 127 -17.73 -69.32 -2.59
C ARG G 127 -16.67 -68.24 -2.59
N ALA G 128 -16.00 -68.07 -3.72
CA ALA G 128 -14.92 -67.09 -3.87
C ALA G 128 -15.47 -65.67 -3.88
N PHE G 129 -16.63 -65.51 -4.53
CA PHE G 129 -17.28 -64.22 -4.67
C PHE G 129 -17.94 -63.75 -3.38
N TYR G 130 -18.81 -64.59 -2.81
CA TYR G 130 -19.55 -64.26 -1.57
C TYR G 130 -18.64 -64.21 -0.35
N ASP G 131 -17.64 -65.06 -0.33
CA ASP G 131 -16.82 -65.19 0.85
C ASP G 131 -15.32 -65.34 0.52
N PRO G 132 -14.71 -64.28 -0.02
CA PRO G 132 -13.29 -64.40 -0.41
C PRO G 132 -12.37 -64.75 0.78
N GLU G 133 -12.64 -64.21 1.96
CA GLU G 133 -11.75 -64.41 3.11
C GLU G 133 -11.97 -65.77 3.76
N ASN G 134 -12.93 -66.54 3.27
CA ASN G 134 -13.28 -67.84 3.84
C ASN G 134 -13.73 -67.79 5.32
N GLU G 135 -14.37 -66.70 5.73
CA GLU G 135 -14.82 -66.51 7.11
C GLU G 135 -16.33 -66.67 7.33
N LEU G 136 -17.06 -66.94 6.25
CA LEU G 136 -18.51 -67.01 6.30
C LEU G 136 -18.91 -68.25 7.07
N THR G 137 -19.76 -68.09 8.08
CA THR G 137 -20.19 -69.25 8.89
C THR G 137 -21.54 -69.78 8.40
N GLY G 138 -21.87 -71.02 8.73
CA GLY G 138 -23.08 -71.65 8.23
C GLY G 138 -24.36 -71.16 8.89
N SER G 139 -24.27 -70.88 10.18
CA SER G 139 -25.39 -70.39 10.96
C SER G 139 -25.86 -68.98 10.52
N MET G 140 -24.99 -68.21 9.88
CA MET G 140 -25.40 -66.94 9.26
C MET G 140 -26.33 -67.11 8.07
N LEU G 141 -26.42 -68.33 7.52
CA LEU G 141 -27.15 -68.57 6.27
C LEU G 141 -28.50 -69.26 6.47
N ILE G 142 -29.05 -69.15 7.68
CA ILE G 142 -30.37 -69.73 7.96
C ILE G 142 -31.47 -68.84 7.37
N ASP G 143 -32.24 -69.42 6.44
CA ASP G 143 -33.30 -68.65 5.78
C ASP G 143 -34.27 -68.02 6.79
N LEU G 144 -34.88 -66.92 6.40
CA LEU G 144 -35.73 -66.17 7.30
C LEU G 144 -37.08 -66.87 7.48
N GLN G 145 -37.63 -67.31 6.36
CA GLN G 145 -38.97 -67.90 6.32
C GLN G 145 -39.20 -69.03 7.32
N SER G 146 -38.18 -69.86 7.51
CA SER G 146 -38.27 -70.98 8.43
C SER G 146 -37.69 -70.61 9.79
N GLY G 147 -36.56 -69.92 9.76
CA GLY G 147 -35.79 -69.66 10.97
C GLY G 147 -35.41 -70.92 11.70
N ASN G 148 -35.23 -72.00 10.93
CA ASN G 148 -35.12 -73.33 11.50
C ASN G 148 -33.67 -73.83 11.55
N GLU G 149 -32.92 -73.28 12.50
CA GLU G 149 -31.50 -73.60 12.65
C GLU G 149 -31.24 -75.10 12.77
N ASP G 150 -32.10 -75.80 13.52
CA ASP G 150 -31.92 -77.24 13.73
C ASP G 150 -32.07 -78.03 12.42
N ARG G 151 -33.00 -77.63 11.55
CA ARG G 151 -33.14 -78.26 10.23
C ARG G 151 -31.99 -77.89 9.29
N GLY G 152 -31.43 -76.71 9.49
CA GLY G 152 -30.24 -76.29 8.77
C GLY G 152 -30.48 -75.25 7.66
N ILE G 153 -29.52 -75.18 6.76
CA ILE G 153 -29.49 -74.17 5.73
C ILE G 153 -30.33 -74.63 4.55
N CYS G 154 -31.44 -73.96 4.30
CA CYS G 154 -32.20 -74.28 3.10
C CYS G 154 -31.47 -73.71 1.92
N GLY G 155 -31.30 -74.57 0.92
CA GLY G 155 -30.69 -74.19 -0.35
C GLY G 155 -31.60 -74.52 -1.51
N LEU G 156 -31.68 -73.59 -2.46
CA LEU G 156 -32.54 -73.76 -3.63
C LEU G 156 -31.74 -74.15 -4.86
N PRO G 157 -32.34 -74.97 -5.74
CA PRO G 157 -31.67 -75.46 -6.89
C PRO G 157 -31.65 -74.41 -8.01
N PHE G 158 -30.49 -74.24 -8.62
CA PHE G 158 -30.32 -73.40 -9.81
C PHE G 158 -29.47 -74.12 -10.86
N THR G 159 -29.92 -74.13 -12.11
CA THR G 159 -29.17 -74.71 -13.18
C THR G 159 -28.07 -73.77 -13.61
N ARG G 160 -26.85 -74.10 -13.23
CA ARG G 160 -25.67 -73.41 -13.76
C ARG G 160 -25.61 -73.59 -15.27
N GLN G 161 -25.45 -72.51 -16.00
CA GLN G 161 -25.79 -72.51 -17.42
C GLN G 161 -24.69 -72.93 -18.37
N SER G 162 -23.43 -72.69 -18.02
CA SER G 162 -22.30 -73.15 -18.86
C SER G 162 -22.24 -74.69 -19.03
N ASP G 163 -22.37 -75.43 -17.92
CA ASP G 163 -22.30 -76.90 -17.92
C ASP G 163 -23.61 -77.61 -17.51
N ASN G 164 -24.73 -76.88 -17.54
CA ASN G 164 -26.06 -77.41 -17.19
C ASN G 164 -26.20 -78.20 -15.89
N GLN G 165 -25.33 -77.95 -14.92
CA GLN G 165 -25.39 -78.63 -13.64
C GLN G 165 -26.20 -77.88 -12.62
N THR G 166 -26.81 -78.62 -11.70
CA THR G 166 -27.55 -78.05 -10.60
C THR G 166 -26.57 -77.55 -9.53
N VAL G 167 -26.87 -76.36 -9.01
CA VAL G 167 -26.13 -75.76 -7.91
C VAL G 167 -27.11 -75.31 -6.83
N TYR G 168 -26.81 -75.60 -5.58
CA TYR G 168 -27.69 -75.24 -4.47
C TYR G 168 -27.24 -73.93 -3.87
N ILE G 169 -28.09 -72.91 -3.93
CA ILE G 169 -27.78 -71.61 -3.35
C ILE G 169 -28.67 -71.38 -2.13
N PRO G 170 -28.08 -71.01 -0.97
CA PRO G 170 -28.87 -70.84 0.23
C PRO G 170 -29.90 -69.76 0.05
N MET G 171 -31.11 -70.01 0.53
CA MET G 171 -32.18 -69.07 0.35
C MET G 171 -31.78 -67.74 1.00
N ASN G 172 -31.11 -67.83 2.14
CA ASN G 172 -30.60 -66.65 2.80
C ASN G 172 -29.82 -65.73 1.83
N ILE G 173 -28.91 -66.30 1.05
CA ILE G 173 -28.08 -65.51 0.13
C ILE G 173 -28.92 -64.90 -0.99
N ILE G 174 -29.73 -65.75 -1.62
CA ILE G 174 -30.60 -65.33 -2.71
C ILE G 174 -31.33 -64.08 -2.29
N GLY G 175 -31.98 -64.19 -1.13
CA GLY G 175 -32.95 -63.18 -0.67
C GLY G 175 -32.37 -61.89 -0.17
N ASN G 176 -31.18 -61.97 0.42
CA ASN G 176 -30.50 -60.80 0.95
C ASN G 176 -29.81 -59.94 -0.07
N LEU G 177 -29.29 -60.57 -1.11
CA LEU G 177 -28.44 -59.87 -2.10
C LEU G 177 -29.07 -59.68 -3.47
N TYR G 178 -30.06 -60.49 -3.83
CA TYR G 178 -30.61 -60.41 -5.18
C TYR G 178 -32.02 -59.91 -5.18
N VAL G 179 -32.73 -60.17 -4.08
CA VAL G 179 -34.13 -59.75 -3.96
C VAL G 179 -34.96 -59.98 -5.25
N SER G 180 -35.76 -58.99 -5.63
CA SER G 180 -36.62 -59.11 -6.80
C SER G 180 -35.89 -58.87 -8.14
N ASN G 181 -34.56 -59.00 -8.17
CA ASN G 181 -33.82 -58.73 -9.42
C ASN G 181 -33.52 -59.98 -10.25
N GLY G 182 -33.93 -59.86 -11.53
CA GLY G 182 -33.75 -60.92 -12.48
C GLY G 182 -34.83 -61.96 -12.39
N MET G 183 -35.95 -61.64 -11.74
CA MET G 183 -37.12 -62.50 -11.79
C MET G 183 -37.98 -62.11 -12.98
N SER G 184 -38.67 -63.11 -13.49
CA SER G 184 -39.58 -62.88 -14.57
C SER G 184 -40.57 -63.99 -14.69
N ALA G 185 -41.66 -63.68 -15.37
CA ALA G 185 -42.67 -64.66 -15.78
C ALA G 185 -43.00 -64.36 -17.22
N GLY G 186 -43.51 -65.35 -17.95
CA GLY G 186 -43.80 -65.14 -19.37
C GLY G 186 -44.75 -66.13 -20.02
N ASN G 187 -45.06 -65.84 -21.27
CA ASN G 187 -45.87 -66.73 -22.10
C ASN G 187 -45.11 -68.00 -22.49
N THR G 188 -43.78 -67.91 -22.53
CA THR G 188 -42.93 -69.04 -22.91
C THR G 188 -41.72 -69.03 -22.01
N ARG G 189 -41.04 -70.17 -21.92
CA ARG G 189 -39.77 -70.27 -21.21
C ARG G 189 -38.81 -69.15 -21.64
N ASN G 190 -38.60 -69.01 -22.94
CA ASN G 190 -37.63 -68.07 -23.44
C ASN G 190 -38.02 -66.61 -23.32
N GLU G 191 -39.29 -66.30 -23.54
CA GLU G 191 -39.79 -64.93 -23.38
C GLU G 191 -39.45 -64.43 -21.98
N ALA G 192 -39.78 -65.25 -20.97
CA ALA G 192 -39.51 -64.92 -19.56
C ALA G 192 -38.02 -64.76 -19.28
N ARG G 193 -37.19 -65.64 -19.82
CA ARG G 193 -35.76 -65.56 -19.59
C ARG G 193 -35.11 -64.35 -20.27
N VAL G 194 -35.58 -64.00 -21.45
CA VAL G 194 -35.10 -62.79 -22.09
C VAL G 194 -35.50 -61.55 -21.28
N GLN G 195 -36.74 -61.51 -20.76
CA GLN G 195 -37.17 -60.38 -19.92
C GLN G 195 -36.26 -60.30 -18.71
N GLY G 196 -36.12 -61.41 -18.00
CA GLY G 196 -35.25 -61.48 -16.79
C GLY G 196 -33.75 -61.18 -16.99
N LEU G 197 -33.17 -61.64 -18.08
CA LEU G 197 -31.76 -61.40 -18.36
C LEU G 197 -31.55 -59.95 -18.74
N SER G 198 -32.52 -59.40 -19.46
CA SER G 198 -32.52 -57.98 -19.77
C SER G 198 -32.62 -57.16 -18.47
N GLU G 199 -33.54 -57.55 -17.56
CA GLU G 199 -33.65 -56.92 -16.22
C GLU G 199 -32.27 -56.89 -15.54
N VAL G 200 -31.44 -57.90 -15.77
CA VAL G 200 -30.10 -57.94 -15.17
C VAL G 200 -29.20 -56.91 -15.79
N PHE G 201 -29.23 -56.79 -17.12
CA PHE G 201 -28.46 -55.75 -17.81
C PHE G 201 -28.90 -54.34 -17.45
N GLU G 202 -30.21 -54.08 -17.44
CA GLU G 202 -30.81 -52.81 -17.01
C GLU G 202 -30.08 -52.36 -15.75
N ARG G 203 -30.14 -53.18 -14.72
CA ARG G 203 -29.65 -52.79 -13.40
C ARG G 203 -28.12 -52.78 -13.23
N TYR G 204 -27.41 -53.67 -13.92
CA TYR G 204 -25.94 -53.68 -13.87
C TYR G 204 -25.35 -52.47 -14.61
N VAL G 205 -25.84 -52.22 -15.82
CA VAL G 205 -25.36 -51.09 -16.64
C VAL G 205 -25.72 -49.79 -15.97
N LYS G 206 -26.96 -49.69 -15.51
CA LYS G 206 -27.39 -48.54 -14.70
C LYS G 206 -26.36 -48.20 -13.62
N ASN G 207 -26.08 -49.18 -12.77
CA ASN G 207 -25.13 -48.98 -11.68
C ASN G 207 -23.73 -48.53 -12.11
N ARG G 208 -23.37 -48.78 -13.36
CA ARG G 208 -22.06 -48.37 -13.87
C ARG G 208 -22.16 -46.95 -14.35
N ILE G 209 -23.15 -46.72 -15.19
CA ILE G 209 -23.39 -45.40 -15.73
C ILE G 209 -23.42 -44.38 -14.60
N ILE G 210 -24.08 -44.78 -13.49
CA ILE G 210 -24.29 -43.90 -12.34
C ILE G 210 -23.03 -43.81 -11.54
N ALA G 211 -22.59 -44.96 -10.99
CA ALA G 211 -21.46 -44.95 -10.08
C ALA G 211 -20.18 -44.40 -10.70
N GLU G 212 -19.96 -44.69 -11.97
CA GLU G 212 -18.76 -44.22 -12.66
C GLU G 212 -18.94 -42.83 -13.29
N SER G 213 -20.10 -42.20 -13.06
CA SER G 213 -20.36 -40.82 -13.49
C SER G 213 -20.12 -40.65 -14.98
N ILE G 214 -20.77 -41.50 -15.77
CA ILE G 214 -20.50 -41.59 -17.20
C ILE G 214 -21.36 -40.58 -17.93
N SER G 215 -20.80 -39.93 -18.96
CA SER G 215 -21.56 -39.14 -19.93
C SER G 215 -21.98 -40.00 -21.09
N LEU G 216 -23.28 -40.12 -21.28
CA LEU G 216 -23.81 -40.94 -22.34
C LEU G 216 -24.01 -40.07 -23.57
N PRO G 217 -24.10 -40.72 -24.75
CA PRO G 217 -24.44 -40.10 -26.02
C PRO G 217 -25.94 -40.04 -26.33
N GLU G 218 -26.42 -38.88 -26.75
CA GLU G 218 -27.83 -38.80 -27.04
C GLU G 218 -28.25 -39.73 -28.12
N ILE G 219 -29.53 -40.06 -28.14
CA ILE G 219 -30.10 -40.80 -29.24
C ILE G 219 -30.44 -39.76 -30.30
N PRO G 220 -29.89 -39.88 -31.51
CA PRO G 220 -30.27 -38.99 -32.61
C PRO G 220 -31.79 -38.88 -32.85
N ALA G 221 -32.23 -37.73 -33.36
CA ALA G 221 -33.66 -37.45 -33.56
C ALA G 221 -34.32 -38.37 -34.60
N ASP G 222 -33.61 -38.61 -35.69
CA ASP G 222 -34.09 -39.50 -36.76
C ASP G 222 -34.22 -40.96 -36.31
N VAL G 223 -33.46 -41.35 -35.30
CA VAL G 223 -33.58 -42.69 -34.69
C VAL G 223 -34.83 -42.76 -33.80
N LEU G 224 -35.05 -41.72 -33.00
CA LEU G 224 -36.25 -41.63 -32.16
C LEU G 224 -37.50 -41.64 -33.03
N ALA G 225 -37.37 -41.06 -34.24
CA ALA G 225 -38.46 -40.90 -35.20
C ALA G 225 -39.10 -42.24 -35.56
N ARG G 226 -38.28 -43.28 -35.55
CA ARG G 226 -38.75 -44.65 -35.75
C ARG G 226 -39.87 -45.06 -34.81
N TYR G 227 -39.90 -44.49 -33.62
CA TYR G 227 -40.84 -44.89 -32.59
C TYR G 227 -41.73 -43.69 -32.21
N PRO G 228 -42.68 -43.32 -33.09
CA PRO G 228 -43.51 -42.13 -32.89
C PRO G 228 -44.35 -42.11 -31.60
N ALA G 229 -44.81 -43.28 -31.18
CA ALA G 229 -45.62 -43.42 -29.97
C ALA G 229 -44.84 -43.03 -28.71
N VAL G 230 -43.54 -43.27 -28.71
CA VAL G 230 -42.71 -42.79 -27.59
C VAL G 230 -42.32 -41.31 -27.78
N VAL G 231 -41.92 -40.91 -29.00
CA VAL G 231 -41.79 -39.48 -29.38
C VAL G 231 -42.98 -38.61 -28.92
N GLU G 232 -44.19 -39.14 -29.03
CA GLU G 232 -45.39 -38.46 -28.58
C GLU G 232 -45.41 -38.34 -27.06
N ALA G 233 -45.07 -39.41 -26.36
CA ALA G 233 -45.01 -39.40 -24.89
C ALA G 233 -43.97 -38.39 -24.41
N ILE G 234 -42.89 -38.22 -25.17
CA ILE G 234 -41.83 -37.24 -24.83
C ILE G 234 -42.20 -35.81 -25.16
N GLU G 235 -42.82 -35.59 -26.33
CA GLU G 235 -43.26 -34.24 -26.72
C GLU G 235 -44.29 -33.74 -25.69
N THR G 236 -45.15 -34.64 -25.19
CA THR G 236 -46.13 -34.26 -24.18
C THR G 236 -45.45 -33.87 -22.88
N LEU G 237 -44.53 -34.71 -22.39
CA LEU G 237 -43.78 -34.40 -21.17
C LEU G 237 -42.98 -33.10 -21.31
N GLU G 238 -42.47 -32.85 -22.50
CA GLU G 238 -41.62 -31.68 -22.72
C GLU G 238 -42.43 -30.39 -22.76
N ALA G 239 -43.56 -30.44 -23.46
CA ALA G 239 -44.50 -29.32 -23.51
C ALA G 239 -45.15 -29.11 -22.15
N GLU G 240 -45.37 -30.19 -21.42
CA GLU G 240 -45.86 -30.12 -20.03
C GLU G 240 -44.87 -29.43 -19.07
N GLY G 241 -43.69 -29.03 -19.56
CA GLY G 241 -42.68 -28.34 -18.76
C GLY G 241 -41.50 -29.16 -18.24
N PHE G 242 -41.31 -30.38 -18.75
CA PHE G 242 -40.27 -31.28 -18.26
C PHE G 242 -39.25 -31.59 -19.35
N PRO G 243 -38.07 -30.96 -19.30
CA PRO G 243 -37.03 -31.35 -20.25
C PRO G 243 -36.75 -32.85 -20.17
N ILE G 244 -36.59 -33.49 -21.32
CA ILE G 244 -36.23 -34.93 -21.42
C ILE G 244 -34.88 -35.08 -22.11
N PHE G 245 -34.10 -36.09 -21.67
CA PHE G 245 -32.88 -36.53 -22.36
C PHE G 245 -33.00 -38.01 -22.67
N ALA G 246 -32.85 -38.39 -23.93
CA ALA G 246 -32.84 -39.79 -24.29
C ALA G 246 -31.39 -40.18 -24.61
N TYR G 247 -30.97 -41.34 -24.11
CA TYR G 247 -29.55 -41.72 -24.18
C TYR G 247 -29.35 -43.19 -24.62
N ASP G 248 -28.21 -43.45 -25.25
CA ASP G 248 -27.80 -44.80 -25.57
C ASP G 248 -26.97 -45.31 -24.38
N GLY G 249 -27.55 -46.26 -23.65
CA GLY G 249 -26.89 -46.84 -22.49
C GLY G 249 -26.09 -48.09 -22.80
N SER G 250 -25.86 -48.36 -24.08
CA SER G 250 -25.12 -49.53 -24.53
C SER G 250 -23.63 -49.49 -24.20
N LEU G 251 -23.08 -48.30 -23.92
CA LEU G 251 -21.65 -48.15 -23.59
C LEU G 251 -20.81 -48.57 -24.77
N GLY G 252 -21.12 -47.96 -25.91
CA GLY G 252 -20.45 -48.30 -27.18
C GLY G 252 -20.91 -49.64 -27.72
N GLY G 253 -22.21 -49.87 -27.76
CA GLY G 253 -22.77 -51.06 -28.38
C GLY G 253 -22.68 -52.38 -27.62
N GLN G 254 -22.09 -52.39 -26.43
CA GLN G 254 -21.94 -53.62 -25.66
C GLN G 254 -23.22 -54.21 -25.07
N TYR G 255 -24.02 -53.38 -24.44
CA TYR G 255 -25.21 -53.87 -23.75
C TYR G 255 -26.48 -53.27 -24.31
N PRO G 256 -27.60 -53.97 -24.16
CA PRO G 256 -28.84 -53.54 -24.78
C PRO G 256 -29.66 -52.65 -23.81
N VAL G 257 -29.09 -51.49 -23.49
CA VAL G 257 -29.64 -50.60 -22.46
C VAL G 257 -29.86 -49.17 -22.98
N ILE G 258 -31.10 -48.70 -22.82
CA ILE G 258 -31.46 -47.29 -23.04
C ILE G 258 -31.65 -46.59 -21.70
N CYS G 259 -31.25 -45.32 -21.65
CA CYS G 259 -31.42 -44.51 -20.44
C CYS G 259 -32.09 -43.20 -20.83
N VAL G 260 -33.12 -42.81 -20.08
CA VAL G 260 -33.87 -41.61 -20.38
C VAL G 260 -34.07 -40.84 -19.11
N VAL G 261 -33.69 -39.56 -19.12
CA VAL G 261 -33.68 -38.75 -17.92
C VAL G 261 -34.64 -37.60 -18.04
N LEU G 262 -35.45 -37.43 -17.02
CA LEU G 262 -36.37 -36.31 -16.91
C LEU G 262 -35.81 -35.23 -15.99
N PHE G 263 -35.97 -33.97 -16.39
CA PHE G 263 -35.69 -32.82 -15.54
C PHE G 263 -37.00 -32.22 -15.01
N ASN G 264 -36.99 -31.77 -13.75
CA ASN G 264 -38.08 -30.98 -13.21
C ASN G 264 -37.55 -29.61 -12.78
N PRO G 265 -37.59 -28.63 -13.70
CA PRO G 265 -37.06 -27.29 -13.42
C PRO G 265 -37.68 -26.57 -12.21
N ALA G 266 -38.95 -26.86 -11.94
CA ALA G 266 -39.65 -26.34 -10.78
C ALA G 266 -38.96 -26.65 -9.45
N ASN G 267 -38.44 -27.87 -9.31
CA ASN G 267 -37.75 -28.28 -8.12
C ASN G 267 -36.24 -28.38 -8.23
N GLY G 268 -35.75 -28.17 -9.46
CA GLY G 268 -34.33 -28.30 -9.81
C GLY G 268 -33.79 -29.72 -9.70
N THR G 269 -34.65 -30.72 -9.88
CA THR G 269 -34.27 -32.11 -9.70
C THR G 269 -34.33 -32.85 -11.01
N CYS G 270 -33.69 -34.02 -11.03
CA CYS G 270 -33.75 -34.93 -12.18
C CYS G 270 -34.15 -36.32 -11.74
N PHE G 271 -34.67 -37.09 -12.69
CA PHE G 271 -35.07 -38.49 -12.46
C PHE G 271 -34.62 -39.36 -13.65
N ALA G 272 -33.69 -40.26 -13.39
CA ALA G 272 -33.12 -41.14 -14.42
C ALA G 272 -33.80 -42.50 -14.47
N SER G 273 -34.40 -42.82 -15.60
CA SER G 273 -34.88 -44.16 -15.86
C SER G 273 -33.99 -44.95 -16.82
N PHE G 274 -33.99 -46.27 -16.64
CA PHE G 274 -33.22 -47.19 -17.44
C PHE G 274 -34.10 -48.38 -17.88
N GLY G 275 -33.64 -49.07 -18.90
CA GLY G 275 -34.43 -50.14 -19.46
C GLY G 275 -33.62 -50.93 -20.44
N ALA G 276 -33.90 -52.23 -20.51
CA ALA G 276 -33.15 -53.09 -21.40
C ALA G 276 -34.04 -54.10 -22.10
N HIS G 277 -33.75 -54.31 -23.37
CA HIS G 277 -34.36 -55.39 -24.16
C HIS G 277 -33.56 -55.55 -25.45
N PRO G 278 -33.51 -56.76 -26.02
CA PRO G 278 -32.62 -56.96 -27.16
C PRO G 278 -32.97 -56.04 -28.33
N ASP G 279 -34.26 -55.77 -28.47
CA ASP G 279 -34.73 -54.86 -29.49
C ASP G 279 -34.70 -53.44 -28.98
N PHE G 280 -33.85 -52.61 -29.59
CA PHE G 280 -33.71 -51.16 -29.29
C PHE G 280 -35.02 -50.43 -28.96
N GLY G 281 -36.02 -50.62 -29.82
CA GLY G 281 -37.30 -49.94 -29.71
C GLY G 281 -38.09 -50.35 -28.49
N VAL G 282 -38.08 -51.64 -28.18
CA VAL G 282 -38.78 -52.12 -26.98
C VAL G 282 -38.10 -51.54 -25.76
N ALA G 283 -36.77 -51.54 -25.76
CA ALA G 283 -36.02 -51.02 -24.65
C ALA G 283 -36.30 -49.54 -24.45
N LEU G 284 -36.44 -48.79 -25.54
CA LEU G 284 -36.70 -47.34 -25.48
C LEU G 284 -38.04 -47.09 -24.79
N GLU G 285 -39.07 -47.76 -25.26
CA GLU G 285 -40.39 -47.64 -24.68
C GLU G 285 -40.45 -48.09 -23.20
N ARG G 286 -39.80 -49.21 -22.89
CA ARG G 286 -39.73 -49.70 -21.50
C ARG G 286 -39.14 -48.62 -20.57
N THR G 287 -38.07 -47.95 -21.01
CA THR G 287 -37.44 -46.89 -20.23
C THR G 287 -38.39 -45.71 -20.04
N VAL G 288 -39.05 -45.28 -21.11
CA VAL G 288 -40.03 -44.20 -21.06
C VAL G 288 -41.32 -44.66 -20.34
N ASP G 301 -41.76 -34.89 -8.25
CA ASP G 301 -41.41 -33.93 -7.21
C ASP G 301 -40.54 -34.55 -6.09
N VAL G 302 -40.53 -35.88 -5.97
CA VAL G 302 -39.92 -36.55 -4.81
C VAL G 302 -38.46 -36.92 -5.07
N PHE G 303 -37.80 -36.11 -5.89
CA PHE G 303 -36.49 -36.43 -6.51
C PHE G 303 -35.34 -35.64 -5.91
N THR G 304 -34.15 -35.89 -6.45
CA THR G 304 -32.93 -35.25 -5.99
C THR G 304 -32.23 -34.54 -7.14
N PRO G 305 -31.61 -33.37 -6.86
CA PRO G 305 -30.88 -32.69 -7.93
C PRO G 305 -29.56 -33.40 -8.24
N PRO G 306 -29.02 -33.14 -9.44
CA PRO G 306 -27.75 -33.73 -9.86
C PRO G 306 -26.66 -33.20 -8.97
N THR G 307 -25.47 -33.77 -9.08
CA THR G 307 -24.39 -33.46 -8.16
C THR G 307 -23.06 -33.65 -8.84
N PHE G 308 -22.06 -32.87 -8.44
CA PHE G 308 -20.69 -33.11 -8.86
C PHE G 308 -19.92 -34.02 -7.89
N ASP G 309 -20.61 -34.70 -6.95
CA ASP G 309 -19.91 -35.48 -5.95
C ASP G 309 -19.61 -36.85 -6.50
N ASP G 310 -18.47 -36.96 -7.16
CA ASP G 310 -17.97 -38.22 -7.64
C ASP G 310 -18.11 -39.39 -6.66
N GLU G 311 -17.86 -39.16 -5.37
CA GLU G 311 -17.86 -40.23 -4.35
C GLU G 311 -19.24 -40.58 -3.77
N GLU G 312 -20.11 -39.60 -3.59
CA GLU G 312 -21.43 -39.87 -3.03
C GLU G 312 -22.35 -40.58 -4.01
N VAL G 313 -22.14 -40.36 -5.31
CA VAL G 313 -22.90 -41.01 -6.37
C VAL G 313 -22.58 -42.50 -6.39
N ALA G 314 -21.30 -42.82 -6.31
CA ALA G 314 -20.82 -44.21 -6.35
C ALA G 314 -21.16 -45.03 -5.11
N GLU G 315 -21.38 -44.39 -3.97
CA GLU G 315 -21.66 -45.09 -2.71
C GLU G 315 -22.75 -46.15 -2.87
N HIS G 316 -22.54 -47.34 -2.29
CA HIS G 316 -23.47 -48.47 -2.50
C HIS G 316 -24.88 -48.13 -2.04
N THR G 317 -25.00 -47.33 -0.98
CA THR G 317 -26.32 -46.86 -0.49
C THR G 317 -27.06 -45.99 -1.50
N ASN G 318 -26.36 -45.33 -2.41
CA ASN G 318 -27.00 -44.53 -3.47
C ASN G 318 -27.65 -45.41 -4.54
N LEU G 319 -26.91 -46.44 -4.94
CA LEU G 319 -27.38 -47.35 -5.94
C LEU G 319 -28.48 -48.23 -5.35
N GLU G 320 -28.34 -48.60 -4.08
CA GLU G 320 -29.36 -49.37 -3.35
C GLU G 320 -30.67 -48.61 -3.33
N THR G 321 -30.60 -47.28 -3.17
CA THR G 321 -31.80 -46.42 -3.25
C THR G 321 -32.39 -46.48 -4.64
N HIS G 322 -31.61 -46.07 -5.65
CA HIS G 322 -32.04 -46.13 -7.05
C HIS G 322 -32.87 -47.40 -7.41
N PHE G 323 -32.52 -48.54 -6.81
CA PHE G 323 -33.24 -49.78 -7.03
C PHE G 323 -34.63 -49.75 -6.40
N ILE G 324 -34.75 -49.31 -5.14
CA ILE G 324 -36.03 -49.33 -4.40
C ILE G 324 -37.07 -48.37 -5.02
N ASP G 325 -36.67 -47.12 -5.15
CA ASP G 325 -37.37 -46.09 -5.91
C ASP G 325 -36.24 -45.34 -6.57
N SER G 326 -36.49 -44.60 -7.63
CA SER G 326 -35.39 -43.97 -8.40
C SER G 326 -35.09 -42.51 -7.98
N SER G 327 -35.36 -42.18 -6.71
CA SER G 327 -34.87 -40.94 -6.10
C SER G 327 -33.45 -41.08 -5.52
N GLY G 328 -32.47 -41.19 -6.40
CA GLY G 328 -31.07 -41.26 -6.00
C GLY G 328 -30.26 -40.17 -6.69
N LEU G 329 -28.97 -40.09 -6.33
CA LEU G 329 -28.07 -39.06 -6.85
C LEU G 329 -27.45 -39.41 -8.20
N ILE G 330 -27.63 -38.50 -9.15
CA ILE G 330 -27.09 -38.64 -10.50
C ILE G 330 -26.00 -37.60 -10.67
N SER G 331 -24.89 -37.98 -11.28
CA SER G 331 -23.83 -37.01 -11.56
C SER G 331 -24.22 -36.03 -12.68
N TRP G 332 -23.78 -34.78 -12.58
CA TRP G 332 -23.99 -33.79 -13.64
C TRP G 332 -23.29 -34.25 -14.91
N ASP G 333 -22.27 -35.07 -14.74
CA ASP G 333 -21.49 -35.62 -15.86
C ASP G 333 -22.31 -36.40 -16.88
N LEU G 334 -23.39 -37.03 -16.45
CA LEU G 334 -24.28 -37.68 -17.39
C LEU G 334 -24.65 -36.77 -18.58
N PHE G 335 -24.83 -35.47 -18.28
CA PHE G 335 -25.40 -34.48 -19.21
C PHE G 335 -24.35 -33.62 -19.91
N LYS G 336 -23.09 -33.98 -19.73
CA LYS G 336 -22.02 -33.33 -20.47
C LYS G 336 -22.29 -33.46 -21.95
N GLN G 337 -21.93 -32.40 -22.67
CA GLN G 337 -22.07 -32.37 -24.12
C GLN G 337 -21.33 -33.54 -24.73
N ASP G 338 -20.03 -33.61 -24.45
CA ASP G 338 -19.18 -34.71 -24.93
C ASP G 338 -19.35 -36.02 -24.16
N ALA G 339 -19.83 -37.03 -24.87
CA ALA G 339 -20.04 -38.37 -24.34
C ALA G 339 -18.72 -39.17 -24.32
N ASP G 340 -18.67 -40.16 -23.43
CA ASP G 340 -17.51 -41.04 -23.28
C ASP G 340 -17.60 -42.27 -24.19
N TYR G 341 -18.75 -42.49 -24.79
CA TYR G 341 -18.94 -43.53 -25.78
C TYR G 341 -19.70 -42.92 -26.93
N PRO G 342 -19.44 -43.38 -28.17
CA PRO G 342 -20.27 -42.95 -29.29
C PRO G 342 -21.64 -43.63 -29.29
N PHE G 343 -22.61 -42.95 -29.91
CA PHE G 343 -23.93 -43.55 -30.06
C PHE G 343 -23.77 -44.74 -30.95
N VAL G 344 -24.51 -45.80 -30.68
CA VAL G 344 -24.51 -46.96 -31.54
C VAL G 344 -25.95 -47.30 -31.81
N ASP G 345 -26.32 -47.43 -33.09
CA ASP G 345 -27.69 -47.84 -33.42
C ASP G 345 -27.79 -49.35 -33.27
N TRP G 346 -27.87 -49.79 -32.01
CA TRP G 346 -27.73 -51.20 -31.71
C TRP G 346 -29.00 -51.96 -31.94
N ASN G 347 -28.81 -53.26 -32.12
CA ASN G 347 -29.90 -54.18 -32.21
C ASN G 347 -29.45 -55.61 -32.01
N PHE G 348 -30.11 -56.30 -31.08
CA PHE G 348 -29.78 -57.67 -30.72
C PHE G 348 -30.97 -58.61 -30.98
N SER G 349 -31.98 -58.09 -31.68
CA SER G 349 -33.32 -58.71 -31.71
C SER G 349 -33.41 -60.04 -32.50
N GLY G 350 -34.61 -60.58 -32.62
CA GLY G 350 -34.83 -61.89 -33.23
C GLY G 350 -35.92 -62.64 -32.47
N THR G 351 -36.02 -63.94 -32.66
CA THR G 351 -36.98 -64.72 -31.85
C THR G 351 -36.47 -64.88 -30.44
N THR G 352 -37.39 -65.01 -29.49
CA THR G 352 -37.05 -65.14 -28.08
C THR G 352 -35.96 -66.18 -27.88
N GLU G 353 -36.02 -67.24 -28.67
CA GLU G 353 -35.00 -68.28 -28.64
C GLU G 353 -33.60 -67.75 -29.05
N GLU G 354 -33.54 -66.98 -30.14
CA GLU G 354 -32.28 -66.38 -30.59
C GLU G 354 -31.80 -65.32 -29.64
N GLU G 355 -32.73 -64.47 -29.17
CA GLU G 355 -32.45 -63.36 -28.24
C GLU G 355 -31.84 -63.94 -26.96
N PHE G 356 -32.39 -65.07 -26.48
CA PHE G 356 -31.82 -65.75 -25.30
C PHE G 356 -30.36 -66.15 -25.49
N ALA G 357 -30.02 -66.64 -26.68
CA ALA G 357 -28.64 -67.01 -26.99
C ALA G 357 -27.72 -65.80 -27.16
N THR G 358 -28.23 -64.78 -27.83
CA THR G 358 -27.48 -63.54 -28.07
C THR G 358 -27.07 -62.87 -26.78
N LEU G 359 -28.00 -62.89 -25.82
CA LEU G 359 -27.77 -62.26 -24.50
C LEU G 359 -26.80 -63.11 -23.73
N MET G 360 -27.05 -64.41 -23.70
CA MET G 360 -26.18 -65.35 -23.00
C MET G 360 -24.75 -65.24 -23.53
N ALA G 361 -24.63 -64.92 -24.82
CA ALA G 361 -23.34 -64.67 -25.47
C ALA G 361 -22.57 -63.57 -24.80
N ILE G 362 -23.29 -62.53 -24.40
CA ILE G 362 -22.69 -61.34 -23.74
C ILE G 362 -22.17 -61.70 -22.36
N PHE G 363 -22.94 -62.48 -21.61
CA PHE G 363 -22.48 -62.98 -20.32
C PHE G 363 -21.23 -63.86 -20.43
N ASN G 364 -21.17 -64.70 -21.45
CA ASN G 364 -20.01 -65.53 -21.70
C ASN G 364 -18.80 -64.65 -22.02
N LYS G 365 -19.00 -63.64 -22.85
CA LYS G 365 -17.95 -62.68 -23.16
C LYS G 365 -17.40 -61.99 -21.91
N GLU G 366 -18.25 -61.78 -20.92
CA GLU G 366 -17.86 -61.12 -19.68
C GLU G 366 -17.18 -62.07 -18.68
N ASP G 367 -17.14 -63.36 -18.98
CA ASP G 367 -16.72 -64.39 -18.03
C ASP G 367 -17.57 -64.35 -16.74
N LYS G 368 -18.88 -64.34 -16.92
CA LYS G 368 -19.84 -64.32 -15.83
C LYS G 368 -20.81 -65.47 -15.97
N GLU G 369 -20.70 -66.41 -15.04
CA GLU G 369 -21.62 -67.53 -14.94
C GLU G 369 -23.04 -67.06 -14.68
N VAL G 370 -23.98 -67.60 -15.44
CA VAL G 370 -25.38 -67.35 -15.21
C VAL G 370 -25.96 -68.55 -14.49
N TYR G 371 -26.83 -68.32 -13.50
CA TYR G 371 -27.51 -69.40 -12.80
C TYR G 371 -29.01 -69.18 -12.87
N ILE G 372 -29.72 -70.05 -13.59
CA ILE G 372 -31.18 -69.91 -13.74
C ILE G 372 -31.91 -70.95 -12.93
N ALA G 373 -33.14 -70.63 -12.56
CA ALA G 373 -34.00 -71.55 -11.85
C ALA G 373 -35.40 -71.42 -12.42
N ASP G 374 -36.01 -72.55 -12.79
CA ASP G 374 -37.31 -72.54 -13.46
C ASP G 374 -38.44 -73.00 -12.59
N TYR G 375 -39.57 -72.33 -12.75
CA TYR G 375 -40.75 -72.59 -11.94
C TYR G 375 -41.93 -72.65 -12.90
N GLU G 376 -42.69 -73.74 -12.85
CA GLU G 376 -43.88 -73.87 -13.69
C GLU G 376 -45.07 -74.35 -12.89
N HIS G 377 -44.92 -74.39 -11.57
CA HIS G 377 -45.86 -75.09 -10.72
C HIS G 377 -47.18 -74.36 -10.60
N LEU G 378 -47.22 -73.12 -11.08
CA LEU G 378 -48.45 -72.33 -11.05
C LEU G 378 -49.11 -72.26 -12.41
N GLY G 379 -48.56 -72.99 -13.38
CA GLY G 379 -49.16 -73.05 -14.72
C GLY G 379 -48.76 -71.91 -15.62
N VAL G 380 -47.76 -71.16 -15.18
CA VAL G 380 -47.13 -70.16 -16.02
C VAL G 380 -45.65 -70.30 -15.78
N TYR G 381 -44.86 -70.12 -16.83
CA TYR G 381 -43.44 -70.24 -16.69
C TYR G 381 -42.95 -68.98 -16.00
N ALA G 382 -42.00 -69.17 -15.07
CA ALA G 382 -41.33 -68.08 -14.38
C ALA G 382 -39.90 -68.50 -14.03
N CYS G 383 -38.96 -67.59 -14.22
CA CYS G 383 -37.57 -67.90 -13.89
C CYS G 383 -37.06 -66.99 -12.79
N ARG G 384 -35.92 -67.37 -12.26
CA ARG G 384 -35.18 -66.50 -11.37
C ARG G 384 -33.69 -66.60 -11.71
N ILE G 385 -33.07 -65.47 -12.01
CA ILE G 385 -31.73 -65.45 -12.56
C ILE G 385 -30.75 -64.74 -11.62
N ILE G 386 -29.75 -65.49 -11.20
CA ILE G 386 -28.61 -64.97 -10.45
C ILE G 386 -27.41 -64.92 -11.41
N VAL G 387 -26.62 -63.87 -11.34
CA VAL G 387 -25.42 -63.70 -12.17
C VAL G 387 -24.38 -63.01 -11.30
N PRO G 388 -23.84 -63.71 -10.30
CA PRO G 388 -23.02 -63.05 -9.33
C PRO G 388 -21.93 -62.23 -9.99
N GLY G 389 -21.78 -61.00 -9.50
CA GLY G 389 -20.91 -59.99 -10.11
C GLY G 389 -21.66 -59.04 -11.04
N MET G 390 -22.97 -59.19 -11.19
CA MET G 390 -23.78 -58.34 -12.11
C MET G 390 -25.24 -58.18 -11.64
N SER G 391 -25.87 -59.29 -11.26
CA SER G 391 -27.23 -59.31 -10.77
C SER G 391 -27.31 -58.74 -9.33
N ASP G 392 -26.22 -58.74 -8.58
CA ASP G 392 -26.25 -58.30 -7.15
C ASP G 392 -26.78 -56.88 -6.99
N ILE G 393 -27.70 -56.71 -6.05
CA ILE G 393 -28.20 -55.38 -5.68
C ILE G 393 -27.54 -54.91 -4.39
N TYR G 394 -27.40 -55.83 -3.44
CA TYR G 394 -26.66 -55.57 -2.21
C TYR G 394 -25.31 -56.33 -2.26
N PRO G 395 -24.29 -55.83 -1.54
CA PRO G 395 -22.97 -56.43 -1.57
C PRO G 395 -22.86 -57.55 -0.54
N ALA G 396 -21.99 -58.51 -0.81
CA ALA G 396 -21.89 -59.71 0.02
C ALA G 396 -21.55 -59.42 1.48
N GLU G 397 -20.82 -58.32 1.75
CA GLU G 397 -20.54 -57.91 3.16
C GLU G 397 -21.82 -57.87 3.95
N ASP G 398 -22.95 -57.59 3.29
CA ASP G 398 -24.23 -57.52 3.97
C ASP G 398 -24.66 -58.84 4.62
N LEU G 399 -24.08 -59.96 4.21
CA LEU G 399 -24.42 -61.25 4.85
C LEU G 399 -23.92 -61.30 6.28
N TRP G 400 -22.94 -60.45 6.57
CA TRP G 400 -22.45 -60.24 7.93
C TRP G 400 -23.15 -59.05 8.62
N LEU G 401 -23.21 -57.92 7.93
CA LEU G 401 -23.62 -56.65 8.52
C LEU G 401 -25.12 -56.38 8.48
N ALA G 402 -25.80 -56.84 7.44
CA ALA G 402 -27.20 -56.46 7.20
C ALA G 402 -28.02 -57.67 6.81
N ASN G 403 -27.86 -58.75 7.58
CA ASN G 403 -28.49 -60.02 7.21
C ASN G 403 -29.90 -60.06 7.75
N ASN G 404 -30.87 -60.21 6.86
CA ASN G 404 -32.28 -60.13 7.22
C ASN G 404 -32.80 -61.23 8.16
N SER G 405 -31.94 -62.14 8.60
CA SER G 405 -32.32 -63.10 9.65
C SER G 405 -31.46 -62.96 10.92
N MET G 406 -30.74 -61.86 11.03
CA MET G 406 -29.90 -61.58 12.22
C MET G 406 -30.68 -61.72 13.52
N GLY G 407 -31.95 -61.34 13.50
CA GLY G 407 -32.78 -61.36 14.69
C GLY G 407 -33.51 -62.65 14.92
N SER G 408 -33.45 -63.59 13.96
CA SER G 408 -34.28 -64.81 13.98
C SER G 408 -34.24 -65.49 15.37
N HIS G 409 -33.09 -65.42 16.04
CA HIS G 409 -32.88 -66.13 17.31
C HIS G 409 -33.49 -65.45 18.55
N LEU G 410 -33.78 -64.15 18.46
CA LEU G 410 -34.50 -63.44 19.54
C LEU G 410 -36.01 -63.47 19.40
N ARG G 411 -36.51 -63.93 18.26
CA ARG G 411 -37.94 -63.86 17.99
C ARG G 411 -38.81 -64.38 19.15
N GLU G 412 -38.60 -65.63 19.53
CA GLU G 412 -39.44 -66.29 20.54
C GLU G 412 -39.36 -65.56 21.88
N THR G 413 -38.16 -65.10 22.24
CA THR G 413 -37.98 -64.31 23.45
C THR G 413 -38.81 -63.04 23.45
N ILE G 414 -38.73 -62.30 22.35
CA ILE G 414 -39.36 -60.98 22.22
C ILE G 414 -40.88 -61.10 22.12
N LEU G 415 -41.39 -62.03 21.32
CA LEU G 415 -42.82 -62.26 21.24
C LEU G 415 -43.46 -62.73 22.57
N SER G 416 -42.65 -63.27 23.48
CA SER G 416 -43.12 -63.70 24.79
C SER G 416 -43.35 -62.52 25.77
N LEU G 417 -42.68 -61.39 25.52
CA LEU G 417 -42.63 -60.26 26.47
C LEU G 417 -43.97 -59.69 26.96
N PRO G 418 -44.94 -59.51 26.06
CA PRO G 418 -46.26 -59.15 26.56
C PRO G 418 -46.87 -60.26 27.41
N GLY G 419 -47.10 -59.99 28.69
CA GLY G 419 -47.65 -61.00 29.61
C GLY G 419 -46.58 -61.67 30.45
N SER G 420 -45.34 -61.65 29.96
CA SER G 420 -44.19 -62.18 30.70
C SER G 420 -44.10 -61.58 32.12
N GLU G 421 -43.59 -62.37 33.05
CA GLU G 421 -43.31 -61.89 34.40
C GLU G 421 -41.94 -62.40 34.87
N TRP G 422 -40.89 -62.02 34.12
CA TRP G 422 -39.52 -62.36 34.49
C TRP G 422 -39.00 -61.45 35.60
N GLU G 423 -37.75 -61.67 36.01
CA GLU G 423 -37.10 -60.82 37.01
C GLU G 423 -36.68 -59.52 36.34
N LYS G 424 -36.50 -58.48 37.15
CA LYS G 424 -36.14 -57.15 36.64
C LYS G 424 -34.77 -57.14 35.96
N GLU G 425 -33.86 -58.03 36.37
CA GLU G 425 -32.51 -58.09 35.79
C GLU G 425 -32.58 -58.63 34.37
N ASP G 426 -33.43 -59.63 34.15
CA ASP G 426 -33.59 -60.24 32.83
C ASP G 426 -34.02 -59.23 31.77
N TYR G 427 -34.96 -58.36 32.13
CA TYR G 427 -35.42 -57.31 31.21
C TYR G 427 -34.29 -56.32 30.88
N LEU G 428 -33.58 -55.88 31.90
CA LEU G 428 -32.49 -54.93 31.70
C LEU G 428 -31.32 -55.52 30.91
N ASN G 429 -31.16 -56.83 30.96
CA ASN G 429 -30.08 -57.50 30.22
C ASN G 429 -30.39 -57.58 28.74
N LEU G 430 -31.63 -57.92 28.42
CA LEU G 430 -32.06 -57.97 27.04
C LEU G 430 -31.76 -56.65 26.32
N ILE G 431 -31.81 -55.53 27.04
CA ILE G 431 -31.39 -54.24 26.47
C ILE G 431 -29.89 -54.29 26.12
N GLU G 432 -29.06 -54.58 27.12
CA GLU G 432 -27.62 -54.71 26.92
C GLU G 432 -27.29 -55.72 25.81
N GLN G 433 -28.04 -56.82 25.70
CA GLN G 433 -27.85 -57.77 24.60
C GLN G 433 -28.14 -57.13 23.24
N LEU G 434 -29.26 -56.44 23.13
CA LEU G 434 -29.59 -55.72 21.90
C LEU G 434 -28.49 -54.74 21.50
N ASP G 435 -27.85 -54.12 22.49
CA ASP G 435 -26.71 -53.25 22.24
C ASP G 435 -25.48 -54.01 21.80
N GLU G 436 -25.13 -55.07 22.55
CA GLU G 436 -23.93 -55.88 22.26
C GLU G 436 -24.02 -56.56 20.91
N GLU G 437 -25.23 -57.00 20.55
CA GLU G 437 -25.48 -57.58 19.21
C GLU G 437 -25.58 -56.53 18.10
N GLY G 438 -25.52 -55.25 18.47
CA GLY G 438 -25.33 -54.17 17.51
C GLY G 438 -26.53 -53.88 16.63
N PHE G 439 -27.74 -54.09 17.16
CA PHE G 439 -28.93 -53.73 16.41
C PHE G 439 -29.11 -52.24 16.38
N ASP G 440 -29.67 -51.74 15.28
CA ASP G 440 -29.88 -50.31 15.12
C ASP G 440 -31.19 -49.95 15.80
N ASP G 441 -31.17 -48.88 16.60
CA ASP G 441 -32.33 -48.40 17.36
C ASP G 441 -33.53 -48.10 16.48
N PHE G 442 -33.27 -47.64 15.25
CA PHE G 442 -34.34 -47.28 14.32
C PHE G 442 -35.01 -48.46 13.67
N THR G 443 -34.40 -49.64 13.78
CA THR G 443 -34.89 -50.83 13.09
C THR G 443 -36.27 -51.20 13.55
N ARG G 444 -37.18 -51.39 12.60
CA ARG G 444 -38.52 -51.89 12.92
C ARG G 444 -38.49 -53.31 13.41
N VAL G 445 -39.09 -53.57 14.56
CA VAL G 445 -39.06 -54.91 15.15
C VAL G 445 -39.87 -55.85 14.30
N ARG G 446 -40.97 -55.38 13.73
CA ARG G 446 -41.75 -56.26 12.88
C ARG G 446 -41.01 -56.71 11.60
N GLU G 447 -40.09 -55.89 11.12
CA GLU G 447 -39.26 -56.23 9.98
C GLU G 447 -38.14 -57.19 10.38
N LEU G 448 -37.60 -56.96 11.56
CA LEU G 448 -36.48 -57.76 12.09
C LEU G 448 -36.89 -59.18 12.39
N LEU G 449 -38.15 -59.40 12.75
CA LEU G 449 -38.61 -60.74 13.10
C LEU G 449 -39.43 -61.36 12.00
N GLY G 450 -39.82 -60.55 11.01
CA GLY G 450 -40.60 -61.03 9.88
C GLY G 450 -42.08 -61.17 10.18
N LEU G 451 -42.62 -60.18 10.89
CA LEU G 451 -44.01 -60.21 11.34
C LEU G 451 -44.85 -59.29 10.47
N ALA G 452 -45.87 -59.87 9.85
CA ALA G 452 -46.98 -59.12 9.26
C ALA G 452 -48.02 -58.82 10.32
N THR G 453 -47.84 -57.70 11.00
CA THR G 453 -48.63 -57.37 12.18
C THR G 453 -49.98 -56.78 11.83
N GLY G 454 -50.09 -56.17 10.66
CA GLY G 454 -51.28 -55.36 10.33
C GLY G 454 -51.24 -54.04 11.09
N SER G 455 -52.08 -53.07 10.68
CA SER G 455 -51.89 -51.63 11.03
C SER G 455 -52.42 -51.28 12.40
N ASP G 456 -53.21 -52.16 13.00
CA ASP G 456 -54.05 -51.79 14.14
C ASP G 456 -53.53 -52.28 15.49
N ASN G 457 -52.22 -52.22 15.73
CA ASN G 457 -51.69 -52.57 17.05
C ASN G 457 -50.26 -52.08 17.26
N GLY G 458 -49.75 -52.24 18.47
CA GLY G 458 -48.47 -51.65 18.86
C GLY G 458 -47.23 -52.14 18.13
N TRP G 459 -47.29 -53.40 17.66
CA TRP G 459 -46.15 -54.02 16.96
C TRP G 459 -45.87 -53.38 15.58
N TYR G 460 -46.91 -52.86 14.94
CA TYR G 460 -46.81 -52.28 13.60
C TYR G 460 -45.85 -51.10 13.47
N THR G 461 -45.63 -50.37 14.58
CA THR G 461 -44.75 -49.19 14.62
C THR G 461 -43.58 -49.37 15.59
N LEU G 462 -43.49 -50.54 16.21
CA LEU G 462 -42.52 -50.79 17.28
C LEU G 462 -41.13 -50.86 16.71
N ARG G 463 -40.28 -49.94 17.16
CA ARG G 463 -38.87 -49.95 16.81
C ARG G 463 -38.02 -50.38 17.99
N ILE G 464 -36.76 -50.67 17.74
CA ILE G 464 -35.86 -51.14 18.80
C ILE G 464 -35.82 -50.14 19.94
N GLY G 465 -35.72 -48.85 19.63
CA GLY G 465 -35.63 -47.81 20.65
C GLY G 465 -36.83 -47.78 21.57
N GLU G 466 -38.01 -47.96 21.02
CA GLU G 466 -39.20 -48.03 21.80
C GLU G 466 -39.18 -49.31 22.67
N LEU G 467 -38.69 -50.41 22.11
CA LEU G 467 -38.65 -51.67 22.84
C LEU G 467 -37.72 -51.55 24.01
N LYS G 468 -36.61 -50.85 23.83
CA LYS G 468 -35.73 -50.56 24.94
C LYS G 468 -36.46 -49.78 26.06
N ALA G 469 -37.26 -48.78 25.69
CA ALA G 469 -38.06 -48.07 26.68
C ALA G 469 -38.94 -49.06 27.44
N MET G 470 -39.68 -49.88 26.70
CA MET G 470 -40.55 -50.88 27.29
C MET G 470 -39.83 -51.80 28.28
N LEU G 471 -38.60 -52.18 27.96
CA LEU G 471 -37.83 -53.09 28.81
C LEU G 471 -37.34 -52.40 30.06
N ALA G 472 -36.80 -51.20 29.87
CA ALA G 472 -36.38 -50.37 30.99
C ALA G 472 -37.54 -50.16 32.01
N LEU G 473 -38.78 -50.08 31.52
CA LEU G 473 -39.92 -49.95 32.40
C LEU G 473 -40.23 -51.24 33.16
N ALA G 474 -40.19 -52.36 32.45
CA ALA G 474 -40.45 -53.68 33.04
C ALA G 474 -39.37 -54.09 34.04
N GLY G 475 -38.14 -53.65 33.77
CA GLY G 475 -37.02 -53.85 34.69
C GLY G 475 -36.80 -52.69 35.65
N GLY G 476 -37.78 -51.81 35.73
CA GLY G 476 -37.79 -50.70 36.68
C GLY G 476 -36.59 -49.77 36.71
N ASP G 477 -35.94 -49.52 35.58
CA ASP G 477 -34.94 -48.46 35.46
C ASP G 477 -35.58 -47.25 34.77
N LEU G 478 -36.11 -46.33 35.58
CA LEU G 478 -36.90 -45.22 35.06
C LEU G 478 -36.08 -44.12 34.40
N GLU G 479 -34.76 -44.08 34.68
CA GLU G 479 -33.89 -43.10 34.01
C GLU G 479 -33.65 -43.45 32.55
N GLN G 480 -33.42 -44.73 32.29
CA GLN G 480 -33.29 -45.25 30.93
C GLN G 480 -34.61 -45.17 30.22
N ALA G 481 -35.67 -45.60 30.91
CA ALA G 481 -37.02 -45.57 30.35
C ALA G 481 -37.34 -44.20 29.75
N LEU G 482 -36.99 -43.15 30.48
CA LEU G 482 -37.25 -41.77 30.00
C LEU G 482 -36.51 -41.47 28.71
N VAL G 483 -35.21 -41.75 28.71
CA VAL G 483 -34.38 -41.57 27.53
C VAL G 483 -35.04 -42.10 26.26
N TRP G 484 -35.51 -43.35 26.33
CA TRP G 484 -36.05 -44.02 25.15
C TRP G 484 -37.47 -43.65 24.88
N THR G 485 -38.20 -43.25 25.89
CA THR G 485 -39.55 -42.75 25.70
C THR G 485 -39.51 -41.41 24.97
N GLU G 486 -38.54 -40.56 25.30
CA GLU G 486 -38.31 -39.31 24.55
C GLU G 486 -37.92 -39.63 23.11
N TRP G 487 -36.90 -40.48 22.97
CA TRP G 487 -36.50 -41.00 21.67
C TRP G 487 -37.70 -41.47 20.86
N THR G 488 -38.51 -42.32 21.48
CA THR G 488 -39.68 -42.88 20.83
C THR G 488 -40.53 -41.79 20.21
N MET G 489 -40.89 -40.79 21.02
CA MET G 489 -41.79 -39.75 20.56
C MET G 489 -41.13 -38.88 19.53
N GLU G 490 -39.86 -38.56 19.73
CA GLU G 490 -39.14 -37.76 18.77
C GLU G 490 -39.20 -38.35 17.38
N PHE G 491 -39.20 -39.68 17.27
CA PHE G 491 -39.10 -40.37 15.98
C PHE G 491 -40.27 -41.24 15.53
N ASN G 492 -41.26 -41.47 16.38
CA ASN G 492 -42.38 -42.32 15.97
C ASN G 492 -43.71 -41.58 16.01
N SER G 493 -43.86 -40.64 16.93
CA SER G 493 -45.20 -40.06 17.24
C SER G 493 -46.02 -39.58 16.04
N SER G 494 -45.32 -39.16 14.98
CA SER G 494 -45.96 -38.78 13.73
C SER G 494 -46.67 -39.95 12.99
N VAL G 495 -46.45 -41.19 13.41
CA VAL G 495 -47.10 -42.35 12.77
C VAL G 495 -47.87 -43.21 13.76
N PHE G 496 -47.83 -42.88 15.04
CA PHE G 496 -48.65 -43.55 16.02
C PHE G 496 -50.12 -43.14 15.85
N SER G 497 -51.04 -44.01 16.26
CA SER G 497 -52.44 -43.64 16.31
C SER G 497 -52.61 -42.57 17.38
N PRO G 498 -53.61 -41.68 17.22
CA PRO G 498 -54.03 -40.77 18.29
C PRO G 498 -53.95 -41.37 19.70
N GLU G 499 -54.58 -42.54 19.91
CA GLU G 499 -54.57 -43.22 21.24
C GLU G 499 -53.18 -43.46 21.77
N ARG G 500 -52.36 -44.09 20.94
CA ARG G 500 -51.01 -44.49 21.30
C ARG G 500 -50.07 -43.29 21.52
N ALA G 501 -50.21 -42.26 20.66
CA ALA G 501 -49.39 -41.05 20.74
C ALA G 501 -49.67 -40.36 22.04
N ASN G 502 -50.95 -40.32 22.40
CA ASN G 502 -51.41 -39.78 23.67
C ASN G 502 -50.82 -40.55 24.84
N TYR G 503 -50.93 -41.88 24.81
CA TYR G 503 -50.34 -42.73 25.86
C TYR G 503 -48.90 -42.33 26.10
N TYR G 504 -48.14 -42.20 25.00
CA TYR G 504 -46.72 -41.85 25.10
C TYR G 504 -46.49 -40.45 25.66
N ARG G 505 -47.35 -39.49 25.32
CA ARG G 505 -47.24 -38.13 25.88
C ARG G 505 -47.41 -38.18 27.39
N CYS G 506 -48.40 -38.94 27.84
CA CYS G 506 -48.68 -39.14 29.26
C CYS G 506 -47.54 -39.84 30.00
N LEU G 507 -47.10 -40.98 29.47
CA LEU G 507 -46.01 -41.77 30.07
C LEU G 507 -44.80 -40.90 30.23
N GLN G 508 -44.55 -40.10 29.22
CA GLN G 508 -43.39 -39.22 29.20
C GLN G 508 -43.46 -38.19 30.33
N THR G 509 -44.64 -37.57 30.49
CA THR G 509 -44.88 -36.62 31.57
C THR G 509 -44.62 -37.26 32.94
N LEU G 510 -45.19 -38.45 33.16
CA LEU G 510 -45.04 -39.18 34.44
C LEU G 510 -43.60 -39.56 34.75
N LEU G 511 -42.83 -39.85 33.71
CA LEU G 511 -41.43 -40.18 33.86
C LEU G 511 -40.61 -38.95 34.16
N LEU G 512 -41.01 -37.83 33.59
CA LEU G 512 -40.35 -36.57 33.90
C LEU G 512 -40.65 -36.10 35.31
N LEU G 513 -41.86 -36.41 35.76
CA LEU G 513 -42.31 -36.10 37.13
C LEU G 513 -41.61 -36.96 38.17
N ALA G 514 -41.43 -38.24 37.86
CA ALA G 514 -40.63 -39.14 38.67
C ALA G 514 -39.23 -38.56 38.93
N GLN G 515 -38.68 -37.83 37.97
CA GLN G 515 -37.38 -37.19 38.17
C GLN G 515 -37.42 -35.97 39.08
N GLU G 516 -38.54 -35.26 39.14
CA GLU G 516 -38.71 -34.10 40.05
C GLU G 516 -38.91 -34.62 41.47
N GLU G 517 -37.85 -34.60 42.27
CA GLU G 517 -37.92 -35.14 43.62
C GLU G 517 -38.57 -34.13 44.58
N ASP G 518 -38.60 -32.86 44.16
CA ASP G 518 -39.29 -31.81 44.93
C ASP G 518 -40.79 -31.82 44.80
N ARG G 519 -41.31 -32.40 43.73
CA ARG G 519 -42.74 -32.32 43.46
C ARG G 519 -43.53 -33.52 43.98
N GLN G 520 -44.81 -33.27 44.25
CA GLN G 520 -45.73 -34.26 44.85
C GLN G 520 -46.73 -34.85 43.86
N PRO G 521 -46.45 -36.03 43.28
CA PRO G 521 -47.27 -36.62 42.22
C PRO G 521 -48.78 -36.44 42.38
N LEU G 522 -49.28 -36.60 43.58
CA LEU G 522 -50.72 -36.45 43.80
C LEU G 522 -51.28 -35.08 43.36
N GLN G 523 -50.47 -34.04 43.50
CA GLN G 523 -50.90 -32.69 43.17
C GLN G 523 -51.34 -32.59 41.72
N TYR G 524 -50.59 -33.27 40.88
CA TYR G 524 -50.71 -33.12 39.44
C TYR G 524 -51.74 -34.06 38.87
N LEU G 525 -52.22 -34.98 39.71
CA LEU G 525 -53.03 -36.10 39.24
C LEU G 525 -54.31 -35.68 38.55
N ASN G 526 -54.99 -34.67 39.09
CA ASN G 526 -56.23 -34.24 38.45
C ASN G 526 -55.95 -33.69 37.07
N ALA G 527 -54.92 -32.85 36.99
CA ALA G 527 -54.54 -32.21 35.74
C ALA G 527 -54.22 -33.21 34.65
N PHE G 528 -53.45 -34.24 35.01
CA PHE G 528 -53.10 -35.35 34.09
C PHE G 528 -54.32 -36.09 33.54
N VAL G 529 -55.24 -36.45 34.43
CA VAL G 529 -56.46 -37.09 34.02
C VAL G 529 -57.23 -36.23 33.02
N ARG G 530 -57.15 -34.92 33.18
CA ARG G 530 -57.89 -34.00 32.30
C ARG G 530 -57.26 -33.86 30.94
N MET G 531 -55.92 -33.82 30.90
CA MET G 531 -55.18 -33.70 29.64
C MET G 531 -55.13 -35.00 28.85
N TYR G 532 -54.84 -36.10 29.54
CA TYR G 532 -54.57 -37.40 28.89
C TYR G 532 -55.73 -38.38 28.93
N GLY G 533 -56.62 -38.22 29.89
CA GLY G 533 -57.73 -39.13 30.02
C GLY G 533 -57.35 -40.24 31.00
N ALA G 534 -58.34 -40.71 31.76
CA ALA G 534 -58.10 -41.62 32.85
C ALA G 534 -57.49 -42.96 32.40
N ASP G 535 -57.98 -43.50 31.28
CA ASP G 535 -57.48 -44.78 30.77
C ASP G 535 -55.98 -44.70 30.51
N ALA G 536 -55.59 -43.64 29.79
CA ALA G 536 -54.19 -43.38 29.50
C ALA G 536 -53.29 -43.23 30.74
N VAL G 537 -53.81 -42.61 31.80
CA VAL G 537 -53.03 -42.35 33.01
C VAL G 537 -52.86 -43.65 33.78
N GLU G 538 -53.94 -44.44 33.84
CA GLU G 538 -53.93 -45.74 34.52
C GLU G 538 -52.95 -46.72 33.87
N ALA G 539 -52.89 -46.70 32.54
CA ALA G 539 -51.97 -47.52 31.76
C ALA G 539 -50.51 -47.08 31.91
N ALA G 540 -50.26 -45.79 31.82
CA ALA G 540 -48.89 -45.31 31.95
C ALA G 540 -48.30 -45.59 33.33
N SER G 541 -49.16 -45.67 34.33
CA SER G 541 -48.74 -45.94 35.70
C SER G 541 -48.41 -47.40 35.90
N ALA G 542 -49.25 -48.27 35.34
CA ALA G 542 -48.96 -49.69 35.30
C ALA G 542 -47.60 -49.93 34.67
N ALA G 543 -47.41 -49.29 33.53
CA ALA G 543 -46.15 -49.37 32.81
C ALA G 543 -44.98 -49.00 33.72
N MET G 544 -45.11 -47.91 34.46
CA MET G 544 -44.03 -47.41 35.33
C MET G 544 -43.75 -48.34 36.49
N SER G 545 -44.81 -48.90 37.06
CA SER G 545 -44.68 -49.87 38.13
C SER G 545 -44.11 -51.22 37.64
N GLY G 546 -43.67 -51.29 36.38
CA GLY G 546 -43.14 -52.54 35.82
C GLY G 546 -44.16 -53.63 35.67
N GLU G 547 -45.44 -53.29 35.83
CA GLU G 547 -46.49 -54.28 35.82
C GLU G 547 -46.91 -54.64 34.42
N ALA G 548 -47.33 -53.64 33.65
CA ALA G 548 -47.75 -53.82 32.28
C ALA G 548 -46.98 -52.82 31.42
N ALA G 549 -45.71 -53.14 31.16
CA ALA G 549 -44.81 -52.22 30.47
C ALA G 549 -45.01 -52.15 28.95
N PHE G 550 -45.46 -53.27 28.39
CA PHE G 550 -45.47 -53.49 26.94
C PHE G 550 -46.79 -53.05 26.33
N TYR G 551 -47.01 -51.72 26.38
CA TYR G 551 -48.29 -51.13 26.03
C TYR G 551 -48.67 -51.37 24.57
N GLY G 552 -49.85 -51.94 24.38
CA GLY G 552 -50.39 -52.10 23.04
C GLY G 552 -49.89 -53.34 22.33
N LEU G 553 -48.88 -53.99 22.91
CA LEU G 553 -48.38 -55.25 22.37
C LEU G 553 -49.16 -56.41 22.96
N GLN G 554 -49.92 -57.11 22.11
CA GLN G 554 -50.55 -58.35 22.51
C GLN G 554 -49.47 -59.42 22.50
N PRO G 555 -49.66 -60.51 23.25
CA PRO G 555 -48.73 -61.62 23.17
C PRO G 555 -48.95 -62.42 21.88
N VAL G 556 -47.88 -63.02 21.38
CA VAL G 556 -47.90 -63.64 20.06
C VAL G 556 -47.46 -65.10 20.11
N ASP G 557 -48.36 -66.01 19.77
CA ASP G 557 -48.02 -67.44 19.63
C ASP G 557 -47.10 -67.67 18.44
N SER G 558 -46.38 -68.78 18.42
CA SER G 558 -45.37 -69.01 17.37
C SER G 558 -45.95 -69.50 16.03
N ASP G 559 -47.25 -69.33 15.82
CA ASP G 559 -47.84 -69.46 14.49
C ASP G 559 -48.51 -68.17 14.06
N LEU G 560 -48.34 -67.12 14.87
CA LEU G 560 -48.82 -65.77 14.60
C LEU G 560 -50.33 -65.68 14.45
N HIS G 561 -51.03 -66.49 15.23
CA HIS G 561 -52.47 -66.40 15.29
C HIS G 561 -52.87 -65.01 15.80
N ALA G 562 -52.09 -64.48 16.74
CA ALA G 562 -52.31 -63.14 17.28
C ALA G 562 -52.48 -62.06 16.21
N PHE G 563 -51.83 -62.22 15.06
CA PHE G 563 -51.95 -61.26 13.95
C PHE G 563 -52.85 -61.81 12.87
N ALA G 564 -53.96 -61.14 12.61
CA ALA G 564 -54.86 -61.59 11.56
C ALA G 564 -54.27 -61.31 10.18
N ALA G 565 -53.44 -60.28 10.09
CA ALA G 565 -52.75 -59.95 8.83
C ALA G 565 -51.86 -61.09 8.40
N HIS G 566 -51.09 -61.60 9.36
CA HIS G 566 -50.16 -62.71 9.13
C HIS G 566 -50.93 -63.99 8.80
N GLN G 567 -52.08 -64.19 9.43
CA GLN G 567 -52.90 -65.34 9.10
C GLN G 567 -53.34 -65.31 7.65
N SER G 568 -53.71 -64.13 7.16
CA SER G 568 -54.09 -63.99 5.75
C SER G 568 -52.91 -64.25 4.81
N LEU G 569 -51.69 -63.95 5.28
CA LEU G 569 -50.46 -64.26 4.54
C LEU G 569 -50.25 -65.76 4.44
N LEU G 570 -50.37 -66.46 5.57
CA LEU G 570 -50.18 -67.92 5.59
C LEU G 570 -51.25 -68.67 4.79
N LYS G 571 -52.48 -68.19 4.85
CA LYS G 571 -53.58 -68.76 4.09
C LYS G 571 -53.33 -68.64 2.58
N ALA G 572 -52.65 -67.56 2.19
CA ALA G 572 -52.24 -67.36 0.80
C ALA G 572 -51.13 -68.35 0.43
N TYR G 573 -50.16 -68.53 1.33
CA TYR G 573 -49.03 -69.41 1.05
C TYR G 573 -49.44 -70.87 1.00
N GLU G 574 -50.42 -71.27 1.82
CA GLU G 574 -51.03 -72.61 1.71
C GLU G 574 -51.45 -72.92 0.29
N LYS G 575 -52.05 -71.95 -0.40
CA LYS G 575 -52.51 -72.14 -1.78
C LYS G 575 -51.37 -72.47 -2.72
N LEU G 576 -50.18 -71.95 -2.41
CA LEU G 576 -49.02 -72.20 -3.21
C LEU G 576 -48.39 -73.53 -2.86
N GLN G 577 -48.35 -73.88 -1.57
CA GLN G 577 -47.85 -75.20 -1.13
C GLN G 577 -48.58 -76.37 -1.79
N ARG G 578 -49.89 -76.28 -1.79
CA ARG G 578 -50.73 -77.34 -2.38
C ARG G 578 -50.53 -77.38 -3.93
N ALA G 579 -50.33 -76.21 -4.54
CA ALA G 579 -50.01 -76.13 -5.97
C ALA G 579 -48.66 -76.77 -6.30
N LYS G 580 -47.71 -76.64 -5.37
CA LYS G 580 -46.40 -77.24 -5.51
C LYS G 580 -46.48 -78.78 -5.46
N ALA G 581 -47.45 -79.37 -4.76
CA ALA G 581 -47.73 -80.81 -5.05
C ALA G 581 -48.85 -81.06 -6.13
N THR H 2 -81.08 1.84 19.36
CA THR H 2 -80.65 0.78 20.33
C THR H 2 -79.37 1.14 21.01
N GLN H 3 -79.26 0.88 22.30
CA GLN H 3 -78.10 1.30 23.05
C GLN H 3 -77.73 0.27 24.02
N THR H 4 -76.51 -0.21 23.86
CA THR H 4 -76.01 -1.34 24.60
C THR H 4 -74.86 -0.85 25.49
N PHE H 5 -75.05 -0.86 26.80
CA PHE H 5 -74.03 -0.40 27.73
C PHE H 5 -73.44 -1.59 28.37
N ILE H 6 -72.22 -1.93 27.98
CA ILE H 6 -71.53 -3.08 28.63
C ILE H 6 -70.74 -2.56 29.83
N PRO H 7 -70.44 -3.46 30.76
CA PRO H 7 -69.72 -3.11 31.96
C PRO H 7 -68.40 -2.44 31.70
N GLY H 8 -68.18 -1.37 32.44
CA GLY H 8 -66.91 -0.66 32.42
C GLY H 8 -66.69 0.38 31.32
N LYS H 9 -67.54 0.41 30.30
CA LYS H 9 -67.46 1.41 29.23
C LYS H 9 -68.33 2.60 29.61
N ASP H 10 -68.04 3.76 29.02
CA ASP H 10 -68.72 5.03 29.39
C ASP H 10 -69.61 5.49 28.28
N ALA H 11 -70.00 4.59 27.40
CA ALA H 11 -70.82 4.99 26.25
C ALA H 11 -71.36 3.77 25.53
N ALA H 12 -72.60 3.86 25.07
CA ALA H 12 -73.17 2.77 24.29
C ALA H 12 -72.31 2.30 23.08
N LEU H 13 -72.17 0.99 22.92
CA LEU H 13 -71.42 0.39 21.79
C LEU H 13 -71.78 1.02 20.46
N GLU H 14 -73.06 1.25 20.24
CA GLU H 14 -73.52 1.71 18.95
C GLU H 14 -73.09 3.16 18.70
N ASP H 15 -72.98 3.95 19.78
CA ASP H 15 -72.50 5.33 19.70
C ASP H 15 -71.03 5.31 19.42
N SER H 16 -70.30 4.55 20.23
CA SER H 16 -68.85 4.39 20.07
C SER H 16 -68.48 4.00 18.64
N ILE H 17 -69.25 3.08 18.03
CA ILE H 17 -68.96 2.62 16.64
C ILE H 17 -69.20 3.75 15.64
N ALA H 18 -70.35 4.39 15.77
CA ALA H 18 -70.78 5.43 14.84
C ALA H 18 -69.80 6.58 14.85
N ARG H 19 -69.51 7.05 16.04
CA ARG H 19 -68.48 8.08 16.25
C ARG H 19 -67.11 7.73 15.64
N PHE H 20 -66.56 6.58 16.00
CA PHE H 20 -65.26 6.17 15.52
C PHE H 20 -65.22 6.06 14.00
N GLN H 21 -66.24 5.42 13.41
CA GLN H 21 -66.30 5.30 11.96
C GLN H 21 -66.29 6.66 11.29
N GLN H 22 -67.12 7.55 11.81
CA GLN H 22 -67.20 8.90 11.29
C GLN H 22 -65.87 9.62 11.39
N LYS H 23 -65.27 9.58 12.57
CA LYS H 23 -64.02 10.28 12.79
C LYS H 23 -62.89 9.71 11.92
N LEU H 24 -62.86 8.40 11.71
CA LEU H 24 -61.87 7.80 10.86
C LEU H 24 -62.01 8.27 9.42
N SER H 25 -63.25 8.42 9.00
CA SER H 25 -63.54 8.83 7.64
C SER H 25 -63.09 10.27 7.43
N ASP H 26 -63.53 11.16 8.34
CA ASP H 26 -63.11 12.57 8.35
C ASP H 26 -61.60 12.74 8.28
N LEU H 27 -60.88 11.87 8.95
CA LEU H 27 -59.43 11.91 8.96
C LEU H 27 -58.82 11.55 7.63
N GLY H 28 -59.62 10.89 6.79
CA GLY H 28 -59.21 10.52 5.45
C GLY H 28 -58.78 9.07 5.33
N PHE H 29 -59.38 8.19 6.13
CA PHE H 29 -59.06 6.75 6.13
C PHE H 29 -60.23 5.92 5.67
N GLN H 30 -59.98 5.08 4.66
CA GLN H 30 -61.00 4.16 4.17
C GLN H 30 -60.81 2.83 4.89
N ILE H 31 -61.67 2.61 5.87
CA ILE H 31 -61.58 1.43 6.73
C ILE H 31 -62.59 0.39 6.27
N GLU H 32 -62.16 -0.85 6.23
CA GLU H 32 -62.96 -1.94 5.66
C GLU H 32 -62.94 -3.14 6.59
N GLU H 33 -64.06 -3.88 6.67
CA GLU H 33 -64.18 -5.02 7.59
C GLU H 33 -63.90 -6.31 6.86
N ALA H 34 -62.80 -6.94 7.19
CA ALA H 34 -62.34 -8.09 6.44
C ALA H 34 -63.07 -9.36 6.81
N SER H 35 -63.01 -9.80 8.05
CA SER H 35 -63.52 -11.12 8.33
C SER H 35 -63.97 -11.31 9.75
N TRP H 36 -65.24 -11.67 9.91
CA TRP H 36 -65.81 -11.96 11.22
C TRP H 36 -65.58 -13.39 11.69
N LEU H 37 -65.90 -13.63 12.95
CA LEU H 37 -65.80 -14.94 13.57
C LEU H 37 -66.64 -14.99 14.84
N ASN H 38 -67.27 -16.13 15.09
CA ASN H 38 -68.17 -16.32 16.22
C ASN H 38 -68.02 -17.76 16.71
N PRO H 39 -66.76 -18.22 16.90
CA PRO H 39 -66.38 -19.62 17.16
C PRO H 39 -67.24 -20.37 18.17
N VAL H 40 -67.42 -19.80 19.35
CA VAL H 40 -68.33 -20.34 20.35
C VAL H 40 -69.34 -19.27 20.77
N PRO H 41 -70.37 -19.64 21.53
CA PRO H 41 -71.32 -18.65 21.98
C PRO H 41 -70.63 -17.56 22.78
N ASN H 42 -71.09 -16.31 22.61
CA ASN H 42 -70.62 -15.19 23.42
C ASN H 42 -69.17 -14.86 23.22
N VAL H 43 -68.66 -15.13 22.03
CA VAL H 43 -67.30 -14.80 21.65
C VAL H 43 -67.29 -14.44 20.18
N TRP H 44 -66.78 -13.26 19.90
CA TRP H 44 -66.63 -12.78 18.54
C TRP H 44 -65.25 -12.19 18.28
N SER H 45 -64.95 -11.96 17.01
CA SER H 45 -63.82 -11.15 16.61
C SER H 45 -63.99 -10.70 15.17
N VAL H 46 -63.30 -9.63 14.84
CA VAL H 46 -63.34 -9.04 13.51
C VAL H 46 -61.96 -8.44 13.17
N HIS H 47 -61.66 -8.43 11.88
CA HIS H 47 -60.42 -7.90 11.36
C HIS H 47 -60.82 -6.72 10.54
N ILE H 48 -60.21 -5.58 10.83
CA ILE H 48 -60.38 -4.36 10.09
C ILE H 48 -59.07 -3.90 9.46
N ARG H 49 -59.18 -3.27 8.29
CA ARG H 49 -58.04 -2.97 7.46
C ARG H 49 -58.19 -1.59 6.79
N ASP H 50 -57.06 -0.91 6.55
CA ASP H 50 -57.01 0.32 5.73
C ASP H 50 -56.99 -0.06 4.28
N LYS H 51 -58.02 0.36 3.57
CA LYS H 51 -58.20 -0.02 2.18
C LYS H 51 -57.05 0.48 1.30
N GLU H 52 -56.27 1.44 1.79
CA GLU H 52 -55.16 2.04 1.05
C GLU H 52 -53.76 1.79 1.64
N CYS H 53 -53.67 1.08 2.76
CA CYS H 53 -52.36 0.64 3.29
C CYS H 53 -52.51 -0.71 3.97
N ALA H 54 -51.81 -1.70 3.42
CA ALA H 54 -51.97 -3.08 3.89
C ALA H 54 -51.44 -3.23 5.32
N LEU H 55 -50.44 -2.41 5.69
CA LEU H 55 -49.77 -2.52 6.97
C LEU H 55 -50.61 -1.95 8.13
N CYS H 56 -51.54 -1.04 7.85
CA CYS H 56 -52.45 -0.53 8.89
C CYS H 56 -53.70 -1.42 9.05
N PHE H 57 -53.76 -2.19 10.13
CA PHE H 57 -54.92 -3.06 10.41
C PHE H 57 -55.01 -3.42 11.88
N THR H 58 -56.22 -3.73 12.34
CA THR H 58 -56.45 -4.14 13.74
C THR H 58 -57.37 -5.34 13.88
N ASN H 59 -57.41 -5.88 15.09
CA ASN H 59 -58.27 -7.00 15.42
C ASN H 59 -59.09 -6.74 16.66
N GLY H 60 -60.41 -6.78 16.50
CA GLY H 60 -61.33 -6.53 17.59
C GLY H 60 -61.91 -7.84 18.12
N LYS H 61 -62.26 -7.85 19.41
CA LYS H 61 -62.77 -9.02 20.10
C LYS H 61 -63.68 -8.58 21.20
N GLY H 62 -64.74 -9.34 21.41
CA GLY H 62 -65.71 -9.04 22.46
C GLY H 62 -66.76 -10.11 22.53
N ALA H 63 -67.68 -10.03 23.46
CA ALA H 63 -68.66 -11.12 23.65
C ALA H 63 -69.91 -10.99 22.80
N THR H 64 -70.00 -9.90 22.05
CA THR H 64 -71.15 -9.64 21.21
C THR H 64 -70.50 -9.17 19.93
N LYS H 65 -71.25 -9.14 18.84
CA LYS H 65 -70.66 -8.72 17.58
C LYS H 65 -70.21 -7.28 17.65
N LYS H 66 -71.08 -6.41 18.15
CA LYS H 66 -70.77 -4.97 18.23
C LYS H 66 -69.60 -4.72 19.16
N ALA H 67 -69.63 -5.36 20.33
CA ALA H 67 -68.51 -5.26 21.27
C ALA H 67 -67.14 -5.41 20.58
N ALA H 68 -67.08 -6.38 19.66
CA ALA H 68 -65.90 -6.70 18.86
C ALA H 68 -65.57 -5.62 17.84
N LEU H 69 -66.57 -5.13 17.13
CA LEU H 69 -66.35 -4.06 16.15
C LEU H 69 -65.89 -2.78 16.82
N ALA H 70 -66.49 -2.45 17.97
CA ALA H 70 -66.07 -1.29 18.77
C ALA H 70 -64.63 -1.49 19.28
N SER H 71 -64.27 -2.73 19.60
CA SER H 71 -62.91 -3.07 19.97
C SER H 71 -61.92 -2.88 18.84
N ALA H 72 -62.29 -3.37 17.67
CA ALA H 72 -61.46 -3.24 16.48
C ALA H 72 -61.18 -1.79 16.10
N LEU H 73 -62.22 -0.97 16.19
CA LEU H 73 -62.13 0.46 15.91
C LEU H 73 -61.38 1.23 16.99
N GLY H 74 -61.64 0.90 18.25
CA GLY H 74 -60.91 1.47 19.36
C GLY H 74 -59.43 1.19 19.27
N GLU H 75 -59.07 -0.05 18.97
CA GLU H 75 -57.65 -0.38 18.71
C GLU H 75 -57.11 0.38 17.49
N TYR H 76 -57.97 0.70 16.54
CA TYR H 76 -57.51 1.47 15.40
C TYR H 76 -57.04 2.87 15.87
N PHE H 77 -57.82 3.54 16.71
CA PHE H 77 -57.45 4.86 17.21
C PHE H 77 -56.32 4.80 18.21
N GLU H 78 -56.27 3.73 18.99
CA GLU H 78 -55.13 3.43 19.90
C GLU H 78 -53.81 3.47 19.11
N ARG H 79 -53.81 2.82 17.94
CA ARG H 79 -52.60 2.61 17.15
C ARG H 79 -52.24 3.75 16.16
N LEU H 80 -53.21 4.55 15.75
CA LEU H 80 -52.90 5.78 15.02
C LEU H 80 -52.48 6.88 15.98
N SER H 81 -53.19 6.99 17.10
CA SER H 81 -52.85 8.02 18.11
C SER H 81 -51.39 7.84 18.60
N THR H 82 -50.99 6.61 18.91
CA THR H 82 -49.63 6.31 19.39
C THR H 82 -48.56 6.17 18.29
N ASN H 83 -48.99 6.23 17.03
CA ASN H 83 -48.13 6.02 15.84
C ASN H 83 -47.61 4.59 15.71
N TYR H 84 -48.20 3.64 16.45
CA TYR H 84 -47.65 2.30 16.54
C TYR H 84 -47.56 1.56 15.21
N PHE H 85 -48.48 1.82 14.29
CA PHE H 85 -48.41 1.18 12.97
C PHE H 85 -47.04 1.39 12.30
N PHE H 86 -46.50 2.59 12.47
CA PHE H 86 -45.27 3.02 11.76
C PHE H 86 -44.01 2.76 12.60
N ALA H 87 -44.18 2.11 13.74
CA ALA H 87 -43.11 1.95 14.75
C ALA H 87 -41.96 1.05 14.31
N ASP H 88 -42.19 0.20 13.31
CA ASP H 88 -41.16 -0.74 12.88
C ASP H 88 -40.40 -0.29 11.60
N PHE H 89 -40.65 0.94 11.18
CA PHE H 89 -40.21 1.42 9.88
C PHE H 89 -39.54 2.76 9.96
N TRP H 90 -38.50 2.93 9.17
CA TRP H 90 -37.91 4.24 8.93
C TRP H 90 -38.84 5.01 8.01
N LEU H 91 -39.07 6.30 8.30
CA LEU H 91 -40.08 7.07 7.57
C LEU H 91 -39.48 7.93 6.46
N GLY H 92 -38.21 7.73 6.18
CA GLY H 92 -37.59 8.37 5.05
C GLY H 92 -37.07 9.74 5.38
N GLU H 93 -36.27 10.27 4.47
CA GLU H 93 -35.42 11.40 4.77
C GLU H 93 -36.19 12.70 4.88
N THR H 94 -37.26 12.82 4.10
CA THR H 94 -38.08 14.03 4.16
C THR H 94 -38.74 14.23 5.50
N ILE H 95 -39.45 13.19 5.94
CA ILE H 95 -40.16 13.15 7.24
C ILE H 95 -39.18 13.30 8.43
N ALA H 96 -38.03 12.61 8.31
CA ALA H 96 -36.95 12.66 9.28
C ALA H 96 -36.35 14.04 9.50
N ASN H 97 -36.34 14.85 8.45
CA ASN H 97 -35.84 16.23 8.53
C ASN H 97 -36.92 17.32 8.52
N GLY H 98 -38.17 16.91 8.79
CA GLY H 98 -39.32 17.80 8.73
C GLY H 98 -39.47 18.59 10.01
N PRO H 99 -40.46 19.50 10.04
CA PRO H 99 -40.77 20.20 11.27
C PRO H 99 -40.82 19.31 12.52
N PHE H 100 -41.69 18.31 12.54
CA PHE H 100 -41.70 17.31 13.60
C PHE H 100 -41.85 15.94 12.98
N VAL H 101 -41.27 14.93 13.61
CA VAL H 101 -41.34 13.57 13.11
C VAL H 101 -42.50 12.83 13.76
N HIS H 102 -42.47 12.75 15.09
CA HIS H 102 -43.45 11.98 15.87
C HIS H 102 -44.68 12.80 16.31
N TYR H 103 -44.46 13.79 17.15
CA TYR H 103 -45.50 14.74 17.50
C TYR H 103 -44.90 16.12 17.55
N PRO H 104 -45.74 17.16 17.35
CA PRO H 104 -45.33 18.57 17.51
C PRO H 104 -44.70 18.85 18.87
N ASN H 105 -45.25 18.27 19.93
CA ASN H 105 -44.74 18.51 21.28
C ASN H 105 -43.55 17.65 21.66
N GLU H 106 -42.99 16.93 20.68
CA GLU H 106 -41.78 16.13 20.90
C GLU H 106 -40.64 17.09 21.22
N LYS H 107 -39.48 16.56 21.57
CA LYS H 107 -38.35 17.41 21.92
C LYS H 107 -37.05 16.72 21.57
N TRP H 108 -36.15 17.42 20.89
CA TRP H 108 -34.93 16.83 20.40
C TRP H 108 -33.72 17.25 21.22
N PHE H 109 -32.96 16.28 21.70
CA PHE H 109 -31.81 16.55 22.55
C PHE H 109 -30.51 16.17 21.84
N PRO H 110 -29.68 17.14 21.41
CA PRO H 110 -28.51 16.81 20.59
C PRO H 110 -27.52 15.99 21.34
N LEU H 111 -26.76 15.17 20.62
CA LEU H 111 -25.80 14.32 21.31
C LEU H 111 -24.73 15.19 21.95
N THR H 112 -24.20 14.74 23.08
CA THR H 112 -23.18 15.49 23.81
C THR H 112 -21.78 15.06 23.39
N GLU H 113 -20.76 15.79 23.82
CA GLU H 113 -19.38 15.60 23.34
C GLU H 113 -18.76 14.29 23.72
N ASN H 114 -19.10 13.83 24.91
CA ASN H 114 -18.62 12.56 25.43
C ASN H 114 -19.66 11.47 25.25
N ASP H 115 -20.75 11.82 24.58
CA ASP H 115 -21.88 10.93 24.27
C ASP H 115 -22.57 10.32 25.50
N ASP H 116 -22.74 11.13 26.54
CA ASP H 116 -23.64 10.76 27.62
C ASP H 116 -25.10 10.93 27.14
N VAL H 117 -26.05 10.48 27.95
CA VAL H 117 -27.46 10.72 27.69
C VAL H 117 -27.81 12.12 28.17
N PRO H 118 -28.19 13.03 27.27
CA PRO H 118 -28.43 14.44 27.63
C PRO H 118 -29.29 14.63 28.86
N GLU H 119 -29.10 15.76 29.53
CA GLU H 119 -29.64 15.93 30.88
C GLU H 119 -31.15 16.15 30.96
N GLY H 120 -31.75 16.84 29.99
CA GLY H 120 -33.20 17.04 30.00
C GLY H 120 -34.03 15.76 29.81
N LEU H 121 -33.37 14.65 29.50
CA LEU H 121 -34.07 13.40 29.20
C LEU H 121 -34.29 12.56 30.44
N LEU H 122 -35.32 11.70 30.38
CA LEU H 122 -35.64 10.78 31.46
C LEU H 122 -35.83 11.58 32.73
N ASP H 123 -35.80 10.87 33.85
CA ASP H 123 -35.59 11.47 35.15
C ASP H 123 -34.56 10.60 35.91
N ASP H 124 -34.53 10.68 37.23
CA ASP H 124 -33.47 10.03 38.01
C ASP H 124 -33.75 8.55 38.28
N ARG H 125 -35.00 8.23 38.57
CA ARG H 125 -35.42 6.83 38.79
C ARG H 125 -35.32 6.01 37.51
N LEU H 126 -35.74 6.61 36.40
CA LEU H 126 -35.65 5.99 35.08
C LEU H 126 -34.21 5.71 34.72
N ARG H 127 -33.36 6.71 34.83
CA ARG H 127 -31.94 6.51 34.59
C ARG H 127 -31.37 5.32 35.38
N ALA H 128 -31.85 5.15 36.61
CA ALA H 128 -31.35 4.11 37.51
C ALA H 128 -31.82 2.75 37.10
N PHE H 129 -33.04 2.71 36.61
CA PHE H 129 -33.66 1.49 36.09
C PHE H 129 -33.13 1.03 34.73
N TYR H 130 -33.16 1.90 33.73
CA TYR H 130 -32.66 1.58 32.39
C TYR H 130 -31.14 1.37 32.35
N ASP H 131 -30.42 2.15 33.13
CA ASP H 131 -28.98 2.20 33.00
C ASP H 131 -28.30 2.27 34.37
N PRO H 132 -28.44 1.21 35.17
CA PRO H 132 -27.83 1.25 36.51
C PRO H 132 -26.31 1.47 36.51
N GLU H 133 -25.59 0.90 35.54
CA GLU H 133 -24.13 1.02 35.52
C GLU H 133 -23.64 2.37 34.97
N ASN H 134 -24.57 3.21 34.55
CA ASN H 134 -24.25 4.48 33.92
C ASN H 134 -23.38 4.38 32.64
N GLU H 135 -23.56 3.32 31.86
CA GLU H 135 -22.77 3.10 30.65
C GLU H 135 -23.55 3.35 29.36
N LEU H 136 -24.81 3.72 29.48
CA LEU H 136 -25.68 3.93 28.32
C LEU H 136 -25.24 5.19 27.55
N THR H 137 -24.98 5.05 26.26
CA THR H 137 -24.52 6.19 25.48
C THR H 137 -25.72 6.84 24.76
N GLY H 138 -25.57 8.09 24.35
CA GLY H 138 -26.67 8.84 23.72
C GLY H 138 -26.98 8.40 22.31
N SER H 139 -25.95 8.06 21.58
CA SER H 139 -26.08 7.67 20.18
C SER H 139 -26.82 6.31 20.03
N MET H 140 -26.85 5.51 21.08
CA MET H 140 -27.69 4.29 21.11
C MET H 140 -29.19 4.59 21.13
N LEU H 141 -29.56 5.83 21.45
CA LEU H 141 -30.96 6.19 21.68
C LEU H 141 -31.60 6.99 20.53
N ILE H 142 -31.01 6.88 19.34
CA ILE H 142 -31.58 7.52 18.16
C ILE H 142 -32.81 6.74 17.66
N ASP H 143 -33.96 7.39 17.69
CA ASP H 143 -35.19 6.74 17.22
C ASP H 143 -35.05 6.17 15.81
N LEU H 144 -35.87 5.16 15.52
CA LEU H 144 -35.78 4.43 14.25
C LEU H 144 -36.40 5.21 13.11
N GLN H 145 -37.58 5.76 13.42
CA GLN H 145 -38.41 6.48 12.44
C GLN H 145 -37.69 7.59 11.67
N SER H 146 -36.85 8.32 12.38
CA SER H 146 -36.09 9.40 11.76
C SER H 146 -34.69 8.94 11.35
N GLY H 147 -34.06 8.15 12.23
CA GLY H 147 -32.65 7.78 12.05
C GLY H 147 -31.74 8.99 11.93
N ASN H 148 -32.13 10.07 12.59
CA ASN H 148 -31.51 11.37 12.36
C ASN H 148 -30.50 11.75 13.46
N GLU H 149 -29.35 11.10 13.44
CA GLU H 149 -28.34 11.30 14.47
C GLU H 149 -27.94 12.76 14.67
N ASP H 150 -27.84 13.49 13.56
CA ASP H 150 -27.48 14.90 13.60
C ASP H 150 -28.51 15.72 14.39
N ARG H 151 -29.78 15.43 14.21
CA ARG H 151 -30.82 16.14 14.93
C ARG H 151 -30.83 15.74 16.38
N GLY H 152 -30.42 14.51 16.65
CA GLY H 152 -30.31 14.00 18.00
C GLY H 152 -31.39 13.01 18.46
N ILE H 153 -31.51 12.90 19.77
CA ILE H 153 -32.41 11.94 20.40
C ILE H 153 -33.79 12.52 20.51
N CYS H 154 -34.75 11.96 19.78
CA CYS H 154 -36.13 12.39 19.98
C CYS H 154 -36.66 11.81 21.26
N GLY H 155 -37.27 12.68 22.04
CA GLY H 155 -37.89 12.31 23.30
C GLY H 155 -39.35 12.76 23.32
N LEU H 156 -40.22 11.87 23.82
CA LEU H 156 -41.63 12.17 23.90
C LEU H 156 -42.03 12.56 25.32
N PRO H 157 -43.00 13.50 25.44
CA PRO H 157 -43.47 13.98 26.74
C PRO H 157 -44.44 13.01 27.42
N PHE H 158 -44.19 12.76 28.70
CA PHE H 158 -45.05 11.90 29.54
C PHE H 158 -45.28 12.61 30.89
N THR H 159 -46.51 12.68 31.33
CA THR H 159 -46.84 13.26 32.64
C THR H 159 -46.57 12.26 33.75
N ARG H 160 -45.46 12.46 34.48
CA ARG H 160 -45.16 11.66 35.67
C ARG H 160 -46.28 11.89 36.68
N GLN H 161 -46.84 10.82 37.21
CA GLN H 161 -48.16 10.90 37.83
C GLN H 161 -48.18 11.28 39.29
N SER H 162 -47.14 10.90 40.04
CA SER H 162 -47.06 11.28 41.46
C SER H 162 -47.02 12.80 41.69
N ASP H 163 -46.13 13.50 40.99
CA ASP H 163 -45.97 14.96 41.12
C ASP H 163 -46.58 15.36 39.85
N ASN H 164 -46.66 16.53 39.33
CA ASN H 164 -47.50 16.39 38.12
C ASN H 164 -46.70 16.77 36.93
N GLN H 165 -45.48 16.27 36.89
CA GLN H 165 -44.48 16.84 36.02
C GLN H 165 -44.28 16.15 34.71
N THR H 166 -43.89 16.92 33.69
CA THR H 166 -43.53 16.35 32.38
C THR H 166 -42.14 15.69 32.45
N VAL H 167 -42.01 14.51 31.83
CA VAL H 167 -40.75 13.81 31.69
C VAL H 167 -40.59 13.40 30.24
N TYR H 168 -39.40 13.63 29.70
CA TYR H 168 -39.12 13.30 28.29
C TYR H 168 -38.46 11.91 28.20
N ILE H 169 -39.12 10.97 27.52
CA ILE H 169 -38.58 9.61 27.36
C ILE H 169 -38.24 9.40 25.89
N PRO H 170 -37.00 8.91 25.60
CA PRO H 170 -36.57 8.80 24.22
C PRO H 170 -37.45 7.83 23.51
N MET H 171 -37.83 8.17 22.30
CA MET H 171 -38.70 7.30 21.53
C MET H 171 -38.03 5.93 21.36
N ASN H 172 -36.72 5.91 21.16
CA ASN H 172 -36.00 4.66 21.11
C ASN H 172 -36.33 3.74 22.29
N ILE H 173 -36.29 4.25 23.52
CA ILE H 173 -36.53 3.43 24.71
C ILE H 173 -37.98 2.94 24.73
N ILE H 174 -38.92 3.87 24.56
CA ILE H 174 -40.34 3.56 24.54
C ILE H 174 -40.56 2.37 23.66
N GLY H 175 -40.08 2.47 22.42
CA GLY H 175 -40.42 1.54 21.33
C GLY H 175 -39.75 0.18 21.41
N ASN H 176 -38.54 0.15 21.96
CA ASN H 176 -37.79 -1.10 22.13
C ASN H 176 -38.19 -1.95 23.30
N LEU H 177 -38.62 -1.31 24.40
CA LEU H 177 -38.94 -2.01 25.64
C LEU H 177 -40.41 -2.07 26.03
N TYR H 178 -41.24 -1.17 25.53
CA TYR H 178 -42.64 -1.20 25.93
C TYR H 178 -43.57 -1.60 24.78
N VAL H 179 -43.16 -1.33 23.55
CA VAL H 179 -43.97 -1.65 22.34
C VAL H 179 -45.44 -1.29 22.52
N SER H 180 -46.31 -2.19 22.10
CA SER H 180 -47.75 -1.95 22.18
C SER H 180 -48.36 -2.20 23.59
N ASN H 181 -47.56 -2.20 24.66
CA ASN H 181 -48.09 -2.47 25.99
C ASN H 181 -48.45 -1.20 26.77
N GLY H 182 -49.69 -1.23 27.23
CA GLY H 182 -50.21 -0.15 28.05
C GLY H 182 -50.72 0.98 27.19
N MET H 183 -50.94 0.72 25.91
CA MET H 183 -51.66 1.68 25.08
C MET H 183 -53.13 1.43 25.17
N SER H 184 -53.87 2.51 25.01
CA SER H 184 -55.29 2.40 24.97
C SER H 184 -55.92 3.58 24.29
N ALA H 185 -57.15 3.38 23.85
CA ALA H 185 -58.02 4.44 23.38
C ALA H 185 -59.39 4.23 23.99
N GLY H 186 -60.21 5.27 24.10
CA GLY H 186 -61.50 5.13 24.77
C GLY H 186 -62.50 6.21 24.49
N ASN H 187 -63.69 6.00 25.04
CA ASN H 187 -64.75 6.98 24.96
C ASN H 187 -64.50 8.18 25.87
N THR H 188 -63.73 7.98 26.92
CA THR H 188 -63.39 9.04 27.85
C THR H 188 -61.95 8.89 28.24
N ARG H 189 -61.39 9.98 28.75
CA ARG H 189 -60.02 9.96 29.26
C ARG H 189 -59.86 8.74 30.19
N ASN H 190 -60.76 8.63 31.16
CA ASN H 190 -60.60 7.66 32.22
C ASN H 190 -60.85 6.24 31.82
N GLU H 191 -61.84 6.05 30.96
CA GLU H 191 -62.13 4.71 30.40
C GLU H 191 -60.83 4.15 29.76
N ALA H 192 -60.20 4.96 28.91
CA ALA H 192 -58.97 4.57 28.22
C ALA H 192 -57.86 4.27 29.19
N ARG H 193 -57.71 5.10 30.19
CA ARG H 193 -56.64 4.89 31.14
C ARG H 193 -56.84 3.62 31.99
N VAL H 194 -58.08 3.34 32.38
CA VAL H 194 -58.35 2.16 33.13
C VAL H 194 -58.07 0.94 32.27
N GLN H 195 -58.45 0.99 30.99
CA GLN H 195 -58.15 -0.13 30.06
C GLN H 195 -56.64 -0.32 30.00
N GLY H 196 -55.91 0.74 29.71
CA GLY H 196 -54.47 0.68 29.61
C GLY H 196 -53.74 0.26 30.90
N LEU H 197 -54.20 0.73 32.04
CA LEU H 197 -53.53 0.37 33.30
C LEU H 197 -53.79 -1.08 33.63
N SER H 198 -55.00 -1.53 33.30
CA SER H 198 -55.34 -2.92 33.46
C SER H 198 -54.47 -3.80 32.54
N GLU H 199 -54.31 -3.38 31.28
CA GLU H 199 -53.38 -4.03 30.34
C GLU H 199 -52.00 -4.18 30.98
N VAL H 200 -51.58 -3.23 31.80
CA VAL H 200 -50.29 -3.34 32.48
C VAL H 200 -50.29 -4.44 33.53
N PHE H 201 -51.35 -4.49 34.32
CA PHE H 201 -51.48 -5.54 35.32
C PHE H 201 -51.54 -6.93 34.67
N GLU H 202 -52.37 -7.06 33.64
CA GLU H 202 -52.52 -8.31 32.88
C GLU H 202 -51.14 -8.90 32.66
N ARG H 203 -50.30 -8.13 32.02
CA ARG H 203 -49.03 -8.62 31.57
C ARG H 203 -48.01 -8.79 32.69
N TYR H 204 -48.06 -7.94 33.72
CA TYR H 204 -47.04 -8.01 34.80
C TYR H 204 -47.32 -9.19 35.68
N VAL H 205 -48.58 -9.35 36.04
CA VAL H 205 -49.02 -10.49 36.87
C VAL H 205 -48.79 -11.80 36.12
N LYS H 206 -49.23 -11.83 34.85
CA LYS H 206 -48.98 -12.95 33.99
C LYS H 206 -47.51 -13.40 34.13
N ASN H 207 -46.61 -12.50 33.86
CA ASN H 207 -45.20 -12.83 33.88
C ASN H 207 -44.70 -13.36 35.21
N ARG H 208 -45.44 -13.10 36.27
CA ARG H 208 -45.06 -13.60 37.59
C ARG H 208 -45.61 -14.99 37.78
N ILE H 209 -46.92 -15.11 37.53
CA ILE H 209 -47.59 -16.37 37.59
C ILE H 209 -46.82 -17.42 36.80
N ILE H 210 -46.33 -17.01 35.63
CA ILE H 210 -45.62 -17.91 34.74
C ILE H 210 -44.22 -18.13 35.23
N ALA H 211 -43.42 -17.07 35.28
CA ALA H 211 -41.99 -17.19 35.58
C ALA H 211 -41.74 -17.83 36.94
N GLU H 212 -42.58 -17.51 37.92
CA GLU H 212 -42.44 -18.05 39.27
C GLU H 212 -43.16 -19.40 39.47
N SER H 213 -43.73 -19.94 38.38
CA SER H 213 -44.34 -21.28 38.38
C SER H 213 -45.37 -21.41 39.50
N ILE H 214 -46.31 -20.48 39.51
CA ILE H 214 -47.29 -20.35 40.61
C ILE H 214 -48.49 -21.21 40.33
N SER H 215 -49.01 -21.87 41.39
CA SER H 215 -50.30 -22.60 41.35
C SER H 215 -51.38 -21.68 41.79
N LEU H 216 -52.33 -21.46 40.91
CA LEU H 216 -53.40 -20.54 41.18
C LEU H 216 -54.57 -21.31 41.71
N PRO H 217 -55.50 -20.60 42.36
CA PRO H 217 -56.74 -21.16 42.90
C PRO H 217 -57.92 -21.09 41.92
N GLU H 218 -58.61 -22.19 41.74
CA GLU H 218 -59.76 -22.24 40.81
C GLU H 218 -60.81 -21.20 41.24
N ILE H 219 -61.59 -20.74 40.28
CA ILE H 219 -62.71 -19.89 40.55
C ILE H 219 -63.83 -20.84 40.88
N PRO H 220 -64.44 -20.68 42.05
CA PRO H 220 -65.61 -21.51 42.43
C PRO H 220 -66.75 -21.47 41.42
N ALA H 221 -67.50 -22.55 41.34
CA ALA H 221 -68.52 -22.70 40.33
C ALA H 221 -69.67 -21.70 40.51
N ASP H 222 -70.08 -21.48 41.75
CA ASP H 222 -71.15 -20.52 42.06
C ASP H 222 -70.76 -19.07 41.75
N VAL H 223 -69.45 -18.77 41.72
CA VAL H 223 -68.92 -17.46 41.30
C VAL H 223 -68.99 -17.32 39.78
N LEU H 224 -68.58 -18.35 39.06
CA LEU H 224 -68.70 -18.36 37.61
C LEU H 224 -70.14 -18.21 37.18
N ALA H 225 -71.03 -18.76 38.00
CA ALA H 225 -72.48 -18.79 37.71
C ALA H 225 -73.04 -17.40 37.51
N ARG H 226 -72.45 -16.43 38.21
CA ARG H 226 -72.81 -15.03 38.05
C ARG H 226 -72.75 -14.56 36.59
N TYR H 227 -71.87 -15.17 35.80
CA TYR H 227 -71.62 -14.74 34.44
C TYR H 227 -71.97 -15.86 33.46
N PRO H 228 -73.27 -16.10 33.23
CA PRO H 228 -73.75 -17.25 32.42
C PRO H 228 -73.27 -17.26 30.98
N ALA H 229 -73.12 -16.08 30.39
CA ALA H 229 -72.64 -15.93 29.02
C ALA H 229 -71.20 -16.45 28.85
N VAL H 230 -70.38 -16.33 29.87
CA VAL H 230 -69.04 -16.88 29.88
C VAL H 230 -69.12 -18.38 30.12
N VAL H 231 -69.83 -18.77 31.18
CA VAL H 231 -70.13 -20.19 31.49
C VAL H 231 -70.54 -20.95 30.23
N GLU H 232 -71.34 -20.30 29.36
CA GLU H 232 -71.81 -20.90 28.13
C GLU H 232 -70.68 -21.10 27.13
N ALA H 233 -69.83 -20.09 27.02
CA ALA H 233 -68.67 -20.20 26.17
C ALA H 233 -67.75 -21.31 26.61
N ILE H 234 -67.65 -21.52 27.93
CA ILE H 234 -66.77 -22.55 28.48
C ILE H 234 -67.37 -23.94 28.32
N GLU H 235 -68.67 -24.06 28.58
CA GLU H 235 -69.31 -25.35 28.38
C GLU H 235 -69.19 -25.79 26.93
N THR H 236 -69.26 -24.84 25.99
CA THR H 236 -69.16 -25.17 24.57
C THR H 236 -67.76 -25.65 24.24
N LEU H 237 -66.76 -24.91 24.69
CA LEU H 237 -65.37 -25.34 24.50
C LEU H 237 -65.09 -26.71 25.14
N GLU H 238 -65.71 -26.96 26.30
CA GLU H 238 -65.42 -28.17 27.04
C GLU H 238 -66.03 -29.37 26.36
N ALA H 239 -67.28 -29.21 25.93
CA ALA H 239 -68.00 -30.24 25.17
C ALA H 239 -67.39 -30.46 23.80
N GLU H 240 -66.87 -29.39 23.23
CA GLU H 240 -66.09 -29.47 21.98
C GLU H 240 -64.77 -30.27 22.11
N GLY H 241 -64.44 -30.74 23.31
CA GLY H 241 -63.24 -31.55 23.54
C GLY H 241 -62.06 -30.84 24.15
N PHE H 242 -62.26 -29.64 24.67
CA PHE H 242 -61.17 -28.85 25.26
C PHE H 242 -61.36 -28.59 26.77
N PRO H 243 -60.63 -29.33 27.63
CA PRO H 243 -60.68 -28.98 29.06
C PRO H 243 -60.32 -27.51 29.30
N ILE H 244 -61.09 -26.85 30.18
CA ILE H 244 -60.81 -25.47 30.59
C ILE H 244 -60.49 -25.40 32.09
N PHE H 245 -59.59 -24.51 32.48
CA PHE H 245 -59.36 -24.15 33.87
C PHE H 245 -59.55 -22.64 34.03
N ALA H 246 -60.42 -22.22 34.95
CA ALA H 246 -60.59 -20.81 35.27
C ALA H 246 -59.92 -20.53 36.62
N TYR H 247 -59.16 -19.45 36.73
CA TYR H 247 -58.31 -19.19 37.88
C TYR H 247 -58.39 -17.73 38.37
N ASP H 248 -58.15 -17.53 39.66
CA ASP H 248 -58.03 -16.21 40.23
C ASP H 248 -56.54 -15.82 40.17
N GLY H 249 -56.24 -14.87 39.31
CA GLY H 249 -54.89 -14.41 39.14
C GLY H 249 -54.51 -13.26 40.03
N SER H 250 -55.37 -12.96 41.02
CA SER H 250 -55.17 -11.81 41.91
C SER H 250 -53.98 -11.97 42.87
N LEU H 251 -53.53 -13.20 43.05
CA LEU H 251 -52.41 -13.49 43.95
C LEU H 251 -52.79 -13.10 45.37
N GLY H 252 -53.91 -13.65 45.83
CA GLY H 252 -54.47 -13.30 47.12
C GLY H 252 -55.05 -11.89 47.16
N GLY H 253 -55.89 -11.57 46.20
CA GLY H 253 -56.64 -10.33 46.21
C GLY H 253 -55.88 -9.06 45.83
N GLN H 254 -54.57 -9.14 45.56
CA GLN H 254 -53.76 -7.96 45.25
C GLN H 254 -54.06 -7.25 43.89
N TYR H 255 -54.13 -8.03 42.83
CA TYR H 255 -54.27 -7.48 41.49
C TYR H 255 -55.55 -7.95 40.83
N PRO H 256 -56.10 -7.15 39.91
CA PRO H 256 -57.39 -7.47 39.31
C PRO H 256 -57.22 -8.33 38.05
N VAL H 257 -56.70 -9.54 38.23
CA VAL H 257 -56.31 -10.39 37.13
C VAL H 257 -56.96 -11.78 37.22
N ILE H 258 -57.64 -12.16 36.15
CA ILE H 258 -58.12 -13.52 35.93
C ILE H 258 -57.24 -14.24 34.93
N CYS H 259 -57.08 -15.54 35.14
CA CYS H 259 -56.32 -16.38 34.22
C CYS H 259 -57.12 -17.62 33.87
N VAL H 260 -57.18 -17.95 32.59
CA VAL H 260 -58.00 -19.07 32.11
C VAL H 260 -57.21 -19.87 31.11
N VAL H 261 -57.11 -21.17 31.36
CA VAL H 261 -56.22 -22.02 30.60
C VAL H 261 -56.98 -23.08 29.88
N LEU H 262 -56.69 -23.21 28.59
CA LEU H 262 -57.27 -24.22 27.73
C LEU H 262 -56.28 -25.38 27.53
N PHE H 263 -56.80 -26.60 27.57
CA PHE H 263 -56.04 -27.80 27.20
C PHE H 263 -56.48 -28.27 25.81
N ASN H 264 -55.53 -28.76 25.03
CA ASN H 264 -55.83 -29.49 23.83
C ASN H 264 -55.29 -30.94 23.89
N PRO H 265 -56.13 -31.89 24.36
CA PRO H 265 -55.68 -33.25 24.59
C PRO H 265 -55.17 -33.96 23.32
N ALA H 266 -55.70 -33.55 22.18
CA ALA H 266 -55.29 -34.08 20.87
C ALA H 266 -53.80 -33.93 20.59
N ASN H 267 -53.20 -32.80 20.94
CA ASN H 267 -51.74 -32.65 20.75
C ASN H 267 -50.96 -32.57 22.06
N GLY H 268 -51.66 -32.75 23.19
CA GLY H 268 -51.06 -32.69 24.55
C GLY H 268 -50.52 -31.33 24.99
N THR H 269 -51.13 -30.25 24.49
CA THR H 269 -50.66 -28.89 24.74
C THR H 269 -51.67 -28.09 25.53
N CYS H 270 -51.21 -26.97 26.09
CA CYS H 270 -52.07 -26.00 26.79
C CYS H 270 -51.85 -24.59 26.27
N PHE H 271 -52.83 -23.74 26.49
CA PHE H 271 -52.78 -22.34 26.11
C PHE H 271 -53.37 -21.47 27.23
N ALA H 272 -52.51 -20.67 27.86
CA ALA H 272 -52.91 -19.81 28.97
C ALA H 272 -53.24 -18.39 28.55
N SER H 273 -54.48 -17.98 28.82
CA SER H 273 -54.88 -16.60 28.64
C SER H 273 -55.01 -15.87 29.95
N PHE H 274 -54.77 -14.56 29.91
CA PHE H 274 -54.84 -13.68 31.05
C PHE H 274 -55.66 -12.45 30.69
N GLY H 275 -56.12 -11.78 31.72
CA GLY H 275 -56.93 -10.59 31.49
C GLY H 275 -57.13 -9.82 32.77
N ALA H 276 -57.26 -8.51 32.65
CA ALA H 276 -57.42 -7.66 33.84
C ALA H 276 -58.42 -6.55 33.62
N HIS H 277 -59.18 -6.30 34.67
CA HIS H 277 -60.06 -5.17 34.73
C HIS H 277 -60.53 -5.03 36.19
N PRO H 278 -60.81 -3.81 36.65
CA PRO H 278 -61.22 -3.64 38.05
C PRO H 278 -62.42 -4.48 38.42
N ASP H 279 -63.36 -4.64 37.49
CA ASP H 279 -64.54 -5.45 37.72
C ASP H 279 -64.24 -6.90 37.36
N PHE H 280 -64.26 -7.77 38.37
CA PHE H 280 -64.05 -9.23 38.22
C PHE H 280 -64.68 -9.86 36.97
N GLY H 281 -65.95 -9.56 36.75
CA GLY H 281 -66.70 -10.12 35.64
C GLY H 281 -66.18 -9.71 34.28
N VAL H 282 -65.83 -8.43 34.13
CA VAL H 282 -65.28 -7.94 32.87
C VAL H 282 -63.96 -8.61 32.60
N ALA H 283 -63.15 -8.74 33.63
CA ALA H 283 -61.86 -9.37 33.52
C ALA H 283 -62.00 -10.81 33.14
N LEU H 284 -63.00 -11.49 33.69
CA LEU H 284 -63.23 -12.90 33.35
C LEU H 284 -63.51 -13.03 31.85
N GLU H 285 -64.48 -12.25 31.37
CA GLU H 285 -64.87 -12.30 29.96
C GLU H 285 -63.75 -11.89 29.00
N ARG H 286 -63.00 -10.86 29.36
CA ARG H 286 -61.82 -10.45 28.60
C ARG H 286 -60.82 -11.61 28.45
N THR H 287 -60.58 -12.37 29.52
CA THR H 287 -59.65 -13.53 29.49
C THR H 287 -60.16 -14.67 28.60
N VAL H 288 -61.44 -14.98 28.73
CA VAL H 288 -62.09 -15.97 27.83
C VAL H 288 -62.14 -15.52 26.35
N THR H 289 -62.63 -14.30 26.02
CA THR H 289 -62.70 -13.89 24.62
C THR H 289 -61.32 -13.94 23.96
N GLU H 290 -60.27 -13.69 24.72
CA GLU H 290 -58.93 -13.74 24.15
C GLU H 290 -58.44 -15.19 23.89
N LEU H 291 -59.06 -16.23 24.45
CA LEU H 291 -58.68 -17.59 24.03
C LEU H 291 -58.85 -17.78 22.51
N LEU H 292 -59.71 -16.96 21.88
CA LEU H 292 -60.01 -17.03 20.43
C LEU H 292 -60.06 -15.60 19.69
N PHE H 303 -49.68 -24.69 19.80
CA PHE H 303 -49.25 -24.51 21.20
C PHE H 303 -48.13 -25.41 21.69
N THR H 304 -47.79 -25.25 22.97
CA THR H 304 -46.72 -26.01 23.57
C THR H 304 -47.20 -26.71 24.84
N PRO H 305 -46.67 -27.92 25.12
CA PRO H 305 -47.11 -28.62 26.32
C PRO H 305 -46.52 -28.00 27.58
N PRO H 306 -47.18 -28.24 28.74
CA PRO H 306 -46.65 -27.80 30.01
C PRO H 306 -45.30 -28.43 30.27
N THR H 307 -44.62 -27.96 31.28
CA THR H 307 -43.26 -28.40 31.55
C THR H 307 -42.96 -28.32 33.03
N PHE H 308 -42.08 -29.21 33.52
CA PHE H 308 -41.55 -29.10 34.88
C PHE H 308 -40.24 -28.30 34.93
N ASP H 309 -39.88 -27.59 33.85
CA ASP H 309 -38.59 -26.90 33.81
C ASP H 309 -38.70 -25.54 34.46
N ASP H 310 -38.50 -25.52 35.76
CA ASP H 310 -38.51 -24.28 36.51
C ASP H 310 -37.74 -23.13 35.85
N GLU H 311 -36.60 -23.43 35.24
CA GLU H 311 -35.70 -22.40 34.68
C GLU H 311 -36.07 -21.94 33.27
N GLU H 312 -36.54 -22.86 32.44
CA GLU H 312 -36.89 -22.53 31.07
C GLU H 312 -38.16 -21.68 30.97
N VAL H 313 -39.06 -21.88 31.92
CA VAL H 313 -40.31 -21.13 31.98
C VAL H 313 -39.99 -19.67 32.29
N ALA H 314 -39.11 -19.46 33.26
CA ALA H 314 -38.75 -18.11 33.73
C ALA H 314 -37.93 -17.30 32.73
N GLU H 315 -37.22 -17.96 31.81
CA GLU H 315 -36.33 -17.28 30.86
C GLU H 315 -37.07 -16.12 30.17
N HIS H 316 -36.39 -14.97 30.02
CA HIS H 316 -37.02 -13.76 29.46
C HIS H 316 -37.56 -14.03 28.05
N THR H 317 -36.86 -14.84 27.27
CA THR H 317 -37.32 -15.21 25.93
C THR H 317 -38.66 -15.99 25.93
N ASN H 318 -38.99 -16.66 27.03
CA ASN H 318 -40.26 -17.38 27.13
C ASN H 318 -41.40 -16.40 27.30
N LEU H 319 -41.17 -15.42 28.18
CA LEU H 319 -42.21 -14.42 28.48
C LEU H 319 -42.38 -13.48 27.30
N GLU H 320 -41.27 -13.19 26.62
CA GLU H 320 -41.29 -12.36 25.41
C GLU H 320 -42.19 -13.03 24.37
N THR H 321 -42.11 -14.38 24.28
CA THR H 321 -42.93 -15.14 23.31
C THR H 321 -44.36 -14.97 23.69
N HIS H 322 -44.68 -15.38 24.92
CA HIS H 322 -46.04 -15.23 25.45
C HIS H 322 -46.72 -13.90 25.05
N PHE H 323 -45.94 -12.81 24.98
CA PHE H 323 -46.47 -11.50 24.60
C PHE H 323 -46.85 -11.44 23.11
N ILE H 324 -45.97 -11.92 22.24
CA ILE H 324 -46.18 -11.85 20.78
C ILE H 324 -47.35 -12.70 20.30
N ASP H 325 -47.29 -13.98 20.64
CA ASP H 325 -48.39 -14.91 20.53
C ASP H 325 -48.27 -15.73 21.81
N SER H 326 -49.34 -16.39 22.25
CA SER H 326 -49.32 -17.06 23.57
C SER H 326 -48.92 -18.55 23.51
N SER H 327 -48.13 -18.91 22.50
CA SER H 327 -47.46 -20.22 22.45
C SER H 327 -46.15 -20.19 23.20
N GLY H 328 -46.22 -20.13 24.52
CA GLY H 328 -45.01 -20.18 25.36
C GLY H 328 -45.13 -21.31 26.36
N LEU H 329 -44.07 -21.52 27.12
CA LEU H 329 -44.03 -22.60 28.12
C LEU H 329 -44.70 -22.25 29.45
N ILE H 330 -45.64 -23.10 29.88
CA ILE H 330 -46.33 -22.94 31.15
C ILE H 330 -45.88 -24.06 32.07
N SER H 331 -45.64 -23.76 33.34
CA SER H 331 -45.28 -24.83 34.29
C SER H 331 -46.47 -25.71 34.66
N TRP H 332 -46.21 -27.00 34.90
CA TRP H 332 -47.27 -27.95 35.32
C TRP H 332 -47.82 -27.50 36.65
N ASP H 333 -46.99 -26.78 37.39
CA ASP H 333 -47.37 -26.28 38.70
C ASP H 333 -48.61 -25.45 38.72
N LEU H 334 -48.88 -24.74 37.64
CA LEU H 334 -50.09 -23.93 37.58
C LEU H 334 -51.32 -24.76 38.00
N PHE H 335 -51.31 -26.05 37.60
CA PHE H 335 -52.48 -26.93 37.67
C PHE H 335 -52.47 -27.84 38.89
N LYS H 336 -51.51 -27.62 39.79
CA LYS H 336 -51.49 -28.33 41.04
C LYS H 336 -52.82 -28.09 41.75
N GLN H 337 -53.28 -29.15 42.41
CA GLN H 337 -54.51 -29.09 43.19
C GLN H 337 -54.41 -27.97 44.21
N ASP H 338 -53.38 -28.04 45.04
CA ASP H 338 -53.15 -27.01 46.05
C ASP H 338 -52.53 -25.73 45.48
N ALA H 339 -53.31 -24.64 45.62
CA ALA H 339 -52.89 -23.29 45.25
C ALA H 339 -52.02 -22.58 46.30
N ASP H 340 -51.19 -21.64 45.84
CA ASP H 340 -50.25 -20.92 46.69
C ASP H 340 -50.90 -19.68 47.25
N TYR H 341 -52.08 -19.34 46.75
CA TYR H 341 -52.85 -18.25 47.26
C TYR H 341 -54.28 -18.76 47.37
N PRO H 342 -55.04 -18.29 48.36
CA PRO H 342 -56.48 -18.58 48.36
C PRO H 342 -57.28 -17.80 47.31
N PHE H 343 -58.41 -18.38 46.87
CA PHE H 343 -59.29 -17.66 45.97
C PHE H 343 -59.79 -16.44 46.71
N VAL H 344 -59.95 -15.32 46.02
CA VAL H 344 -60.52 -14.13 46.62
C VAL H 344 -61.60 -13.67 45.68
N ASP H 345 -62.81 -13.46 46.19
CA ASP H 345 -63.86 -12.94 45.35
C ASP H 345 -63.66 -11.41 45.27
N TRP H 346 -62.69 -11.00 44.44
CA TRP H 346 -62.26 -9.63 44.40
C TRP H 346 -63.17 -8.77 43.57
N ASN H 347 -63.09 -7.48 43.90
CA ASN H 347 -63.76 -6.46 43.15
C ASN H 347 -63.20 -5.07 43.44
N PHE H 348 -62.81 -4.37 42.38
CA PHE H 348 -62.21 -3.05 42.47
C PHE H 348 -63.08 -2.02 41.70
N SER H 349 -64.29 -2.43 41.32
CA SER H 349 -65.09 -1.69 40.35
C SER H 349 -65.64 -0.31 40.87
N GLY H 350 -66.44 0.34 40.03
CA GLY H 350 -66.94 1.70 40.28
C GLY H 350 -66.93 2.48 38.97
N THR H 351 -67.05 3.79 39.06
CA THR H 351 -66.97 4.61 37.84
C THR H 351 -65.54 4.67 37.35
N THR H 352 -65.36 4.86 36.04
CA THR H 352 -64.04 4.90 35.45
C THR H 352 -63.11 5.85 36.19
N GLU H 353 -63.67 6.94 36.68
CA GLU H 353 -62.92 7.88 37.51
C GLU H 353 -62.40 7.26 38.81
N GLU H 354 -63.29 6.53 39.51
CA GLU H 354 -62.93 5.85 40.75
C GLU H 354 -61.96 4.72 40.47
N GLU H 355 -62.26 3.92 39.43
CA GLU H 355 -61.46 2.76 39.03
C GLU H 355 -60.03 3.22 38.72
N PHE H 356 -59.90 4.36 38.04
CA PHE H 356 -58.58 4.94 37.80
C PHE H 356 -57.78 5.19 39.08
N ALA H 357 -58.45 5.70 40.08
CA ALA H 357 -57.79 5.98 41.34
C ALA H 357 -57.41 4.70 42.06
N THR H 358 -58.35 3.76 42.05
CA THR H 358 -58.23 2.52 42.78
C THR H 358 -57.03 1.80 42.28
N LEU H 359 -56.84 1.85 40.96
CA LEU H 359 -55.74 1.14 40.30
C LEU H 359 -54.47 1.85 40.63
N MET H 360 -54.50 3.18 40.50
CA MET H 360 -53.33 4.05 40.79
C MET H 360 -52.87 3.84 42.22
N ALA H 361 -53.84 3.57 43.11
CA ALA H 361 -53.59 3.17 44.53
C ALA H 361 -52.71 1.95 44.69
N ILE H 362 -52.93 0.96 43.81
CA ILE H 362 -52.11 -0.25 43.77
C ILE H 362 -50.67 0.03 43.33
N PHE H 363 -50.51 0.85 42.28
CA PHE H 363 -49.17 1.24 41.85
C PHE H 363 -48.40 2.00 42.94
N ASN H 364 -49.11 2.86 43.67
CA ASN H 364 -48.49 3.59 44.75
C ASN H 364 -48.03 2.62 45.81
N LYS H 365 -48.87 1.64 46.14
CA LYS H 365 -48.54 0.61 47.14
C LYS H 365 -47.29 -0.13 46.74
N GLU H 366 -47.07 -0.28 45.44
CA GLU H 366 -45.91 -1.01 44.93
C GLU H 366 -44.67 -0.16 44.83
N ASP H 367 -44.78 1.14 45.12
CA ASP H 367 -43.67 2.09 44.93
C ASP H 367 -43.19 2.08 43.48
N LYS H 368 -44.15 2.17 42.57
CA LYS H 368 -43.90 2.21 41.15
C LYS H 368 -44.51 3.47 40.54
N GLU H 369 -43.64 4.37 40.09
CA GLU H 369 -44.06 5.54 39.35
C GLU H 369 -44.78 5.16 38.05
N VAL H 370 -45.92 5.80 37.80
CA VAL H 370 -46.66 5.65 36.53
C VAL H 370 -46.39 6.88 35.68
N TYR H 371 -46.18 6.68 34.38
CA TYR H 371 -45.96 7.78 33.46
C TYR H 371 -46.98 7.66 32.36
N ILE H 372 -47.89 8.60 32.29
CA ILE H 372 -48.90 8.60 31.24
C ILE H 372 -48.61 9.68 30.19
N ALA H 373 -49.14 9.46 28.98
CA ALA H 373 -49.04 10.43 27.88
C ALA H 373 -50.35 10.45 27.15
N ASP H 374 -50.90 11.64 26.96
CA ASP H 374 -52.22 11.75 26.37
C ASP H 374 -52.22 12.26 24.92
N TYR H 375 -53.09 11.68 24.11
CA TYR H 375 -53.20 12.01 22.70
C TYR H 375 -54.68 12.22 22.40
N GLU H 376 -55.01 13.39 21.86
CA GLU H 376 -56.40 13.69 21.48
C GLU H 376 -56.47 14.28 20.07
N HIS H 377 -55.36 14.23 19.33
CA HIS H 377 -55.26 14.92 18.06
C HIS H 377 -56.04 14.27 16.92
N LEU H 378 -56.54 13.05 17.15
CA LEU H 378 -57.38 12.38 16.17
C LEU H 378 -58.87 12.46 16.52
N GLY H 379 -59.21 13.19 17.57
CA GLY H 379 -60.61 13.33 18.00
C GLY H 379 -61.15 12.21 18.88
N VAL H 380 -60.25 11.35 19.36
CA VAL H 380 -60.59 10.34 20.31
C VAL H 380 -59.46 10.30 21.29
N TYR H 381 -59.79 10.07 22.55
CA TYR H 381 -58.76 10.08 23.55
C TYR H 381 -58.01 8.75 23.47
N ALA H 382 -56.70 8.83 23.63
CA ALA H 382 -55.82 7.67 23.65
C ALA H 382 -54.59 7.97 24.52
N CYS H 383 -54.21 7.00 25.34
CA CYS H 383 -53.11 7.17 26.24
C CYS H 383 -52.04 6.21 25.91
N ARG H 384 -50.88 6.46 26.48
CA ARG H 384 -49.80 5.49 26.45
C ARG H 384 -49.10 5.47 27.82
N ILE H 385 -49.05 4.29 28.46
CA ILE H 385 -48.65 4.19 29.86
C ILE H 385 -47.39 3.36 30.06
N ILE H 386 -46.38 4.01 30.62
CA ILE H 386 -45.15 3.39 30.99
C ILE H 386 -45.13 3.29 32.51
N VAL H 387 -44.67 2.16 33.03
CA VAL H 387 -44.58 1.90 34.50
C VAL H 387 -43.32 1.10 34.76
N PRO H 388 -42.16 1.73 34.61
CA PRO H 388 -40.94 0.96 34.56
C PRO H 388 -40.83 0.08 35.78
N GLY H 389 -40.47 -1.18 35.54
CA GLY H 389 -40.47 -2.22 36.55
C GLY H 389 -41.73 -3.06 36.52
N MET H 390 -42.65 -2.80 35.60
CA MET H 390 -43.94 -3.55 35.51
C MET H 390 -44.50 -3.62 34.07
N SER H 391 -44.51 -2.48 33.37
CA SER H 391 -44.96 -2.35 31.98
C SER H 391 -43.94 -2.95 31.00
N ASP H 392 -42.67 -3.06 31.37
CA ASP H 392 -41.66 -3.55 30.44
C ASP H 392 -42.00 -4.91 29.87
N ILE H 393 -41.86 -5.05 28.57
CA ILE H 393 -41.95 -6.35 27.91
C ILE H 393 -40.56 -6.92 27.62
N TYR H 394 -39.67 -6.08 27.15
CA TYR H 394 -38.29 -6.44 26.95
C TYR H 394 -37.41 -5.79 28.04
N PRO H 395 -36.24 -6.41 28.37
CA PRO H 395 -35.40 -5.90 29.44
C PRO H 395 -34.44 -4.85 28.91
N ALA H 396 -34.03 -3.95 29.78
CA ALA H 396 -33.23 -2.80 29.38
C ALA H 396 -31.92 -3.17 28.70
N GLU H 397 -31.34 -4.34 29.04
CA GLU H 397 -30.11 -4.84 28.35
C GLU H 397 -30.29 -4.83 26.86
N ASP H 398 -31.52 -4.99 26.40
CA ASP H 398 -31.82 -4.97 24.96
C ASP H 398 -31.51 -3.63 24.26
N LEU H 399 -31.39 -2.53 25.00
CA LEU H 399 -30.99 -1.24 24.38
C LEU H 399 -29.56 -1.33 23.85
N TRP H 400 -28.78 -2.26 24.41
CA TRP H 400 -27.40 -2.54 23.95
C TRP H 400 -27.42 -3.69 22.95
N LEU H 401 -28.09 -4.78 23.31
CA LEU H 401 -27.99 -6.05 22.56
C LEU H 401 -28.99 -6.23 21.40
N ALA H 402 -30.18 -5.66 21.52
CA ALA H 402 -31.27 -5.92 20.57
C ALA H 402 -31.98 -4.63 20.20
N ASN H 403 -31.21 -3.60 19.88
CA ASN H 403 -31.79 -2.28 19.71
C ASN H 403 -32.24 -2.17 18.29
N ASN H 404 -33.53 -1.91 18.11
CA ASN H 404 -34.12 -1.84 16.79
C ASN H 404 -33.65 -0.71 15.83
N SER H 405 -32.70 0.12 16.25
CA SER H 405 -32.04 1.04 15.32
C SER H 405 -30.54 0.77 15.14
N MET H 406 -30.08 -0.39 15.60
CA MET H 406 -28.66 -0.76 15.53
C MET H 406 -28.11 -0.62 14.12
N GLY H 407 -28.96 -0.89 13.13
CA GLY H 407 -28.55 -0.83 11.75
C GLY H 407 -28.74 0.50 11.08
N SER H 408 -29.37 1.46 11.76
CA SER H 408 -29.77 2.74 11.14
C SER H 408 -28.63 3.37 10.32
N HIS H 409 -27.40 3.18 10.77
CA HIS H 409 -26.24 3.84 10.16
C HIS H 409 -25.72 3.18 8.92
N LEU H 410 -26.06 1.91 8.70
CA LEU H 410 -25.71 1.22 7.44
C LEU H 410 -26.75 1.35 6.35
N ARG H 411 -27.90 1.90 6.69
CA ARG H 411 -29.00 1.95 5.73
C ARG H 411 -28.58 2.49 4.37
N GLU H 412 -28.06 3.71 4.35
CA GLU H 412 -27.76 4.41 3.10
C GLU H 412 -26.74 3.67 2.28
N THR H 413 -25.73 3.10 2.96
CA THR H 413 -24.73 2.23 2.33
C THR H 413 -25.34 1.00 1.64
N ILE H 414 -26.22 0.30 2.37
CA ILE H 414 -26.80 -0.93 1.90
C ILE H 414 -27.81 -0.67 0.76
N LEU H 415 -28.67 0.34 0.90
CA LEU H 415 -29.63 0.66 -0.16
C LEU H 415 -28.99 1.13 -1.47
N SER H 416 -27.73 1.56 -1.38
CA SER H 416 -26.96 1.97 -2.54
C SER H 416 -26.40 0.78 -3.35
N LEU H 417 -26.25 -0.38 -2.72
CA LEU H 417 -25.58 -1.55 -3.34
C LEU H 417 -26.08 -2.01 -4.72
N PRO H 418 -27.41 -2.10 -4.93
CA PRO H 418 -27.88 -2.35 -6.30
C PRO H 418 -27.52 -1.20 -7.22
N GLY H 419 -26.67 -1.48 -8.21
CA GLY H 419 -26.20 -0.46 -9.16
C GLY H 419 -24.80 0.06 -8.84
N SER H 420 -24.41 -0.06 -7.58
CA SER H 420 -23.09 0.41 -7.09
C SER H 420 -21.83 0.42 -7.90
N GLU H 421 -21.08 -0.66 -8.11
CA GLU H 421 -19.73 -0.46 -8.76
C GLU H 421 -18.50 0.12 -7.95
N TRP H 422 -18.41 -0.23 -6.67
CA TRP H 422 -17.22 0.06 -5.83
C TRP H 422 -16.08 -0.89 -6.15
N GLU H 423 -14.97 -0.76 -5.42
CA GLU H 423 -13.85 -1.67 -5.53
C GLU H 423 -14.19 -2.97 -4.83
N LYS H 424 -13.53 -4.05 -5.24
CA LYS H 424 -13.82 -5.37 -4.68
C LYS H 424 -13.53 -5.45 -3.20
N GLU H 425 -12.60 -4.66 -2.72
CA GLU H 425 -12.22 -4.73 -1.31
C GLU H 425 -13.32 -4.14 -0.44
N ASP H 426 -13.94 -3.06 -0.93
CA ASP H 426 -15.01 -2.38 -0.21
C ASP H 426 -16.16 -3.35 0.07
N TYR H 427 -16.51 -4.16 -0.93
CA TYR H 427 -17.57 -5.15 -0.77
C TYR H 427 -17.20 -6.21 0.27
N LEU H 428 -15.99 -6.72 0.19
CA LEU H 428 -15.54 -7.74 1.13
C LEU H 428 -15.39 -7.22 2.55
N ASN H 429 -15.16 -5.92 2.70
CA ASN H 429 -15.04 -5.30 4.04
C ASN H 429 -16.38 -5.14 4.72
N LEU H 430 -17.37 -4.71 3.96
CA LEU H 430 -18.72 -4.60 4.48
C LEU H 430 -19.20 -5.94 5.11
N ILE H 431 -18.74 -7.07 4.59
CA ILE H 431 -19.00 -8.36 5.23
C ILE H 431 -18.36 -8.41 6.59
N GLU H 432 -17.04 -8.23 6.61
CA GLU H 432 -16.25 -8.25 7.85
C GLU H 432 -16.83 -7.18 8.88
N GLN H 433 -17.36 -6.04 8.39
CA GLN H 433 -18.04 -5.06 9.28
C GLN H 433 -19.31 -5.63 9.87
N LEU H 434 -20.14 -6.23 9.03
CA LEU H 434 -21.35 -6.88 9.52
C LEU H 434 -21.04 -7.93 10.58
N ASP H 435 -19.92 -8.62 10.43
CA ASP H 435 -19.48 -9.57 11.45
C ASP H 435 -18.98 -8.88 12.71
N GLU H 436 -18.12 -7.88 12.56
CA GLU H 436 -17.56 -7.15 13.71
C GLU H 436 -18.62 -6.43 14.51
N GLU H 437 -19.62 -5.87 13.82
CA GLU H 437 -20.76 -5.23 14.49
C GLU H 437 -21.75 -6.24 15.06
N GLY H 438 -21.50 -7.53 14.82
CA GLY H 438 -22.25 -8.57 15.49
C GLY H 438 -23.70 -8.73 15.10
N PHE H 439 -24.03 -8.45 13.85
CA PHE H 439 -25.39 -8.72 13.37
C PHE H 439 -25.62 -10.23 13.20
N ASP H 440 -26.85 -10.66 13.44
CA ASP H 440 -27.21 -12.07 13.30
C ASP H 440 -27.51 -12.36 11.83
N ASP H 441 -26.94 -13.44 11.32
CA ASP H 441 -27.11 -13.84 9.91
C ASP H 441 -28.57 -14.01 9.50
N PHE H 442 -29.39 -14.45 10.44
CA PHE H 442 -30.80 -14.72 10.19
C PHE H 442 -31.63 -13.47 10.13
N THR H 443 -31.09 -12.34 10.59
CA THR H 443 -31.86 -11.09 10.68
C THR H 443 -32.32 -10.60 9.33
N ARG H 444 -33.62 -10.31 9.22
CA ARG H 444 -34.15 -9.77 8.00
C ARG H 444 -33.62 -8.37 7.80
N VAL H 445 -33.09 -8.10 6.62
CA VAL H 445 -32.56 -6.79 6.32
C VAL H 445 -33.65 -5.76 6.28
N ARG H 446 -34.79 -6.11 5.73
CA ARG H 446 -35.89 -5.14 5.67
C ARG H 446 -36.39 -4.72 7.08
N GLU H 447 -36.25 -5.61 8.05
CA GLU H 447 -36.59 -5.30 9.43
C GLU H 447 -35.51 -4.44 10.08
N LEU H 448 -34.27 -4.74 9.73
CA LEU H 448 -33.14 -4.06 10.31
C LEU H 448 -33.02 -2.63 9.84
N LEU H 449 -33.51 -2.33 8.66
CA LEU H 449 -33.45 -0.96 8.13
C LEU H 449 -34.79 -0.24 8.17
N GLY H 450 -35.87 -0.97 8.46
CA GLY H 450 -37.20 -0.38 8.65
C GLY H 450 -37.85 -0.13 7.31
N LEU H 451 -37.68 -1.09 6.42
CA LEU H 451 -38.24 -1.00 5.08
C LEU H 451 -39.52 -1.84 4.96
N ALA H 452 -40.61 -1.18 4.60
CA ALA H 452 -41.81 -1.84 4.06
C ALA H 452 -41.66 -2.08 2.56
N THR H 453 -41.09 -3.24 2.22
CA THR H 453 -40.67 -3.54 0.86
C THR H 453 -41.85 -4.01 0.03
N GLY H 454 -42.87 -4.58 0.67
CA GLY H 454 -43.92 -5.32 -0.05
C GLY H 454 -43.40 -6.67 -0.53
N SER H 455 -44.30 -7.55 -0.98
CA SER H 455 -43.99 -9.01 -1.16
C SER H 455 -43.32 -9.36 -2.45
N ASP H 456 -43.31 -8.43 -3.40
CA ASP H 456 -42.96 -8.76 -4.77
C ASP H 456 -41.53 -8.37 -5.22
N ASN H 457 -40.51 -8.53 -4.37
CA ASN H 457 -39.13 -8.27 -4.77
C ASN H 457 -38.11 -8.86 -3.82
N GLY H 458 -36.83 -8.76 -4.18
CA GLY H 458 -35.75 -9.46 -3.45
C GLY H 458 -35.53 -9.04 -2.02
N TRP H 459 -35.85 -7.78 -1.72
CA TRP H 459 -35.64 -7.21 -0.37
C TRP H 459 -36.56 -7.82 0.68
N TYR H 460 -37.74 -8.23 0.24
CA TYR H 460 -38.77 -8.79 1.12
C TYR H 460 -38.33 -10.03 1.90
N THR H 461 -37.38 -10.78 1.36
CA THR H 461 -36.87 -12.03 1.96
C THR H 461 -35.37 -11.99 2.24
N LEU H 462 -34.75 -10.85 1.96
CA LEU H 462 -33.30 -10.70 2.08
C LEU H 462 -32.87 -10.71 3.52
N ARG H 463 -32.05 -11.70 3.88
CA ARG H 463 -31.46 -11.78 5.21
C ARG H 463 -30.01 -11.47 5.16
N ILE H 464 -29.40 -11.27 6.31
CA ILE H 464 -28.00 -10.91 6.36
C ILE H 464 -27.15 -11.94 5.65
N GLY H 465 -27.43 -13.21 5.88
CA GLY H 465 -26.62 -14.31 5.27
C GLY H 465 -26.64 -14.30 3.75
N GLU H 466 -27.80 -14.00 3.19
CA GLU H 466 -27.93 -13.82 1.75
C GLU H 466 -27.16 -12.57 1.29
N LEU H 467 -27.23 -11.50 2.06
CA LEU H 467 -26.53 -10.29 1.70
C LEU H 467 -25.04 -10.52 1.68
N LYS H 468 -24.54 -11.31 2.62
CA LYS H 468 -23.13 -11.69 2.60
C LYS H 468 -22.77 -12.42 1.31
N ALA H 469 -23.64 -13.33 0.87
CA ALA H 469 -23.41 -14.03 -0.41
C ALA H 469 -23.30 -13.02 -1.52
N MET H 470 -24.28 -12.14 -1.59
CA MET H 470 -24.28 -11.08 -2.62
C MET H 470 -23.02 -10.20 -2.62
N LEU H 471 -22.50 -9.88 -1.44
CA LEU H 471 -21.28 -9.09 -1.33
C LEU H 471 -20.03 -9.89 -1.77
N ALA H 472 -19.93 -11.14 -1.29
CA ALA H 472 -18.82 -12.03 -1.67
C ALA H 472 -18.76 -12.20 -3.19
N LEU H 473 -19.91 -12.17 -3.86
CA LEU H 473 -19.94 -12.21 -5.32
C LEU H 473 -19.43 -10.92 -5.95
N ALA H 474 -19.88 -9.78 -5.44
CA ALA H 474 -19.51 -8.46 -5.98
C ALA H 474 -18.04 -8.18 -5.75
N GLY H 475 -17.53 -8.71 -4.65
CA GLY H 475 -16.11 -8.60 -4.32
C GLY H 475 -15.32 -9.83 -4.75
N GLY H 476 -15.92 -10.65 -5.59
CA GLY H 476 -15.25 -11.74 -6.28
C GLY H 476 -14.56 -12.76 -5.40
N ASP H 477 -15.07 -13.02 -4.20
CA ASP H 477 -14.60 -14.14 -3.40
C ASP H 477 -15.60 -15.29 -3.50
N LEU H 478 -15.35 -16.20 -4.44
CA LEU H 478 -16.32 -17.22 -4.77
C LEU H 478 -16.40 -18.35 -3.74
N GLU H 479 -15.39 -18.50 -2.89
CA GLU H 479 -15.44 -19.52 -1.84
C GLU H 479 -16.39 -19.15 -0.72
N GLN H 480 -16.36 -17.88 -0.35
CA GLN H 480 -17.33 -17.33 0.60
C GLN H 480 -18.71 -17.26 0.01
N ALA H 481 -18.80 -16.79 -1.23
CA ALA H 481 -20.07 -16.71 -1.95
C ALA H 481 -20.82 -18.02 -1.90
N LEU H 482 -20.12 -19.13 -2.13
CA LEU H 482 -20.73 -20.47 -2.05
C LEU H 482 -21.31 -20.79 -0.66
N VAL H 483 -20.50 -20.60 0.36
CA VAL H 483 -20.91 -20.81 1.75
C VAL H 483 -22.27 -20.19 2.06
N TRP H 484 -22.41 -18.91 1.71
CA TRP H 484 -23.61 -18.15 2.00
C TRP H 484 -24.75 -18.38 1.01
N THR H 485 -24.42 -18.75 -0.21
CA THR H 485 -25.45 -19.17 -1.15
C THR H 485 -26.10 -20.50 -0.70
N GLU H 486 -25.29 -21.43 -0.19
CA GLU H 486 -25.82 -22.67 0.43
C GLU H 486 -26.69 -22.34 1.64
N TRP H 487 -26.11 -21.58 2.56
CA TRP H 487 -26.85 -21.05 3.70
C TRP H 487 -28.19 -20.46 3.26
N THR H 488 -28.15 -19.57 2.27
CA THR H 488 -29.35 -18.89 1.78
C THR H 488 -30.44 -19.88 1.44
N MET H 489 -30.08 -20.88 0.65
CA MET H 489 -31.07 -21.85 0.20
C MET H 489 -31.55 -22.73 1.35
N GLU H 490 -30.62 -23.16 2.19
CA GLU H 490 -30.97 -24.00 3.32
C GLU H 490 -32.06 -23.35 4.18
N PHE H 491 -32.05 -22.01 4.29
CA PHE H 491 -32.94 -21.26 5.21
C PHE H 491 -33.94 -20.29 4.58
N ASN H 492 -33.87 -20.03 3.29
CA ASN H 492 -34.84 -19.10 2.67
C ASN H 492 -35.67 -19.74 1.55
N SER H 493 -35.11 -20.71 0.83
CA SER H 493 -35.63 -21.21 -0.47
C SER H 493 -37.15 -21.65 -0.39
N SER H 494 -37.58 -22.05 0.81
CA SER H 494 -39.01 -22.31 1.09
C SER H 494 -39.95 -21.08 1.04
N VAL H 495 -39.40 -19.86 1.02
CA VAL H 495 -40.22 -18.61 0.98
C VAL H 495 -39.89 -17.71 -0.19
N PHE H 496 -38.90 -18.08 -0.99
CA PHE H 496 -38.60 -17.39 -2.24
C PHE H 496 -39.66 -17.69 -3.28
N SER H 497 -39.84 -16.75 -4.21
CA SER H 497 -40.69 -16.99 -5.35
C SER H 497 -40.05 -18.08 -6.21
N PRO H 498 -40.87 -18.87 -6.92
CA PRO H 498 -40.37 -19.77 -7.94
C PRO H 498 -39.17 -19.24 -8.74
N GLU H 499 -39.31 -18.03 -9.31
CA GLU H 499 -38.23 -17.41 -10.09
C GLU H 499 -36.91 -17.32 -9.33
N ARG H 500 -37.01 -16.72 -8.15
CA ARG H 500 -35.85 -16.44 -7.30
C ARG H 500 -35.20 -17.71 -6.76
N ALA H 501 -36.04 -18.68 -6.37
CA ALA H 501 -35.55 -19.94 -5.84
C ALA H 501 -34.75 -20.63 -6.91
N ASN H 502 -35.27 -20.57 -8.14
CA ASN H 502 -34.61 -21.15 -9.30
C ASN H 502 -33.27 -20.47 -9.55
N TYR H 503 -33.27 -19.15 -9.56
CA TYR H 503 -32.01 -18.40 -9.71
C TYR H 503 -30.97 -18.90 -8.73
N TYR H 504 -31.37 -19.08 -7.46
CA TYR H 504 -30.44 -19.52 -6.42
C TYR H 504 -29.97 -20.96 -6.65
N ARG H 505 -30.87 -21.83 -7.14
CA ARG H 505 -30.48 -23.22 -7.48
C ARG H 505 -29.37 -23.23 -8.56
N CYS H 506 -29.57 -22.41 -9.59
CA CYS H 506 -28.61 -22.22 -10.67
C CYS H 506 -27.26 -21.62 -10.21
N LEU H 507 -27.33 -20.50 -9.49
CA LEU H 507 -26.13 -19.84 -8.96
C LEU H 507 -25.32 -20.81 -8.12
N GLN H 508 -26.01 -21.60 -7.33
CA GLN H 508 -25.36 -22.54 -6.44
C GLN H 508 -24.61 -23.59 -7.23
N THR H 509 -25.25 -24.12 -8.27
CA THR H 509 -24.62 -25.09 -9.16
C THR H 509 -23.32 -24.52 -9.79
N LEU H 510 -23.42 -23.31 -10.35
CA LEU H 510 -22.27 -22.66 -11.00
C LEU H 510 -21.11 -22.42 -10.04
N LEU H 511 -21.45 -22.14 -8.78
CA LEU H 511 -20.44 -21.89 -7.76
C LEU H 511 -19.77 -23.18 -7.33
N LEU H 512 -20.55 -24.26 -7.34
CA LEU H 512 -20.01 -25.58 -7.07
C LEU H 512 -19.12 -26.07 -8.20
N LEU H 513 -19.47 -25.68 -9.42
CA LEU H 513 -18.72 -26.05 -10.62
C LEU H 513 -17.41 -25.29 -10.68
N ALA H 514 -17.46 -24.01 -10.31
CA ALA H 514 -16.25 -23.20 -10.18
C ALA H 514 -15.23 -23.90 -9.27
N GLN H 515 -15.70 -24.64 -8.26
CA GLN H 515 -14.80 -25.38 -7.36
C GLN H 515 -14.23 -26.65 -7.99
N GLU H 516 -14.94 -27.28 -8.91
CA GLU H 516 -14.41 -28.45 -9.62
C GLU H 516 -13.36 -28.00 -10.64
N GLU H 517 -12.07 -28.17 -10.30
CA GLU H 517 -11.00 -27.73 -11.21
C GLU H 517 -10.81 -28.73 -12.31
N ASP H 518 -11.27 -29.97 -12.11
CA ASP H 518 -11.16 -31.02 -13.12
C ASP H 518 -12.17 -30.87 -14.23
N ARG H 519 -13.27 -30.18 -13.98
CA ARG H 519 -14.37 -30.13 -14.95
C ARG H 519 -14.36 -28.90 -15.84
N GLN H 520 -14.96 -29.05 -17.02
CA GLN H 520 -14.95 -28.04 -18.05
C GLN H 520 -16.28 -27.34 -18.20
N PRO H 521 -16.43 -26.15 -17.60
CA PRO H 521 -17.71 -25.43 -17.63
C PRO H 521 -18.53 -25.49 -18.93
N LEU H 522 -17.89 -25.36 -20.07
CA LEU H 522 -18.60 -25.42 -21.34
C LEU H 522 -19.39 -26.72 -21.58
N GLN H 523 -18.87 -27.82 -21.06
CA GLN H 523 -19.52 -29.12 -21.20
C GLN H 523 -20.93 -29.13 -20.62
N TYR H 524 -21.07 -28.47 -19.49
CA TYR H 524 -22.30 -28.52 -18.71
C TYR H 524 -23.29 -27.43 -19.13
N LEU H 525 -22.85 -26.51 -20.00
CA LEU H 525 -23.63 -25.31 -20.32
C LEU H 525 -25.00 -25.61 -20.93
N ASN H 526 -25.06 -26.57 -21.83
CA ASN H 526 -26.35 -26.89 -22.42
C ASN H 526 -27.31 -27.40 -21.36
N ALA H 527 -26.80 -28.30 -20.51
CA ALA H 527 -27.60 -28.94 -19.48
C ALA H 527 -28.20 -27.91 -18.51
N PHE H 528 -27.36 -26.95 -18.12
CA PHE H 528 -27.79 -25.84 -17.23
C PHE H 528 -28.92 -25.01 -17.84
N VAL H 529 -28.76 -24.61 -19.10
CA VAL H 529 -29.79 -23.84 -19.78
C VAL H 529 -31.11 -24.60 -19.79
N ARG H 530 -31.02 -25.92 -19.86
CA ARG H 530 -32.22 -26.74 -19.93
C ARG H 530 -32.91 -26.87 -18.60
N MET H 531 -32.13 -27.01 -17.54
CA MET H 531 -32.67 -27.16 -16.19
C MET H 531 -33.19 -25.83 -15.63
N TYR H 532 -32.38 -24.78 -15.76
CA TYR H 532 -32.63 -23.49 -15.11
C TYR H 532 -33.24 -22.44 -16.01
N GLY H 533 -33.03 -22.55 -17.31
CA GLY H 533 -33.52 -21.55 -18.23
C GLY H 533 -32.44 -20.53 -18.50
N ALA H 534 -32.42 -20.01 -19.72
CA ALA H 534 -31.33 -19.15 -20.17
C ALA H 534 -31.22 -17.84 -19.37
N ASP H 535 -32.36 -17.23 -19.05
CA ASP H 535 -32.35 -15.98 -18.28
C ASP H 535 -31.66 -16.16 -16.94
N ALA H 536 -32.06 -17.22 -16.23
CA ALA H 536 -31.47 -17.62 -14.95
C ALA H 536 -29.95 -17.90 -15.00
N VAL H 537 -29.48 -18.50 -16.09
CA VAL H 537 -28.06 -18.82 -16.24
C VAL H 537 -27.27 -17.55 -16.52
N GLU H 538 -27.82 -16.70 -17.37
CA GLU H 538 -27.18 -15.42 -17.74
C GLU H 538 -27.02 -14.49 -16.52
N ALA H 539 -28.05 -14.47 -15.68
CA ALA H 539 -28.03 -13.70 -14.45
C ALA H 539 -27.05 -14.24 -13.40
N ALA H 540 -27.05 -15.55 -13.18
CA ALA H 540 -26.14 -16.16 -12.19
C ALA H 540 -24.67 -15.98 -12.57
N SER H 541 -24.42 -15.89 -13.87
CA SER H 541 -23.07 -15.68 -14.36
C SER H 541 -22.62 -14.24 -14.16
N ALA H 542 -23.52 -13.29 -14.45
CA ALA H 542 -23.28 -11.85 -14.18
C ALA H 542 -22.94 -11.68 -12.71
N ALA H 543 -23.74 -12.32 -11.88
CA ALA H 543 -23.51 -12.34 -10.45
C ALA H 543 -22.10 -12.83 -10.09
N MET H 544 -21.69 -13.93 -10.69
CA MET H 544 -20.37 -14.52 -10.42
C MET H 544 -19.22 -13.64 -10.88
N SER H 545 -19.38 -13.03 -12.04
CA SER H 545 -18.38 -12.09 -12.56
C SER H 545 -18.32 -10.79 -11.77
N GLY H 546 -19.05 -10.71 -10.65
CA GLY H 546 -19.12 -9.49 -9.85
C GLY H 546 -19.84 -8.32 -10.49
N GLU H 547 -20.52 -8.56 -11.61
CA GLU H 547 -21.06 -7.50 -12.42
C GLU H 547 -22.39 -7.08 -11.86
N ALA H 548 -23.29 -8.03 -11.74
CA ALA H 548 -24.63 -7.76 -11.20
C ALA H 548 -24.92 -8.76 -10.10
N ALA H 549 -24.31 -8.53 -8.94
CA ALA H 549 -24.34 -9.51 -7.85
C ALA H 549 -25.66 -9.53 -7.07
N PHE H 550 -26.31 -8.36 -7.03
CA PHE H 550 -27.43 -8.09 -6.13
C PHE H 550 -28.76 -8.41 -6.79
N TYR H 551 -28.95 -9.71 -7.04
CA TYR H 551 -30.05 -10.21 -7.85
C TYR H 551 -31.41 -9.91 -7.23
N GLY H 552 -32.27 -9.26 -8.01
CA GLY H 552 -33.65 -8.98 -7.57
C GLY H 552 -33.81 -7.72 -6.72
N LEU H 553 -32.69 -7.16 -6.26
CA LEU H 553 -32.70 -5.95 -5.46
C LEU H 553 -32.68 -4.75 -6.38
N GLN H 554 -33.77 -3.99 -6.40
CA GLN H 554 -33.78 -2.73 -7.11
C GLN H 554 -33.07 -1.74 -6.23
N PRO H 555 -32.54 -0.65 -6.81
CA PRO H 555 -31.91 0.37 -6.00
C PRO H 555 -32.98 1.23 -5.34
N VAL H 556 -32.66 1.77 -4.17
CA VAL H 556 -33.66 2.41 -3.33
C VAL H 556 -33.27 3.84 -2.93
N ASP H 557 -34.07 4.81 -3.40
CA ASP H 557 -33.89 6.20 -3.03
C ASP H 557 -34.21 6.40 -1.55
N SER H 558 -33.69 7.48 -0.95
CA SER H 558 -33.83 7.65 0.49
C SER H 558 -35.18 8.26 0.89
N ASP H 559 -36.19 8.20 0.01
CA ASP H 559 -37.59 8.38 0.42
C ASP H 559 -38.46 7.14 0.11
N LEU H 560 -37.79 6.07 -0.31
CA LEU H 560 -38.38 4.75 -0.54
C LEU H 560 -39.46 4.78 -1.59
N HIS H 561 -39.27 5.62 -2.59
CA HIS H 561 -40.14 5.61 -3.76
C HIS H 561 -40.08 4.23 -4.40
N ALA H 562 -38.90 3.62 -4.37
CA ALA H 562 -38.69 2.28 -4.95
C ALA H 562 -39.67 1.25 -4.46
N PHE H 563 -40.14 1.39 -3.22
CA PHE H 563 -41.13 0.47 -2.66
C PHE H 563 -42.52 1.08 -2.64
N ALA H 564 -43.45 0.47 -3.36
CA ALA H 564 -44.80 1.06 -3.39
C ALA H 564 -45.54 0.81 -2.08
N ALA H 565 -45.18 -0.29 -1.41
CA ALA H 565 -45.73 -0.60 -0.09
C ALA H 565 -45.42 0.51 0.89
N HIS H 566 -44.15 0.92 0.91
CA HIS H 566 -43.69 1.96 1.80
C HIS H 566 -44.34 3.30 1.45
N GLN H 567 -44.57 3.56 0.17
CA GLN H 567 -45.22 4.79 -0.22
C GLN H 567 -46.60 4.86 0.37
N SER H 568 -47.30 3.73 0.37
CA SER H 568 -48.65 3.68 0.94
C SER H 568 -48.62 3.92 2.45
N LEU H 569 -47.52 3.51 3.08
CA LEU H 569 -47.30 3.74 4.51
C LEU H 569 -47.17 5.23 4.77
N LEU H 570 -46.32 5.89 3.99
CA LEU H 570 -46.05 7.33 4.19
C LEU H 570 -47.27 8.17 3.90
N LYS H 571 -48.03 7.78 2.87
CA LYS H 571 -49.26 8.47 2.52
C LYS H 571 -50.22 8.44 3.71
N ALA H 572 -50.18 7.32 4.45
CA ALA H 572 -51.03 7.15 5.62
C ALA H 572 -50.55 8.06 6.74
N TYR H 573 -49.24 8.13 6.94
CA TYR H 573 -48.67 8.91 8.00
C TYR H 573 -48.86 10.40 7.75
N GLU H 574 -48.81 10.82 6.49
CA GLU H 574 -49.13 12.21 6.11
C GLU H 574 -50.49 12.64 6.69
N LYS H 575 -51.47 11.73 6.66
CA LYS H 575 -52.82 12.03 7.16
C LYS H 575 -52.81 12.33 8.63
N LEU H 576 -51.88 11.70 9.34
CA LEU H 576 -51.72 11.91 10.78
C LEU H 576 -50.95 13.19 11.09
N GLN H 577 -49.90 13.47 10.31
CA GLN H 577 -49.13 14.70 10.47
C GLN H 577 -50.01 15.93 10.36
N ARG H 578 -50.84 15.95 9.34
CA ARG H 578 -51.72 17.08 9.13
C ARG H 578 -52.68 17.20 10.28
N ALA H 579 -53.14 16.05 10.78
CA ALA H 579 -54.09 16.03 11.90
C ALA H 579 -53.48 16.56 13.16
N LYS H 580 -52.18 16.31 13.30
CA LYS H 580 -51.39 16.79 14.42
C LYS H 580 -51.15 18.30 14.32
N ALA H 581 -50.76 18.77 13.14
CA ALA H 581 -50.51 20.18 12.93
C ALA H 581 -51.75 20.94 13.31
N ALA H 582 -52.90 20.51 12.77
CA ALA H 582 -54.17 21.15 13.08
C ALA H 582 -54.33 21.37 14.57
N PHE H 583 -54.13 20.28 15.31
CA PHE H 583 -54.41 20.21 16.74
C PHE H 583 -53.54 21.17 17.57
N TRP H 584 -52.34 21.52 17.07
CA TRP H 584 -51.39 22.41 17.80
C TRP H 584 -51.14 23.87 17.20
#